data_9Q3J
#
_entry.id   9Q3J
#
_cell.length_a   1.00
_cell.length_b   1.00
_cell.length_c   1.00
_cell.angle_alpha   90.00
_cell.angle_beta   90.00
_cell.angle_gamma   90.00
#
_symmetry.space_group_name_H-M   'P 1'
#
_entity_poly.entity_id   1
_entity_poly.type   'polypeptide(L)'
_entity_poly.pdbx_seq_one_letter_code
;MASKFDFEYGQGTMSAELPDNTDIFIPGETVKDPDHIPEDQLEAAYLESLAHPIGMPTLTELAGPGKTVTIVVPDRVKGG
EQATSHRKLSIKYILKELYAAGVEKKDILFIISNGLHPRSTEADAKAIFGEELFNEFWHTGQIISHDSEDQEHMVDLGTT
HRGDPVYMNKYVFECDIPILIGHVQGNPYGGYSGGYKHSATGITNWKCIASHHVPSVMHRDDFTPVNGGSLMRNKFDEIS
MHMEEKMGHPFFCCDAVLDTQSRQIAIYSGYAKEMMPISWKLADKRTYVHWAEKKYDVLVFGMPQKFHYGDGMGTNPIMM
MQALSAQVLRFKRVMSDNCVIICASTCNGYFHDERWPYLRELYDLFQHDHMNTLPDMNRLGEYFATNEEYIRKYRYTNAF
HPFHGFSMMSCGHIAEMNTSAIYIVGAEEPGYARGMGLKTRATFEEALEDAKKKYVGQEPNILALPMTFKKAAVHLCMKD
PAQDCMDEYGHRHPCCCLEHHHHHH
;
_entity_poly.pdbx_strand_id   A,B,C,D,E,F,G,H
#
# COMPACT_ATOMS: atom_id res chain seq x y z
N LYS A 4 22.53 35.26 -31.51
CA LYS A 4 22.01 34.24 -30.61
C LYS A 4 22.04 32.86 -31.25
N PHE A 5 22.42 31.86 -30.48
CA PHE A 5 22.55 30.50 -30.96
C PHE A 5 21.32 29.68 -30.56
N ASP A 6 21.05 28.63 -31.33
CA ASP A 6 19.90 27.76 -31.10
C ASP A 6 20.37 26.33 -30.87
N PHE A 7 19.76 25.65 -29.91
CA PHE A 7 20.12 24.28 -29.60
C PHE A 7 18.86 23.46 -29.41
N GLU A 8 18.95 22.15 -29.66
CA GLU A 8 17.81 21.28 -29.42
C GLU A 8 17.53 21.18 -27.92
N TYR A 9 16.25 21.19 -27.56
CA TYR A 9 15.85 21.16 -26.15
C TYR A 9 14.53 20.38 -26.07
N GLY A 10 14.65 19.08 -25.84
CA GLY A 10 13.49 18.23 -25.69
C GLY A 10 12.82 17.90 -27.01
N GLN A 11 12.07 18.85 -27.55
CA GLN A 11 11.41 18.68 -28.84
C GLN A 11 11.64 19.90 -29.72
N GLY A 12 11.85 21.05 -29.09
CA GLY A 12 11.96 22.30 -29.82
C GLY A 12 13.37 22.85 -29.88
N THR A 13 13.58 23.99 -29.23
CA THR A 13 14.85 24.69 -29.34
C THR A 13 14.96 25.69 -28.21
N MET A 14 16.06 25.61 -27.46
CA MET A 14 16.41 26.60 -26.46
C MET A 14 17.45 27.54 -27.07
N SER A 15 17.28 28.83 -26.84
CA SER A 15 18.19 29.82 -27.39
C SER A 15 19.18 30.28 -26.32
N ALA A 16 20.40 30.55 -26.75
CA ALA A 16 21.48 30.93 -25.86
C ALA A 16 22.21 32.14 -26.40
N GLU A 17 22.70 32.98 -25.48
CA GLU A 17 23.53 34.14 -25.81
C GLU A 17 24.97 33.79 -25.44
N LEU A 18 25.82 33.65 -26.45
CA LEU A 18 27.21 33.27 -26.25
C LEU A 18 28.11 34.28 -26.90
N PRO A 19 29.34 34.45 -26.39
CA PRO A 19 30.24 35.47 -26.93
C PRO A 19 30.59 35.21 -28.40
N ASP A 20 31.13 36.26 -29.04
CA ASP A 20 31.44 36.19 -30.46
C ASP A 20 32.56 35.20 -30.77
N ASN A 21 33.37 34.84 -29.77
CA ASN A 21 34.43 33.86 -29.99
C ASN A 21 33.91 32.45 -30.14
N THR A 22 32.61 32.22 -29.88
CA THR A 22 32.04 30.89 -30.02
C THR A 22 32.12 30.42 -31.47
N ASP A 23 32.53 29.17 -31.65
CA ASP A 23 32.64 28.56 -32.96
C ASP A 23 31.56 27.49 -33.13
N ILE A 24 31.02 27.40 -34.34
CA ILE A 24 29.90 26.50 -34.64
C ILE A 24 30.39 25.41 -35.57
N PHE A 25 29.94 24.18 -35.30
CA PHE A 25 30.31 23.02 -36.12
C PHE A 25 29.06 22.21 -36.43
N ILE A 26 28.81 22.00 -37.71
CA ILE A 26 27.77 21.09 -38.20
C ILE A 26 28.46 19.96 -38.94
N PRO A 27 28.09 18.69 -38.70
CA PRO A 27 28.87 17.59 -39.27
C PRO A 27 28.99 17.62 -40.79
N GLY A 28 27.93 18.01 -41.50
CA GLY A 28 27.98 18.01 -42.95
C GLY A 28 28.12 19.38 -43.58
N GLU A 29 27.53 20.40 -42.95
CA GLU A 29 27.53 21.73 -43.53
C GLU A 29 28.90 22.40 -43.42
N THR A 30 29.57 22.25 -42.27
CA THR A 30 30.84 22.93 -42.06
C THR A 30 31.93 22.33 -42.94
N VAL A 31 32.20 21.03 -42.77
CA VAL A 31 33.20 20.32 -43.55
C VAL A 31 32.47 19.28 -44.39
N LYS A 32 32.67 19.34 -45.71
CA LYS A 32 31.90 18.51 -46.62
C LYS A 32 32.35 17.06 -46.55
N ASP A 33 31.38 16.14 -46.46
CA ASP A 33 31.68 14.73 -46.56
C ASP A 33 32.09 14.39 -47.99
N PRO A 34 32.79 13.27 -48.18
CA PRO A 34 33.08 12.83 -49.54
C PRO A 34 31.79 12.64 -50.33
N ASP A 35 31.81 13.05 -51.59
CA ASP A 35 30.59 13.12 -52.38
C ASP A 35 29.94 11.75 -52.53
N HIS A 36 28.63 11.70 -52.29
CA HIS A 36 27.88 10.47 -52.41
C HIS A 36 27.62 10.14 -53.87
N ILE A 37 27.37 8.87 -54.13
CA ILE A 37 26.95 8.48 -55.48
C ILE A 37 25.55 9.01 -55.74
N PRO A 38 25.26 9.56 -56.92
CA PRO A 38 23.94 10.13 -57.17
C PRO A 38 22.87 9.05 -57.22
N GLU A 39 21.62 9.47 -57.01
CA GLU A 39 20.51 8.54 -56.98
C GLU A 39 20.36 7.77 -58.29
N ASP A 40 20.86 8.32 -59.40
CA ASP A 40 20.81 7.61 -60.67
C ASP A 40 21.88 6.52 -60.75
N GLN A 41 23.04 6.73 -60.13
CA GLN A 41 24.15 5.78 -60.21
C GLN A 41 24.11 4.72 -59.12
N LEU A 42 23.07 4.70 -58.29
CA LEU A 42 22.94 3.60 -57.32
C LEU A 42 22.78 2.26 -58.04
N GLU A 43 22.05 2.27 -59.16
CA GLU A 43 21.91 1.08 -59.99
C GLU A 43 23.27 0.48 -60.34
N ALA A 44 24.10 1.27 -61.03
CA ALA A 44 25.38 0.77 -61.52
C ALA A 44 26.30 0.40 -60.36
N ALA A 45 26.33 1.22 -59.31
CA ALA A 45 27.22 0.94 -58.18
C ALA A 45 26.84 -0.37 -57.50
N TYR A 46 25.54 -0.57 -57.25
CA TYR A 46 25.10 -1.81 -56.60
C TYR A 46 25.36 -3.02 -57.49
N LEU A 47 25.07 -2.90 -58.78
CA LEU A 47 25.29 -4.04 -59.67
C LEU A 47 26.78 -4.38 -59.77
N GLU A 48 27.64 -3.36 -59.86
CA GLU A 48 29.08 -3.60 -59.92
C GLU A 48 29.59 -4.23 -58.63
N SER A 49 29.10 -3.76 -57.48
CA SER A 49 29.52 -4.33 -56.21
C SER A 49 29.09 -5.78 -56.08
N LEU A 50 27.85 -6.09 -56.45
CA LEU A 50 27.38 -7.47 -56.35
C LEU A 50 28.09 -8.38 -57.35
N ALA A 51 28.36 -7.89 -58.55
CA ALA A 51 29.00 -8.70 -59.57
C ALA A 51 30.50 -8.88 -59.33
N HIS A 52 31.10 -8.09 -58.45
CA HIS A 52 32.52 -8.18 -58.15
C HIS A 52 32.73 -8.26 -56.64
N PRO A 53 32.39 -9.41 -56.04
CA PRO A 53 32.64 -9.57 -54.60
C PRO A 53 34.12 -9.69 -54.30
N ILE A 54 34.48 -9.36 -53.07
CA ILE A 54 35.88 -9.33 -52.63
C ILE A 54 36.13 -10.59 -51.81
N GLY A 55 36.97 -11.48 -52.34
CA GLY A 55 37.35 -12.68 -51.63
C GLY A 55 36.30 -13.77 -51.60
N MET A 56 35.21 -13.61 -52.35
CA MET A 56 34.10 -14.55 -52.35
C MET A 56 33.62 -14.76 -53.77
N PRO A 57 33.04 -15.91 -54.07
CA PRO A 57 32.37 -16.09 -55.37
C PRO A 57 31.09 -15.27 -55.44
N THR A 58 30.67 -14.99 -56.66
CA THR A 58 29.44 -14.24 -56.86
C THR A 58 28.25 -15.03 -56.32
N LEU A 59 27.20 -14.29 -55.92
CA LEU A 59 26.07 -14.91 -55.24
C LEU A 59 25.37 -15.94 -56.11
N THR A 60 25.45 -15.79 -57.44
CA THR A 60 24.87 -16.79 -58.32
C THR A 60 25.55 -18.14 -58.16
N GLU A 61 26.88 -18.14 -58.00
CA GLU A 61 27.61 -19.38 -57.76
C GLU A 61 27.22 -20.01 -56.43
N LEU A 62 27.04 -19.19 -55.40
CA LEU A 62 26.64 -19.70 -54.10
C LEU A 62 25.23 -20.27 -54.11
N ALA A 63 24.39 -19.86 -55.04
CA ALA A 63 22.98 -20.21 -55.02
C ALA A 63 22.67 -21.31 -56.03
N GLY A 64 21.74 -22.19 -55.64
CA GLY A 64 21.25 -23.24 -56.50
C GLY A 64 19.81 -23.55 -56.20
N PRO A 65 19.22 -24.49 -56.95
CA PRO A 65 17.83 -24.88 -56.67
C PRO A 65 17.68 -25.44 -55.27
N GLY A 66 16.59 -25.07 -54.60
CA GLY A 66 16.30 -25.58 -53.27
C GLY A 66 17.29 -25.20 -52.21
N LYS A 67 17.87 -24.00 -52.28
CA LYS A 67 18.83 -23.54 -51.28
C LYS A 67 18.16 -22.59 -50.30
N THR A 68 18.46 -22.76 -49.02
CA THR A 68 17.91 -21.91 -47.97
C THR A 68 18.79 -20.68 -47.82
N VAL A 69 18.15 -19.50 -47.90
CA VAL A 69 18.86 -18.22 -47.83
C VAL A 69 18.31 -17.45 -46.64
N THR A 70 19.21 -16.94 -45.80
CA THR A 70 18.84 -16.10 -44.67
C THR A 70 19.53 -14.75 -44.81
N ILE A 71 18.74 -13.70 -44.95
CA ILE A 71 19.24 -12.34 -45.08
C ILE A 71 19.06 -11.65 -43.74
N VAL A 72 20.15 -11.14 -43.18
CA VAL A 72 20.17 -10.52 -41.87
C VAL A 72 20.22 -9.01 -42.06
N VAL A 73 19.13 -8.35 -41.67
CA VAL A 73 18.93 -6.91 -41.85
C VAL A 73 19.13 -6.22 -40.50
N PRO A 74 19.84 -5.10 -40.43
CA PRO A 74 20.06 -4.46 -39.12
C PRO A 74 18.79 -3.87 -38.53
N ASP A 75 18.91 -3.26 -37.36
CA ASP A 75 17.76 -2.73 -36.64
C ASP A 75 17.39 -1.36 -37.20
N ARG A 76 16.49 -0.67 -36.51
CA ARG A 76 16.00 0.65 -36.93
C ARG A 76 16.78 1.80 -36.30
N VAL A 77 17.85 1.51 -35.56
CA VAL A 77 18.53 2.55 -34.80
C VAL A 77 19.19 3.56 -35.74
N LYS A 78 19.97 3.08 -36.71
CA LYS A 78 20.71 3.96 -37.62
C LYS A 78 20.99 3.20 -38.91
N GLY A 79 20.07 3.30 -39.87
CA GLY A 79 20.30 2.66 -41.15
C GLY A 79 19.82 3.41 -42.37
N GLY A 80 19.27 4.61 -42.20
CA GLY A 80 18.66 5.25 -43.34
C GLY A 80 17.18 5.54 -43.15
N GLU A 81 16.35 4.76 -43.86
CA GLU A 81 14.88 4.84 -43.94
C GLU A 81 14.41 5.86 -44.95
N GLN A 82 15.30 6.34 -45.82
CA GLN A 82 14.90 7.20 -46.92
C GLN A 82 14.25 6.34 -48.01
N ALA A 83 13.94 6.97 -49.16
CA ALA A 83 13.29 6.24 -50.24
C ALA A 83 14.20 5.18 -50.84
N THR A 84 15.50 5.48 -50.96
CA THR A 84 16.44 4.55 -51.54
C THR A 84 17.56 4.21 -50.56
N SER A 85 17.20 3.86 -49.33
CA SER A 85 18.18 3.52 -48.32
C SER A 85 18.96 2.27 -48.73
N HIS A 86 20.07 2.04 -48.04
CA HIS A 86 20.92 0.90 -48.36
C HIS A 86 20.20 -0.42 -48.14
N ARG A 87 19.43 -0.53 -47.06
CA ARG A 87 18.73 -1.78 -46.77
C ARG A 87 17.79 -2.16 -47.90
N LYS A 88 16.93 -1.22 -48.31
CA LYS A 88 15.92 -1.52 -49.32
C LYS A 88 16.55 -1.89 -50.65
N LEU A 89 17.47 -1.06 -51.13
CA LEU A 89 18.09 -1.31 -52.43
C LEU A 89 18.90 -2.61 -52.41
N SER A 90 19.72 -2.81 -51.37
CA SER A 90 20.54 -4.01 -51.31
C SER A 90 19.67 -5.26 -51.26
N ILE A 91 18.61 -5.24 -50.45
CA ILE A 91 17.71 -6.38 -50.38
C ILE A 91 17.05 -6.63 -51.73
N LYS A 92 16.61 -5.56 -52.39
CA LYS A 92 15.91 -5.71 -53.66
C LYS A 92 16.82 -6.32 -54.73
N TYR A 93 18.05 -5.82 -54.83
CA TYR A 93 18.95 -6.35 -55.87
C TYR A 93 19.42 -7.75 -55.52
N ILE A 94 19.63 -8.04 -54.23
CA ILE A 94 19.98 -9.40 -53.82
C ILE A 94 18.86 -10.35 -54.18
N LEU A 95 17.60 -9.96 -53.94
CA LEU A 95 16.47 -10.81 -54.27
C LEU A 95 16.36 -11.03 -55.78
N LYS A 96 16.56 -9.97 -56.57
CA LYS A 96 16.52 -10.14 -58.03
C LYS A 96 17.59 -11.11 -58.49
N GLU A 97 18.82 -10.96 -57.97
CA GLU A 97 19.90 -11.86 -58.40
C GLU A 97 19.64 -13.29 -57.94
N LEU A 98 19.12 -13.47 -56.72
CA LEU A 98 18.81 -14.82 -56.25
C LEU A 98 17.71 -15.46 -57.07
N TYR A 99 16.68 -14.69 -57.45
CA TYR A 99 15.65 -15.22 -58.33
C TYR A 99 16.21 -15.58 -59.70
N ALA A 100 17.12 -14.76 -60.22
CA ALA A 100 17.82 -15.11 -61.45
C ALA A 100 18.69 -16.35 -61.26
N ALA A 101 19.05 -16.69 -60.02
CA ALA A 101 19.79 -17.90 -59.71
C ALA A 101 18.86 -19.08 -59.41
N GLY A 102 17.56 -18.93 -59.61
CA GLY A 102 16.61 -20.00 -59.38
C GLY A 102 16.46 -20.43 -57.94
N VAL A 103 16.35 -19.48 -57.02
CA VAL A 103 16.13 -19.77 -55.60
C VAL A 103 14.66 -19.54 -55.29
N GLU A 104 14.04 -20.53 -54.65
CA GLU A 104 12.62 -20.46 -54.34
C GLU A 104 12.33 -19.34 -53.35
N LYS A 105 11.15 -18.73 -53.49
CA LYS A 105 10.76 -17.64 -52.62
C LYS A 105 10.39 -18.12 -51.22
N LYS A 106 10.06 -19.40 -51.06
CA LYS A 106 9.75 -19.94 -49.74
C LYS A 106 10.99 -20.29 -48.93
N ASP A 107 12.17 -20.26 -49.55
CA ASP A 107 13.42 -20.56 -48.86
C ASP A 107 14.19 -19.30 -48.48
N ILE A 108 13.58 -18.13 -48.64
CA ILE A 108 14.20 -16.86 -48.28
C ILE A 108 13.61 -16.40 -46.95
N LEU A 109 14.47 -16.14 -45.98
CA LEU A 109 14.02 -15.73 -44.65
C LEU A 109 14.80 -14.51 -44.19
N PHE A 110 14.08 -13.51 -43.68
CA PHE A 110 14.66 -12.27 -43.22
C PHE A 110 14.74 -12.27 -41.70
N ILE A 111 15.91 -11.96 -41.16
CA ILE A 111 16.13 -11.88 -39.72
C ILE A 111 16.55 -10.47 -39.38
N ILE A 112 15.80 -9.81 -38.52
CA ILE A 112 16.12 -8.46 -38.06
C ILE A 112 17.05 -8.62 -36.85
N SER A 113 18.32 -8.29 -37.06
CA SER A 113 19.34 -8.48 -36.03
C SER A 113 19.34 -7.28 -35.09
N ASN A 114 18.67 -7.43 -33.96
CA ASN A 114 18.72 -6.41 -32.91
C ASN A 114 19.65 -6.79 -31.76
N GLY A 115 19.66 -8.07 -31.38
CA GLY A 115 20.57 -8.55 -30.35
C GLY A 115 20.09 -8.23 -28.95
N LEU A 116 20.24 -6.97 -28.54
CA LEU A 116 19.74 -6.50 -27.26
C LEU A 116 18.74 -5.35 -27.41
N HIS A 117 18.67 -4.72 -28.57
CA HIS A 117 17.67 -3.70 -28.83
C HIS A 117 16.30 -4.35 -28.95
N PRO A 118 15.23 -3.58 -28.76
CA PRO A 118 13.88 -4.19 -28.77
C PRO A 118 13.55 -4.79 -30.13
N ARG A 119 12.78 -5.87 -30.08
CA ARG A 119 12.37 -6.56 -31.29
C ARG A 119 11.46 -5.66 -32.12
N SER A 120 11.61 -5.74 -33.44
CA SER A 120 10.89 -4.82 -34.33
C SER A 120 9.44 -5.25 -34.48
N THR A 121 8.53 -4.28 -34.41
CA THR A 121 7.12 -4.53 -34.57
C THR A 121 6.75 -4.46 -36.05
N GLU A 122 5.44 -4.45 -36.35
CA GLU A 122 4.99 -4.37 -37.73
C GLU A 122 5.35 -3.03 -38.36
N ALA A 123 5.10 -1.93 -37.62
CA ALA A 123 5.43 -0.61 -38.15
C ALA A 123 6.93 -0.43 -38.33
N ASP A 124 7.72 -0.90 -37.36
CA ASP A 124 9.17 -0.81 -37.48
C ASP A 124 9.68 -1.64 -38.66
N ALA A 125 9.13 -2.84 -38.84
CA ALA A 125 9.53 -3.67 -39.98
C ALA A 125 9.16 -3.01 -41.29
N LYS A 126 7.98 -2.38 -41.36
CA LYS A 126 7.59 -1.67 -42.57
C LYS A 126 8.56 -0.52 -42.86
N ALA A 127 8.91 0.25 -41.83
CA ALA A 127 9.81 1.37 -42.02
C ALA A 127 11.19 0.89 -42.47
N ILE A 128 11.66 -0.23 -41.92
CA ILE A 128 12.97 -0.76 -42.29
C ILE A 128 12.95 -1.26 -43.73
N PHE A 129 11.92 -2.01 -44.11
CA PHE A 129 11.95 -2.79 -45.35
C PHE A 129 11.32 -2.08 -46.54
N GLY A 130 10.60 -0.98 -46.35
CA GLY A 130 9.89 -0.40 -47.47
C GLY A 130 8.54 -1.07 -47.66
N GLU A 131 7.57 -0.35 -48.21
CA GLU A 131 6.22 -0.88 -48.30
C GLU A 131 6.15 -2.09 -49.22
N GLU A 132 6.91 -2.07 -50.33
CA GLU A 132 6.86 -3.17 -51.28
C GLU A 132 7.33 -4.48 -50.64
N LEU A 133 8.52 -4.44 -50.02
CA LEU A 133 9.06 -5.64 -49.40
C LEU A 133 8.25 -6.06 -48.18
N PHE A 134 7.72 -5.09 -47.41
CA PHE A 134 6.88 -5.43 -46.28
C PHE A 134 5.62 -6.16 -46.72
N ASN A 135 4.97 -5.68 -47.78
CA ASN A 135 3.80 -6.36 -48.29
C ASN A 135 4.15 -7.73 -48.89
N GLU A 136 5.32 -7.85 -49.51
CA GLU A 136 5.69 -9.09 -50.17
C GLU A 136 6.11 -10.18 -49.18
N PHE A 137 6.69 -9.83 -48.03
CA PHE A 137 7.32 -10.82 -47.18
C PHE A 137 6.79 -10.92 -45.75
N TRP A 138 6.17 -9.87 -45.22
CA TRP A 138 5.79 -9.89 -43.80
C TRP A 138 4.69 -10.90 -43.52
N HIS A 139 3.61 -10.88 -44.30
CA HIS A 139 2.46 -11.73 -44.01
C HIS A 139 2.73 -13.20 -44.30
N THR A 140 3.75 -13.51 -45.10
CA THR A 140 4.17 -14.90 -45.28
C THR A 140 4.87 -15.44 -44.04
N GLY A 141 5.25 -14.58 -43.10
CA GLY A 141 6.00 -15.02 -41.93
C GLY A 141 7.48 -15.13 -42.16
N GLN A 142 8.03 -14.44 -43.14
CA GLN A 142 9.43 -14.53 -43.50
C GLN A 142 10.28 -13.40 -42.93
N ILE A 143 9.71 -12.59 -42.05
CA ILE A 143 10.43 -11.52 -41.36
C ILE A 143 10.34 -11.81 -39.87
N ILE A 144 11.45 -12.21 -39.28
CA ILE A 144 11.50 -12.60 -37.87
C ILE A 144 12.52 -11.72 -37.16
N SER A 145 12.13 -11.17 -36.01
CA SER A 145 13.06 -10.44 -35.18
C SER A 145 13.90 -11.41 -34.36
N HIS A 146 15.19 -11.08 -34.19
CA HIS A 146 16.07 -11.93 -33.41
C HIS A 146 15.63 -11.96 -31.95
N ASP A 147 15.67 -13.14 -31.35
CA ASP A 147 15.25 -13.34 -29.97
C ASP A 147 16.37 -14.06 -29.23
N SER A 148 17.09 -13.31 -28.39
CA SER A 148 18.21 -13.89 -27.65
C SER A 148 17.75 -14.93 -26.65
N GLU A 149 16.56 -14.77 -26.09
CA GLU A 149 16.07 -15.65 -25.03
C GLU A 149 15.19 -16.78 -25.55
N ASP A 150 15.04 -16.91 -26.87
CA ASP A 150 14.28 -18.02 -27.46
C ASP A 150 15.21 -19.22 -27.54
N GLN A 151 15.21 -20.03 -26.48
CA GLN A 151 16.18 -21.12 -26.38
C GLN A 151 15.93 -22.19 -27.43
N GLU A 152 14.70 -22.33 -27.92
CA GLU A 152 14.43 -23.31 -28.97
C GLU A 152 14.98 -22.89 -30.33
N HIS A 153 15.35 -21.62 -30.50
CA HIS A 153 15.87 -21.12 -31.76
C HIS A 153 17.28 -20.53 -31.63
N MET A 154 18.02 -20.95 -30.62
CA MET A 154 19.40 -20.51 -30.41
C MET A 154 20.30 -21.73 -30.32
N VAL A 155 21.47 -21.65 -30.94
CA VAL A 155 22.42 -22.75 -31.00
C VAL A 155 23.70 -22.32 -30.28
N ASP A 156 24.14 -23.15 -29.34
CA ASP A 156 25.39 -22.94 -28.62
C ASP A 156 26.52 -23.55 -29.46
N LEU A 157 27.30 -22.70 -30.12
CA LEU A 157 28.39 -23.20 -30.96
C LEU A 157 29.50 -23.81 -30.13
N GLY A 158 29.85 -23.19 -29.02
CA GLY A 158 30.94 -23.65 -28.20
C GLY A 158 31.66 -22.47 -27.57
N THR A 159 32.97 -22.40 -27.79
CA THR A 159 33.81 -21.37 -27.22
C THR A 159 34.99 -21.10 -28.15
N THR A 160 35.42 -19.84 -28.19
CA THR A 160 36.59 -19.44 -28.96
C THR A 160 37.85 -19.80 -28.17
N HIS A 161 39.01 -19.32 -28.62
CA HIS A 161 40.25 -19.59 -27.92
C HIS A 161 40.52 -18.62 -26.78
N ARG A 162 39.71 -17.57 -26.64
CA ARG A 162 39.85 -16.59 -25.56
C ARG A 162 38.80 -16.78 -24.47
N GLY A 163 38.18 -17.95 -24.41
CA GLY A 163 37.12 -18.18 -23.43
C GLY A 163 35.88 -17.35 -23.67
N ASP A 164 35.44 -17.24 -24.93
CA ASP A 164 34.25 -16.47 -25.27
C ASP A 164 33.12 -17.42 -25.65
N PRO A 165 32.05 -17.51 -24.87
CA PRO A 165 30.91 -18.34 -25.28
C PRO A 165 30.24 -17.77 -26.51
N VAL A 166 29.73 -18.67 -27.37
CA VAL A 166 29.14 -18.29 -28.64
C VAL A 166 27.76 -18.92 -28.75
N TYR A 167 26.74 -18.08 -28.88
CA TYR A 167 25.37 -18.52 -29.14
C TYR A 167 24.85 -17.73 -30.32
N MET A 168 24.37 -18.43 -31.34
CA MET A 168 23.90 -17.75 -32.55
C MET A 168 22.52 -18.27 -32.94
N ASN A 169 21.75 -17.42 -33.60
CA ASN A 169 20.40 -17.76 -34.02
C ASN A 169 20.41 -19.04 -34.85
N LYS A 170 19.48 -19.95 -34.53
CA LYS A 170 19.40 -21.23 -35.23
C LYS A 170 19.01 -21.04 -36.69
N TYR A 171 18.22 -20.02 -37.00
CA TYR A 171 17.82 -19.77 -38.38
C TYR A 171 19.03 -19.48 -39.26
N VAL A 172 19.97 -18.68 -38.75
CA VAL A 172 21.20 -18.42 -39.49
C VAL A 172 22.07 -19.68 -39.55
N PHE A 173 22.07 -20.47 -38.48
CA PHE A 173 22.88 -21.68 -38.44
C PHE A 173 22.44 -22.68 -39.52
N GLU A 174 21.13 -22.88 -39.66
CA GLU A 174 20.61 -23.91 -40.55
C GLU A 174 20.49 -23.47 -42.00
N CYS A 175 20.73 -22.21 -42.30
CA CYS A 175 20.60 -21.73 -43.67
C CYS A 175 21.78 -22.20 -44.51
N ASP A 176 21.58 -22.17 -45.83
CA ASP A 176 22.63 -22.55 -46.77
C ASP A 176 23.36 -21.33 -47.34
N ILE A 177 22.72 -20.16 -47.32
CA ILE A 177 23.36 -18.92 -47.75
C ILE A 177 23.08 -17.84 -46.72
N PRO A 178 24.04 -17.51 -45.86
CA PRO A 178 23.86 -16.36 -44.95
C PRO A 178 24.34 -15.07 -45.59
N ILE A 179 23.46 -14.08 -45.67
CA ILE A 179 23.77 -12.79 -46.25
C ILE A 179 23.60 -11.74 -45.16
N LEU A 180 24.52 -10.79 -45.10
CA LEU A 180 24.53 -9.73 -44.08
C LEU A 180 24.32 -8.40 -44.79
N ILE A 181 23.42 -7.57 -44.25
CA ILE A 181 23.26 -6.20 -44.70
C ILE A 181 23.79 -5.29 -43.60
N GLY A 182 24.72 -4.42 -43.95
CA GLY A 182 25.39 -3.62 -42.94
C GLY A 182 25.72 -2.23 -43.42
N HIS A 183 25.71 -1.30 -42.49
CA HIS A 183 26.10 0.09 -42.72
C HIS A 183 27.41 0.34 -41.98
N VAL A 184 28.46 0.70 -42.72
CA VAL A 184 29.76 0.99 -42.14
C VAL A 184 29.72 2.43 -41.64
N GLN A 185 29.44 2.61 -40.36
CA GLN A 185 29.36 3.92 -39.75
C GLN A 185 30.21 3.94 -38.48
N GLY A 186 30.71 5.12 -38.15
CA GLY A 186 31.62 5.25 -37.04
C GLY A 186 30.95 5.02 -35.69
N ASN A 187 31.79 4.76 -34.70
CA ASN A 187 31.39 4.60 -33.31
C ASN A 187 32.24 5.52 -32.44
N PRO A 188 31.75 5.90 -31.27
CA PRO A 188 32.57 6.73 -30.36
C PRO A 188 33.89 6.06 -30.00
N TYR A 189 33.90 4.74 -29.86
CA TYR A 189 35.13 4.03 -29.50
C TYR A 189 36.09 3.91 -30.68
N GLY A 190 35.58 3.90 -31.90
CA GLY A 190 36.39 3.81 -33.10
C GLY A 190 36.10 2.59 -33.96
N GLY A 191 35.47 1.56 -33.41
CA GLY A 191 35.13 0.38 -34.18
C GLY A 191 33.86 0.57 -34.98
N TYR A 192 33.97 0.53 -36.31
CA TYR A 192 32.83 0.83 -37.16
C TYR A 192 31.74 -0.22 -37.00
N SER A 193 30.49 0.22 -37.18
CA SER A 193 29.31 -0.56 -36.83
C SER A 193 28.90 -1.56 -37.92
N GLY A 194 29.60 -1.60 -39.04
CA GLY A 194 29.29 -2.52 -40.12
C GLY A 194 30.42 -3.53 -40.31
N GLY A 195 30.06 -4.75 -40.66
CA GLY A 195 31.02 -5.82 -40.87
C GLY A 195 30.81 -6.96 -39.87
N TYR A 196 31.92 -7.46 -39.32
CA TYR A 196 31.85 -8.56 -38.37
C TYR A 196 31.17 -8.16 -37.07
N LYS A 197 31.18 -6.87 -36.74
CA LYS A 197 30.51 -6.41 -35.51
C LYS A 197 29.02 -6.66 -35.59
N HIS A 198 28.41 -6.45 -36.76
CA HIS A 198 26.98 -6.65 -36.92
C HIS A 198 26.60 -8.09 -36.61
N SER A 199 27.32 -9.05 -37.18
CA SER A 199 27.03 -10.46 -36.93
C SER A 199 27.36 -10.85 -35.49
N ALA A 200 28.45 -10.33 -34.93
CA ALA A 200 28.84 -10.70 -33.58
C ALA A 200 27.91 -10.12 -32.52
N THR A 201 27.22 -9.02 -32.81
CA THR A 201 26.36 -8.38 -31.83
C THR A 201 24.87 -8.66 -32.03
N GLY A 202 24.40 -8.71 -33.26
CA GLY A 202 22.97 -8.75 -33.51
C GLY A 202 22.30 -10.11 -33.41
N ILE A 203 23.07 -11.19 -33.57
CA ILE A 203 22.48 -12.53 -33.51
C ILE A 203 23.12 -13.32 -32.39
N THR A 204 23.50 -12.63 -31.31
CA THR A 204 24.08 -13.26 -30.14
C THR A 204 23.28 -12.85 -28.92
N ASN A 205 23.29 -13.73 -27.91
CA ASN A 205 22.64 -13.41 -26.65
C ASN A 205 23.55 -12.51 -25.82
N TRP A 206 23.11 -12.20 -24.60
CA TRP A 206 23.86 -11.28 -23.75
C TRP A 206 25.15 -11.89 -23.22
N LYS A 207 25.23 -13.22 -23.13
CA LYS A 207 26.45 -13.85 -22.63
C LYS A 207 27.61 -13.68 -23.61
N CYS A 208 27.32 -13.68 -24.91
CA CYS A 208 28.35 -13.45 -25.91
C CYS A 208 28.71 -11.97 -26.05
N ILE A 209 27.98 -11.09 -25.38
CA ILE A 209 28.24 -9.65 -25.45
C ILE A 209 28.93 -9.22 -24.15
N ALA A 210 28.62 -9.92 -23.06
CA ALA A 210 29.18 -9.57 -21.76
C ALA A 210 30.69 -9.70 -21.75
N SER A 211 31.24 -10.67 -22.46
CA SER A 211 32.69 -10.90 -22.49
C SER A 211 33.42 -9.74 -23.16
N ARG A 233 37.67 -4.83 -30.78
CA ARG A 233 37.54 -5.08 -32.22
C ARG A 233 37.95 -6.50 -32.57
N ASN A 234 38.91 -7.04 -31.82
CA ASN A 234 39.36 -8.41 -32.07
C ASN A 234 38.33 -9.43 -31.59
N LYS A 235 37.59 -9.10 -30.54
CA LYS A 235 36.59 -10.02 -30.01
C LYS A 235 35.49 -10.30 -31.04
N PHE A 236 34.98 -9.24 -31.69
CA PHE A 236 33.93 -9.43 -32.68
C PHE A 236 34.42 -10.27 -33.85
N ASP A 237 35.63 -9.98 -34.34
CA ASP A 237 36.18 -10.75 -35.46
C ASP A 237 36.37 -12.21 -35.08
N GLU A 238 36.89 -12.46 -33.87
CA GLU A 238 37.09 -13.84 -33.42
C GLU A 238 35.76 -14.59 -33.34
N ILE A 239 34.74 -13.95 -32.75
CA ILE A 239 33.45 -14.61 -32.62
C ILE A 239 32.83 -14.90 -33.99
N SER A 240 32.89 -13.92 -34.90
CA SER A 240 32.26 -14.10 -36.20
C SER A 240 33.01 -15.13 -37.04
N MET A 241 34.35 -15.14 -36.96
CA MET A 241 35.12 -16.16 -37.66
C MET A 241 34.86 -17.55 -37.10
N HIS A 242 34.67 -17.66 -35.78
CA HIS A 242 34.27 -18.94 -35.21
C HIS A 242 32.90 -19.36 -35.71
N MET A 243 31.98 -18.40 -35.86
CA MET A 243 30.68 -18.71 -36.45
C MET A 243 30.82 -19.24 -37.86
N GLU A 244 31.65 -18.58 -38.68
CA GLU A 244 31.86 -19.03 -40.05
C GLU A 244 32.50 -20.42 -40.09
N GLU A 245 33.46 -20.67 -39.20
CA GLU A 245 34.10 -21.99 -39.14
C GLU A 245 33.10 -23.06 -38.77
N LYS A 246 32.24 -22.80 -37.78
CA LYS A 246 31.25 -23.80 -37.37
C LYS A 246 30.21 -24.02 -38.47
N MET A 247 29.75 -22.95 -39.10
CA MET A 247 28.73 -23.10 -40.15
C MET A 247 29.30 -23.78 -41.38
N GLY A 248 30.57 -23.53 -41.69
CA GLY A 248 31.22 -24.09 -42.85
C GLY A 248 31.28 -23.17 -44.05
N HIS A 249 30.45 -22.12 -44.08
CA HIS A 249 30.46 -21.15 -45.15
C HIS A 249 30.50 -19.75 -44.56
N PRO A 250 31.29 -18.84 -45.13
CA PRO A 250 31.38 -17.49 -44.58
C PRO A 250 30.14 -16.68 -44.91
N PHE A 251 29.93 -15.64 -44.11
CA PHE A 251 28.86 -14.69 -44.38
C PHE A 251 29.15 -13.93 -45.67
N PHE A 252 28.10 -13.69 -46.46
CA PHE A 252 28.19 -12.83 -47.63
C PHE A 252 27.74 -11.44 -47.21
N CYS A 253 28.69 -10.54 -46.98
CA CYS A 253 28.38 -9.20 -46.53
C CYS A 253 28.10 -8.28 -47.70
N CYS A 254 27.20 -7.33 -47.50
CA CYS A 254 26.93 -6.24 -48.44
C CYS A 254 26.89 -4.97 -47.60
N ASP A 255 28.06 -4.37 -47.38
CA ASP A 255 28.21 -3.22 -46.50
C ASP A 255 28.27 -1.94 -47.32
N ALA A 256 27.58 -0.90 -46.83
CA ALA A 256 27.56 0.38 -47.50
C ALA A 256 28.05 1.46 -46.54
N VAL A 257 28.91 2.34 -47.04
CA VAL A 257 29.41 3.46 -46.23
C VAL A 257 28.42 4.61 -46.36
N LEU A 258 28.03 5.19 -45.22
CA LEU A 258 27.05 6.27 -45.21
C LEU A 258 27.67 7.56 -44.70
N ASP A 259 27.07 8.67 -45.13
CA ASP A 259 27.42 10.01 -44.69
C ASP A 259 26.42 10.47 -43.63
N THR A 260 26.50 11.76 -43.26
CA THR A 260 25.68 12.28 -42.17
C THR A 260 24.18 12.09 -42.45
N GLN A 261 23.77 12.22 -43.71
CA GLN A 261 22.38 12.05 -44.09
C GLN A 261 22.07 10.63 -44.53
N SER A 262 22.87 9.65 -44.10
CA SER A 262 22.63 8.23 -44.39
C SER A 262 22.54 7.96 -45.89
N ARG A 263 23.40 8.62 -46.65
CA ARG A 263 23.48 8.41 -48.09
C ARG A 263 24.73 7.61 -48.43
N GLN A 264 24.58 6.71 -49.40
CA GLN A 264 25.68 5.79 -49.73
C GLN A 264 26.80 6.53 -50.44
N ILE A 265 28.03 6.19 -50.06
CA ILE A 265 29.24 6.71 -50.71
C ILE A 265 29.91 5.63 -51.54
N ALA A 266 30.07 4.44 -50.97
CA ALA A 266 30.61 3.29 -51.69
C ALA A 266 29.95 2.04 -51.15
N ILE A 267 29.86 1.01 -52.00
CA ILE A 267 29.24 -0.25 -51.65
C ILE A 267 30.28 -1.36 -51.83
N TYR A 268 30.60 -2.05 -50.75
CA TYR A 268 31.54 -3.16 -50.76
C TYR A 268 30.82 -4.43 -50.36
N SER A 269 31.00 -5.49 -51.14
CA SER A 269 30.36 -6.77 -50.88
C SER A 269 31.38 -7.89 -51.08
N GLY A 270 31.23 -8.95 -50.30
CA GLY A 270 32.10 -10.10 -50.40
C GLY A 270 32.45 -10.62 -49.02
N TYR A 271 33.60 -11.29 -48.95
CA TYR A 271 34.09 -11.81 -47.67
C TYR A 271 34.33 -10.65 -46.71
N ALA A 272 33.76 -10.76 -45.50
CA ALA A 272 33.81 -9.66 -44.55
C ALA A 272 35.23 -9.38 -44.09
N LYS A 273 36.02 -10.44 -43.83
CA LYS A 273 37.34 -10.27 -43.25
C LYS A 273 38.25 -9.43 -44.15
N GLU A 274 38.25 -9.71 -45.45
CA GLU A 274 39.10 -8.99 -46.38
C GLU A 274 38.48 -7.69 -46.88
N MET A 275 37.14 -7.59 -46.88
CA MET A 275 36.48 -6.37 -47.32
C MET A 275 36.51 -5.28 -46.26
N MET A 276 36.56 -5.64 -44.97
CA MET A 276 36.49 -4.65 -43.91
C MET A 276 37.56 -3.55 -44.02
N PRO A 277 38.84 -3.86 -44.24
CA PRO A 277 39.82 -2.76 -44.39
C PRO A 277 39.50 -1.82 -45.54
N ILE A 278 38.97 -2.35 -46.65
CA ILE A 278 38.65 -1.49 -47.79
C ILE A 278 37.54 -0.51 -47.42
N SER A 279 36.52 -0.99 -46.72
CA SER A 279 35.45 -0.10 -46.26
C SER A 279 35.99 0.91 -45.24
N TRP A 280 36.88 0.46 -44.36
CA TRP A 280 37.44 1.35 -43.36
C TRP A 280 38.27 2.45 -44.00
N LYS A 281 38.90 2.17 -45.14
CA LYS A 281 39.71 3.18 -45.83
C LYS A 281 38.91 4.42 -46.17
N LEU A 282 37.62 4.28 -46.43
CA LEU A 282 36.74 5.41 -46.70
C LEU A 282 35.94 5.86 -45.48
N ALA A 283 35.62 4.92 -44.58
CA ALA A 283 34.93 5.31 -43.35
C ALA A 283 35.81 6.20 -42.48
N ASP A 284 37.13 6.02 -42.54
CA ASP A 284 38.03 6.91 -41.81
C ASP A 284 38.03 8.30 -42.43
N LYS A 285 38.01 8.38 -43.76
CA LYS A 285 37.92 9.68 -44.42
C LYS A 285 36.63 10.40 -44.05
N ARG A 286 35.52 9.67 -44.00
CA ARG A 286 34.25 10.30 -43.64
C ARG A 286 34.23 10.71 -42.17
N THR A 287 34.61 9.80 -41.27
CA THR A 287 34.35 9.99 -39.85
C THR A 287 35.26 11.06 -39.24
N TYR A 288 36.56 11.01 -39.55
CA TYR A 288 37.56 11.83 -38.86
C TYR A 288 37.71 13.16 -39.57
N VAL A 289 37.03 14.17 -39.05
CA VAL A 289 37.09 15.53 -39.57
C VAL A 289 38.30 16.22 -38.97
N HIS A 290 38.91 17.14 -39.73
CA HIS A 290 40.13 17.83 -39.33
C HIS A 290 39.92 19.34 -39.25
N TRP A 291 38.79 19.77 -38.67
CA TRP A 291 38.51 21.19 -38.47
C TRP A 291 38.81 21.55 -37.03
N ALA A 292 39.90 22.27 -36.81
CA ALA A 292 40.26 22.78 -35.50
C ALA A 292 41.45 23.73 -35.64
N GLU A 293 41.44 24.79 -34.83
CA GLU A 293 42.58 25.69 -34.73
C GLU A 293 42.97 26.03 -33.30
N LYS A 294 42.06 25.89 -32.34
CA LYS A 294 42.35 26.15 -30.94
C LYS A 294 41.73 25.05 -30.09
N LYS A 295 42.33 24.82 -28.93
CA LYS A 295 41.82 23.84 -27.98
C LYS A 295 40.67 24.46 -27.21
N TYR A 296 39.44 24.05 -27.54
CA TYR A 296 38.27 24.64 -26.94
C TYR A 296 38.13 24.22 -25.49
N ASP A 297 37.43 25.04 -24.71
CA ASP A 297 37.25 24.83 -23.28
C ASP A 297 35.83 24.44 -22.90
N VAL A 298 34.82 25.00 -23.55
CA VAL A 298 33.42 24.74 -23.22
C VAL A 298 32.75 24.16 -24.45
N LEU A 299 32.05 23.04 -24.27
CA LEU A 299 31.30 22.39 -25.34
C LEU A 299 29.81 22.55 -25.04
N VAL A 300 29.07 23.13 -25.98
CA VAL A 300 27.67 23.48 -25.79
C VAL A 300 26.84 22.76 -26.84
N PHE A 301 25.81 22.05 -26.39
CA PHE A 301 24.87 21.38 -27.28
C PHE A 301 23.58 21.14 -26.52
N GLY A 302 22.71 20.31 -27.08
CA GLY A 302 21.44 20.00 -26.44
C GLY A 302 20.95 18.63 -26.85
N MET A 303 20.19 17.99 -25.96
CA MET A 303 19.67 16.66 -26.20
C MET A 303 18.21 16.73 -26.61
N PRO A 304 17.85 16.36 -27.83
CA PRO A 304 16.43 16.15 -28.15
C PRO A 304 15.91 14.90 -27.45
N GLN A 305 14.58 14.85 -27.31
CA GLN A 305 13.97 13.72 -26.60
C GLN A 305 14.15 12.42 -27.37
N LYS A 306 14.01 12.45 -28.69
CA LYS A 306 14.09 11.27 -29.53
C LYS A 306 15.35 11.34 -30.39
N PHE A 307 16.33 10.50 -30.07
CA PHE A 307 17.53 10.37 -30.88
C PHE A 307 18.20 9.05 -30.53
N HIS A 308 18.95 8.52 -31.49
CA HIS A 308 19.67 7.26 -31.32
C HIS A 308 18.75 6.11 -30.94
N TYR A 309 18.75 5.73 -29.67
CA TYR A 309 18.02 4.55 -29.24
C TYR A 309 16.51 4.73 -29.28
N GLY A 310 16.02 5.96 -29.38
CA GLY A 310 14.61 6.20 -29.56
C GLY A 310 14.10 7.26 -28.61
N ASP A 311 12.77 7.33 -28.50
CA ASP A 311 12.12 8.32 -27.67
C ASP A 311 12.42 8.05 -26.20
N GLY A 312 12.82 9.11 -25.48
CA GLY A 312 13.16 9.00 -24.07
C GLY A 312 14.63 8.99 -23.77
N MET A 313 15.49 9.06 -24.78
CA MET A 313 16.93 9.09 -24.52
C MET A 313 17.38 10.44 -23.97
N GLY A 314 16.67 11.51 -24.33
CA GLY A 314 17.00 12.83 -23.82
C GLY A 314 16.48 13.14 -22.44
N THR A 315 15.68 12.25 -21.85
CA THR A 315 15.17 12.45 -20.51
C THR A 315 15.55 11.34 -19.54
N ASN A 316 15.90 10.16 -20.02
CA ASN A 316 16.31 9.06 -19.15
C ASN A 316 17.71 9.33 -18.63
N PRO A 317 17.92 9.37 -17.31
CA PRO A 317 19.26 9.72 -16.79
C PRO A 317 20.37 8.81 -17.26
N ILE A 318 20.13 7.50 -17.30
CA ILE A 318 21.17 6.57 -17.75
C ILE A 318 21.50 6.81 -19.22
N MET A 319 20.47 6.99 -20.05
CA MET A 319 20.70 7.23 -21.47
C MET A 319 21.30 8.61 -21.71
N MET A 320 20.92 9.60 -20.90
CA MET A 320 21.59 10.91 -20.97
C MET A 320 23.07 10.78 -20.66
N MET A 321 23.42 10.01 -19.64
CA MET A 321 24.83 9.79 -19.32
C MET A 321 25.54 9.06 -20.45
N GLN A 322 24.87 8.09 -21.08
CA GLN A 322 25.47 7.39 -22.21
C GLN A 322 25.75 8.35 -23.37
N ALA A 323 24.78 9.22 -23.68
CA ALA A 323 24.97 10.18 -24.77
C ALA A 323 26.08 11.17 -24.44
N LEU A 324 26.14 11.63 -23.19
CA LEU A 324 27.21 12.55 -22.80
C LEU A 324 28.57 11.88 -22.87
N SER A 325 28.65 10.61 -22.48
CA SER A 325 29.91 9.88 -22.60
C SER A 325 30.33 9.72 -24.05
N ALA A 326 29.37 9.45 -24.94
CA ALA A 326 29.68 9.38 -26.36
C ALA A 326 30.19 10.71 -26.88
N GLN A 327 29.55 11.82 -26.47
CA GLN A 327 30.01 13.13 -26.89
C GLN A 327 31.41 13.43 -26.37
N VAL A 328 31.70 13.01 -25.14
CA VAL A 328 33.05 13.18 -24.59
C VAL A 328 34.05 12.39 -25.41
N LEU A 329 33.71 11.15 -25.78
CA LEU A 329 34.62 10.32 -26.55
C LEU A 329 34.85 10.89 -27.94
N ARG A 330 33.85 11.55 -28.53
CA ARG A 330 33.99 12.05 -29.90
C ARG A 330 34.91 13.27 -29.96
N PHE A 331 34.77 14.19 -29.01
CA PHE A 331 35.43 15.49 -29.09
C PHE A 331 36.58 15.64 -28.10
N LYS A 332 37.13 14.54 -27.59
CA LYS A 332 38.19 14.64 -26.59
C LYS A 332 39.50 15.15 -27.19
N ARG A 333 39.73 14.92 -28.47
CA ARG A 333 40.99 15.34 -29.09
C ARG A 333 41.00 16.80 -29.48
N VAL A 334 39.87 17.49 -29.37
CA VAL A 334 39.78 18.92 -29.66
C VAL A 334 39.58 19.76 -28.41
N MET A 335 39.48 19.13 -27.25
CA MET A 335 39.10 19.79 -26.01
C MET A 335 40.22 19.67 -24.98
N SER A 336 40.28 20.65 -24.08
CA SER A 336 41.36 20.74 -23.10
C SER A 336 41.08 19.79 -21.94
N ASP A 337 41.88 19.90 -20.87
CA ASP A 337 41.76 19.01 -19.73
C ASP A 337 40.87 19.57 -18.63
N ASN A 338 40.65 20.89 -18.61
CA ASN A 338 39.68 21.51 -17.71
C ASN A 338 38.36 21.81 -18.41
N CYS A 339 37.95 20.97 -19.34
CA CYS A 339 36.80 21.23 -20.17
C CYS A 339 35.51 21.20 -19.38
N VAL A 340 34.52 21.94 -19.87
CA VAL A 340 33.18 21.99 -19.29
C VAL A 340 32.17 21.69 -20.40
N ILE A 341 31.20 20.84 -20.10
CA ILE A 341 30.16 20.47 -21.05
C ILE A 341 28.84 21.04 -20.55
N ILE A 342 28.18 21.83 -21.39
CA ILE A 342 26.87 22.40 -21.07
C ILE A 342 25.87 21.86 -22.07
N CYS A 343 24.86 21.16 -21.58
CA CYS A 343 23.86 20.53 -22.43
C CYS A 343 22.46 20.93 -21.96
N ALA A 344 21.58 21.18 -22.91
CA ALA A 344 20.18 21.52 -22.62
C ALA A 344 19.33 20.28 -22.82
N SER A 345 18.58 19.91 -21.78
CA SER A 345 17.71 18.75 -21.86
C SER A 345 16.56 18.94 -20.89
N THR A 346 15.49 18.16 -21.12
CA THR A 346 14.32 18.18 -20.25
C THR A 346 14.34 16.89 -19.43
N CYS A 347 14.97 16.95 -18.26
CA CYS A 347 15.09 15.79 -17.38
C CYS A 347 13.77 15.62 -16.62
N ASN A 348 12.75 15.21 -17.36
CA ASN A 348 11.41 15.05 -16.81
C ASN A 348 11.32 13.90 -15.82
N GLY A 349 12.32 13.03 -15.77
CA GLY A 349 12.14 11.76 -15.10
C GLY A 349 11.34 10.78 -15.92
N TYR A 350 11.19 11.04 -17.22
CA TYR A 350 10.43 10.19 -18.13
C TYR A 350 11.37 9.07 -18.59
N PHE A 351 11.39 7.99 -17.82
CA PHE A 351 12.24 6.85 -18.14
C PHE A 351 11.76 6.07 -19.35
N HIS A 352 10.53 6.31 -19.81
CA HIS A 352 9.89 5.51 -20.86
C HIS A 352 9.88 4.04 -20.44
N ASP A 353 9.23 3.79 -19.31
CA ASP A 353 9.29 2.48 -18.67
C ASP A 353 8.66 1.39 -19.52
N GLU A 354 7.89 1.74 -20.55
CA GLU A 354 7.40 0.75 -21.49
C GLU A 354 8.46 0.30 -22.48
N ARG A 355 9.58 1.01 -22.55
CA ARG A 355 10.71 0.66 -23.41
C ARG A 355 11.97 0.34 -22.63
N TRP A 356 12.14 0.91 -21.44
CA TRP A 356 13.24 0.59 -20.54
C TRP A 356 12.67 0.26 -19.17
N PRO A 357 12.04 -0.90 -19.02
CA PRO A 357 11.40 -1.24 -17.73
C PRO A 357 12.38 -1.49 -16.60
N TYR A 358 13.66 -1.70 -16.91
CA TYR A 358 14.67 -2.02 -15.90
C TYR A 358 15.42 -0.81 -15.40
N LEU A 359 15.26 0.35 -16.02
CA LEU A 359 16.10 1.51 -15.68
C LEU A 359 15.64 2.22 -14.41
N ARG A 360 14.39 2.08 -14.01
CA ARG A 360 13.96 2.65 -12.73
C ARG A 360 14.58 1.89 -11.56
N GLU A 361 14.53 0.54 -11.63
CA GLU A 361 15.19 -0.25 -10.61
C GLU A 361 16.70 -0.04 -10.63
N LEU A 362 17.28 0.12 -11.83
CA LEU A 362 18.70 0.39 -11.93
C LEU A 362 19.06 1.72 -11.27
N TYR A 363 18.26 2.76 -11.51
CA TYR A 363 18.49 4.05 -10.88
C TYR A 363 18.36 3.97 -9.37
N ASP A 364 17.33 3.25 -8.88
CA ASP A 364 17.16 3.10 -7.44
C ASP A 364 18.33 2.35 -6.81
N LEU A 365 18.83 1.32 -7.49
CA LEU A 365 19.99 0.59 -6.99
C LEU A 365 21.23 1.46 -7.01
N PHE A 366 21.36 2.34 -8.00
CA PHE A 366 22.46 3.29 -8.03
C PHE A 366 22.41 4.24 -6.83
N GLN A 367 21.21 4.73 -6.51
CA GLN A 367 21.08 5.68 -5.41
C GLN A 367 21.23 5.01 -4.05
N HIS A 368 20.62 3.83 -3.88
CA HIS A 368 20.45 3.21 -2.57
C HIS A 368 21.45 2.11 -2.28
N ASP A 369 22.70 2.24 -2.76
CA ASP A 369 23.73 1.26 -2.50
C ASP A 369 25.06 1.96 -2.28
N HIS A 370 26.09 1.17 -2.00
CA HIS A 370 27.45 1.68 -1.77
C HIS A 370 28.14 1.92 -3.11
N MET A 371 27.49 2.71 -3.96
CA MET A 371 27.95 2.97 -5.32
C MET A 371 28.28 4.45 -5.44
N ASN A 372 29.56 4.77 -5.51
CA ASN A 372 29.98 6.15 -5.70
C ASN A 372 30.00 6.55 -7.17
N THR A 373 30.21 5.60 -8.07
CA THR A 373 30.30 5.86 -9.51
C THR A 373 29.49 4.82 -10.26
N LEU A 374 29.20 5.15 -11.53
CA LEU A 374 28.46 4.23 -12.39
C LEU A 374 29.17 2.90 -12.62
N PRO A 375 30.48 2.85 -12.90
CA PRO A 375 31.13 1.54 -13.13
C PRO A 375 31.04 0.59 -11.94
N ASP A 376 30.64 1.08 -10.77
CA ASP A 376 30.42 0.19 -9.62
C ASP A 376 29.19 -0.68 -9.77
N MET A 377 28.33 -0.40 -10.75
CA MET A 377 27.08 -1.12 -10.92
C MET A 377 27.22 -2.38 -11.78
N ASN A 378 28.32 -2.52 -12.51
CA ASN A 378 28.48 -3.63 -13.44
C ASN A 378 28.36 -4.99 -12.78
N ARG A 379 28.69 -5.10 -11.49
CA ARG A 379 28.59 -6.37 -10.78
C ARG A 379 27.15 -6.88 -10.69
N LEU A 380 26.16 -6.02 -10.94
CA LEU A 380 24.77 -6.45 -10.97
C LEU A 380 24.27 -6.76 -12.36
N GLY A 381 25.14 -6.70 -13.38
CA GLY A 381 24.69 -6.95 -14.74
C GLY A 381 24.09 -8.34 -14.92
N GLU A 382 24.81 -9.36 -14.45
CA GLU A 382 24.28 -10.72 -14.51
C GLU A 382 23.01 -10.85 -13.67
N TYR A 383 22.81 -9.97 -12.71
CA TYR A 383 21.58 -9.96 -11.93
C TYR A 383 20.39 -9.48 -12.77
N PHE A 384 20.65 -8.54 -13.68
CA PHE A 384 19.55 -7.98 -14.45
C PHE A 384 19.25 -8.78 -15.71
N ALA A 385 20.29 -9.29 -16.37
CA ALA A 385 20.10 -10.05 -17.60
C ALA A 385 19.33 -11.34 -17.40
N THR A 386 19.24 -11.83 -16.17
CA THR A 386 18.56 -13.08 -15.86
C THR A 386 17.18 -12.86 -15.24
N ASN A 387 16.71 -11.63 -15.15
CA ASN A 387 15.40 -11.36 -14.58
C ASN A 387 14.31 -11.92 -15.49
N GLU A 388 13.38 -12.67 -14.90
CA GLU A 388 12.34 -13.32 -15.70
C GLU A 388 11.35 -12.31 -16.27
N GLU A 389 10.96 -11.31 -15.48
CA GLU A 389 9.95 -10.35 -15.93
C GLU A 389 10.51 -9.44 -17.01
N TYR A 390 11.74 -8.94 -16.82
CA TYR A 390 12.36 -8.10 -17.83
C TYR A 390 12.62 -8.88 -19.12
N ILE A 391 12.98 -10.15 -19.00
CA ILE A 391 13.17 -10.99 -20.18
C ILE A 391 11.84 -11.20 -20.90
N ARG A 392 10.76 -11.41 -20.14
CA ARG A 392 9.44 -11.54 -20.76
C ARG A 392 9.06 -10.26 -21.50
N LYS A 393 9.30 -9.11 -20.89
CA LYS A 393 8.99 -7.84 -21.55
C LYS A 393 9.85 -7.62 -22.78
N TYR A 394 11.11 -8.06 -22.74
CA TYR A 394 11.95 -7.98 -23.94
C TYR A 394 11.42 -8.88 -25.05
N ARG A 395 10.99 -10.09 -24.71
CA ARG A 395 10.56 -11.04 -25.73
C ARG A 395 9.23 -10.64 -26.35
N TYR A 396 8.26 -10.24 -25.52
CA TYR A 396 6.88 -10.15 -25.96
C TYR A 396 6.32 -8.73 -26.03
N THR A 397 7.00 -7.75 -25.43
CA THR A 397 6.48 -6.39 -25.33
C THR A 397 7.26 -5.40 -26.18
N ASN A 398 8.36 -5.82 -26.80
CA ASN A 398 9.24 -4.96 -27.59
C ASN A 398 9.88 -3.88 -26.69
N ALA A 399 10.64 -4.36 -25.71
CA ALA A 399 11.43 -3.51 -24.83
C ALA A 399 12.89 -3.91 -24.95
N PHE A 400 13.76 -3.09 -24.37
CA PHE A 400 15.18 -3.37 -24.39
C PHE A 400 15.52 -4.55 -23.48
N HIS A 401 16.52 -5.32 -23.88
CA HIS A 401 17.00 -6.41 -23.04
C HIS A 401 17.61 -5.81 -21.77
N PRO A 402 17.39 -6.43 -20.61
CA PRO A 402 17.86 -5.83 -19.35
C PRO A 402 19.37 -5.67 -19.29
N PHE A 403 20.13 -6.39 -20.11
CA PHE A 403 21.58 -6.28 -20.10
C PHE A 403 22.09 -5.15 -20.99
N HIS A 404 21.18 -4.43 -21.68
CA HIS A 404 21.62 -3.34 -22.55
C HIS A 404 22.27 -2.22 -21.75
N GLY A 405 21.72 -1.92 -20.57
CA GLY A 405 22.28 -0.83 -19.76
C GLY A 405 23.69 -1.10 -19.30
N PHE A 406 24.07 -2.37 -19.17
CA PHE A 406 25.40 -2.74 -18.69
C PHE A 406 26.37 -3.07 -19.82
N SER A 407 25.96 -2.91 -21.08
CA SER A 407 26.84 -3.21 -22.20
C SER A 407 27.87 -2.11 -22.40
N GLY A 412 30.01 4.94 -20.24
CA GLY A 412 29.19 5.74 -19.34
C GLY A 412 29.97 6.39 -18.23
N HIS A 413 31.27 6.06 -18.15
CA HIS A 413 32.13 6.57 -17.10
C HIS A 413 33.18 7.56 -17.60
N ILE A 414 33.35 7.70 -18.91
CA ILE A 414 34.36 8.60 -19.43
C ILE A 414 34.03 10.05 -19.09
N ALA A 415 32.73 10.39 -19.10
CA ALA A 415 32.33 11.77 -18.86
C ALA A 415 32.69 12.23 -17.44
N GLU A 416 32.49 11.37 -16.45
CA GLU A 416 32.66 11.79 -15.06
C GLU A 416 34.12 11.90 -14.63
N MET A 417 35.07 11.46 -15.45
CA MET A 417 36.48 11.71 -15.18
C MET A 417 37.15 12.66 -16.17
N ASN A 418 36.65 12.75 -17.41
CA ASN A 418 37.29 13.64 -18.37
C ASN A 418 36.93 15.10 -18.13
N THR A 419 35.66 15.38 -17.85
CA THR A 419 35.17 16.75 -17.76
C THR A 419 35.27 17.28 -16.34
N SER A 420 35.64 18.56 -16.21
CA SER A 420 35.64 19.21 -14.91
C SER A 420 34.22 19.35 -14.37
N ALA A 421 33.26 19.71 -15.23
CA ALA A 421 31.88 19.86 -14.81
C ALA A 421 30.98 19.64 -16.02
N ILE A 422 29.83 18.99 -15.79
CA ILE A 422 28.82 18.78 -16.81
C ILE A 422 27.54 19.45 -16.33
N TYR A 423 27.01 20.35 -17.16
CA TYR A 423 25.83 21.14 -16.81
C TYR A 423 24.63 20.66 -17.61
N ILE A 424 23.53 20.39 -16.91
CA ILE A 424 22.25 20.08 -17.54
C ILE A 424 21.38 21.32 -17.39
N VAL A 425 21.05 21.95 -18.51
CA VAL A 425 20.38 23.25 -18.53
C VAL A 425 18.92 23.06 -18.90
N GLY A 426 18.03 23.63 -18.10
CA GLY A 426 16.62 23.58 -18.39
C GLY A 426 15.92 22.29 -18.02
N ALA A 427 16.45 21.56 -17.05
CA ALA A 427 15.82 20.32 -16.62
C ALA A 427 14.49 20.62 -15.91
N GLU A 428 13.52 19.73 -16.10
CA GLU A 428 12.21 19.88 -15.48
C GLU A 428 12.14 19.21 -14.12
N GLU A 429 12.90 18.14 -13.91
CA GLU A 429 13.07 17.51 -12.59
C GLU A 429 14.57 17.35 -12.38
N PRO A 430 15.26 18.42 -11.98
CA PRO A 430 16.72 18.39 -11.91
C PRO A 430 17.27 17.42 -10.86
N GLY A 431 16.43 16.75 -10.08
CA GLY A 431 16.91 15.75 -9.15
C GLY A 431 17.60 14.58 -9.82
N TYR A 432 17.13 14.17 -10.99
CA TYR A 432 17.72 13.03 -11.69
C TYR A 432 19.08 13.39 -12.29
N ALA A 433 19.24 14.60 -12.80
CA ALA A 433 20.53 15.01 -13.33
C ALA A 433 21.55 15.20 -12.21
N ARG A 434 21.09 15.67 -11.04
CA ARG A 434 21.98 15.78 -9.90
C ARG A 434 22.34 14.41 -9.32
N GLY A 435 21.41 13.46 -9.36
CA GLY A 435 21.67 12.14 -8.80
C GLY A 435 22.69 11.34 -9.59
N MET A 436 22.93 11.69 -10.85
CA MET A 436 23.93 11.03 -11.67
C MET A 436 25.27 11.76 -11.66
N GLY A 437 25.38 12.86 -10.92
CA GLY A 437 26.62 13.59 -10.84
C GLY A 437 26.73 14.80 -11.73
N LEU A 438 25.65 15.21 -12.38
CA LEU A 438 25.67 16.35 -13.29
C LEU A 438 25.08 17.57 -12.60
N LYS A 439 25.73 18.72 -12.80
CA LYS A 439 25.21 19.97 -12.25
C LYS A 439 23.96 20.40 -13.00
N THR A 440 23.13 21.20 -12.33
CA THR A 440 21.86 21.65 -12.88
C THR A 440 21.74 23.16 -12.75
N ARG A 441 21.28 23.80 -13.82
CA ARG A 441 21.01 25.23 -13.84
C ARG A 441 19.72 25.46 -14.61
N ALA A 442 19.32 26.73 -14.70
CA ALA A 442 18.04 27.07 -15.31
C ALA A 442 18.17 27.59 -16.73
N THR A 443 19.26 28.27 -17.06
CA THR A 443 19.44 28.85 -18.39
C THR A 443 20.87 28.65 -18.84
N PHE A 444 21.07 28.79 -20.16
CA PHE A 444 22.42 28.65 -20.72
C PHE A 444 23.35 29.73 -20.19
N GLU A 445 22.87 30.96 -20.10
CA GLU A 445 23.72 32.06 -19.66
C GLU A 445 24.16 31.88 -18.21
N GLU A 446 23.25 31.43 -17.35
CA GLU A 446 23.59 31.22 -15.94
C GLU A 446 24.66 30.14 -15.79
N ALA A 447 24.50 29.03 -16.49
CA ALA A 447 25.47 27.95 -16.42
C ALA A 447 26.82 28.39 -16.98
N LEU A 448 26.80 29.13 -18.10
CA LEU A 448 28.05 29.61 -18.67
C LEU A 448 28.76 30.58 -17.72
N GLU A 449 27.99 31.46 -17.06
CA GLU A 449 28.58 32.38 -16.09
C GLU A 449 29.19 31.62 -14.92
N ASP A 450 28.50 30.59 -14.43
CA ASP A 450 29.04 29.78 -13.34
C ASP A 450 30.34 29.09 -13.77
N ALA A 451 30.34 28.50 -14.97
CA ALA A 451 31.54 27.82 -15.46
C ALA A 451 32.70 28.80 -15.64
N LYS A 452 32.41 30.00 -16.14
CA LYS A 452 33.44 31.03 -16.25
C LYS A 452 33.97 31.42 -14.88
N LYS A 453 33.09 31.48 -13.88
CA LYS A 453 33.50 31.81 -12.52
C LYS A 453 34.50 30.77 -12.01
N LYS A 454 34.10 29.50 -11.98
CA LYS A 454 34.94 28.51 -11.30
C LYS A 454 35.95 27.87 -12.23
N TYR A 455 35.53 27.35 -13.38
CA TYR A 455 36.27 26.31 -14.08
C TYR A 455 37.12 26.86 -15.23
N VAL A 456 36.52 27.55 -16.21
CA VAL A 456 37.25 27.90 -17.43
C VAL A 456 37.78 29.33 -17.43
N GLY A 457 37.48 30.11 -16.40
CA GLY A 457 37.93 31.49 -16.36
C GLY A 457 37.02 32.41 -17.15
N GLN A 458 37.35 33.70 -17.10
CA GLN A 458 36.53 34.71 -17.76
C GLN A 458 36.81 34.85 -19.24
N GLU A 459 37.81 34.13 -19.77
CA GLU A 459 38.17 34.20 -21.19
C GLU A 459 38.26 32.78 -21.74
N PRO A 460 37.13 32.11 -21.95
CA PRO A 460 37.15 30.73 -22.42
C PRO A 460 37.02 30.65 -23.94
N ASN A 461 37.30 29.45 -24.45
CA ASN A 461 37.08 29.11 -25.85
C ASN A 461 35.87 28.18 -25.92
N ILE A 462 34.87 28.56 -26.69
CA ILE A 462 33.59 27.86 -26.73
C ILE A 462 33.38 27.25 -28.11
N LEU A 463 32.94 26.00 -28.13
CA LEU A 463 32.54 25.32 -29.36
C LEU A 463 31.09 24.91 -29.23
N ALA A 464 30.23 25.43 -30.10
CA ALA A 464 28.80 25.15 -30.07
C ALA A 464 28.47 24.14 -31.17
N LEU A 465 27.66 23.15 -30.81
CA LEU A 465 27.32 22.04 -31.72
C LEU A 465 25.81 21.93 -31.83
N PRO A 466 25.16 22.81 -32.59
CA PRO A 466 23.73 22.62 -32.87
C PRO A 466 23.53 21.48 -33.84
N MET A 467 22.39 20.80 -33.69
CA MET A 467 22.05 19.62 -34.48
C MET A 467 23.17 18.57 -34.41
N THR A 468 23.63 18.32 -33.20
CA THR A 468 24.68 17.32 -33.00
C THR A 468 24.10 15.92 -32.85
N PHE A 469 22.94 15.78 -32.24
CA PHE A 469 22.27 14.49 -32.11
C PHE A 469 21.26 14.23 -33.21
N LYS A 470 21.07 15.18 -34.13
CA LYS A 470 20.15 15.00 -35.24
C LYS A 470 20.85 14.44 -36.49
N LYS A 471 22.17 14.55 -36.57
CA LYS A 471 22.94 14.07 -37.69
C LYS A 471 23.95 13.03 -37.21
N ALA A 472 24.39 12.19 -38.14
CA ALA A 472 25.40 11.18 -37.83
C ALA A 472 26.67 11.84 -37.31
N ALA A 473 26.99 11.60 -36.04
CA ALA A 473 28.09 12.29 -35.40
C ALA A 473 29.43 11.89 -36.00
N VAL A 474 30.38 12.83 -35.95
CA VAL A 474 31.72 12.63 -36.49
C VAL A 474 32.73 12.89 -35.39
N HIS A 475 33.94 12.36 -35.60
CA HIS A 475 35.05 12.58 -34.67
C HIS A 475 35.82 13.82 -35.10
N LEU A 476 35.96 14.77 -34.20
CA LEU A 476 36.68 16.01 -34.47
C LEU A 476 38.15 15.85 -34.10
N CYS A 477 39.02 16.41 -34.93
CA CYS A 477 40.46 16.31 -34.73
C CYS A 477 41.11 17.65 -35.10
N MET A 478 42.33 17.84 -34.61
CA MET A 478 43.07 19.05 -34.92
C MET A 478 43.49 19.08 -36.37
N LYS A 479 43.53 20.29 -36.94
CA LYS A 479 43.85 20.44 -38.36
C LYS A 479 45.27 19.98 -38.66
N ASP A 480 46.22 20.33 -37.81
CA ASP A 480 47.61 19.98 -38.02
C ASP A 480 47.84 18.48 -37.86
N LYS B 4 -44.08 4.22 -27.41
CA LYS B 4 -42.66 4.14 -27.08
C LYS B 4 -42.09 2.77 -27.42
N PHE B 5 -40.77 2.70 -27.55
CA PHE B 5 -40.06 1.46 -27.83
C PHE B 5 -39.32 0.99 -26.58
N ASP B 6 -39.13 -0.32 -26.48
CA ASP B 6 -38.56 -0.94 -25.30
C ASP B 6 -37.30 -1.71 -25.69
N PHE B 7 -36.18 -1.39 -25.06
CA PHE B 7 -34.90 -1.99 -25.39
C PHE B 7 -34.28 -2.63 -24.16
N GLU B 8 -33.51 -3.69 -24.37
CA GLU B 8 -32.83 -4.35 -23.26
C GLU B 8 -31.77 -3.43 -22.68
N TYR B 9 -31.68 -3.40 -21.34
CA TYR B 9 -30.80 -2.47 -20.64
C TYR B 9 -30.45 -3.09 -19.29
N GLY B 10 -29.26 -3.70 -19.20
CA GLY B 10 -28.72 -4.22 -17.96
C GLY B 10 -29.67 -5.05 -17.12
N GLN B 11 -30.08 -6.22 -17.64
CA GLN B 11 -31.03 -7.17 -17.08
C GLN B 11 -32.45 -6.63 -17.09
N GLY B 12 -32.68 -5.38 -17.46
CA GLY B 12 -33.99 -4.79 -17.47
C GLY B 12 -34.32 -4.20 -18.82
N THR B 13 -35.16 -3.16 -18.81
CA THR B 13 -35.64 -2.55 -20.03
C THR B 13 -35.65 -1.03 -19.89
N MET B 14 -35.15 -0.36 -20.92
CA MET B 14 -35.16 1.09 -21.03
C MET B 14 -36.14 1.49 -22.12
N SER B 15 -36.94 2.51 -21.84
CA SER B 15 -37.92 2.99 -22.81
C SER B 15 -37.37 4.19 -23.57
N ALA B 16 -37.77 4.29 -24.83
CA ALA B 16 -37.30 5.34 -25.72
C ALA B 16 -38.47 5.90 -26.52
N GLU B 17 -38.46 7.22 -26.72
CA GLU B 17 -39.43 7.90 -27.57
C GLU B 17 -38.76 8.18 -28.90
N LEU B 18 -39.23 7.53 -29.96
CA LEU B 18 -38.64 7.64 -31.28
C LEU B 18 -39.70 8.06 -32.28
N PRO B 19 -39.29 8.75 -33.35
CA PRO B 19 -40.28 9.23 -34.34
C PRO B 19 -41.04 8.07 -34.98
N ASP B 20 -42.17 8.42 -35.60
CA ASP B 20 -43.04 7.41 -36.20
C ASP B 20 -42.41 6.72 -37.40
N ASN B 21 -41.37 7.30 -38.00
CA ASN B 21 -40.70 6.69 -39.13
C ASN B 21 -39.76 5.56 -38.71
N THR B 22 -39.58 5.34 -37.41
CA THR B 22 -38.72 4.26 -36.94
C THR B 22 -39.28 2.91 -37.35
N ASP B 23 -38.40 2.04 -37.82
CA ASP B 23 -38.76 0.69 -38.26
C ASP B 23 -38.19 -0.32 -37.28
N ILE B 24 -38.97 -1.36 -37.00
CA ILE B 24 -38.64 -2.37 -36.00
C ILE B 24 -38.37 -3.69 -36.70
N PHE B 25 -37.28 -4.36 -36.29
CA PHE B 25 -36.90 -5.65 -36.85
C PHE B 25 -36.71 -6.65 -35.73
N ILE B 26 -37.38 -7.79 -35.83
CA ILE B 26 -37.21 -8.92 -34.93
C ILE B 26 -36.72 -10.10 -35.76
N PRO B 27 -35.63 -10.77 -35.37
CA PRO B 27 -35.04 -11.79 -36.26
C PRO B 27 -36.00 -12.89 -36.68
N GLY B 28 -36.87 -13.34 -35.79
CA GLY B 28 -37.75 -14.44 -36.11
C GLY B 28 -39.18 -14.06 -36.42
N GLU B 29 -39.61 -12.90 -35.92
CA GLU B 29 -41.00 -12.46 -36.06
C GLU B 29 -41.25 -11.60 -37.28
N THR B 30 -40.34 -10.68 -37.60
CA THR B 30 -40.56 -9.80 -38.75
C THR B 30 -40.50 -10.59 -40.06
N VAL B 31 -39.46 -11.39 -40.23
CA VAL B 31 -39.32 -12.26 -41.40
C VAL B 31 -39.19 -13.69 -40.88
N LYS B 32 -40.10 -14.55 -41.30
CA LYS B 32 -40.15 -15.91 -40.77
C LYS B 32 -38.97 -16.74 -41.25
N ASP B 33 -38.39 -17.49 -40.32
CA ASP B 33 -37.33 -18.43 -40.66
C ASP B 33 -37.90 -19.59 -41.47
N PRO B 34 -37.06 -20.32 -42.20
CA PRO B 34 -37.53 -21.53 -42.86
C PRO B 34 -38.13 -22.49 -41.84
N ASP B 35 -39.19 -23.18 -42.26
CA ASP B 35 -39.97 -23.99 -41.32
C ASP B 35 -39.09 -25.04 -40.66
N HIS B 36 -39.18 -25.13 -39.34
CA HIS B 36 -38.35 -26.04 -38.57
C HIS B 36 -38.96 -27.45 -38.59
N ILE B 37 -38.15 -28.40 -38.13
CA ILE B 37 -38.59 -29.80 -38.03
C ILE B 37 -39.42 -29.93 -36.76
N PRO B 38 -40.63 -30.49 -36.84
CA PRO B 38 -41.48 -30.59 -35.64
C PRO B 38 -40.84 -31.51 -34.60
N GLU B 39 -41.22 -31.28 -33.34
CA GLU B 39 -40.63 -32.02 -32.23
C GLU B 39 -40.94 -33.51 -32.28
N ASP B 40 -41.92 -33.93 -33.07
CA ASP B 40 -42.22 -35.35 -33.25
C ASP B 40 -41.38 -36.00 -34.33
N GLN B 41 -40.98 -35.26 -35.35
CA GLN B 41 -40.20 -35.81 -36.47
C GLN B 41 -38.70 -35.68 -36.26
N LEU B 42 -38.25 -35.21 -35.09
CA LEU B 42 -36.81 -35.17 -34.82
C LEU B 42 -36.21 -36.57 -34.83
N GLU B 43 -36.93 -37.54 -34.26
CA GLU B 43 -36.43 -38.92 -34.22
C GLU B 43 -36.21 -39.47 -35.63
N ALA B 44 -37.22 -39.36 -36.49
CA ALA B 44 -37.10 -39.91 -37.84
C ALA B 44 -36.03 -39.19 -38.63
N ALA B 45 -35.97 -37.86 -38.51
CA ALA B 45 -34.96 -37.10 -39.25
C ALA B 45 -33.55 -37.46 -38.79
N TYR B 46 -33.35 -37.60 -37.47
CA TYR B 46 -32.04 -37.97 -36.95
C TYR B 46 -31.65 -39.37 -37.42
N LEU B 47 -32.58 -40.32 -37.38
CA LEU B 47 -32.28 -41.67 -37.85
C LEU B 47 -31.93 -41.66 -39.34
N GLU B 48 -32.69 -40.91 -40.15
CA GLU B 48 -32.40 -40.85 -41.58
C GLU B 48 -31.05 -40.22 -41.84
N SER B 49 -30.71 -39.14 -41.11
CA SER B 49 -29.42 -38.49 -41.29
C SER B 49 -28.28 -39.41 -40.91
N LEU B 50 -28.41 -40.13 -39.79
CA LEU B 50 -27.36 -41.05 -39.38
C LEU B 50 -27.21 -42.21 -40.36
N ALA B 51 -28.33 -42.67 -40.92
CA ALA B 51 -28.28 -43.76 -41.89
C ALA B 51 -27.95 -43.29 -43.30
N HIS B 52 -27.87 -41.97 -43.53
CA HIS B 52 -27.58 -41.42 -44.85
C HIS B 52 -26.39 -40.47 -44.72
N PRO B 53 -25.17 -41.00 -44.66
CA PRO B 53 -23.99 -40.14 -44.56
C PRO B 53 -23.69 -39.46 -45.89
N ILE B 54 -22.72 -38.54 -45.85
CA ILE B 54 -22.49 -37.63 -46.96
C ILE B 54 -21.04 -37.83 -47.42
N GLY B 55 -20.52 -39.05 -47.25
CA GLY B 55 -19.18 -39.33 -47.71
C GLY B 55 -18.38 -40.30 -46.86
N MET B 56 -18.95 -40.75 -45.75
CA MET B 56 -18.33 -41.72 -44.87
C MET B 56 -19.21 -42.95 -44.78
N PRO B 57 -18.66 -44.09 -44.36
CA PRO B 57 -19.51 -45.25 -44.06
C PRO B 57 -20.36 -44.98 -42.83
N THR B 58 -21.46 -45.71 -42.73
CA THR B 58 -22.34 -45.56 -41.57
C THR B 58 -21.57 -45.89 -40.30
N LEU B 59 -22.00 -45.28 -39.19
CA LEU B 59 -21.24 -45.37 -37.95
C LEU B 59 -21.10 -46.81 -37.47
N THR B 60 -22.03 -47.69 -37.84
CA THR B 60 -21.89 -49.10 -37.51
C THR B 60 -20.68 -49.71 -38.21
N GLU B 61 -20.43 -49.32 -39.47
CA GLU B 61 -19.26 -49.82 -40.18
C GLU B 61 -17.97 -49.38 -39.51
N LEU B 62 -17.92 -48.12 -39.07
CA LEU B 62 -16.72 -47.62 -38.39
C LEU B 62 -16.51 -48.27 -37.03
N ALA B 63 -17.57 -48.80 -36.42
CA ALA B 63 -17.49 -49.28 -35.04
C ALA B 63 -17.33 -50.80 -35.01
N GLY B 64 -16.54 -51.26 -34.04
CA GLY B 64 -16.35 -52.67 -33.81
C GLY B 64 -16.10 -52.93 -32.34
N PRO B 65 -15.94 -54.20 -31.96
CA PRO B 65 -15.66 -54.53 -30.56
C PRO B 65 -14.35 -53.90 -30.10
N GLY B 66 -14.38 -53.29 -28.92
CA GLY B 66 -13.19 -52.71 -28.34
C GLY B 66 -12.68 -51.46 -29.02
N LYS B 67 -13.53 -50.74 -29.75
CA LYS B 67 -13.10 -49.50 -30.39
C LYS B 67 -13.25 -48.32 -29.45
N THR B 68 -12.28 -47.41 -29.51
CA THR B 68 -12.29 -46.20 -28.70
C THR B 68 -13.01 -45.09 -29.46
N VAL B 69 -14.01 -44.50 -28.82
CA VAL B 69 -14.83 -43.46 -29.44
C VAL B 69 -14.70 -42.20 -28.60
N THR B 70 -14.42 -41.08 -29.28
CA THR B 70 -14.36 -39.77 -28.64
C THR B 70 -15.36 -38.85 -29.32
N ILE B 71 -16.34 -38.39 -28.55
CA ILE B 71 -17.39 -37.50 -29.04
C ILE B 71 -17.07 -36.08 -28.56
N VAL B 72 -16.95 -35.16 -29.49
CA VAL B 72 -16.59 -33.78 -29.19
C VAL B 72 -17.86 -32.95 -29.23
N VAL B 73 -18.26 -32.44 -28.07
CA VAL B 73 -19.47 -31.65 -27.89
C VAL B 73 -19.07 -30.19 -27.74
N PRO B 74 -19.78 -29.26 -28.39
CA PRO B 74 -19.39 -27.84 -28.28
C PRO B 74 -19.62 -27.29 -26.89
N ASP B 75 -19.26 -26.02 -26.72
CA ASP B 75 -19.33 -25.36 -25.43
C ASP B 75 -20.77 -24.92 -25.15
N ARG B 76 -20.95 -24.16 -24.08
CA ARG B 76 -22.25 -23.67 -23.65
C ARG B 76 -22.58 -22.30 -24.23
N VAL B 77 -21.68 -21.70 -25.00
CA VAL B 77 -21.90 -20.35 -25.50
C VAL B 77 -23.03 -20.32 -26.51
N LYS B 78 -23.01 -21.26 -27.47
CA LYS B 78 -24.00 -21.29 -28.53
C LYS B 78 -24.68 -22.65 -28.57
N GLY B 79 -25.85 -22.68 -29.22
CA GLY B 79 -26.66 -23.87 -29.28
C GLY B 79 -27.75 -23.87 -28.23
N GLY B 80 -28.78 -24.68 -28.46
CA GLY B 80 -29.91 -24.72 -27.56
C GLY B 80 -29.65 -25.54 -26.33
N GLU B 81 -30.43 -25.26 -25.28
CA GLU B 81 -30.41 -26.01 -24.03
C GLU B 81 -31.79 -26.52 -23.68
N GLN B 82 -32.62 -26.77 -24.69
CA GLN B 82 -33.99 -27.21 -24.49
C GLN B 82 -34.00 -28.70 -24.17
N ALA B 83 -35.20 -29.29 -24.10
CA ALA B 83 -35.31 -30.71 -23.80
C ALA B 83 -34.86 -31.57 -24.97
N THR B 84 -35.07 -31.09 -26.19
CA THR B 84 -34.71 -31.81 -27.41
C THR B 84 -33.71 -31.03 -28.24
N SER B 85 -32.68 -30.48 -27.59
CA SER B 85 -31.64 -29.75 -28.31
C SER B 85 -30.85 -30.70 -29.20
N HIS B 86 -30.07 -30.12 -30.10
CA HIS B 86 -29.29 -30.93 -31.04
C HIS B 86 -28.26 -31.77 -30.30
N ARG B 87 -27.59 -31.20 -29.29
CA ARG B 87 -26.56 -31.94 -28.57
C ARG B 87 -27.13 -33.19 -27.93
N LYS B 88 -28.22 -33.04 -27.17
CA LYS B 88 -28.77 -34.16 -26.41
C LYS B 88 -29.29 -35.25 -27.34
N LEU B 89 -30.11 -34.88 -28.32
CA LEU B 89 -30.69 -35.88 -29.22
C LEU B 89 -29.60 -36.56 -30.05
N SER B 90 -28.68 -35.78 -30.60
CA SER B 90 -27.61 -36.36 -31.42
C SER B 90 -26.75 -37.30 -30.59
N ILE B 91 -26.39 -36.91 -29.37
CA ILE B 91 -25.56 -37.76 -28.52
C ILE B 91 -26.30 -39.04 -28.17
N LYS B 92 -27.59 -38.93 -27.81
CA LYS B 92 -28.33 -40.13 -27.41
C LYS B 92 -28.50 -41.10 -28.57
N TYR B 93 -28.79 -40.59 -29.78
CA TYR B 93 -28.95 -41.48 -30.92
C TYR B 93 -27.62 -42.08 -31.35
N ILE B 94 -26.54 -41.30 -31.28
CA ILE B 94 -25.21 -41.83 -31.59
C ILE B 94 -24.85 -42.93 -30.60
N LEU B 95 -25.13 -42.72 -29.32
CA LEU B 95 -24.83 -43.74 -28.31
C LEU B 95 -25.67 -45.00 -28.53
N LYS B 96 -26.95 -44.85 -28.86
CA LYS B 96 -27.78 -46.02 -29.14
C LYS B 96 -27.23 -46.81 -30.33
N GLU B 97 -26.87 -46.10 -31.40
CA GLU B 97 -26.35 -46.79 -32.58
C GLU B 97 -25.00 -47.45 -32.30
N LEU B 98 -24.13 -46.78 -31.54
CA LEU B 98 -22.84 -47.38 -31.19
C LEU B 98 -23.02 -48.62 -30.30
N TYR B 99 -23.95 -48.56 -29.35
CA TYR B 99 -24.23 -49.73 -28.52
C TYR B 99 -24.79 -50.87 -29.37
N ALA B 100 -25.63 -50.55 -30.35
CA ALA B 100 -26.10 -51.57 -31.28
C ALA B 100 -24.95 -52.12 -32.11
N ALA B 101 -23.91 -51.32 -32.33
CA ALA B 101 -22.73 -51.77 -33.06
C ALA B 101 -21.78 -52.61 -32.20
N GLY B 102 -21.95 -52.61 -30.88
CA GLY B 102 -21.12 -53.41 -30.01
C GLY B 102 -19.88 -52.69 -29.50
N VAL B 103 -20.06 -51.49 -28.96
CA VAL B 103 -18.97 -50.70 -28.41
C VAL B 103 -19.18 -50.57 -26.91
N GLU B 104 -18.14 -50.89 -26.14
CA GLU B 104 -18.24 -50.84 -24.69
C GLU B 104 -18.43 -49.41 -24.20
N LYS B 105 -19.14 -49.28 -23.08
CA LYS B 105 -19.40 -47.95 -22.51
C LYS B 105 -18.13 -47.33 -21.94
N LYS B 106 -17.17 -48.15 -21.49
CA LYS B 106 -15.93 -47.63 -20.94
C LYS B 106 -15.01 -47.07 -22.01
N ASP B 107 -15.28 -47.32 -23.28
CA ASP B 107 -14.46 -46.81 -24.38
C ASP B 107 -15.06 -45.58 -25.04
N ILE B 108 -16.09 -44.98 -24.45
CA ILE B 108 -16.73 -43.77 -24.94
C ILE B 108 -16.30 -42.62 -24.06
N LEU B 109 -15.75 -41.57 -24.67
CA LEU B 109 -15.25 -40.42 -23.94
C LEU B 109 -15.77 -39.13 -24.57
N PHE B 110 -16.28 -38.23 -23.73
CA PHE B 110 -16.84 -36.96 -24.17
C PHE B 110 -15.84 -35.86 -23.91
N ILE B 111 -15.58 -35.03 -24.92
CA ILE B 111 -14.69 -33.89 -24.80
C ILE B 111 -15.48 -32.63 -25.12
N ILE B 112 -15.48 -31.69 -24.17
CA ILE B 112 -16.16 -30.41 -24.35
C ILE B 112 -15.16 -29.45 -24.99
N SER B 113 -15.41 -29.10 -26.26
CA SER B 113 -14.48 -28.28 -27.03
C SER B 113 -14.74 -26.81 -26.71
N ASN B 114 -13.86 -26.23 -25.91
CA ASN B 114 -13.92 -24.83 -25.49
C ASN B 114 -12.55 -24.19 -25.62
N GLY B 115 -11.91 -24.38 -26.77
CA GLY B 115 -10.50 -24.06 -26.98
C GLY B 115 -9.93 -22.86 -26.28
N LEU B 116 -10.66 -21.74 -26.28
CA LEU B 116 -10.26 -20.57 -25.52
C LEU B 116 -11.33 -20.10 -24.54
N HIS B 117 -12.57 -20.56 -24.68
CA HIS B 117 -13.61 -20.24 -23.72
C HIS B 117 -13.37 -21.01 -22.43
N PRO B 118 -13.96 -20.57 -21.31
CA PRO B 118 -13.68 -21.20 -20.02
C PRO B 118 -14.13 -22.66 -20.00
N ARG B 119 -13.37 -23.47 -19.27
CA ARG B 119 -13.68 -24.89 -19.18
C ARG B 119 -15.01 -25.11 -18.47
N SER B 120 -15.79 -26.05 -18.99
CA SER B 120 -17.13 -26.28 -18.47
C SER B 120 -17.09 -26.92 -17.09
N THR B 121 -17.89 -26.39 -16.17
CA THR B 121 -17.95 -26.92 -14.81
C THR B 121 -19.05 -27.97 -14.73
N GLU B 122 -19.39 -28.38 -13.50
CA GLU B 122 -20.40 -29.43 -13.32
C GLU B 122 -21.77 -28.96 -13.76
N ALA B 123 -22.19 -27.76 -13.33
CA ALA B 123 -23.49 -27.24 -13.72
C ALA B 123 -23.55 -26.98 -15.23
N ASP B 124 -22.47 -26.45 -15.80
CA ASP B 124 -22.43 -26.23 -17.24
C ASP B 124 -22.52 -27.55 -18.00
N ALA B 125 -21.82 -28.58 -17.52
CA ALA B 125 -21.90 -29.89 -18.17
C ALA B 125 -23.30 -30.48 -18.07
N LYS B 126 -23.95 -30.30 -16.92
CA LYS B 126 -25.32 -30.78 -16.75
C LYS B 126 -26.27 -30.07 -17.71
N ALA B 127 -26.10 -28.76 -17.86
CA ALA B 127 -26.94 -28.01 -18.79
C ALA B 127 -26.70 -28.43 -20.23
N ILE B 128 -25.44 -28.65 -20.60
CA ILE B 128 -25.12 -29.01 -21.99
C ILE B 128 -25.65 -30.41 -22.31
N PHE B 129 -25.38 -31.37 -21.44
CA PHE B 129 -25.65 -32.77 -21.75
C PHE B 129 -27.04 -33.23 -21.33
N GLY B 130 -27.80 -32.41 -20.63
CA GLY B 130 -29.04 -32.92 -20.07
C GLY B 130 -28.81 -33.69 -18.79
N GLU B 131 -29.92 -34.00 -18.10
CA GLU B 131 -29.82 -34.67 -16.81
C GLU B 131 -29.41 -36.13 -16.96
N GLU B 132 -30.02 -36.84 -17.91
CA GLU B 132 -29.79 -38.28 -18.03
C GLU B 132 -28.35 -38.58 -18.41
N LEU B 133 -27.84 -37.91 -19.44
CA LEU B 133 -26.48 -38.17 -19.89
C LEU B 133 -25.46 -37.73 -18.86
N PHE B 134 -25.72 -36.61 -18.19
CA PHE B 134 -24.83 -36.15 -17.12
C PHE B 134 -24.77 -37.17 -16.00
N ASN B 135 -25.93 -37.72 -15.60
CA ASN B 135 -25.93 -38.74 -14.56
C ASN B 135 -25.21 -40.00 -15.02
N GLU B 136 -25.36 -40.36 -16.29
CA GLU B 136 -24.80 -41.61 -16.80
C GLU B 136 -23.29 -41.53 -17.00
N PHE B 137 -22.74 -40.35 -17.32
CA PHE B 137 -21.36 -40.26 -17.78
C PHE B 137 -20.44 -39.39 -16.95
N TRP B 138 -20.96 -38.41 -16.21
CA TRP B 138 -20.08 -37.45 -15.54
C TRP B 138 -19.27 -38.12 -14.43
N HIS B 139 -19.93 -38.87 -13.55
CA HIS B 139 -19.24 -39.43 -12.39
C HIS B 139 -18.29 -40.56 -12.76
N THR B 140 -18.46 -41.16 -13.94
CA THR B 140 -17.48 -42.11 -14.44
C THR B 140 -16.18 -41.43 -14.88
N GLY B 141 -16.17 -40.11 -15.00
CA GLY B 141 -15.01 -39.39 -15.47
C GLY B 141 -14.86 -39.36 -16.97
N GLN B 142 -15.95 -39.55 -17.71
CA GLN B 142 -15.92 -39.62 -19.17
C GLN B 142 -16.34 -38.33 -19.84
N ILE B 143 -16.49 -37.25 -19.06
CA ILE B 143 -16.80 -35.93 -19.60
C ILE B 143 -15.63 -35.04 -19.19
N ILE B 144 -14.76 -34.70 -20.15
CA ILE B 144 -13.56 -33.93 -19.91
C ILE B 144 -13.65 -32.63 -20.69
N SER B 145 -13.39 -31.52 -20.00
CA SER B 145 -13.32 -30.23 -20.68
C SER B 145 -11.94 -30.06 -21.30
N HIS B 146 -11.92 -29.53 -22.52
CA HIS B 146 -10.66 -29.37 -23.24
C HIS B 146 -9.76 -28.37 -22.54
N ASP B 147 -8.46 -28.68 -22.48
CA ASP B 147 -7.47 -27.85 -21.80
C ASP B 147 -6.32 -27.59 -22.76
N SER B 148 -6.22 -26.35 -23.24
CA SER B 148 -5.18 -26.01 -24.20
C SER B 148 -3.79 -26.04 -23.58
N GLU B 149 -3.67 -25.71 -22.30
CA GLU B 149 -2.39 -25.61 -21.64
C GLU B 149 -1.95 -26.88 -20.94
N ASP B 150 -2.73 -27.97 -21.07
CA ASP B 150 -2.34 -29.26 -20.50
C ASP B 150 -1.36 -29.92 -21.45
N GLN B 151 -0.07 -29.65 -21.25
CA GLN B 151 0.94 -30.07 -22.21
C GLN B 151 1.09 -31.59 -22.26
N GLU B 152 0.69 -32.30 -21.21
CA GLU B 152 0.77 -33.75 -21.23
C GLU B 152 -0.41 -34.39 -21.93
N HIS B 153 -1.43 -33.61 -22.31
CA HIS B 153 -2.57 -34.12 -23.06
C HIS B 153 -2.77 -33.39 -24.38
N MET B 154 -1.70 -32.79 -24.92
CA MET B 154 -1.73 -32.11 -26.20
C MET B 154 -0.64 -32.68 -27.09
N VAL B 155 -0.94 -32.83 -28.37
CA VAL B 155 -0.03 -33.43 -29.34
C VAL B 155 0.30 -32.40 -30.40
N ASP B 156 1.59 -32.19 -30.63
CA ASP B 156 2.09 -31.29 -31.67
C ASP B 156 2.12 -32.06 -32.98
N LEU B 157 1.16 -31.78 -33.86
CA LEU B 157 1.08 -32.50 -35.12
C LEU B 157 2.22 -32.12 -36.06
N GLY B 158 2.55 -30.84 -36.12
CA GLY B 158 3.54 -30.36 -37.06
C GLY B 158 3.18 -29.01 -37.62
N THR B 159 3.12 -28.90 -38.95
CA THR B 159 2.81 -27.63 -39.60
C THR B 159 2.14 -27.91 -40.93
N THR B 160 1.19 -27.06 -41.30
CA THR B 160 0.55 -27.15 -42.60
C THR B 160 1.49 -26.56 -43.66
N HIS B 161 1.00 -26.39 -44.89
CA HIS B 161 1.82 -25.84 -45.95
C HIS B 161 1.88 -24.31 -45.92
N ARG B 162 1.06 -23.66 -45.11
CA ARG B 162 1.08 -22.20 -44.98
C ARG B 162 1.73 -21.73 -43.69
N GLY B 163 2.46 -22.60 -43.00
CA GLY B 163 3.15 -22.22 -41.79
C GLY B 163 2.31 -22.26 -40.53
N ASP B 164 1.09 -22.78 -40.59
CA ASP B 164 0.24 -22.83 -39.41
C ASP B 164 0.69 -23.96 -38.49
N PRO B 165 1.04 -23.67 -37.24
CA PRO B 165 1.39 -24.75 -36.31
C PRO B 165 0.15 -25.39 -35.72
N VAL B 166 0.16 -26.71 -35.64
CA VAL B 166 -1.02 -27.49 -35.27
C VAL B 166 -0.72 -28.22 -33.97
N TYR B 167 -1.52 -27.94 -32.95
CA TYR B 167 -1.53 -28.69 -31.69
C TYR B 167 -2.97 -29.12 -31.44
N MET B 168 -3.18 -30.41 -31.16
CA MET B 168 -4.53 -30.92 -31.00
C MET B 168 -4.62 -31.79 -29.75
N ASN B 169 -5.83 -31.91 -29.23
CA ASN B 169 -6.05 -32.70 -28.01
C ASN B 169 -5.60 -34.15 -28.22
N LYS B 170 -4.85 -34.66 -27.24
CA LYS B 170 -4.35 -36.02 -27.33
C LYS B 170 -5.49 -37.04 -27.23
N TYR B 171 -6.54 -36.72 -26.48
CA TYR B 171 -7.66 -37.64 -26.34
C TYR B 171 -8.33 -37.93 -27.67
N VAL B 172 -8.24 -37.00 -28.62
CA VAL B 172 -8.86 -37.22 -29.92
C VAL B 172 -7.92 -37.98 -30.85
N PHE B 173 -6.60 -37.84 -30.67
CA PHE B 173 -5.66 -38.58 -31.49
C PHE B 173 -5.73 -40.08 -31.20
N GLU B 174 -5.73 -40.47 -29.93
CA GLU B 174 -5.66 -41.88 -29.57
C GLU B 174 -7.00 -42.60 -29.76
N CYS B 175 -8.07 -41.87 -30.05
CA CYS B 175 -9.37 -42.51 -30.27
C CYS B 175 -9.39 -43.19 -31.63
N ASP B 176 -10.28 -44.18 -31.75
CA ASP B 176 -10.48 -44.88 -33.01
C ASP B 176 -11.66 -44.34 -33.81
N ILE B 177 -12.61 -43.66 -33.16
CA ILE B 177 -13.73 -43.03 -33.83
C ILE B 177 -13.90 -41.62 -33.29
N PRO B 178 -13.45 -40.59 -34.01
CA PRO B 178 -13.74 -39.21 -33.60
C PRO B 178 -15.07 -38.73 -34.17
N ILE B 179 -16.01 -38.40 -33.29
CA ILE B 179 -17.33 -37.90 -33.68
C ILE B 179 -17.42 -36.45 -33.25
N LEU B 180 -18.10 -35.64 -34.05
CA LEU B 180 -18.21 -34.20 -33.83
C LEU B 180 -19.68 -33.82 -33.75
N ILE B 181 -20.03 -33.00 -32.78
CA ILE B 181 -21.36 -32.42 -32.68
C ILE B 181 -21.24 -30.94 -33.00
N GLY B 182 -22.03 -30.46 -33.95
CA GLY B 182 -21.90 -29.10 -34.41
C GLY B 182 -23.24 -28.48 -34.73
N HIS B 183 -23.36 -27.19 -34.42
CA HIS B 183 -24.53 -26.39 -34.74
C HIS B 183 -24.14 -25.41 -35.84
N VAL B 184 -24.49 -25.75 -37.08
CA VAL B 184 -24.22 -24.86 -38.21
C VAL B 184 -25.04 -23.60 -38.01
N GLN B 185 -24.36 -22.49 -37.74
CA GLN B 185 -25.02 -21.26 -37.36
C GLN B 185 -24.22 -20.09 -37.92
N GLY B 186 -24.90 -18.94 -38.03
CA GLY B 186 -24.28 -17.79 -38.65
C GLY B 186 -23.13 -17.22 -37.82
N ASN B 187 -22.25 -16.51 -38.50
CA ASN B 187 -21.12 -15.82 -37.91
C ASN B 187 -21.11 -14.38 -38.40
N PRO B 188 -20.66 -13.44 -37.56
CA PRO B 188 -20.63 -12.03 -38.00
C PRO B 188 -19.75 -11.79 -39.21
N TYR B 189 -18.71 -12.60 -39.41
CA TYR B 189 -17.75 -12.40 -40.49
C TYR B 189 -18.19 -13.06 -41.79
N GLY B 190 -19.36 -13.70 -41.82
CA GLY B 190 -19.87 -14.34 -43.01
C GLY B 190 -19.68 -15.84 -43.05
N GLY B 191 -18.83 -16.39 -42.19
CA GLY B 191 -18.62 -17.82 -42.10
C GLY B 191 -19.73 -18.49 -41.33
N TYR B 192 -19.51 -19.76 -41.02
CA TYR B 192 -20.47 -20.55 -40.26
C TYR B 192 -19.73 -21.42 -39.26
N SER B 193 -20.12 -21.34 -38.00
CA SER B 193 -19.61 -22.26 -36.99
C SER B 193 -20.17 -23.64 -37.25
N GLY B 194 -19.29 -24.59 -37.55
CA GLY B 194 -19.76 -25.89 -38.01
C GLY B 194 -18.67 -26.93 -38.12
N GLY B 195 -18.70 -27.69 -39.21
CA GLY B 195 -17.84 -28.86 -39.39
C GLY B 195 -16.38 -28.68 -39.06
N TYR B 196 -15.68 -27.84 -39.81
CA TYR B 196 -14.23 -27.73 -39.64
C TYR B 196 -13.82 -26.61 -38.70
N LYS B 197 -14.62 -25.55 -38.59
CA LYS B 197 -14.30 -24.47 -37.65
C LYS B 197 -14.31 -24.97 -36.22
N HIS B 198 -15.25 -25.85 -35.89
CA HIS B 198 -15.31 -26.44 -34.55
C HIS B 198 -14.03 -27.21 -34.24
N SER B 199 -13.57 -28.03 -35.18
CA SER B 199 -12.34 -28.77 -34.97
C SER B 199 -11.14 -27.84 -34.84
N ALA B 200 -11.05 -26.82 -35.68
CA ALA B 200 -9.88 -25.97 -35.68
C ALA B 200 -9.83 -25.04 -34.47
N THR B 201 -10.99 -24.71 -33.89
CA THR B 201 -11.05 -23.75 -32.79
C THR B 201 -11.14 -24.41 -31.42
N GLY B 202 -12.05 -25.37 -31.24
CA GLY B 202 -12.29 -25.91 -29.91
C GLY B 202 -11.33 -26.98 -29.46
N ILE B 203 -10.43 -27.43 -30.33
CA ILE B 203 -9.48 -28.48 -29.99
C ILE B 203 -8.06 -27.93 -29.88
N THR B 204 -7.72 -26.95 -30.71
CA THR B 204 -6.38 -26.41 -30.74
C THR B 204 -6.10 -25.52 -29.54
N ASN B 205 -4.85 -25.11 -29.41
CA ASN B 205 -4.43 -24.14 -28.40
C ASN B 205 -4.40 -22.74 -29.03
N TRP B 206 -3.87 -21.77 -28.29
CA TRP B 206 -3.89 -20.39 -28.77
C TRP B 206 -2.91 -20.17 -29.91
N LYS B 207 -1.86 -20.97 -29.99
CA LYS B 207 -0.86 -20.78 -31.06
C LYS B 207 -1.44 -21.13 -32.42
N CYS B 208 -2.32 -22.12 -32.49
CA CYS B 208 -2.98 -22.48 -33.73
C CYS B 208 -4.14 -21.54 -34.07
N ILE B 209 -4.53 -20.68 -33.14
CA ILE B 209 -5.58 -19.71 -33.41
C ILE B 209 -4.99 -18.35 -33.78
N ALA B 210 -3.82 -18.00 -33.24
CA ALA B 210 -3.19 -16.72 -33.55
C ALA B 210 -2.83 -16.61 -35.03
N SER B 211 -2.61 -17.72 -35.72
CA SER B 211 -2.23 -17.70 -37.12
C SER B 211 -3.37 -17.18 -37.99
N ARG B 233 -11.55 -18.70 -43.58
CA ARG B 233 -12.29 -19.94 -43.76
C ARG B 233 -11.39 -21.05 -44.30
N ASN B 234 -10.36 -20.65 -45.05
CA ASN B 234 -9.44 -21.63 -45.61
C ASN B 234 -8.50 -22.19 -44.56
N LYS B 235 -8.11 -21.37 -43.58
CA LYS B 235 -7.23 -21.83 -42.51
C LYS B 235 -7.91 -22.91 -41.67
N PHE B 236 -9.20 -22.71 -41.35
CA PHE B 236 -9.94 -23.68 -40.55
C PHE B 236 -10.07 -25.02 -41.25
N ASP B 237 -10.33 -25.02 -42.56
CA ASP B 237 -10.38 -26.26 -43.33
C ASP B 237 -9.01 -26.91 -43.43
N GLU B 238 -7.95 -26.11 -43.63
CA GLU B 238 -6.61 -26.67 -43.77
C GLU B 238 -6.16 -27.36 -42.49
N ILE B 239 -6.37 -26.72 -41.34
CA ILE B 239 -5.95 -27.32 -40.08
C ILE B 239 -6.70 -28.61 -39.81
N SER B 240 -8.01 -28.61 -40.04
CA SER B 240 -8.81 -29.80 -39.77
C SER B 240 -8.47 -30.93 -40.74
N MET B 241 -8.21 -30.62 -42.00
CA MET B 241 -7.79 -31.66 -42.94
C MET B 241 -6.42 -32.20 -42.60
N HIS B 242 -5.52 -31.34 -42.09
CA HIS B 242 -4.23 -31.85 -41.59
C HIS B 242 -4.43 -32.77 -40.41
N MET B 243 -5.37 -32.43 -39.52
CA MET B 243 -5.70 -33.34 -38.41
C MET B 243 -6.19 -34.67 -38.92
N GLU B 244 -7.09 -34.66 -39.90
CA GLU B 244 -7.61 -35.91 -40.45
C GLU B 244 -6.52 -36.73 -41.12
N GLU B 245 -5.61 -36.06 -41.83
CA GLU B 245 -4.50 -36.76 -42.48
C GLU B 245 -3.57 -37.39 -41.44
N LYS B 246 -3.26 -36.65 -40.38
CA LYS B 246 -2.37 -37.20 -39.35
C LYS B 246 -3.02 -38.35 -38.60
N MET B 247 -4.30 -38.21 -38.26
CA MET B 247 -5.01 -39.26 -37.53
C MET B 247 -5.22 -40.50 -38.39
N GLY B 248 -5.45 -40.31 -39.68
CA GLY B 248 -5.69 -41.40 -40.61
C GLY B 248 -7.15 -41.65 -40.91
N HIS B 249 -8.06 -41.16 -40.07
CA HIS B 249 -9.49 -41.32 -40.29
C HIS B 249 -10.19 -39.97 -40.12
N PRO B 250 -11.12 -39.64 -41.00
CA PRO B 250 -11.78 -38.33 -40.92
C PRO B 250 -12.75 -38.24 -39.75
N PHE B 251 -13.00 -37.02 -39.33
CA PHE B 251 -14.01 -36.76 -38.32
C PHE B 251 -15.39 -37.12 -38.84
N PHE B 252 -16.20 -37.75 -38.00
CA PHE B 252 -17.59 -38.02 -38.34
C PHE B 252 -18.45 -36.92 -37.74
N CYS B 253 -18.88 -35.98 -38.59
CA CYS B 253 -19.65 -34.83 -38.15
C CYS B 253 -21.13 -35.16 -38.08
N CYS B 254 -21.83 -34.53 -37.14
CA CYS B 254 -23.29 -34.55 -37.06
C CYS B 254 -23.71 -33.11 -36.82
N ASP B 255 -23.87 -32.36 -37.91
CA ASP B 255 -24.15 -30.93 -37.86
C ASP B 255 -25.63 -30.68 -38.07
N ALA B 256 -26.19 -29.78 -37.25
CA ALA B 256 -27.59 -29.41 -37.34
C ALA B 256 -27.71 -27.91 -37.54
N VAL B 257 -28.59 -27.51 -38.46
CA VAL B 257 -28.85 -26.09 -38.72
C VAL B 257 -29.93 -25.61 -37.76
N LEU B 258 -29.68 -24.47 -37.11
CA LEU B 258 -30.62 -23.94 -36.12
C LEU B 258 -31.16 -22.59 -36.56
N ASP B 259 -32.35 -22.28 -36.05
CA ASP B 259 -33.01 -21.01 -36.25
C ASP B 259 -32.81 -20.14 -35.01
N THR B 260 -33.52 -19.01 -34.96
CA THR B 260 -33.32 -18.04 -33.88
C THR B 260 -33.57 -18.64 -32.51
N GLN B 261 -34.52 -19.57 -32.40
CA GLN B 261 -34.81 -20.24 -31.15
C GLN B 261 -34.00 -21.51 -30.96
N SER B 262 -32.89 -21.66 -31.69
CA SER B 262 -32.00 -22.82 -31.58
C SER B 262 -32.76 -24.12 -31.79
N ARG B 263 -33.67 -24.14 -32.76
CA ARG B 263 -34.43 -25.32 -33.11
C ARG B 263 -33.99 -25.83 -34.47
N GLN B 264 -33.93 -27.16 -34.60
CA GLN B 264 -33.33 -27.76 -35.78
C GLN B 264 -34.21 -27.58 -37.01
N ILE B 265 -33.57 -27.37 -38.15
CA ILE B 265 -34.23 -27.27 -39.45
C ILE B 265 -33.85 -28.46 -40.34
N ALA B 266 -32.57 -28.79 -40.40
CA ALA B 266 -32.09 -29.96 -41.12
C ALA B 266 -30.88 -30.51 -40.41
N ILE B 267 -30.68 -31.82 -40.52
CA ILE B 267 -29.58 -32.52 -39.86
C ILE B 267 -28.74 -33.18 -40.93
N TYR B 268 -27.46 -32.79 -41.01
CA TYR B 268 -26.52 -33.35 -41.96
C TYR B 268 -25.40 -34.04 -41.20
N SER B 269 -25.09 -35.27 -41.58
CA SER B 269 -24.05 -36.05 -40.93
C SER B 269 -23.20 -36.75 -41.98
N GLY B 270 -21.90 -36.82 -41.74
CA GLY B 270 -20.99 -37.47 -42.66
C GLY B 270 -19.65 -36.79 -42.75
N TYR B 271 -18.98 -36.93 -43.90
CA TYR B 271 -17.71 -36.27 -44.12
C TYR B 271 -17.90 -34.77 -44.11
N ALA B 272 -17.11 -34.08 -43.26
CA ALA B 272 -17.33 -32.64 -43.06
C ALA B 272 -17.05 -31.86 -44.32
N LYS B 273 -16.00 -32.21 -45.06
CA LYS B 273 -15.62 -31.43 -46.24
C LYS B 273 -16.71 -31.45 -47.30
N GLU B 274 -17.31 -32.62 -47.55
CA GLU B 274 -18.33 -32.75 -48.56
C GLU B 274 -19.74 -32.45 -48.05
N MET B 275 -19.91 -32.30 -46.75
CA MET B 275 -21.20 -31.96 -46.16
C MET B 275 -21.36 -30.48 -45.88
N MET B 276 -20.25 -29.76 -45.65
CA MET B 276 -20.33 -28.34 -45.33
C MET B 276 -21.10 -27.52 -46.36
N PRO B 277 -20.85 -27.66 -47.68
CA PRO B 277 -21.65 -26.87 -48.64
C PRO B 277 -23.14 -27.17 -48.56
N ILE B 278 -23.52 -28.43 -48.31
CA ILE B 278 -24.93 -28.77 -48.23
C ILE B 278 -25.59 -28.06 -47.04
N SER B 279 -24.91 -28.03 -45.89
CA SER B 279 -25.44 -27.31 -44.74
C SER B 279 -25.46 -25.81 -44.99
N TRP B 280 -24.44 -25.29 -45.68
CA TRP B 280 -24.41 -23.87 -45.99
C TRP B 280 -25.55 -23.48 -46.92
N LYS B 281 -25.99 -24.40 -47.78
CA LYS B 281 -27.09 -24.10 -48.70
C LYS B 281 -28.35 -23.67 -47.95
N LEU B 282 -28.56 -24.18 -46.74
CA LEU B 282 -29.70 -23.79 -45.91
C LEU B 282 -29.35 -22.75 -44.87
N ALA B 283 -28.11 -22.76 -44.37
CA ALA B 283 -27.68 -21.71 -43.47
C ALA B 283 -27.70 -20.34 -44.15
N ASP B 284 -27.48 -20.30 -45.46
CA ASP B 284 -27.61 -19.05 -46.20
C ASP B 284 -29.04 -18.55 -46.20
N LYS B 285 -30.00 -19.46 -46.43
CA LYS B 285 -31.40 -19.07 -46.41
C LYS B 285 -31.81 -18.58 -45.02
N ARG B 286 -31.33 -19.24 -43.97
CA ARG B 286 -31.70 -18.82 -42.62
C ARG B 286 -31.05 -17.48 -42.26
N THR B 287 -29.75 -17.34 -42.52
CA THR B 287 -29.00 -16.23 -41.95
C THR B 287 -29.31 -14.90 -42.64
N TYR B 288 -29.38 -14.90 -43.98
CA TYR B 288 -29.47 -13.67 -44.74
C TYR B 288 -30.94 -13.32 -44.98
N VAL B 289 -31.37 -12.20 -44.40
CA VAL B 289 -32.76 -11.75 -44.45
C VAL B 289 -32.83 -10.51 -45.34
N HIS B 290 -33.80 -10.50 -46.25
CA HIS B 290 -33.99 -9.40 -47.21
C HIS B 290 -35.20 -8.58 -46.76
N TRP B 291 -34.94 -7.61 -45.88
CA TRP B 291 -35.98 -6.75 -45.31
C TRP B 291 -35.54 -5.28 -45.34
N ALA B 292 -35.07 -4.81 -46.48
CA ALA B 292 -34.64 -3.43 -46.57
C ALA B 292 -35.22 -2.76 -47.79
N GLU B 293 -35.87 -1.61 -47.58
CA GLU B 293 -36.36 -0.76 -48.65
C GLU B 293 -35.76 0.64 -48.61
N LYS B 294 -35.17 1.05 -47.49
CA LYS B 294 -34.48 2.34 -47.39
C LYS B 294 -33.18 2.13 -46.64
N LYS B 295 -32.22 3.01 -46.92
CA LYS B 295 -30.92 2.96 -46.24
C LYS B 295 -31.04 3.71 -44.92
N TYR B 296 -31.08 2.95 -43.82
CA TYR B 296 -31.27 3.56 -42.51
C TYR B 296 -30.02 4.31 -42.07
N ASP B 297 -30.22 5.31 -41.22
CA ASP B 297 -29.14 6.16 -40.73
C ASP B 297 -28.77 5.91 -39.28
N VAL B 298 -29.75 5.67 -38.41
CA VAL B 298 -29.51 5.46 -36.98
C VAL B 298 -29.97 4.06 -36.61
N LEU B 299 -29.09 3.32 -35.94
CA LEU B 299 -29.39 1.98 -35.46
C LEU B 299 -29.48 2.01 -33.94
N VAL B 300 -30.63 1.59 -33.41
CA VAL B 300 -30.93 1.71 -31.99
C VAL B 300 -31.18 0.31 -31.43
N PHE B 301 -30.47 -0.03 -30.36
CA PHE B 301 -30.66 -1.30 -29.66
C PHE B 301 -30.15 -1.13 -28.23
N GLY B 302 -30.01 -2.24 -27.53
CA GLY B 302 -29.50 -2.21 -26.17
C GLY B 302 -28.80 -3.50 -25.83
N MET B 303 -27.82 -3.41 -24.93
CA MET B 303 -27.05 -4.57 -24.50
C MET B 303 -27.58 -5.10 -23.18
N PRO B 304 -28.14 -6.30 -23.14
CA PRO B 304 -28.40 -6.93 -21.84
C PRO B 304 -27.10 -7.29 -21.16
N GLN B 305 -27.17 -7.44 -19.83
CA GLN B 305 -25.96 -7.73 -19.07
C GLN B 305 -25.39 -9.09 -19.42
N LYS B 306 -26.25 -10.10 -19.57
CA LYS B 306 -25.82 -11.47 -19.85
C LYS B 306 -26.26 -11.86 -21.25
N PHE B 307 -25.31 -11.98 -22.16
CA PHE B 307 -25.57 -12.53 -23.48
C PHE B 307 -24.26 -13.01 -24.08
N HIS B 308 -24.38 -13.91 -25.07
CA HIS B 308 -23.23 -14.48 -25.76
C HIS B 308 -22.24 -15.14 -24.81
N TYR B 309 -21.09 -14.50 -24.61
CA TYR B 309 -19.99 -15.17 -23.90
C TYR B 309 -20.34 -15.43 -22.44
N GLY B 310 -20.98 -14.49 -21.78
CA GLY B 310 -21.30 -14.69 -20.37
C GLY B 310 -21.92 -13.45 -19.75
N ASP B 311 -21.92 -13.43 -18.43
CA ASP B 311 -22.56 -12.36 -17.67
C ASP B 311 -21.62 -11.18 -17.44
N GLY B 312 -20.95 -10.72 -18.50
CA GLY B 312 -20.19 -9.50 -18.42
C GLY B 312 -20.18 -8.72 -19.72
N MET B 313 -20.86 -9.23 -20.74
CA MET B 313 -20.70 -8.67 -22.08
C MET B 313 -21.30 -7.27 -22.17
N GLY B 314 -22.37 -6.99 -21.45
CA GLY B 314 -23.00 -5.69 -21.48
C GLY B 314 -22.39 -4.66 -20.55
N THR B 315 -21.36 -5.01 -19.80
CA THR B 315 -20.75 -4.07 -18.85
C THR B 315 -19.24 -3.97 -19.08
N ASN B 316 -18.62 -5.05 -19.54
CA ASN B 316 -17.19 -5.04 -19.81
C ASN B 316 -16.91 -4.20 -21.04
N PRO B 317 -16.07 -3.16 -20.96
CA PRO B 317 -15.86 -2.30 -22.14
C PRO B 317 -15.33 -3.04 -23.35
N ILE B 318 -14.41 -3.98 -23.16
CA ILE B 318 -13.84 -4.71 -24.30
C ILE B 318 -14.91 -5.59 -24.95
N MET B 319 -15.71 -6.28 -24.13
CA MET B 319 -16.75 -7.13 -24.68
C MET B 319 -17.89 -6.30 -25.28
N MET B 320 -18.17 -5.13 -24.69
CA MET B 320 -19.11 -4.20 -25.32
C MET B 320 -18.61 -3.78 -26.70
N MET B 321 -17.32 -3.49 -26.82
CA MET B 321 -16.75 -3.14 -28.12
C MET B 321 -16.86 -4.30 -29.10
N GLN B 322 -16.61 -5.52 -28.63
CA GLN B 322 -16.75 -6.70 -29.50
C GLN B 322 -18.18 -6.85 -29.99
N ALA B 323 -19.16 -6.68 -29.09
CA ALA B 323 -20.56 -6.80 -29.48
C ALA B 323 -20.96 -5.71 -30.47
N LEU B 324 -20.49 -4.49 -30.23
CA LEU B 324 -20.80 -3.39 -31.16
C LEU B 324 -20.17 -3.64 -32.53
N SER B 325 -18.95 -4.18 -32.55
CA SER B 325 -18.32 -4.51 -33.83
C SER B 325 -19.10 -5.60 -34.56
N ALA B 326 -19.59 -6.60 -33.82
CA ALA B 326 -20.41 -7.63 -34.44
C ALA B 326 -21.69 -7.04 -35.01
N GLN B 327 -22.34 -6.14 -34.27
CA GLN B 327 -23.55 -5.50 -34.76
C GLN B 327 -23.27 -4.67 -36.00
N VAL B 328 -22.12 -3.99 -36.04
CA VAL B 328 -21.73 -3.23 -37.23
C VAL B 328 -21.55 -4.17 -38.41
N LEU B 329 -20.89 -5.31 -38.19
CA LEU B 329 -20.64 -6.25 -39.27
C LEU B 329 -21.95 -6.85 -39.79
N ARG B 330 -22.94 -7.00 -38.90
CA ARG B 330 -24.19 -7.63 -39.33
C ARG B 330 -25.03 -6.71 -40.21
N PHE B 331 -25.12 -5.43 -39.85
CA PHE B 331 -26.06 -4.51 -40.47
C PHE B 331 -25.37 -3.46 -41.34
N LYS B 332 -24.19 -3.78 -41.89
CA LYS B 332 -23.49 -2.80 -42.70
C LYS B 332 -24.09 -2.65 -44.09
N ARG B 333 -24.73 -3.69 -44.62
CA ARG B 333 -25.33 -3.61 -45.95
C ARG B 333 -26.70 -2.95 -45.95
N VAL B 334 -27.26 -2.66 -44.78
CA VAL B 334 -28.53 -1.96 -44.68
C VAL B 334 -28.36 -0.53 -44.20
N MET B 335 -27.16 -0.14 -43.78
CA MET B 335 -26.90 1.14 -43.15
C MET B 335 -26.02 2.00 -44.05
N SER B 336 -26.19 3.32 -43.90
CA SER B 336 -25.49 4.29 -44.76
C SER B 336 -24.06 4.46 -44.27
N ASP B 337 -23.36 5.47 -44.82
CA ASP B 337 -21.97 5.72 -44.48
C ASP B 337 -21.82 6.76 -43.38
N ASN B 338 -22.83 7.58 -43.13
CA ASN B 338 -22.85 8.56 -42.04
C ASN B 338 -23.55 8.01 -40.80
N CYS B 339 -23.67 6.69 -40.73
CA CYS B 339 -24.54 6.04 -39.76
C CYS B 339 -24.11 6.33 -38.32
N VAL B 340 -25.09 6.25 -37.42
CA VAL B 340 -24.89 6.46 -35.99
C VAL B 340 -25.52 5.28 -35.26
N ILE B 341 -24.80 4.75 -34.26
CA ILE B 341 -25.28 3.64 -33.46
C ILE B 341 -25.54 4.14 -32.04
N ILE B 342 -26.76 3.91 -31.56
CA ILE B 342 -27.15 4.27 -30.20
C ILE B 342 -27.51 3.00 -29.46
N CYS B 343 -26.78 2.71 -28.38
CA CYS B 343 -26.99 1.50 -27.59
C CYS B 343 -27.16 1.87 -26.12
N ALA B 344 -28.07 1.15 -25.45
CA ALA B 344 -28.30 1.33 -24.03
C ALA B 344 -27.60 0.20 -23.27
N SER B 345 -26.75 0.58 -22.33
CA SER B 345 -26.02 -0.41 -21.54
C SER B 345 -25.63 0.21 -20.21
N THR B 346 -25.62 -0.60 -19.16
CA THR B 346 -25.22 -0.17 -17.83
C THR B 346 -23.72 -0.47 -17.67
N CYS B 347 -22.91 0.34 -18.35
CA CYS B 347 -21.46 0.18 -18.30
C CYS B 347 -20.98 0.71 -16.96
N ASN B 348 -21.07 -0.14 -15.94
CA ASN B 348 -20.72 0.24 -14.57
C ASN B 348 -19.32 -0.19 -14.18
N GLY B 349 -18.50 -0.59 -15.15
CA GLY B 349 -17.16 -1.08 -14.85
C GLY B 349 -17.11 -2.46 -14.27
N TYR B 350 -18.18 -3.26 -14.42
CA TYR B 350 -18.23 -4.62 -13.92
C TYR B 350 -17.53 -5.51 -14.92
N PHE B 351 -16.21 -5.65 -14.77
CA PHE B 351 -15.42 -6.47 -15.68
C PHE B 351 -15.66 -7.95 -15.51
N HIS B 352 -16.29 -8.38 -14.41
CA HIS B 352 -16.44 -9.80 -14.07
C HIS B 352 -15.06 -10.47 -14.02
N ASP B 353 -14.21 -9.93 -13.15
CA ASP B 353 -12.81 -10.31 -13.10
C ASP B 353 -12.60 -11.76 -12.68
N GLU B 354 -13.63 -12.43 -12.16
CA GLU B 354 -13.54 -13.86 -11.91
C GLU B 354 -13.68 -14.69 -13.18
N ARG B 355 -14.12 -14.06 -14.27
CA ARG B 355 -14.28 -14.71 -15.57
C ARG B 355 -13.38 -14.12 -16.64
N TRP B 356 -13.00 -12.86 -16.51
CA TRP B 356 -12.04 -12.20 -17.39
C TRP B 356 -10.98 -11.53 -16.54
N PRO B 357 -10.10 -12.32 -15.90
CA PRO B 357 -9.09 -11.71 -15.01
C PRO B 357 -8.08 -10.84 -15.74
N TYR B 358 -7.93 -10.99 -17.06
CA TYR B 358 -6.92 -10.27 -17.81
C TYR B 358 -7.43 -8.96 -18.41
N LEU B 359 -8.73 -8.69 -18.35
CA LEU B 359 -9.28 -7.55 -19.05
C LEU B 359 -9.05 -6.22 -18.35
N ARG B 360 -8.85 -6.22 -17.03
CA ARG B 360 -8.51 -4.98 -16.35
C ARG B 360 -7.10 -4.52 -16.69
N GLU B 361 -6.14 -5.46 -16.69
CA GLU B 361 -4.79 -5.12 -17.12
C GLU B 361 -4.77 -4.73 -18.59
N LEU B 362 -5.59 -5.39 -19.41
CA LEU B 362 -5.68 -5.03 -20.82
C LEU B 362 -6.21 -3.61 -20.99
N TYR B 363 -7.25 -3.26 -20.23
CA TYR B 363 -7.79 -1.90 -20.30
C TYR B 363 -6.77 -0.87 -19.83
N ASP B 364 -6.06 -1.17 -18.74
CA ASP B 364 -5.04 -0.25 -18.25
C ASP B 364 -3.92 -0.06 -19.27
N LEU B 365 -3.50 -1.14 -19.93
CA LEU B 365 -2.50 -1.04 -20.97
C LEU B 365 -3.01 -0.25 -22.17
N PHE B 366 -4.30 -0.37 -22.47
CA PHE B 366 -4.89 0.45 -23.53
C PHE B 366 -4.84 1.93 -23.18
N GLN B 367 -5.17 2.26 -21.92
CA GLN B 367 -5.20 3.66 -21.53
C GLN B 367 -3.79 4.25 -21.38
N HIS B 368 -2.89 3.51 -20.74
CA HIS B 368 -1.61 4.03 -20.29
C HIS B 368 -0.45 3.67 -21.21
N ASP B 369 -0.69 3.61 -22.52
CA ASP B 369 0.37 3.36 -23.49
C ASP B 369 0.15 4.27 -24.69
N HIS B 370 0.93 4.03 -25.75
CA HIS B 370 0.82 4.81 -26.98
C HIS B 370 -0.25 4.29 -27.92
N MET B 371 -1.23 3.53 -27.41
CA MET B 371 -2.25 2.92 -28.24
C MET B 371 -3.30 3.97 -28.58
N ASN B 372 -3.32 4.38 -29.86
CA ASN B 372 -4.36 5.30 -30.31
C ASN B 372 -5.66 4.58 -30.64
N THR B 373 -5.58 3.31 -31.04
CA THR B 373 -6.75 2.50 -31.38
C THR B 373 -6.59 1.10 -30.82
N LEU B 374 -7.69 0.36 -30.83
CA LEU B 374 -7.66 -1.02 -30.33
C LEU B 374 -6.74 -1.94 -31.13
N PRO B 375 -6.71 -1.93 -32.46
CA PRO B 375 -5.80 -2.83 -33.18
C PRO B 375 -4.33 -2.61 -32.87
N ASP B 376 -3.98 -1.51 -32.19
CA ASP B 376 -2.60 -1.28 -31.79
C ASP B 376 -2.15 -2.19 -30.65
N MET B 377 -3.07 -2.91 -30.02
CA MET B 377 -2.77 -3.72 -28.85
C MET B 377 -2.38 -5.15 -29.19
N ASN B 378 -2.59 -5.58 -30.44
CA ASN B 378 -2.34 -6.97 -30.81
C ASN B 378 -0.89 -7.40 -30.60
N ARG B 379 0.05 -6.45 -30.61
CA ARG B 379 1.45 -6.79 -30.36
C ARG B 379 1.68 -7.34 -28.96
N LEU B 380 0.74 -7.16 -28.04
CA LEU B 380 0.85 -7.71 -26.71
C LEU B 380 0.11 -9.03 -26.56
N GLY B 381 -0.47 -9.56 -27.63
CA GLY B 381 -1.24 -10.79 -27.53
C GLY B 381 -0.42 -11.95 -27.00
N GLU B 382 0.76 -12.17 -27.62
CA GLU B 382 1.64 -13.23 -27.13
C GLU B 382 2.15 -12.92 -25.73
N TYR B 383 2.11 -11.65 -25.33
CA TYR B 383 2.47 -11.30 -23.96
C TYR B 383 1.42 -11.79 -22.97
N PHE B 384 0.15 -11.81 -23.38
CA PHE B 384 -0.91 -12.20 -22.46
C PHE B 384 -1.14 -13.70 -22.48
N ALA B 385 -1.06 -14.33 -23.65
CA ALA B 385 -1.31 -15.75 -23.77
C ALA B 385 -0.29 -16.60 -23.01
N THR B 386 0.87 -16.04 -22.69
CA THR B 386 1.92 -16.76 -21.99
C THR B 386 2.00 -16.41 -20.51
N ASN B 387 1.06 -15.62 -20.00
CA ASN B 387 1.09 -15.24 -18.60
C ASN B 387 0.74 -16.45 -17.74
N GLU B 388 1.53 -16.68 -16.69
CA GLU B 388 1.37 -17.89 -15.88
C GLU B 388 0.14 -17.81 -14.99
N GLU B 389 -0.11 -16.64 -14.40
CA GLU B 389 -1.26 -16.50 -13.50
C GLU B 389 -2.57 -16.63 -14.26
N TYR B 390 -2.68 -15.96 -15.41
CA TYR B 390 -3.90 -16.05 -16.19
C TYR B 390 -4.09 -17.46 -16.75
N ILE B 391 -3.00 -18.14 -17.11
CA ILE B 391 -3.11 -19.52 -17.58
C ILE B 391 -3.58 -20.43 -16.46
N ARG B 392 -3.06 -20.22 -15.24
CA ARG B 392 -3.52 -21.02 -14.10
C ARG B 392 -4.99 -20.79 -13.83
N LYS B 393 -5.44 -19.53 -13.90
CA LYS B 393 -6.86 -19.26 -13.70
C LYS B 393 -7.71 -19.83 -14.81
N TYR B 394 -7.20 -19.88 -16.04
CA TYR B 394 -7.93 -20.53 -17.12
C TYR B 394 -8.05 -22.03 -16.88
N ARG B 395 -6.96 -22.66 -16.44
CA ARG B 395 -6.97 -24.12 -16.28
C ARG B 395 -7.83 -24.55 -15.09
N TYR B 396 -7.71 -23.86 -13.95
CA TYR B 396 -8.22 -24.38 -12.69
C TYR B 396 -9.42 -23.61 -12.14
N THR B 397 -9.69 -22.40 -12.62
CA THR B 397 -10.71 -21.53 -12.05
C THR B 397 -11.91 -21.35 -12.98
N ASN B 398 -11.86 -21.90 -14.19
CA ASN B 398 -12.90 -21.74 -15.21
C ASN B 398 -13.04 -20.28 -15.61
N ALA B 399 -11.97 -19.71 -16.15
CA ALA B 399 -11.97 -18.36 -16.70
C ALA B 399 -11.56 -18.43 -18.17
N PHE B 400 -11.72 -17.31 -18.86
CA PHE B 400 -11.33 -17.24 -20.27
C PHE B 400 -9.82 -17.29 -20.41
N HIS B 401 -9.37 -17.90 -21.50
CA HIS B 401 -7.94 -17.91 -21.81
C HIS B 401 -7.49 -16.48 -22.10
N PRO B 402 -6.29 -16.09 -21.65
CA PRO B 402 -5.87 -14.69 -21.83
C PRO B 402 -5.78 -14.26 -23.28
N PHE B 403 -5.66 -15.18 -24.22
CA PHE B 403 -5.58 -14.84 -25.63
C PHE B 403 -6.94 -14.65 -26.28
N HIS B 404 -8.03 -14.85 -25.54
CA HIS B 404 -9.36 -14.70 -26.13
C HIS B 404 -9.61 -13.25 -26.54
N GLY B 405 -9.14 -12.29 -25.73
CA GLY B 405 -9.35 -10.88 -26.04
C GLY B 405 -8.64 -10.41 -27.29
N PHE B 406 -7.67 -11.18 -27.79
CA PHE B 406 -6.92 -10.81 -28.98
C PHE B 406 -7.27 -11.63 -30.20
N SER B 407 -8.21 -12.57 -30.08
CA SER B 407 -8.59 -13.41 -31.20
C SER B 407 -9.45 -12.64 -32.19
N GLY B 412 -13.11 -5.74 -33.26
CA GLY B 412 -13.13 -4.67 -32.29
C GLY B 412 -12.78 -3.32 -32.87
N HIS B 413 -12.49 -3.30 -34.18
CA HIS B 413 -12.09 -2.08 -34.86
C HIS B 413 -13.01 -1.67 -36.01
N ILE B 414 -13.89 -2.55 -36.49
CA ILE B 414 -14.76 -2.20 -37.61
C ILE B 414 -15.71 -1.08 -37.23
N ALA B 415 -16.23 -1.13 -36.00
CA ALA B 415 -17.21 -0.14 -35.57
C ALA B 415 -16.62 1.27 -35.56
N GLU B 416 -15.36 1.41 -35.13
CA GLU B 416 -14.76 2.73 -35.00
C GLU B 416 -14.55 3.42 -36.35
N MET B 417 -14.15 2.69 -37.38
CA MET B 417 -13.95 3.26 -38.70
C MET B 417 -15.15 3.09 -39.63
N ASN B 418 -16.25 2.52 -39.14
CA ASN B 418 -17.48 2.46 -39.93
C ASN B 418 -18.52 3.47 -39.50
N THR B 419 -18.72 3.67 -38.20
CA THR B 419 -19.76 4.55 -37.69
C THR B 419 -19.21 5.95 -37.43
N SER B 420 -20.03 6.96 -37.74
CA SER B 420 -19.65 8.33 -37.42
C SER B 420 -19.60 8.56 -35.92
N ALA B 421 -20.56 7.99 -35.19
CA ALA B 421 -20.59 8.11 -33.73
C ALA B 421 -21.32 6.92 -33.13
N ILE B 422 -20.82 6.45 -31.99
CA ILE B 422 -21.45 5.36 -31.25
C ILE B 422 -21.81 5.91 -29.88
N TYR B 423 -23.07 5.78 -29.50
CA TYR B 423 -23.59 6.33 -28.26
C TYR B 423 -23.89 5.21 -27.27
N ILE B 424 -23.41 5.37 -26.04
CA ILE B 424 -23.75 4.48 -24.94
C ILE B 424 -24.68 5.24 -24.02
N VAL B 425 -25.92 4.75 -23.89
CA VAL B 425 -26.98 5.46 -23.22
C VAL B 425 -27.21 4.86 -21.84
N GLY B 426 -27.25 5.71 -20.83
CA GLY B 426 -27.51 5.28 -19.46
C GLY B 426 -26.42 4.44 -18.84
N ALA B 427 -25.16 4.81 -19.06
CA ALA B 427 -24.05 4.11 -18.43
C ALA B 427 -23.90 4.57 -17.00
N GLU B 428 -23.65 3.61 -16.10
CA GLU B 428 -23.50 3.94 -14.68
C GLU B 428 -22.13 4.56 -14.40
N GLU B 429 -21.10 4.12 -15.14
CA GLU B 429 -19.76 4.70 -15.07
C GLU B 429 -19.33 4.99 -16.49
N PRO B 430 -19.75 6.13 -17.05
CA PRO B 430 -19.46 6.42 -18.46
C PRO B 430 -17.99 6.64 -18.78
N GLY B 431 -17.11 6.66 -17.77
CA GLY B 431 -15.69 6.78 -18.05
C GLY B 431 -15.13 5.64 -18.86
N TYR B 432 -15.64 4.42 -18.66
CA TYR B 432 -15.16 3.28 -19.43
C TYR B 432 -15.66 3.33 -20.86
N ALA B 433 -16.90 3.78 -21.07
CA ALA B 433 -17.41 3.90 -22.43
C ALA B 433 -16.71 5.02 -23.18
N ARG B 434 -16.35 6.11 -22.48
CA ARG B 434 -15.62 7.19 -23.11
C ARG B 434 -14.16 6.80 -23.36
N GLY B 435 -13.59 5.96 -22.51
CA GLY B 435 -12.20 5.56 -22.68
C GLY B 435 -11.96 4.66 -23.87
N MET B 436 -12.99 4.00 -24.37
CA MET B 436 -12.88 3.14 -25.55
C MET B 436 -13.25 3.87 -26.84
N GLY B 437 -13.59 5.16 -26.76
CA GLY B 437 -13.93 5.92 -27.93
C GLY B 437 -15.41 6.08 -28.20
N LEU B 438 -16.28 5.67 -27.29
CA LEU B 438 -17.72 5.75 -27.47
C LEU B 438 -18.27 6.96 -26.71
N LYS B 439 -19.19 7.68 -27.35
CA LYS B 439 -19.84 8.80 -26.69
C LYS B 439 -20.81 8.30 -25.63
N THR B 440 -21.11 9.17 -24.68
CA THR B 440 -21.95 8.83 -23.54
C THR B 440 -23.02 9.88 -23.35
N ARG B 441 -24.26 9.43 -23.11
CA ARG B 441 -25.39 10.29 -22.83
C ARG B 441 -26.22 9.65 -21.72
N ALA B 442 -27.23 10.38 -21.26
CA ALA B 442 -28.05 9.93 -20.14
C ALA B 442 -29.34 9.25 -20.56
N THR B 443 -29.93 9.65 -21.68
CA THR B 443 -31.20 9.10 -22.13
C THR B 443 -31.17 8.89 -23.63
N PHE B 444 -32.10 8.06 -24.11
CA PHE B 444 -32.20 7.81 -25.54
C PHE B 444 -32.56 9.08 -26.31
N GLU B 445 -33.49 9.87 -25.77
CA GLU B 445 -33.93 11.08 -26.46
C GLU B 445 -32.81 12.09 -26.58
N GLU B 446 -32.01 12.25 -25.52
CA GLU B 446 -30.89 13.20 -25.55
C GLU B 446 -29.87 12.80 -26.60
N ALA B 447 -29.52 11.50 -26.64
CA ALA B 447 -28.55 11.02 -27.61
C ALA B 447 -29.08 11.18 -29.04
N LEU B 448 -30.36 10.87 -29.24
CA LEU B 448 -30.94 11.03 -30.57
C LEU B 448 -30.97 12.50 -30.99
N GLU B 449 -31.28 13.40 -30.06
CA GLU B 449 -31.27 14.82 -30.37
C GLU B 449 -29.87 15.29 -30.75
N ASP B 450 -28.86 14.85 -30.01
CA ASP B 450 -27.49 15.23 -30.32
C ASP B 450 -27.08 14.69 -31.69
N ALA B 451 -27.42 13.43 -31.97
CA ALA B 451 -27.06 12.83 -33.26
C ALA B 451 -27.76 13.56 -34.41
N LYS B 452 -29.03 13.92 -34.22
CA LYS B 452 -29.73 14.69 -35.25
C LYS B 452 -29.08 16.05 -35.45
N LYS B 453 -28.67 16.69 -34.35
CA LYS B 453 -28.03 18.00 -34.45
C LYS B 453 -26.72 17.92 -35.23
N LYS B 454 -25.92 16.89 -34.99
CA LYS B 454 -24.56 16.83 -35.54
C LYS B 454 -24.47 16.00 -36.81
N TYR B 455 -24.86 14.72 -36.75
CA TYR B 455 -24.42 13.74 -37.75
C TYR B 455 -25.48 13.43 -38.80
N VAL B 456 -26.66 12.97 -38.39
CA VAL B 456 -27.63 12.44 -39.35
C VAL B 456 -28.64 13.46 -39.82
N GLY B 457 -28.61 14.68 -39.27
CA GLY B 457 -29.57 15.69 -39.66
C GLY B 457 -30.89 15.54 -38.92
N GLN B 458 -31.80 16.48 -39.20
CA GLN B 458 -33.07 16.52 -38.50
C GLN B 458 -34.11 15.57 -39.09
N GLU B 459 -33.81 14.91 -40.21
CA GLU B 459 -34.74 13.98 -40.86
C GLU B 459 -34.02 12.66 -41.13
N PRO B 460 -33.77 11.86 -40.08
CA PRO B 460 -33.06 10.60 -40.26
C PRO B 460 -34.00 9.41 -40.44
N ASN B 461 -33.41 8.31 -40.90
CA ASN B 461 -34.09 7.03 -40.98
C ASN B 461 -33.56 6.15 -39.84
N ILE B 462 -34.46 5.65 -39.01
CA ILE B 462 -34.10 4.95 -37.79
C ILE B 462 -34.56 3.50 -37.91
N LEU B 463 -33.68 2.58 -37.53
CA LEU B 463 -34.00 1.16 -37.43
C LEU B 463 -33.79 0.72 -36.00
N ALA B 464 -34.87 0.26 -35.35
CA ALA B 464 -34.82 -0.17 -33.96
C ALA B 464 -34.78 -1.69 -33.91
N LEU B 465 -33.91 -2.23 -33.06
CA LEU B 465 -33.70 -3.67 -32.96
C LEU B 465 -33.87 -4.11 -31.51
N PRO B 466 -35.10 -4.22 -31.03
CA PRO B 466 -35.32 -4.82 -29.71
C PRO B 466 -35.10 -6.32 -29.77
N MET B 467 -34.64 -6.86 -28.63
CA MET B 467 -34.31 -8.29 -28.53
C MET B 467 -33.32 -8.70 -29.63
N THR B 468 -32.29 -7.87 -29.83
CA THR B 468 -31.28 -8.18 -30.83
C THR B 468 -30.21 -9.12 -30.28
N PHE B 469 -29.87 -8.97 -29.00
CA PHE B 469 -28.89 -9.85 -28.36
C PHE B 469 -29.54 -11.01 -27.61
N LYS B 470 -30.87 -11.08 -27.61
CA LYS B 470 -31.57 -12.19 -26.97
C LYS B 470 -31.89 -13.32 -27.93
N LYS B 471 -31.79 -13.08 -29.24
CA LYS B 471 -32.08 -14.08 -30.26
C LYS B 471 -30.86 -14.22 -31.16
N ALA B 472 -30.77 -15.37 -31.82
CA ALA B 472 -29.69 -15.62 -32.77
C ALA B 472 -29.71 -14.57 -33.88
N ALA B 473 -28.66 -13.75 -33.92
CA ALA B 473 -28.64 -12.61 -34.85
C ALA B 473 -28.57 -13.07 -36.29
N VAL B 474 -29.14 -12.26 -37.17
CA VAL B 474 -29.17 -12.53 -38.60
C VAL B 474 -28.56 -11.34 -39.34
N HIS B 475 -28.13 -11.61 -40.57
CA HIS B 475 -27.59 -10.56 -41.44
C HIS B 475 -28.72 -9.93 -42.24
N LEU B 476 -28.82 -8.60 -42.16
CA LEU B 476 -29.83 -7.85 -42.89
C LEU B 476 -29.27 -7.39 -44.22
N CYS B 477 -30.08 -7.47 -45.27
CA CYS B 477 -29.65 -7.12 -46.62
C CYS B 477 -30.78 -6.39 -47.33
N MET B 478 -30.42 -5.76 -48.45
CA MET B 478 -31.41 -5.07 -49.27
C MET B 478 -32.42 -6.07 -49.83
N LYS B 479 -33.68 -5.63 -49.94
CA LYS B 479 -34.72 -6.52 -50.45
C LYS B 479 -34.46 -6.89 -51.91
N ASP B 480 -34.04 -5.93 -52.73
CA ASP B 480 -33.77 -6.18 -54.14
C ASP B 480 -32.49 -6.99 -54.32
N LYS C 4 -26.58 -25.56 36.92
CA LYS C 4 -25.89 -24.99 35.77
C LYS C 4 -24.97 -26.03 35.12
N PHE C 5 -24.70 -25.85 33.84
CA PHE C 5 -23.85 -26.73 33.07
C PHE C 5 -22.61 -25.98 32.60
N ASP C 6 -21.49 -26.68 32.46
CA ASP C 6 -20.25 -26.09 31.99
C ASP C 6 -19.90 -26.70 30.63
N PHE C 7 -19.70 -25.84 29.64
CA PHE C 7 -19.33 -26.27 28.29
C PHE C 7 -17.98 -25.66 27.92
N GLU C 8 -17.29 -26.31 26.99
CA GLU C 8 -15.96 -25.83 26.62
C GLU C 8 -16.04 -24.48 25.93
N TYR C 9 -15.00 -23.69 26.13
CA TYR C 9 -14.84 -22.38 25.51
C TYR C 9 -13.46 -22.33 24.89
N GLY C 10 -13.00 -21.15 24.46
CA GLY C 10 -11.69 -21.01 23.87
C GLY C 10 -10.60 -21.77 24.59
N GLN C 11 -10.35 -21.43 25.86
CA GLN C 11 -9.44 -22.21 26.69
C GLN C 11 -10.09 -22.72 27.96
N GLY C 12 -11.19 -22.12 28.41
CA GLY C 12 -11.85 -22.57 29.62
C GLY C 12 -13.27 -23.04 29.38
N THR C 13 -14.16 -22.76 30.31
CA THR C 13 -15.55 -23.18 30.24
C THR C 13 -16.48 -22.00 30.39
N MET C 14 -17.59 -22.03 29.66
CA MET C 14 -18.70 -21.10 29.85
C MET C 14 -19.86 -21.83 30.50
N SER C 15 -20.50 -21.15 31.45
CA SER C 15 -21.63 -21.74 32.16
C SER C 15 -22.94 -21.40 31.45
N ALA C 16 -23.90 -22.31 31.56
CA ALA C 16 -25.20 -22.16 30.93
C ALA C 16 -26.28 -22.63 31.89
N GLU C 17 -27.41 -21.91 31.88
CA GLU C 17 -28.58 -22.28 32.65
C GLU C 17 -29.59 -22.92 31.69
N LEU C 18 -29.84 -24.21 31.86
CA LEU C 18 -30.72 -24.95 30.99
C LEU C 18 -31.79 -25.64 31.81
N PRO C 19 -32.97 -25.88 31.22
CA PRO C 19 -34.08 -26.48 31.98
C PRO C 19 -33.71 -27.84 32.56
N ASP C 20 -34.51 -28.26 33.53
CA ASP C 20 -34.26 -29.52 34.23
C ASP C 20 -34.43 -30.74 33.33
N ASN C 21 -35.13 -30.61 32.21
CA ASN C 21 -35.31 -31.72 31.29
C ASN C 21 -34.09 -31.97 30.42
N THR C 22 -33.05 -31.14 30.53
CA THR C 22 -31.84 -31.36 29.77
C THR C 22 -31.17 -32.66 30.18
N ASP C 23 -30.73 -33.42 29.18
CA ASP C 23 -30.05 -34.69 29.41
C ASP C 23 -28.58 -34.55 29.03
N ILE C 24 -27.71 -35.14 29.85
CA ILE C 24 -26.27 -35.00 29.73
C ILE C 24 -25.69 -36.32 29.23
N PHE C 25 -24.79 -36.24 28.26
CA PHE C 25 -24.12 -37.42 27.72
C PHE C 25 -22.62 -37.18 27.71
N ILE C 26 -21.88 -38.16 28.25
CA ILE C 26 -20.42 -38.15 28.21
C ILE C 26 -19.98 -39.49 27.64
N PRO C 27 -19.10 -39.50 26.63
CA PRO C 27 -18.85 -40.75 25.89
C PRO C 27 -18.38 -41.91 26.75
N GLY C 28 -17.55 -41.65 27.76
CA GLY C 28 -16.99 -42.73 28.55
C GLY C 28 -17.72 -43.01 29.85
N GLU C 29 -18.32 -41.98 30.44
CA GLU C 29 -18.92 -42.11 31.76
C GLU C 29 -20.40 -42.51 31.71
N THR C 30 -21.17 -41.94 30.79
CA THR C 30 -22.60 -42.24 30.72
C THR C 30 -22.83 -43.69 30.33
N VAL C 31 -22.19 -44.15 29.27
CA VAL C 31 -22.26 -45.55 28.83
C VAL C 31 -20.84 -46.08 28.81
N LYS C 32 -20.62 -47.18 29.55
CA LYS C 32 -19.27 -47.69 29.72
C LYS C 32 -18.77 -48.37 28.46
N ASP C 33 -17.55 -48.04 28.06
CA ASP C 33 -16.90 -48.69 26.94
C ASP C 33 -16.55 -50.13 27.31
N PRO C 34 -16.33 -50.99 26.33
CA PRO C 34 -15.83 -52.34 26.64
C PRO C 34 -14.52 -52.25 27.41
N ASP C 35 -14.35 -53.13 28.39
CA ASP C 35 -13.25 -53.02 29.34
C ASP C 35 -11.92 -53.08 28.60
N HIS C 36 -11.04 -52.12 28.92
CA HIS C 36 -9.75 -52.05 28.26
C HIS C 36 -8.83 -53.15 28.78
N ILE C 37 -7.81 -53.45 27.99
CA ILE C 37 -6.81 -54.44 28.40
C ILE C 37 -5.98 -53.85 29.53
N PRO C 38 -5.79 -54.56 30.64
CA PRO C 38 -5.01 -53.99 31.75
C PRO C 38 -3.57 -53.71 31.34
N GLU C 39 -2.99 -52.69 31.98
CA GLU C 39 -1.64 -52.25 31.63
C GLU C 39 -0.61 -53.37 31.79
N ASP C 40 -0.85 -54.32 32.69
CA ASP C 40 0.07 -55.44 32.85
C ASP C 40 -0.09 -56.47 31.74
N GLN C 41 -1.29 -56.60 31.18
CA GLN C 41 -1.58 -57.61 30.17
C GLN C 41 -1.36 -57.12 28.74
N LEU C 42 -0.86 -55.90 28.55
CA LEU C 42 -0.50 -55.44 27.22
C LEU C 42 0.66 -56.27 26.67
N GLU C 43 1.58 -56.68 27.53
CA GLU C 43 2.69 -57.53 27.13
C GLU C 43 2.20 -58.81 26.48
N ALA C 44 1.40 -59.59 27.22
CA ALA C 44 0.93 -60.87 26.72
C ALA C 44 0.03 -60.70 25.50
N ALA C 45 -0.84 -59.69 25.50
CA ALA C 45 -1.73 -59.48 24.37
C ALA C 45 -0.95 -59.14 23.11
N TYR C 46 0.06 -58.26 23.22
CA TYR C 46 0.86 -57.90 22.06
C TYR C 46 1.66 -59.08 21.55
N LEU C 47 2.26 -59.86 22.45
CA LEU C 47 3.00 -61.03 22.00
C LEU C 47 2.09 -62.05 21.33
N GLU C 48 0.90 -62.26 21.89
CA GLU C 48 -0.04 -63.22 21.30
C GLU C 48 -0.51 -62.75 19.93
N SER C 49 -0.78 -61.45 19.79
CA SER C 49 -1.21 -60.93 18.50
C SER C 49 -0.12 -61.03 17.45
N LEU C 50 1.12 -60.70 17.82
CA LEU C 50 2.21 -60.78 16.85
C LEU C 50 2.58 -62.22 16.53
N ALA C 51 2.41 -63.13 17.47
CA ALA C 51 2.76 -64.53 17.25
C ALA C 51 1.75 -65.26 16.36
N HIS C 52 0.52 -64.75 16.26
CA HIS C 52 -0.53 -65.37 15.45
C HIS C 52 -1.15 -64.35 14.52
N PRO C 53 -0.42 -63.93 13.49
CA PRO C 53 -1.04 -63.07 12.46
C PRO C 53 -2.09 -63.83 11.68
N ILE C 54 -3.07 -63.09 11.16
CA ILE C 54 -4.19 -63.65 10.41
C ILE C 54 -4.03 -63.24 8.96
N GLY C 55 -3.89 -64.24 8.08
CA GLY C 55 -3.81 -64.04 6.66
C GLY C 55 -2.41 -64.05 6.09
N MET C 56 -1.39 -63.87 6.92
CA MET C 56 0.00 -63.85 6.48
C MET C 56 0.86 -64.45 7.58
N PRO C 57 2.02 -64.98 7.23
CA PRO C 57 2.89 -65.61 8.23
C PRO C 57 3.44 -64.60 9.23
N THR C 58 3.98 -65.13 10.32
CA THR C 58 4.52 -64.30 11.39
C THR C 58 5.72 -63.50 10.88
N LEU C 59 6.04 -62.43 11.62
CA LEU C 59 7.12 -61.53 11.22
C LEU C 59 8.48 -62.21 11.15
N THR C 60 8.64 -63.36 11.81
CA THR C 60 9.89 -64.10 11.72
C THR C 60 10.12 -64.60 10.29
N GLU C 61 9.06 -65.05 9.62
CA GLU C 61 9.21 -65.66 8.32
C GLU C 61 9.53 -64.63 7.24
N LEU C 62 8.87 -63.47 7.29
CA LEU C 62 9.12 -62.42 6.28
C LEU C 62 10.49 -61.77 6.45
N ALA C 63 11.15 -61.94 7.58
CA ALA C 63 12.42 -61.30 7.87
C ALA C 63 13.56 -62.31 7.79
N GLY C 64 14.64 -61.92 7.10
CA GLY C 64 15.79 -62.77 6.95
C GLY C 64 17.08 -62.06 7.32
N PRO C 65 18.21 -62.61 6.88
CA PRO C 65 19.51 -61.99 7.20
C PRO C 65 19.71 -60.67 6.45
N GLY C 66 18.96 -59.65 6.84
CA GLY C 66 19.07 -58.34 6.23
C GLY C 66 17.95 -58.04 5.26
N LYS C 67 16.97 -57.27 5.70
CA LYS C 67 15.87 -56.85 4.85
C LYS C 67 15.57 -55.38 5.09
N THR C 68 15.14 -54.70 4.04
CA THR C 68 14.74 -53.29 4.15
C THR C 68 13.33 -53.24 4.72
N VAL C 69 13.20 -52.79 5.96
CA VAL C 69 11.94 -52.76 6.67
C VAL C 69 11.49 -51.30 6.82
N THR C 70 10.24 -51.04 6.44
CA THR C 70 9.66 -49.70 6.55
C THR C 70 8.44 -49.79 7.46
N ILE C 71 8.51 -49.13 8.60
CA ILE C 71 7.41 -49.07 9.56
C ILE C 71 6.70 -47.73 9.38
N VAL C 72 5.41 -47.78 9.11
CA VAL C 72 4.61 -46.60 8.82
C VAL C 72 3.76 -46.29 10.05
N VAL C 73 4.06 -45.17 10.69
CA VAL C 73 3.44 -44.74 11.95
C VAL C 73 2.48 -43.60 11.64
N PRO C 74 1.28 -43.58 12.22
CA PRO C 74 0.33 -42.52 11.91
C PRO C 74 0.79 -41.16 12.45
N ASP C 75 -0.02 -40.14 12.16
CA ASP C 75 0.30 -38.78 12.52
C ASP C 75 -0.03 -38.54 14.00
N ARG C 76 0.06 -37.29 14.43
CA ARG C 76 -0.21 -36.90 15.82
C ARG C 76 -1.66 -36.52 16.04
N VAL C 77 -2.50 -36.52 15.00
CA VAL C 77 -3.87 -36.06 15.14
C VAL C 77 -4.67 -37.00 16.04
N LYS C 78 -4.56 -38.31 15.80
CA LYS C 78 -5.34 -39.30 16.52
C LYS C 78 -4.41 -40.34 17.12
N GLY C 79 -4.90 -41.02 18.14
CA GLY C 79 -4.12 -42.00 18.86
C GLY C 79 -3.58 -41.45 20.17
N GLY C 80 -3.32 -42.35 21.11
CA GLY C 80 -2.87 -41.94 22.42
C GLY C 80 -1.42 -41.48 22.42
N GLU C 81 -1.10 -40.65 23.41
CA GLU C 81 0.27 -40.20 23.66
C GLU C 81 0.74 -40.59 25.05
N GLN C 82 0.14 -41.63 25.63
CA GLN C 82 0.47 -42.06 26.98
C GLN C 82 1.80 -42.81 26.99
N ALA C 83 2.15 -43.35 28.16
CA ALA C 83 3.40 -44.09 28.29
C ALA C 83 3.34 -45.42 27.58
N THR C 84 2.16 -46.05 27.56
CA THR C 84 1.96 -47.35 26.92
C THR C 84 0.98 -47.26 25.77
N SER C 85 1.13 -46.22 24.94
CA SER C 85 0.26 -46.05 23.79
C SER C 85 0.51 -47.16 22.76
N HIS C 86 -0.42 -47.30 21.83
CA HIS C 86 -0.32 -48.37 20.83
C HIS C 86 0.91 -48.21 19.96
N ARG C 87 1.20 -46.97 19.53
CA ARG C 87 2.33 -46.74 18.65
C ARG C 87 3.64 -47.20 19.30
N LYS C 88 3.89 -46.72 20.52
CA LYS C 88 5.15 -47.01 21.19
C LYS C 88 5.31 -48.50 21.46
N LEU C 89 4.30 -49.12 22.07
CA LEU C 89 4.40 -50.53 22.41
C LEU C 89 4.51 -51.40 21.15
N SER C 90 3.68 -51.12 20.14
CA SER C 90 3.73 -51.93 18.92
C SER C 90 5.07 -51.80 18.23
N ILE C 91 5.61 -50.57 18.14
CA ILE C 91 6.89 -50.37 17.49
C ILE C 91 7.99 -51.07 18.27
N LYS C 92 7.98 -50.96 19.60
CA LYS C 92 9.01 -51.58 20.42
C LYS C 92 8.98 -53.09 20.31
N TYR C 93 7.79 -53.69 20.32
CA TYR C 93 7.71 -55.15 20.23
C TYR C 93 8.06 -55.64 18.83
N ILE C 94 7.66 -54.89 17.81
CA ILE C 94 8.03 -55.23 16.43
C ILE C 94 9.54 -55.16 16.26
N LEU C 95 10.17 -54.14 16.85
CA LEU C 95 11.63 -54.03 16.77
C LEU C 95 12.31 -55.18 17.51
N LYS C 96 11.79 -55.57 18.67
CA LYS C 96 12.35 -56.73 19.36
C LYS C 96 12.25 -57.99 18.51
N GLU C 97 11.08 -58.20 17.89
CA GLU C 97 10.91 -59.38 17.04
C GLU C 97 11.85 -59.35 15.84
N LEU C 98 11.99 -58.18 15.21
CA LEU C 98 12.87 -58.07 14.05
C LEU C 98 14.33 -58.27 14.43
N TYR C 99 14.75 -57.74 15.59
CA TYR C 99 16.11 -57.96 16.05
C TYR C 99 16.33 -59.41 16.45
N ALA C 100 15.27 -60.13 16.83
CA ALA C 100 15.40 -61.57 17.02
C ALA C 100 15.74 -62.27 15.72
N ALA C 101 15.40 -61.66 14.58
CA ALA C 101 15.81 -62.14 13.27
C ALA C 101 17.11 -61.44 12.86
N GLY C 102 17.50 -61.59 11.61
CA GLY C 102 18.71 -61.02 11.09
C GLY C 102 18.61 -59.57 10.61
N VAL C 103 17.46 -58.92 10.82
CA VAL C 103 17.29 -57.54 10.36
C VAL C 103 18.18 -56.62 11.17
N GLU C 104 18.94 -55.77 10.47
CA GLU C 104 19.86 -54.85 11.11
C GLU C 104 19.19 -53.53 11.42
N LYS C 105 19.87 -52.72 12.24
CA LYS C 105 19.31 -51.44 12.68
C LYS C 105 19.34 -50.40 11.57
N LYS C 106 20.27 -50.52 10.62
CA LYS C 106 20.38 -49.53 9.55
C LYS C 106 19.40 -49.78 8.41
N ASP C 107 18.71 -50.92 8.41
CA ASP C 107 17.72 -51.23 7.38
C ASP C 107 16.30 -51.02 7.87
N ILE C 108 16.12 -50.38 9.02
CA ILE C 108 14.79 -50.07 9.56
C ILE C 108 14.56 -48.58 9.37
N LEU C 109 13.44 -48.24 8.73
CA LEU C 109 13.12 -46.84 8.44
C LEU C 109 11.68 -46.55 8.85
N PHE C 110 11.49 -45.45 9.55
CA PHE C 110 10.18 -45.03 10.05
C PHE C 110 9.63 -43.93 9.17
N ILE C 111 8.38 -44.08 8.74
CA ILE C 111 7.70 -43.09 7.91
C ILE C 111 6.47 -42.62 8.66
N ILE C 112 6.42 -41.32 8.97
CA ILE C 112 5.25 -40.72 9.62
C ILE C 112 4.26 -40.38 8.51
N SER C 113 3.20 -41.15 8.42
CA SER C 113 2.22 -41.01 7.35
C SER C 113 1.20 -39.94 7.73
N ASN C 114 1.37 -38.73 7.20
CA ASN C 114 0.41 -37.66 7.37
C ASN C 114 -0.45 -37.45 6.13
N GLY C 115 0.13 -37.55 4.94
CA GLY C 115 -0.62 -37.43 3.71
C GLY C 115 -0.90 -36.00 3.33
N LEU C 116 -1.86 -35.38 4.01
CA LEU C 116 -2.17 -33.97 3.84
C LEU C 116 -2.03 -33.17 5.12
N HIS C 117 -1.96 -33.82 6.27
CA HIS C 117 -1.69 -33.13 7.53
C HIS C 117 -0.25 -32.64 7.55
N PRO C 118 0.06 -31.65 8.39
CA PRO C 118 1.41 -31.08 8.37
C PRO C 118 2.46 -32.10 8.76
N ARG C 119 3.64 -31.95 8.17
CA ARG C 119 4.75 -32.85 8.45
C ARG C 119 5.20 -32.70 9.90
N SER C 120 5.53 -33.82 10.52
CA SER C 120 5.85 -33.83 11.95
C SER C 120 7.23 -33.24 12.19
N THR C 121 7.33 -32.37 13.19
CA THR C 121 8.59 -31.74 13.56
C THR C 121 9.33 -32.62 14.55
N GLU C 122 10.39 -32.08 15.16
CA GLU C 122 11.15 -32.84 16.13
C GLU C 122 10.33 -33.11 17.39
N ALA C 123 9.65 -32.08 17.91
CA ALA C 123 8.83 -32.26 19.10
C ALA C 123 7.66 -33.19 18.83
N ASP C 124 7.02 -33.06 17.66
CA ASP C 124 5.91 -33.96 17.32
C ASP C 124 6.40 -35.40 17.21
N ALA C 125 7.56 -35.63 16.59
CA ALA C 125 8.11 -36.98 16.50
C ALA C 125 8.45 -37.52 17.88
N LYS C 126 8.98 -36.67 18.76
CA LYS C 126 9.29 -37.10 20.12
C LYS C 126 8.02 -37.51 20.86
N ALA C 127 6.94 -36.74 20.70
CA ALA C 127 5.67 -37.08 21.34
C ALA C 127 5.09 -38.37 20.78
N ILE C 128 5.18 -38.56 19.47
CA ILE C 128 4.60 -39.74 18.85
C ILE C 128 5.37 -41.00 19.25
N PHE C 129 6.70 -40.95 19.17
CA PHE C 129 7.53 -42.14 19.32
C PHE C 129 7.98 -42.40 20.74
N GLY C 130 7.78 -41.48 21.66
CA GLY C 130 8.37 -41.65 22.97
C GLY C 130 9.82 -41.21 23.01
N GLU C 131 10.34 -41.04 24.22
CA GLU C 131 11.71 -40.52 24.37
C GLU C 131 12.74 -41.54 23.91
N GLU C 132 12.55 -42.82 24.28
CA GLU C 132 13.56 -43.84 23.98
C GLU C 132 13.72 -44.03 22.48
N LEU C 133 12.60 -44.25 21.78
CA LEU C 133 12.67 -44.49 20.34
C LEU C 133 13.14 -43.25 19.59
N PHE C 134 12.71 -42.08 20.03
CA PHE C 134 13.16 -40.84 19.42
C PHE C 134 14.67 -40.68 19.56
N ASN C 135 15.21 -40.95 20.75
CA ASN C 135 16.66 -40.87 20.93
C ASN C 135 17.38 -41.92 20.10
N GLU C 136 16.79 -43.12 19.98
CA GLU C 136 17.47 -44.21 19.27
C GLU C 136 17.45 -44.04 17.76
N PHE C 137 16.44 -43.38 17.18
CA PHE C 137 16.25 -43.41 15.75
C PHE C 137 16.23 -42.05 15.05
N TRP C 138 15.92 -40.96 15.75
CA TRP C 138 15.74 -39.68 15.07
C TRP C 138 17.05 -39.15 14.51
N HIS C 139 18.11 -39.12 15.33
CA HIS C 139 19.36 -38.52 14.89
C HIS C 139 20.09 -39.36 13.86
N THR C 140 19.76 -40.64 13.74
CA THR C 140 20.28 -41.45 12.65
C THR C 140 19.66 -41.08 11.31
N GLY C 141 18.57 -40.32 11.31
CA GLY C 141 17.87 -39.98 10.08
C GLY C 141 16.89 -41.02 9.62
N GLN C 142 16.40 -41.87 10.52
CA GLN C 142 15.52 -42.97 10.17
C GLN C 142 14.06 -42.68 10.46
N ILE C 143 13.72 -41.42 10.76
CA ILE C 143 12.35 -40.99 10.96
C ILE C 143 12.09 -39.89 9.93
N ILE C 144 11.27 -40.20 8.93
CA ILE C 144 10.99 -39.29 7.83
C ILE C 144 9.49 -39.05 7.75
N SER C 145 9.09 -37.79 7.68
CA SER C 145 7.70 -37.45 7.46
C SER C 145 7.35 -37.60 5.99
N HIS C 146 6.14 -38.09 5.71
CA HIS C 146 5.70 -38.26 4.34
C HIS C 146 5.56 -36.90 3.66
N ASP C 147 6.03 -36.84 2.40
CA ASP C 147 6.00 -35.62 1.62
C ASP C 147 5.31 -35.90 0.29
N SER C 148 4.07 -35.44 0.15
CA SER C 148 3.31 -35.70 -1.06
C SER C 148 3.90 -35.00 -2.28
N GLU C 149 4.52 -33.84 -2.08
CA GLU C 149 5.04 -33.04 -3.18
C GLU C 149 6.51 -33.28 -3.47
N ASP C 150 7.14 -34.23 -2.79
CA ASP C 150 8.54 -34.58 -3.03
C ASP C 150 8.56 -35.54 -4.21
N GLN C 151 8.67 -34.98 -5.42
CA GLN C 151 8.51 -35.78 -6.63
C GLN C 151 9.63 -36.80 -6.83
N GLU C 152 10.80 -36.57 -6.25
CA GLU C 152 11.89 -37.54 -6.39
C GLU C 152 11.77 -38.71 -5.41
N HIS C 153 10.80 -38.66 -4.49
CA HIS C 153 10.54 -39.76 -3.57
C HIS C 153 9.10 -40.27 -3.68
N MET C 154 8.45 -40.03 -4.81
CA MET C 154 7.11 -40.51 -5.07
C MET C 154 7.11 -41.36 -6.33
N VAL C 155 6.37 -42.47 -6.29
CA VAL C 155 6.32 -43.44 -7.38
C VAL C 155 4.90 -43.48 -7.92
N ASP C 156 4.77 -43.31 -9.23
CA ASP C 156 3.49 -43.39 -9.92
C ASP C 156 3.20 -44.87 -10.21
N LEU C 157 2.33 -45.47 -9.41
CA LEU C 157 2.03 -46.89 -9.57
C LEU C 157 1.24 -47.15 -10.85
N GLY C 158 0.27 -46.30 -11.14
CA GLY C 158 -0.62 -46.53 -12.26
C GLY C 158 -2.08 -46.58 -11.84
N THR C 159 -2.97 -46.23 -12.76
CA THR C 159 -4.40 -46.16 -12.45
C THR C 159 -4.95 -47.55 -12.15
N THR C 160 -5.97 -47.58 -11.29
CA THR C 160 -6.69 -48.82 -11.00
C THR C 160 -7.73 -49.06 -12.10
N HIS C 161 -8.61 -50.04 -11.89
CA HIS C 161 -9.66 -50.32 -12.86
C HIS C 161 -10.87 -49.40 -12.73
N ARG C 162 -10.93 -48.58 -11.68
CA ARG C 162 -12.04 -47.67 -11.49
C ARG C 162 -11.74 -46.25 -11.98
N GLY C 163 -10.47 -45.92 -12.20
CA GLY C 163 -10.08 -44.59 -12.60
C GLY C 163 -9.34 -43.79 -11.56
N ASP C 164 -8.88 -44.43 -10.48
CA ASP C 164 -8.18 -43.73 -9.41
C ASP C 164 -6.68 -43.77 -9.66
N PRO C 165 -6.00 -42.63 -9.78
CA PRO C 165 -4.54 -42.65 -9.93
C PRO C 165 -3.87 -42.90 -8.58
N VAL C 166 -2.78 -43.67 -8.62
CA VAL C 166 -2.11 -44.14 -7.41
C VAL C 166 -0.68 -43.60 -7.41
N TYR C 167 -0.31 -42.93 -6.32
CA TYR C 167 1.05 -42.50 -6.09
C TYR C 167 1.46 -42.93 -4.68
N MET C 168 2.62 -43.57 -4.57
CA MET C 168 3.09 -44.12 -3.31
C MET C 168 4.39 -43.44 -2.90
N ASN C 169 4.65 -43.38 -1.59
CA ASN C 169 5.97 -43.01 -1.12
C ASN C 169 6.99 -44.03 -1.60
N LYS C 170 8.07 -43.52 -2.22
CA LYS C 170 9.08 -44.42 -2.78
C LYS C 170 9.74 -45.27 -1.71
N TYR C 171 9.87 -44.73 -0.49
CA TYR C 171 10.49 -45.48 0.60
C TYR C 171 9.71 -46.75 0.91
N VAL C 172 8.38 -46.64 0.95
CA VAL C 172 7.54 -47.82 1.17
C VAL C 172 7.63 -48.76 -0.03
N PHE C 173 7.71 -48.19 -1.24
CA PHE C 173 7.76 -49.02 -2.44
C PHE C 173 9.01 -49.90 -2.49
N GLU C 174 10.17 -49.33 -2.16
CA GLU C 174 11.43 -50.05 -2.30
C GLU C 174 11.75 -50.95 -1.11
N CYS C 175 10.93 -50.92 -0.06
CA CYS C 175 11.21 -51.73 1.11
C CYS C 175 10.87 -53.20 0.87
N ASP C 176 11.45 -54.06 1.71
CA ASP C 176 11.19 -55.50 1.65
C ASP C 176 10.14 -55.95 2.64
N ILE C 177 9.96 -55.22 3.74
CA ILE C 177 8.90 -55.52 4.70
C ILE C 177 8.15 -54.24 5.04
N PRO C 178 6.97 -54.03 4.47
CA PRO C 178 6.15 -52.89 4.88
C PRO C 178 5.23 -53.24 6.05
N ILE C 179 5.37 -52.49 7.15
CA ILE C 179 4.58 -52.70 8.35
C ILE C 179 3.77 -51.44 8.60
N LEU C 180 2.51 -51.60 8.98
CA LEU C 180 1.60 -50.50 9.23
C LEU C 180 1.19 -50.50 10.70
N ILE C 181 1.23 -49.33 11.33
CA ILE C 181 0.71 -49.14 12.68
C ILE C 181 -0.55 -48.30 12.57
N GLY C 182 -1.64 -48.75 13.18
CA GLY C 182 -2.92 -48.08 13.02
C GLY C 182 -3.82 -48.25 14.22
N HIS C 183 -4.67 -47.26 14.42
CA HIS C 183 -5.67 -47.28 15.48
C HIS C 183 -7.06 -47.34 14.86
N VAL C 184 -7.82 -48.38 15.20
CA VAL C 184 -9.15 -48.58 14.64
C VAL C 184 -10.11 -47.76 15.48
N GLN C 185 -10.37 -46.53 15.04
CA GLN C 185 -11.35 -45.65 15.65
C GLN C 185 -12.37 -45.24 14.61
N GLY C 186 -13.53 -44.81 15.10
CA GLY C 186 -14.62 -44.48 14.20
C GLY C 186 -14.41 -43.17 13.47
N ASN C 187 -15.22 -42.99 12.43
CA ASN C 187 -15.27 -41.78 11.64
C ASN C 187 -16.70 -41.26 11.60
N PRO C 188 -16.89 -39.95 11.41
CA PRO C 188 -18.26 -39.42 11.31
C PRO C 188 -19.08 -40.08 10.21
N TYR C 189 -18.43 -40.52 9.14
CA TYR C 189 -19.12 -41.11 7.99
C TYR C 189 -19.43 -42.59 8.18
N GLY C 190 -19.03 -43.19 9.30
CA GLY C 190 -19.30 -44.57 9.59
C GLY C 190 -18.12 -45.50 9.37
N GLY C 191 -17.08 -45.05 8.67
CA GLY C 191 -15.90 -45.85 8.45
C GLY C 191 -14.99 -45.90 9.67
N TYR C 192 -13.90 -46.64 9.53
CA TYR C 192 -12.91 -46.78 10.59
C TYR C 192 -11.53 -46.48 10.03
N SER C 193 -10.74 -45.76 10.81
CA SER C 193 -9.40 -45.33 10.37
C SER C 193 -8.34 -46.36 10.72
N GLY C 194 -8.56 -47.61 10.34
CA GLY C 194 -7.60 -48.66 10.60
C GLY C 194 -6.73 -48.95 9.39
N GLY C 195 -6.67 -50.22 8.99
CA GLY C 195 -5.91 -50.59 7.82
C GLY C 195 -6.58 -50.18 6.53
N TYR C 196 -5.80 -50.20 5.45
CA TYR C 196 -6.28 -50.04 4.08
C TYR C 196 -6.84 -48.65 3.84
N LYS C 197 -6.91 -47.84 4.89
CA LYS C 197 -7.25 -46.42 4.83
C LYS C 197 -6.12 -45.54 5.34
N HIS C 198 -5.40 -46.02 6.36
CA HIS C 198 -4.18 -45.36 6.79
C HIS C 198 -3.15 -45.33 5.67
N SER C 199 -2.99 -46.47 4.98
CA SER C 199 -2.04 -46.53 3.87
C SER C 199 -2.56 -45.77 2.66
N ALA C 200 -3.87 -45.83 2.39
CA ALA C 200 -4.41 -45.19 1.20
C ALA C 200 -4.42 -43.67 1.33
N THR C 201 -4.46 -43.16 2.55
CA THR C 201 -4.55 -41.72 2.78
C THR C 201 -3.24 -41.09 3.24
N GLY C 202 -2.35 -41.86 3.87
CA GLY C 202 -1.16 -41.28 4.46
C GLY C 202 0.07 -41.24 3.58
N ILE C 203 0.17 -42.16 2.62
CA ILE C 203 1.35 -42.21 1.75
C ILE C 203 0.93 -41.93 0.31
N THR C 204 -0.12 -41.14 0.14
CA THR C 204 -0.62 -40.77 -1.17
C THR C 204 -0.67 -39.25 -1.28
N ASN C 205 -0.53 -38.76 -2.50
CA ASN C 205 -0.61 -37.32 -2.75
C ASN C 205 -2.08 -36.90 -2.81
N TRP C 206 -2.33 -35.64 -3.16
CA TRP C 206 -3.71 -35.14 -3.17
C TRP C 206 -4.51 -35.67 -4.34
N LYS C 207 -3.86 -36.05 -5.45
CA LYS C 207 -4.60 -36.58 -6.59
C LYS C 207 -5.25 -37.92 -6.26
N CYS C 208 -4.58 -38.74 -5.46
CA CYS C 208 -5.16 -40.02 -5.05
C CYS C 208 -6.21 -39.86 -3.97
N ILE C 209 -6.37 -38.66 -3.41
CA ILE C 209 -7.36 -38.41 -2.37
C ILE C 209 -8.52 -37.65 -3.00
N ALA C 210 -8.23 -36.88 -4.05
CA ALA C 210 -9.25 -36.11 -4.74
C ALA C 210 -10.31 -36.98 -5.40
N SER C 211 -9.98 -38.23 -5.70
CA SER C 211 -10.92 -39.13 -6.36
C SER C 211 -12.08 -39.50 -5.43
N ARG C 233 -15.43 -46.31 1.22
CA ARG C 233 -14.71 -47.41 1.86
C ARG C 233 -14.11 -48.35 0.83
N ASN C 234 -14.79 -48.48 -0.31
CA ASN C 234 -14.30 -49.34 -1.38
C ASN C 234 -13.11 -48.72 -2.11
N LYS C 235 -13.07 -47.40 -2.21
CA LYS C 235 -11.95 -46.73 -2.88
C LYS C 235 -10.64 -46.99 -2.15
N PHE C 236 -10.64 -46.89 -0.82
CA PHE C 236 -9.42 -47.11 -0.05
C PHE C 236 -8.93 -48.55 -0.21
N ASP C 237 -9.85 -49.52 -0.13
CA ASP C 237 -9.47 -50.91 -0.31
C ASP C 237 -8.91 -51.16 -1.69
N GLU C 238 -9.55 -50.58 -2.72
CA GLU C 238 -9.07 -50.76 -4.09
C GLU C 238 -7.65 -50.20 -4.25
N ILE C 239 -7.42 -48.98 -3.77
CA ILE C 239 -6.11 -48.36 -3.90
C ILE C 239 -5.06 -49.16 -3.15
N SER C 240 -5.37 -49.60 -1.93
CA SER C 240 -4.38 -50.30 -1.13
C SER C 240 -4.08 -51.69 -1.68
N MET C 241 -5.10 -52.37 -2.22
CA MET C 241 -4.84 -53.67 -2.86
C MET C 241 -4.05 -53.51 -4.15
N HIS C 242 -4.28 -52.41 -4.88
CA HIS C 242 -3.41 -52.12 -6.02
C HIS C 242 -1.98 -51.88 -5.58
N MET C 243 -1.80 -51.18 -4.45
CA MET C 243 -0.47 -51.00 -3.88
C MET C 243 0.18 -52.34 -3.56
N GLU C 244 -0.58 -53.24 -2.94
CA GLU C 244 -0.05 -54.55 -2.57
C GLU C 244 0.32 -55.36 -3.80
N GLU C 245 -0.52 -55.32 -4.84
CA GLU C 245 -0.21 -56.08 -6.05
C GLU C 245 0.99 -55.49 -6.80
N LYS C 246 1.18 -54.17 -6.72
CA LYS C 246 2.34 -53.56 -7.36
C LYS C 246 3.61 -53.88 -6.59
N MET C 247 3.58 -53.79 -5.26
CA MET C 247 4.77 -54.08 -4.47
C MET C 247 5.10 -55.56 -4.47
N GLY C 248 4.08 -56.42 -4.55
CA GLY C 248 4.28 -57.86 -4.57
C GLY C 248 4.13 -58.53 -3.22
N HIS C 249 4.16 -57.77 -2.13
CA HIS C 249 3.96 -58.30 -0.80
C HIS C 249 2.97 -57.44 -0.04
N PRO C 250 2.03 -58.05 0.69
CA PRO C 250 1.02 -57.27 1.39
C PRO C 250 1.59 -56.55 2.61
N PHE C 251 0.90 -55.48 3.00
CA PHE C 251 1.25 -54.78 4.23
C PHE C 251 1.01 -55.67 5.43
N PHE C 252 1.90 -55.58 6.41
CA PHE C 252 1.71 -56.26 7.70
C PHE C 252 1.11 -55.24 8.66
N CYS C 253 -0.20 -55.34 8.89
CA CYS C 253 -0.90 -54.38 9.73
C CYS C 253 -0.87 -54.83 11.18
N CYS C 254 -0.72 -53.87 12.08
CA CYS C 254 -0.83 -54.10 13.53
C CYS C 254 -1.76 -53.02 14.07
N ASP C 255 -3.06 -53.28 14.01
CA ASP C 255 -4.06 -52.28 14.37
C ASP C 255 -4.62 -52.56 15.76
N ALA C 256 -4.78 -51.51 16.54
CA ALA C 256 -5.29 -51.60 17.90
C ALA C 256 -6.62 -50.88 18.00
N VAL C 257 -7.60 -51.51 18.64
CA VAL C 257 -8.91 -50.91 18.84
C VAL C 257 -8.87 -50.10 20.13
N LEU C 258 -9.01 -48.78 20.02
CA LEU C 258 -8.89 -47.89 21.15
C LEU C 258 -10.27 -47.54 21.71
N ASP C 259 -10.26 -46.80 22.81
CA ASP C 259 -11.47 -46.32 23.46
C ASP C 259 -11.41 -44.81 23.63
N THR C 260 -12.32 -44.24 24.44
CA THR C 260 -12.39 -42.78 24.55
C THR C 260 -11.09 -42.19 25.06
N GLN C 261 -10.45 -42.84 26.02
CA GLN C 261 -9.16 -42.40 26.54
C GLN C 261 -7.99 -42.98 25.76
N SER C 262 -8.22 -43.41 24.53
CA SER C 262 -7.18 -43.93 23.64
C SER C 262 -6.41 -45.10 24.29
N ARG C 263 -7.14 -45.98 24.96
CA ARG C 263 -6.57 -47.17 25.57
C ARG C 263 -6.97 -48.39 24.76
N GLN C 264 -6.03 -49.32 24.63
CA GLN C 264 -6.23 -50.48 23.76
C GLN C 264 -7.30 -51.41 24.32
N ILE C 265 -8.11 -51.96 23.43
CA ILE C 265 -9.10 -52.98 23.77
C ILE C 265 -8.70 -54.34 23.18
N ALA C 266 -8.30 -54.36 21.92
CA ALA C 266 -7.82 -55.56 21.27
C ALA C 266 -6.75 -55.17 20.25
N ILE C 267 -5.88 -56.12 19.94
CA ILE C 267 -4.79 -55.91 18.98
C ILE C 267 -4.89 -56.99 17.92
N TYR C 268 -5.06 -56.57 16.66
CA TYR C 268 -5.15 -57.49 15.54
C TYR C 268 -4.03 -57.21 14.57
N SER C 269 -3.28 -58.25 14.21
CA SER C 269 -2.12 -58.10 13.34
C SER C 269 -2.17 -59.17 12.25
N GLY C 270 -1.67 -58.79 11.08
CA GLY C 270 -1.53 -59.70 9.97
C GLY C 270 -1.92 -59.02 8.68
N TYR C 271 -2.58 -59.80 7.81
CA TYR C 271 -3.10 -59.28 6.56
C TYR C 271 -4.25 -58.30 6.83
N ALA C 272 -4.21 -57.14 6.16
CA ALA C 272 -5.20 -56.11 6.42
C ALA C 272 -6.60 -56.55 5.98
N LYS C 273 -6.72 -57.09 4.76
CA LYS C 273 -8.04 -57.37 4.19
C LYS C 273 -8.81 -58.37 5.02
N GLU C 274 -8.17 -59.46 5.44
CA GLU C 274 -8.85 -60.48 6.22
C GLU C 274 -8.99 -60.10 7.69
N MET C 275 -8.39 -58.99 8.11
CA MET C 275 -8.47 -58.54 9.50
C MET C 275 -9.45 -57.39 9.70
N MET C 276 -9.79 -56.66 8.64
CA MET C 276 -10.80 -55.59 8.78
C MET C 276 -12.10 -56.05 9.45
N PRO C 277 -12.77 -57.12 9.01
CA PRO C 277 -14.03 -57.48 9.69
C PRO C 277 -13.84 -57.82 11.16
N ILE C 278 -12.75 -58.49 11.51
CA ILE C 278 -12.53 -58.88 12.91
C ILE C 278 -12.37 -57.66 13.79
N SER C 279 -11.60 -56.68 13.34
CA SER C 279 -11.44 -55.44 14.11
C SER C 279 -12.73 -54.62 14.13
N TRP C 280 -13.49 -54.65 13.03
CA TRP C 280 -14.73 -53.88 12.97
C TRP C 280 -15.78 -54.46 13.92
N LYS C 281 -15.80 -55.78 14.11
CA LYS C 281 -16.75 -56.38 15.02
C LYS C 281 -16.61 -55.83 16.43
N LEU C 282 -15.38 -55.54 16.86
CA LEU C 282 -15.15 -54.99 18.19
C LEU C 282 -15.14 -53.47 18.21
N ALA C 283 -14.87 -52.82 17.07
CA ALA C 283 -14.95 -51.37 17.01
C ALA C 283 -16.40 -50.87 16.96
N ASP C 284 -17.32 -51.68 16.44
CA ASP C 284 -18.72 -51.29 16.41
C ASP C 284 -19.30 -51.19 17.82
N LYS C 285 -18.90 -52.11 18.70
CA LYS C 285 -19.41 -52.09 20.07
CA LYS C 285 -19.40 -52.09 20.08
C LYS C 285 -19.01 -50.80 20.80
N ARG C 286 -17.87 -50.22 20.43
CA ARG C 286 -17.42 -48.97 21.04
C ARG C 286 -17.99 -47.74 20.34
N THR C 287 -18.03 -47.75 19.01
CA THR C 287 -18.39 -46.55 18.26
C THR C 287 -19.88 -46.25 18.36
N TYR C 288 -20.73 -47.28 18.45
CA TYR C 288 -22.17 -47.11 18.41
C TYR C 288 -22.74 -47.36 19.80
N VAL C 289 -23.15 -46.29 20.47
CA VAL C 289 -23.70 -46.34 21.82
C VAL C 289 -25.21 -46.25 21.74
N HIS C 290 -25.91 -47.17 22.39
CA HIS C 290 -27.37 -47.22 22.38
C HIS C 290 -27.88 -46.59 23.67
N TRP C 291 -27.95 -45.25 23.66
CA TRP C 291 -28.48 -44.48 24.79
C TRP C 291 -29.42 -43.42 24.23
N ALA C 292 -30.72 -43.69 24.26
CA ALA C 292 -31.73 -42.74 23.83
C ALA C 292 -33.10 -43.26 24.20
N GLU C 293 -33.98 -42.33 24.62
CA GLU C 293 -35.38 -42.65 24.83
C GLU C 293 -36.33 -41.59 24.29
N LYS C 294 -35.81 -40.45 23.84
CA LYS C 294 -36.62 -39.39 23.25
C LYS C 294 -35.84 -38.74 22.13
N LYS C 295 -36.57 -38.18 21.16
CA LYS C 295 -35.95 -37.49 20.03
C LYS C 295 -35.63 -36.06 20.48
N TYR C 296 -34.35 -35.81 20.76
CA TYR C 296 -33.94 -34.49 21.23
C TYR C 296 -34.06 -33.46 20.12
N ASP C 297 -34.34 -32.22 20.50
CA ASP C 297 -34.52 -31.12 19.57
C ASP C 297 -33.36 -30.16 19.52
N VAL C 298 -32.74 -29.86 20.67
CA VAL C 298 -31.64 -28.91 20.75
C VAL C 298 -30.40 -29.64 21.26
N LEU C 299 -29.29 -29.47 20.56
CA LEU C 299 -28.01 -30.06 20.94
C LEU C 299 -27.08 -28.93 21.37
N VAL C 300 -26.60 -29.00 22.60
CA VAL C 300 -25.79 -27.94 23.21
C VAL C 300 -24.43 -28.51 23.56
N PHE C 301 -23.38 -27.85 23.09
CA PHE C 301 -22.01 -28.24 23.39
C PHE C 301 -21.11 -27.03 23.24
N GLY C 302 -19.82 -27.23 23.48
CA GLY C 302 -18.85 -26.16 23.34
C GLY C 302 -17.65 -26.62 22.53
N MET C 303 -16.97 -25.64 21.94
CA MET C 303 -15.85 -25.91 21.04
C MET C 303 -14.56 -25.35 21.61
N PRO C 304 -13.65 -26.18 22.12
CA PRO C 304 -12.35 -25.67 22.57
C PRO C 304 -11.49 -25.24 21.39
N GLN C 305 -10.48 -24.43 21.71
CA GLN C 305 -9.58 -23.92 20.67
C GLN C 305 -8.73 -25.03 20.07
N LYS C 306 -8.23 -25.94 20.90
CA LYS C 306 -7.31 -26.98 20.48
C LYS C 306 -8.00 -28.34 20.58
N PHE C 307 -8.41 -28.88 19.44
CA PHE C 307 -8.96 -30.23 19.37
C PHE C 307 -8.83 -30.73 17.94
N HIS C 308 -8.81 -32.05 17.80
CA HIS C 308 -8.72 -32.73 16.50
C HIS C 308 -7.47 -32.25 15.78
N TYR C 309 -7.57 -31.46 14.72
CA TYR C 309 -6.40 -31.15 13.90
C TYR C 309 -5.37 -30.33 14.66
N GLY C 310 -5.81 -29.50 15.60
CA GLY C 310 -4.88 -28.79 16.45
C GLY C 310 -5.40 -27.43 16.85
N ASP C 311 -4.48 -26.62 17.37
CA ASP C 311 -4.80 -25.28 17.82
C ASP C 311 -5.35 -24.43 16.68
N GLY C 312 -6.46 -23.73 16.96
CA GLY C 312 -7.10 -22.90 15.98
C GLY C 312 -8.31 -23.51 15.30
N MET C 313 -8.64 -24.77 15.62
CA MET C 313 -9.82 -25.39 15.02
C MET C 313 -11.11 -24.84 15.61
N GLY C 314 -11.09 -24.40 16.86
CA GLY C 314 -12.26 -23.80 17.47
C GLY C 314 -12.49 -22.35 17.13
N THR C 315 -11.58 -21.73 16.40
CA THR C 315 -11.72 -20.35 15.98
C THR C 315 -11.71 -20.15 14.47
N ASN C 316 -11.10 -21.06 13.72
CA ASN C 316 -11.09 -20.94 12.27
C ASN C 316 -12.48 -21.28 11.72
N PRO C 317 -13.13 -20.37 10.98
CA PRO C 317 -14.52 -20.63 10.57
C PRO C 317 -14.71 -21.90 9.77
N ILE C 318 -13.78 -22.22 8.86
CA ILE C 318 -13.93 -23.41 8.04
C ILE C 318 -13.76 -24.67 8.88
N MET C 319 -12.78 -24.66 9.79
CA MET C 319 -12.61 -25.80 10.68
C MET C 319 -13.76 -25.91 11.68
N MET C 320 -14.32 -24.76 12.10
CA MET C 320 -15.53 -24.80 12.92
C MET C 320 -16.68 -25.45 12.17
N MET C 321 -16.84 -25.13 10.89
CA MET C 321 -17.87 -25.76 10.08
C MET C 321 -17.62 -27.25 9.93
N GLN C 322 -16.36 -27.64 9.77
CA GLN C 322 -16.03 -29.06 9.68
C GLN C 322 -16.41 -29.79 10.97
N ALA C 323 -16.08 -29.21 12.12
CA ALA C 323 -16.41 -29.83 13.40
C ALA C 323 -17.93 -29.92 13.59
N LEU C 324 -18.65 -28.85 13.22
CA LEU C 324 -20.10 -28.87 13.34
C LEU C 324 -20.72 -29.92 12.42
N SER C 325 -20.19 -30.07 11.21
CA SER C 325 -20.67 -31.10 10.30
C SER C 325 -20.43 -32.49 10.87
N ALA C 326 -19.25 -32.70 11.47
CA ALA C 326 -18.98 -33.99 12.12
C ALA C 326 -19.97 -34.25 13.26
N GLN C 327 -20.24 -33.23 14.07
CA GLN C 327 -21.20 -33.39 15.17
C GLN C 327 -22.60 -33.70 14.64
N VAL C 328 -22.98 -33.06 13.52
CA VAL C 328 -24.26 -33.36 12.90
C VAL C 328 -24.31 -34.80 12.43
N LEU C 329 -23.23 -35.27 11.80
CA LEU C 329 -23.18 -36.64 11.31
C LEU C 329 -23.23 -37.65 12.44
N ARG C 330 -22.65 -37.32 13.60
CA ARG C 330 -22.60 -38.30 14.68
C ARG C 330 -23.96 -38.48 15.36
N PHE C 331 -24.68 -37.39 15.59
CA PHE C 331 -25.90 -37.42 16.40
C PHE C 331 -27.18 -37.30 15.58
N LYS C 332 -27.10 -37.52 14.26
CA LYS C 332 -28.27 -37.35 13.41
C LYS C 332 -29.34 -38.42 13.65
N ARG C 333 -28.97 -39.57 14.22
CA ARG C 333 -29.93 -40.64 14.47
C ARG C 333 -30.60 -40.54 15.83
N VAL C 334 -30.16 -39.62 16.69
CA VAL C 334 -30.80 -39.40 17.98
C VAL C 334 -31.61 -38.12 18.02
N MET C 335 -31.50 -37.28 17.00
CA MET C 335 -32.08 -35.94 17.00
C MET C 335 -33.19 -35.85 15.97
N SER C 336 -34.35 -35.37 16.40
CA SER C 336 -35.48 -35.21 15.50
C SER C 336 -35.20 -34.10 14.48
N ASP C 337 -36.11 -33.97 13.52
CA ASP C 337 -35.95 -32.97 12.47
C ASP C 337 -36.06 -31.57 13.05
N ASN C 338 -35.94 -30.57 12.18
CA ASN C 338 -35.81 -29.15 12.55
C ASN C 338 -34.88 -28.98 13.75
N CYS C 339 -33.70 -29.56 13.62
CA CYS C 339 -32.69 -29.56 14.68
C CYS C 339 -32.19 -28.14 14.95
N VAL C 340 -31.77 -27.93 16.20
CA VAL C 340 -31.11 -26.69 16.59
C VAL C 340 -29.81 -27.06 17.32
N ILE C 341 -28.71 -26.46 16.89
CA ILE C 341 -27.40 -26.70 17.48
C ILE C 341 -26.87 -25.39 18.04
N ILE C 342 -26.51 -25.41 19.32
CA ILE C 342 -25.95 -24.24 20.00
C ILE C 342 -24.54 -24.60 20.44
N CYS C 343 -23.55 -23.92 19.87
CA CYS C 343 -22.15 -24.18 20.16
C CYS C 343 -21.48 -22.91 20.66
N ALA C 344 -20.65 -23.05 21.70
CA ALA C 344 -19.92 -21.95 22.29
C ALA C 344 -18.49 -21.96 21.75
N SER C 345 -18.07 -20.84 21.18
CA SER C 345 -16.71 -20.75 20.64
C SER C 345 -16.32 -19.28 20.58
N THR C 346 -15.02 -19.05 20.49
CA THR C 346 -14.46 -17.71 20.33
C THR C 346 -14.03 -17.55 18.87
N CYS C 347 -14.97 -17.12 18.03
CA CYS C 347 -14.70 -16.90 16.61
C CYS C 347 -14.00 -15.55 16.43
N ASN C 348 -12.81 -15.43 17.03
CA ASN C 348 -12.04 -14.21 17.00
C ASN C 348 -11.29 -14.00 15.69
N GLY C 349 -11.55 -14.81 14.67
CA GLY C 349 -10.83 -14.70 13.43
C GLY C 349 -9.41 -15.19 13.47
N TYR C 350 -9.07 -16.05 14.44
CA TYR C 350 -7.72 -16.60 14.56
C TYR C 350 -7.62 -17.80 13.64
N PHE C 351 -7.28 -17.54 12.37
CA PHE C 351 -7.15 -18.60 11.38
C PHE C 351 -5.93 -19.48 11.62
N HIS C 352 -4.99 -19.04 12.45
CA HIS C 352 -3.71 -19.72 12.63
C HIS C 352 -3.00 -19.89 11.29
N ASP C 353 -2.71 -18.75 10.66
CA ASP C 353 -2.20 -18.75 9.29
C ASP C 353 -0.84 -19.41 9.17
N GLU C 354 -0.15 -19.65 10.29
CA GLU C 354 1.09 -20.40 10.23
C GLU C 354 0.84 -21.89 10.02
N ARG C 355 -0.38 -22.36 10.26
CA ARG C 355 -0.77 -23.74 10.03
C ARG C 355 -1.76 -23.92 8.89
N TRP C 356 -2.59 -22.91 8.64
CA TRP C 356 -3.54 -22.92 7.52
C TRP C 356 -3.36 -21.63 6.73
N PRO C 357 -2.26 -21.51 5.98
CA PRO C 357 -2.03 -20.28 5.22
C PRO C 357 -3.02 -20.07 4.07
N TYR C 358 -3.73 -21.12 3.65
CA TYR C 358 -4.64 -21.03 2.52
C TYR C 358 -6.08 -20.73 2.92
N LEU C 359 -6.38 -20.73 4.22
CA LEU C 359 -7.77 -20.60 4.65
C LEU C 359 -8.28 -19.16 4.64
N ARG C 360 -7.39 -18.17 4.78
CA ARG C 360 -7.83 -16.79 4.64
C ARG C 360 -8.23 -16.49 3.19
N GLU C 361 -7.42 -16.93 2.24
CA GLU C 361 -7.79 -16.76 0.84
C GLU C 361 -9.03 -17.58 0.49
N LEU C 362 -9.16 -18.76 1.09
CA LEU C 362 -10.37 -19.57 0.87
C LEU C 362 -11.60 -18.86 1.38
N TYR C 363 -11.52 -18.26 2.58
CA TYR C 363 -12.65 -17.50 3.11
C TYR C 363 -12.97 -16.29 2.23
N ASP C 364 -11.94 -15.58 1.76
CA ASP C 364 -12.17 -14.44 0.89
C ASP C 364 -12.84 -14.85 -0.42
N LEU C 365 -12.42 -15.97 -0.99
CA LEU C 365 -13.05 -16.47 -2.21
C LEU C 365 -14.48 -16.92 -1.93
N PHE C 366 -14.75 -17.46 -0.75
CA PHE C 366 -16.11 -17.82 -0.39
C PHE C 366 -17.01 -16.59 -0.31
N GLN C 367 -16.49 -15.52 0.28
CA GLN C 367 -17.30 -14.30 0.44
C GLN C 367 -17.42 -13.52 -0.86
N HIS C 368 -16.33 -13.37 -1.61
CA HIS C 368 -16.24 -12.41 -2.71
C HIS C 368 -16.46 -13.07 -4.07
N ASP C 369 -17.30 -14.09 -4.15
CA ASP C 369 -17.61 -14.74 -5.41
C ASP C 369 -19.08 -15.13 -5.41
N HIS C 370 -19.49 -15.94 -6.40
CA HIS C 370 -20.87 -16.35 -6.56
C HIS C 370 -21.22 -17.59 -5.74
N MET C 371 -20.44 -17.89 -4.70
CA MET C 371 -20.65 -19.08 -3.90
C MET C 371 -21.80 -18.86 -2.93
N ASN C 372 -22.94 -19.51 -3.19
CA ASN C 372 -24.06 -19.47 -2.26
C ASN C 372 -23.84 -20.40 -1.07
N THR C 373 -23.17 -21.52 -1.29
CA THR C 373 -22.94 -22.52 -0.25
C THR C 373 -21.50 -23.02 -0.33
N LEU C 374 -21.08 -23.72 0.73
CA LEU C 374 -19.74 -24.27 0.76
C LEU C 374 -19.45 -25.29 -0.33
N PRO C 375 -20.33 -26.25 -0.65
CA PRO C 375 -20.01 -27.20 -1.73
C PRO C 375 -19.79 -26.56 -3.08
N ASP C 376 -20.11 -25.27 -3.24
CA ASP C 376 -19.86 -24.58 -4.50
C ASP C 376 -18.37 -24.26 -4.70
N MET C 377 -17.55 -24.45 -3.68
CA MET C 377 -16.14 -24.06 -3.75
C MET C 377 -15.23 -25.17 -4.26
N ASN C 378 -15.72 -26.41 -4.35
CA ASN C 378 -14.89 -27.55 -4.72
C ASN C 378 -14.26 -27.38 -6.10
N ARG C 379 -14.86 -26.58 -6.99
CA ARG C 379 -14.27 -26.36 -8.30
C ARG C 379 -12.94 -25.64 -8.23
N LEU C 380 -12.60 -25.03 -7.10
CA LEU C 380 -11.30 -24.39 -6.92
C LEU C 380 -10.31 -25.29 -6.20
N GLY C 381 -10.69 -26.52 -5.87
CA GLY C 381 -9.79 -27.39 -5.12
C GLY C 381 -8.49 -27.65 -5.84
N GLU C 382 -8.57 -28.04 -7.12
CA GLU C 382 -7.36 -28.24 -7.91
C GLU C 382 -6.61 -26.93 -8.12
N TYR C 383 -7.31 -25.80 -7.97
CA TYR C 383 -6.63 -24.51 -8.02
C TYR C 383 -5.76 -24.30 -6.80
N PHE C 384 -6.17 -24.82 -5.64
CA PHE C 384 -5.42 -24.59 -4.42
C PHE C 384 -4.32 -25.62 -4.23
N ALA C 385 -4.59 -26.88 -4.58
CA ALA C 385 -3.61 -27.94 -4.38
C ALA C 385 -2.36 -27.74 -5.24
N THR C 386 -2.43 -26.93 -6.29
CA THR C 386 -1.31 -26.71 -7.19
C THR C 386 -0.60 -25.38 -6.92
N ASN C 387 -1.01 -24.65 -5.89
CA ASN C 387 -0.35 -23.39 -5.56
C ASN C 387 1.08 -23.64 -5.11
N GLU C 388 2.01 -22.87 -5.66
CA GLU C 388 3.43 -23.11 -5.37
C GLU C 388 3.81 -22.65 -3.97
N GLU C 389 3.29 -21.50 -3.54
CA GLU C 389 3.67 -20.98 -2.23
C GLU C 389 3.08 -21.82 -1.10
N TYR C 390 1.82 -22.22 -1.23
CA TYR C 390 1.21 -23.08 -0.22
C TYR C 390 1.86 -24.45 -0.18
N ILE C 391 2.27 -24.97 -1.35
CA ILE C 391 2.99 -26.24 -1.38
C ILE C 391 4.35 -26.10 -0.71
N ARG C 392 5.05 -24.98 -0.94
CA ARG C 392 6.32 -24.75 -0.26
C ARG C 392 6.14 -24.68 1.24
N LYS C 393 5.09 -24.00 1.70
CA LYS C 393 4.83 -23.93 3.14
C LYS C 393 4.44 -25.29 3.71
N TYR C 394 3.74 -26.12 2.93
CA TYR C 394 3.44 -27.47 3.38
C TYR C 394 4.71 -28.30 3.52
N ARG C 395 5.62 -28.18 2.55
CA ARG C 395 6.81 -29.02 2.55
C ARG C 395 7.80 -28.59 3.63
N TYR C 396 8.04 -27.29 3.78
CA TYR C 396 9.17 -26.80 4.55
C TYR C 396 8.80 -26.10 5.85
N THR C 397 7.53 -25.74 6.05
CA THR C 397 7.12 -24.93 7.18
C THR C 397 6.26 -25.71 8.17
N ASN C 398 5.85 -26.94 7.82
CA ASN C 398 4.97 -27.76 8.64
C ASN C 398 3.58 -27.13 8.75
N ALA C 399 2.97 -26.91 7.59
CA ALA C 399 1.61 -26.44 7.48
C ALA C 399 0.77 -27.50 6.76
N PHE C 400 -0.54 -27.28 6.74
CA PHE C 400 -1.44 -28.20 6.08
C PHE C 400 -1.31 -28.08 4.56
N HIS C 401 -1.51 -29.20 3.88
CA HIS C 401 -1.55 -29.19 2.43
C HIS C 401 -2.76 -28.39 1.96
N PRO C 402 -2.63 -27.59 0.90
CA PRO C 402 -3.74 -26.72 0.48
C PRO C 402 -4.99 -27.47 0.10
N PHE C 403 -4.90 -28.76 -0.24
CA PHE C 403 -6.06 -29.55 -0.62
C PHE C 403 -6.77 -30.16 0.58
N HIS C 404 -6.28 -29.92 1.79
CA HIS C 404 -6.92 -30.48 2.98
C HIS C 404 -8.30 -29.86 3.23
N GLY C 405 -8.47 -28.58 2.89
CA GLY C 405 -9.75 -27.93 3.09
C GLY C 405 -10.83 -28.37 2.12
N PHE C 406 -10.48 -29.12 1.07
CA PHE C 406 -11.44 -29.59 0.09
C PHE C 406 -11.67 -31.09 0.17
N SER C 407 -11.15 -31.75 1.21
CA SER C 407 -11.30 -33.19 1.36
C SER C 407 -12.71 -33.53 1.87
N GLY C 412 -19.13 -30.40 5.26
CA GLY C 412 -19.33 -28.96 5.37
C GLY C 412 -20.74 -28.53 5.03
N HIS C 413 -21.42 -29.35 4.22
CA HIS C 413 -22.78 -29.04 3.80
C HIS C 413 -23.84 -29.75 4.62
N ILE C 414 -23.46 -30.81 5.35
CA ILE C 414 -24.45 -31.56 6.14
C ILE C 414 -25.04 -30.68 7.23
N ALA C 415 -24.21 -29.85 7.86
CA ALA C 415 -24.69 -28.99 8.94
C ALA C 415 -25.72 -27.99 8.42
N GLU C 416 -25.45 -27.37 7.27
CA GLU C 416 -26.38 -26.39 6.72
C GLU C 416 -27.58 -27.04 6.05
N MET C 417 -27.52 -28.33 5.73
CA MET C 417 -28.67 -29.00 5.15
C MET C 417 -29.61 -29.59 6.19
N ASN C 418 -29.08 -30.05 7.34
CA ASN C 418 -29.90 -30.75 8.31
C ASN C 418 -30.51 -29.81 9.35
N THR C 419 -29.67 -29.07 10.06
CA THR C 419 -30.14 -28.22 11.14
C THR C 419 -30.89 -27.01 10.60
N SER C 420 -32.01 -26.67 11.26
CA SER C 420 -32.75 -25.47 10.88
C SER C 420 -32.06 -24.21 11.37
N ALA C 421 -31.20 -24.32 12.37
CA ALA C 421 -30.46 -23.17 12.89
C ALA C 421 -29.25 -23.66 13.68
N ILE C 422 -28.11 -23.01 13.46
CA ILE C 422 -26.89 -23.27 14.21
C ILE C 422 -26.46 -21.97 14.87
N TYR C 423 -26.29 -22.01 16.19
CA TYR C 423 -25.95 -20.84 16.98
C TYR C 423 -24.50 -20.91 17.44
N ILE C 424 -23.76 -19.85 17.23
CA ILE C 424 -22.42 -19.69 17.77
C ILE C 424 -22.51 -18.68 18.90
N VAL C 425 -22.20 -19.13 20.12
CA VAL C 425 -22.43 -18.35 21.32
C VAL C 425 -21.12 -17.77 21.81
N GLY C 426 -21.12 -16.47 22.10
CA GLY C 426 -19.96 -15.80 22.65
C GLY C 426 -18.78 -15.70 21.72
N ALA C 427 -19.02 -15.40 20.45
CA ALA C 427 -17.94 -15.21 19.50
C ALA C 427 -17.31 -13.84 19.69
N GLU C 428 -15.99 -13.78 19.61
CA GLU C 428 -15.29 -12.50 19.76
C GLU C 428 -15.45 -11.64 18.52
N GLU C 429 -15.45 -12.26 17.35
CA GLU C 429 -15.69 -11.57 16.08
C GLU C 429 -16.78 -12.33 15.34
N PRO C 430 -18.05 -12.08 15.68
CA PRO C 430 -19.15 -12.86 15.09
C PRO C 430 -19.31 -12.68 13.60
N GLY C 431 -18.57 -11.77 12.96
CA GLY C 431 -18.67 -11.62 11.53
C GLY C 431 -18.27 -12.88 10.77
N TYR C 432 -17.28 -13.60 11.29
CA TYR C 432 -16.83 -14.82 10.64
C TYR C 432 -17.85 -15.95 10.79
N ALA C 433 -18.50 -16.02 11.95
CA ALA C 433 -19.53 -17.04 12.15
C ALA C 433 -20.78 -16.71 11.35
N ARG C 434 -21.09 -15.43 11.16
CA ARG C 434 -22.23 -15.07 10.33
C ARG C 434 -21.92 -15.24 8.85
N GLY C 435 -20.66 -15.07 8.45
CA GLY C 435 -20.31 -15.20 7.05
C GLY C 435 -20.37 -16.62 6.53
N MET C 436 -20.33 -17.61 7.42
CA MET C 436 -20.44 -19.01 7.04
C MET C 436 -21.87 -19.53 7.13
N GLY C 437 -22.82 -18.69 7.53
CA GLY C 437 -24.21 -19.09 7.64
C GLY C 437 -24.68 -19.47 9.03
N LEU C 438 -23.88 -19.23 10.06
CA LEU C 438 -24.23 -19.58 11.43
C LEU C 438 -24.72 -18.33 12.16
N LYS C 439 -25.80 -18.50 12.92
CA LYS C 439 -26.31 -17.40 13.74
C LYS C 439 -25.37 -17.13 14.91
N THR C 440 -25.42 -15.90 15.41
CA THR C 440 -24.54 -15.47 16.47
C THR C 440 -25.33 -14.80 17.59
N ARG C 441 -25.00 -15.17 18.83
CA ARG C 441 -25.60 -14.57 20.01
C ARG C 441 -24.51 -14.37 21.05
N ALA C 442 -24.88 -13.77 22.18
CA ALA C 442 -23.90 -13.41 23.20
C ALA C 442 -23.83 -14.41 24.35
N THR C 443 -24.93 -15.07 24.69
CA THR C 443 -24.95 -15.99 25.81
C THR C 443 -25.77 -17.22 25.44
N PHE C 444 -25.58 -18.29 26.22
CA PHE C 444 -26.34 -19.52 26.00
C PHE C 444 -27.83 -19.30 26.21
N GLU C 445 -28.19 -18.56 27.27
CA GLU C 445 -29.61 -18.34 27.58
C GLU C 445 -30.31 -17.56 26.47
N GLU C 446 -29.65 -16.53 25.94
CA GLU C 446 -30.25 -15.73 24.87
C GLU C 446 -30.50 -16.57 23.63
N ALA C 447 -29.51 -17.37 23.23
CA ALA C 447 -29.66 -18.22 22.05
C ALA C 447 -30.73 -19.27 22.26
N LEU C 448 -30.78 -19.87 23.46
CA LEU C 448 -31.81 -20.86 23.74
C LEU C 448 -33.20 -20.24 23.71
N GLU C 449 -33.34 -19.02 24.26
CA GLU C 449 -34.63 -18.34 24.22
C GLU C 449 -35.04 -18.05 22.79
N ASP C 450 -34.10 -17.60 21.95
CA ASP C 450 -34.41 -17.34 20.55
C ASP C 450 -34.86 -18.61 19.84
N ALA C 451 -34.13 -19.72 20.07
CA ALA C 451 -34.49 -20.98 19.44
C ALA C 451 -35.85 -21.47 19.89
N LYS C 452 -36.15 -21.32 21.18
CA LYS C 452 -37.48 -21.65 21.69
C LYS C 452 -38.55 -20.77 21.05
N LYS C 453 -38.22 -19.50 20.80
CA LYS C 453 -39.15 -18.59 20.16
C LYS C 453 -39.52 -19.09 18.77
N LYS C 454 -38.53 -19.22 17.88
CA LYS C 454 -38.86 -19.51 16.49
C LYS C 454 -38.90 -21.01 16.19
N TYR C 455 -37.91 -21.76 16.65
CA TYR C 455 -37.64 -23.05 16.02
C TYR C 455 -38.21 -24.26 16.76
N VAL C 456 -37.82 -24.46 18.02
CA VAL C 456 -38.17 -25.69 18.72
C VAL C 456 -39.38 -25.55 19.63
N GLY C 457 -39.94 -24.35 19.76
CA GLY C 457 -41.06 -24.14 20.64
C GLY C 457 -40.64 -23.96 22.08
N GLN C 458 -41.64 -23.75 22.93
CA GLN C 458 -41.40 -23.46 24.34
C GLN C 458 -41.19 -24.72 25.18
N GLU C 459 -41.35 -25.90 24.59
CA GLU C 459 -41.19 -27.17 25.31
C GLU C 459 -40.25 -28.09 24.53
N PRO C 460 -38.97 -27.80 24.50
CA PRO C 460 -38.03 -28.62 23.73
C PRO C 460 -37.35 -29.68 24.58
N ASN C 461 -36.77 -30.65 23.88
CA ASN C 461 -35.90 -31.66 24.48
C ASN C 461 -34.46 -31.29 24.18
N ILE C 462 -33.64 -31.19 25.22
CA ILE C 462 -32.28 -30.70 25.11
C ILE C 462 -31.32 -31.81 25.49
N LEU C 463 -30.31 -32.03 24.66
CA LEU C 463 -29.21 -32.95 24.95
C LEU C 463 -27.92 -32.13 25.06
N ALA C 464 -27.25 -32.22 26.19
CA ALA C 464 -26.05 -31.44 26.46
C ALA C 464 -24.84 -32.37 26.48
N LEU C 465 -23.81 -32.00 25.72
CA LEU C 465 -22.56 -32.76 25.63
C LEU C 465 -21.44 -31.90 26.21
N PRO C 466 -21.10 -32.08 27.49
CA PRO C 466 -20.12 -31.21 28.13
C PRO C 466 -18.67 -31.67 28.03
N MET C 467 -18.39 -32.78 27.34
CA MET C 467 -17.02 -33.15 27.01
C MET C 467 -16.95 -33.79 25.63
N THR C 468 -17.64 -33.20 24.66
CA THR C 468 -17.78 -33.84 23.35
C THR C 468 -16.48 -33.78 22.56
N PHE C 469 -15.79 -32.64 22.57
CA PHE C 469 -14.58 -32.46 21.78
C PHE C 469 -13.30 -32.77 22.54
N LYS C 470 -13.39 -33.14 23.81
CA LYS C 470 -12.20 -33.48 24.58
C LYS C 470 -11.94 -34.99 24.58
N LYS C 471 -12.97 -35.81 24.45
CA LYS C 471 -12.85 -37.25 24.41
C LYS C 471 -13.07 -37.75 23.00
N ALA C 472 -12.67 -38.99 22.74
CA ALA C 472 -12.90 -39.60 21.45
C ALA C 472 -14.40 -39.68 21.17
N ALA C 473 -14.83 -39.08 20.08
CA ALA C 473 -16.25 -38.95 19.80
C ALA C 473 -16.89 -40.30 19.52
N VAL C 474 -18.18 -40.40 19.82
CA VAL C 474 -18.93 -41.64 19.71
C VAL C 474 -20.20 -41.37 18.92
N HIS C 475 -20.75 -42.44 18.34
CA HIS C 475 -22.00 -42.36 17.60
C HIS C 475 -23.16 -42.72 18.51
N LEU C 476 -24.16 -41.84 18.59
CA LEU C 476 -25.32 -42.04 19.42
C LEU C 476 -26.45 -42.65 18.60
N CYS C 477 -27.16 -43.60 19.21
CA CYS C 477 -28.25 -44.30 18.55
C CYS C 477 -29.38 -44.51 19.55
N MET C 478 -30.54 -44.91 19.03
CA MET C 478 -31.69 -45.18 19.89
C MET C 478 -31.51 -46.51 20.63
N LYS C 479 -32.16 -46.60 21.79
CA LYS C 479 -31.99 -47.78 22.63
C LYS C 479 -32.60 -49.01 21.99
N ASP C 480 -33.74 -48.88 21.34
CA ASP C 480 -34.38 -50.02 20.69
C ASP C 480 -33.84 -50.24 19.28
N LYS D 4 39.86 5.51 33.14
CA LYS D 4 38.75 5.05 32.32
C LYS D 4 39.21 4.02 31.29
N PHE D 5 38.29 3.15 30.89
CA PHE D 5 38.56 2.12 29.89
C PHE D 5 37.87 2.47 28.58
N ASP D 6 38.46 2.03 27.48
CA ASP D 6 37.96 2.31 26.15
C ASP D 6 37.50 1.03 25.47
N PHE D 7 36.33 1.06 24.85
CA PHE D 7 35.80 -0.09 24.14
C PHE D 7 35.30 0.35 22.77
N GLU D 8 35.27 -0.57 21.81
CA GLU D 8 34.74 -0.24 20.51
C GLU D 8 33.23 -0.04 20.61
N TYR D 9 32.72 0.95 19.87
CA TYR D 9 31.29 1.26 19.92
C TYR D 9 30.89 1.75 18.53
N GLY D 10 30.46 0.81 17.70
CA GLY D 10 30.04 1.12 16.34
C GLY D 10 31.22 1.36 15.41
N GLN D 11 31.84 2.53 15.53
CA GLN D 11 32.99 2.88 14.69
C GLN D 11 34.09 3.48 15.54
N GLY D 12 33.72 4.08 16.67
CA GLY D 12 34.68 4.79 17.49
C GLY D 12 35.02 4.10 18.78
N THR D 13 34.64 4.70 19.90
CA THR D 13 35.02 4.18 21.21
C THR D 13 34.11 4.78 22.27
N MET D 14 33.51 3.92 23.06
CA MET D 14 32.76 4.31 24.25
C MET D 14 33.67 4.16 25.45
N SER D 15 33.65 5.16 26.34
CA SER D 15 34.46 5.12 27.55
C SER D 15 33.62 4.66 28.73
N ALA D 16 34.25 3.90 29.62
CA ALA D 16 33.58 3.34 30.78
C ALA D 16 34.40 3.58 32.03
N GLU D 17 33.70 3.82 33.13
CA GLU D 17 34.32 3.95 34.45
C GLU D 17 34.10 2.65 35.21
N LEU D 18 35.17 1.90 35.43
CA LEU D 18 35.08 0.60 36.07
C LEU D 18 35.99 0.57 37.30
N PRO D 19 35.65 -0.26 38.29
CA PRO D 19 36.45 -0.30 39.52
C PRO D 19 37.89 -0.71 39.25
N ASP D 20 38.74 -0.43 40.23
CA ASP D 20 40.17 -0.70 40.09
C ASP D 20 40.49 -2.19 40.03
N ASN D 21 39.58 -3.05 40.47
CA ASN D 21 39.79 -4.50 40.41
C ASN D 21 39.58 -5.06 39.01
N THR D 22 39.14 -4.24 38.05
CA THR D 22 38.95 -4.70 36.69
C THR D 22 40.28 -5.14 36.09
N ASP D 23 40.27 -6.28 35.40
CA ASP D 23 41.44 -6.81 34.73
C ASP D 23 41.27 -6.71 33.22
N ILE D 24 42.35 -6.38 32.53
CA ILE D 24 42.34 -6.10 31.10
C ILE D 24 43.10 -7.20 30.38
N PHE D 25 42.52 -7.70 29.29
CA PHE D 25 43.15 -8.74 28.48
C PHE D 25 43.13 -8.32 27.03
N ILE D 26 44.31 -8.34 26.39
CA ILE D 26 44.45 -8.12 24.96
C ILE D 26 45.14 -9.35 24.38
N PRO D 27 44.61 -9.97 23.33
CA PRO D 27 45.12 -11.30 22.92
C PRO D 27 46.61 -11.35 22.63
N GLY D 28 47.15 -10.31 22.01
CA GLY D 28 48.55 -10.34 21.61
C GLY D 28 49.49 -9.66 22.58
N GLU D 29 48.99 -8.69 23.33
CA GLU D 29 49.85 -7.88 24.19
C GLU D 29 49.98 -8.45 25.60
N THR D 30 48.89 -8.92 26.19
CA THR D 30 48.95 -9.43 27.56
C THR D 30 49.79 -10.70 27.65
N VAL D 31 49.51 -11.67 26.78
CA VAL D 31 50.28 -12.91 26.70
C VAL D 31 50.79 -13.03 25.28
N LYS D 32 52.11 -13.11 25.12
CA LYS D 32 52.72 -13.10 23.80
C LYS D 32 52.49 -14.42 23.08
N ASP D 33 52.15 -14.33 21.79
CA ASP D 33 52.00 -15.50 20.95
C ASP D 33 53.37 -16.12 20.68
N PRO D 34 53.40 -17.39 20.27
CA PRO D 34 54.67 -17.99 19.86
C PRO D 34 55.31 -17.18 18.74
N ASP D 35 56.64 -17.08 18.79
CA ASP D 35 57.36 -16.20 17.90
C ASP D 35 57.12 -16.58 16.44
N HIS D 36 56.82 -15.58 15.61
CA HIS D 36 56.57 -15.79 14.20
C HIS D 36 57.87 -15.75 13.42
N ILE D 37 57.88 -16.42 12.28
CA ILE D 37 59.05 -16.37 11.39
C ILE D 37 59.18 -14.96 10.82
N PRO D 38 60.38 -14.39 10.76
CA PRO D 38 60.51 -13.02 10.26
C PRO D 38 60.24 -12.94 8.77
N GLU D 39 59.99 -11.71 8.32
CA GLU D 39 59.67 -11.49 6.91
C GLU D 39 60.79 -11.95 5.99
N ASP D 40 62.02 -11.97 6.48
CA ASP D 40 63.14 -12.43 5.66
C ASP D 40 63.14 -13.96 5.52
N GLN D 41 62.74 -14.68 6.55
CA GLN D 41 62.75 -16.14 6.55
C GLN D 41 61.47 -16.76 6.00
N LEU D 42 60.52 -15.94 5.52
CA LEU D 42 59.32 -16.51 4.91
C LEU D 42 59.67 -17.31 3.66
N GLU D 43 60.61 -16.79 2.85
CA GLU D 43 61.04 -17.48 1.64
C GLU D 43 61.60 -18.86 1.95
N ALA D 44 62.57 -18.93 2.87
CA ALA D 44 63.21 -20.19 3.19
C ALA D 44 62.21 -21.17 3.81
N ALA D 45 61.37 -20.68 4.73
CA ALA D 45 60.39 -21.56 5.36
C ALA D 45 59.40 -22.11 4.35
N TYR D 46 58.93 -21.26 3.43
CA TYR D 46 57.98 -21.72 2.42
C TYR D 46 58.62 -22.73 1.48
N LEU D 47 59.85 -22.49 1.04
CA LEU D 47 60.53 -23.45 0.18
C LEU D 47 60.74 -24.78 0.91
N GLU D 48 61.17 -24.73 2.16
CA GLU D 48 61.38 -25.95 2.92
C GLU D 48 60.08 -26.73 3.10
N SER D 49 58.98 -26.02 3.40
CA SER D 49 57.69 -26.68 3.57
C SER D 49 57.22 -27.32 2.27
N LEU D 50 57.37 -26.60 1.15
CA LEU D 50 56.95 -27.16 -0.14
C LEU D 50 57.80 -28.36 -0.52
N ALA D 51 59.10 -28.33 -0.20
CA ALA D 51 59.99 -29.44 -0.52
C ALA D 51 59.92 -30.56 0.50
N HIS D 52 59.20 -30.38 1.61
CA HIS D 52 59.11 -31.38 2.68
C HIS D 52 57.63 -31.67 2.92
N PRO D 53 57.01 -32.48 2.07
CA PRO D 53 55.59 -32.82 2.27
C PRO D 53 55.41 -33.81 3.41
N ILE D 54 54.15 -34.03 3.78
CA ILE D 54 53.84 -34.74 5.01
C ILE D 54 52.98 -35.96 4.64
N GLY D 55 53.19 -36.48 3.43
CA GLY D 55 52.49 -37.69 3.05
C GLY D 55 52.18 -37.85 1.58
N MET D 56 52.56 -36.87 0.75
CA MET D 56 52.40 -36.93 -0.69
C MET D 56 53.76 -36.66 -1.33
N PRO D 57 53.94 -37.05 -2.59
CA PRO D 57 55.13 -36.62 -3.31
C PRO D 57 55.14 -35.11 -3.49
N THR D 58 56.34 -34.56 -3.69
CA THR D 58 56.46 -33.12 -3.89
C THR D 58 55.68 -32.68 -5.11
N LEU D 59 55.36 -31.39 -5.16
CA LEU D 59 54.50 -30.85 -6.21
C LEU D 59 55.08 -31.06 -7.60
N THR D 60 56.40 -31.23 -7.71
CA THR D 60 57.00 -31.54 -9.01
C THR D 60 56.53 -32.90 -9.53
N GLU D 61 56.43 -33.89 -8.64
CA GLU D 61 56.05 -35.24 -9.06
C GLU D 61 54.62 -35.29 -9.57
N LEU D 62 53.70 -34.61 -8.89
CA LEU D 62 52.31 -34.61 -9.32
C LEU D 62 52.09 -33.83 -10.61
N ALA D 63 53.02 -32.96 -10.98
CA ALA D 63 52.84 -32.05 -12.11
C ALA D 63 53.53 -32.59 -13.35
N GLY D 64 52.96 -32.27 -14.50
CA GLY D 64 53.51 -32.64 -15.78
C GLY D 64 52.92 -31.79 -16.90
N PRO D 65 53.34 -32.05 -18.13
CA PRO D 65 52.75 -31.32 -19.26
C PRO D 65 51.26 -31.58 -19.38
N GLY D 66 50.52 -30.52 -19.70
CA GLY D 66 49.08 -30.63 -19.90
C GLY D 66 48.32 -31.11 -18.68
N LYS D 67 48.64 -30.60 -17.51
CA LYS D 67 47.97 -30.97 -16.26
C LYS D 67 47.04 -29.85 -15.82
N THR D 68 45.79 -30.21 -15.55
CA THR D 68 44.82 -29.23 -15.05
C THR D 68 44.99 -29.08 -13.55
N VAL D 69 45.29 -27.86 -13.11
CA VAL D 69 45.55 -27.55 -11.71
C VAL D 69 44.49 -26.59 -11.22
N THR D 70 43.87 -26.93 -10.10
CA THR D 70 42.86 -26.08 -9.47
C THR D 70 43.35 -25.72 -8.06
N ILE D 71 43.54 -24.43 -7.83
CA ILE D 71 44.01 -23.90 -6.55
C ILE D 71 42.83 -23.28 -5.83
N VAL D 72 42.55 -23.77 -4.63
CA VAL D 72 41.40 -23.36 -3.85
C VAL D 72 41.87 -22.37 -2.78
N VAL D 73 41.44 -21.12 -2.91
CA VAL D 73 41.85 -20.02 -2.04
C VAL D 73 40.69 -19.67 -1.13
N PRO D 74 40.93 -19.47 0.17
CA PRO D 74 39.82 -19.16 1.09
C PRO D 74 39.21 -17.79 0.79
N ASP D 75 38.16 -17.48 1.53
CA ASP D 75 37.41 -16.25 1.33
C ASP D 75 38.14 -15.09 2.00
N ARG D 76 37.51 -13.92 2.04
CA ARG D 76 38.07 -12.73 2.63
C ARG D 76 37.72 -12.56 4.10
N VAL D 77 36.95 -13.48 4.67
CA VAL D 77 36.49 -13.33 6.05
C VAL D 77 37.67 -13.46 7.02
N LYS D 78 38.50 -14.47 6.84
CA LYS D 78 39.61 -14.74 7.74
C LYS D 78 40.92 -14.81 6.95
N GLY D 79 42.01 -14.57 7.64
CA GLY D 79 43.31 -14.51 7.02
C GLY D 79 43.73 -13.07 6.74
N GLY D 80 45.04 -12.84 6.80
CA GLY D 80 45.55 -11.51 6.58
C GLY D 80 45.55 -11.09 5.12
N GLU D 81 45.58 -9.78 4.92
CA GLU D 81 45.68 -9.18 3.59
C GLU D 81 46.87 -8.23 3.52
N GLN D 82 47.95 -8.59 4.20
CA GLN D 82 49.16 -7.79 4.22
C GLN D 82 49.93 -7.99 2.92
N ALA D 83 51.14 -7.43 2.85
CA ALA D 83 51.95 -7.59 1.64
C ALA D 83 52.47 -9.01 1.50
N THR D 84 52.76 -9.69 2.61
CA THR D 84 53.29 -11.03 2.61
C THR D 84 52.36 -12.00 3.33
N SER D 85 51.07 -11.91 3.04
CA SER D 85 50.11 -12.82 3.65
C SER D 85 50.34 -14.25 3.16
N HIS D 86 49.74 -15.21 3.86
CA HIS D 86 49.92 -16.62 3.51
C HIS D 86 49.38 -16.92 2.12
N ARG D 87 48.21 -16.37 1.80
CA ARG D 87 47.61 -16.64 0.49
C ARG D 87 48.53 -16.21 -0.64
N LYS D 88 49.01 -14.96 -0.59
CA LYS D 88 49.81 -14.42 -1.69
C LYS D 88 51.13 -15.19 -1.83
N LEU D 89 51.86 -15.34 -0.73
CA LEU D 89 53.17 -16.01 -0.79
C LEU D 89 53.01 -17.46 -1.22
N SER D 90 52.04 -18.16 -0.63
CA SER D 90 51.85 -19.57 -0.97
C SER D 90 51.47 -19.74 -2.43
N ILE D 91 50.57 -18.89 -2.94
CA ILE D 91 50.17 -18.97 -4.33
C ILE D 91 51.35 -18.67 -5.24
N LYS D 92 52.14 -17.66 -4.91
CA LYS D 92 53.27 -17.27 -5.76
C LYS D 92 54.32 -18.37 -5.82
N TYR D 93 54.65 -18.97 -4.67
CA TYR D 93 55.65 -20.04 -4.67
C TYR D 93 55.11 -21.31 -5.33
N ILE D 94 53.82 -21.61 -5.15
CA ILE D 94 53.22 -22.76 -5.81
C ILE D 94 53.25 -22.57 -7.31
N LEU D 95 52.93 -21.36 -7.79
CA LEU D 95 52.98 -21.09 -9.22
C LEU D 95 54.41 -21.19 -9.76
N LYS D 96 55.38 -20.69 -9.00
CA LYS D 96 56.77 -20.83 -9.42
C LYS D 96 57.15 -22.29 -9.56
N GLU D 97 56.79 -23.12 -8.57
CA GLU D 97 57.12 -24.54 -8.63
C GLU D 97 56.42 -25.23 -9.80
N LEU D 98 55.14 -24.90 -10.02
CA LEU D 98 54.39 -25.53 -11.11
C LEU D 98 54.96 -25.13 -12.46
N TYR D 99 55.34 -23.86 -12.63
CA TYR D 99 55.96 -23.42 -13.87
C TYR D 99 57.31 -24.10 -14.08
N ALA D 100 58.08 -24.28 -13.00
CA ALA D 100 59.33 -25.03 -13.11
C ALA D 100 59.07 -26.50 -13.44
N ALA D 101 57.89 -27.00 -13.12
CA ALA D 101 57.53 -28.38 -13.43
C ALA D 101 56.94 -28.54 -14.83
N GLY D 102 56.71 -27.44 -15.54
CA GLY D 102 56.18 -27.52 -16.90
C GLY D 102 54.68 -27.63 -16.98
N VAL D 103 53.97 -26.71 -16.32
CA VAL D 103 52.52 -26.67 -16.32
C VAL D 103 52.07 -25.40 -17.02
N GLU D 104 51.18 -25.54 -18.00
CA GLU D 104 50.74 -24.40 -18.79
C GLU D 104 49.96 -23.41 -17.93
N LYS D 105 50.09 -22.12 -18.26
CA LYS D 105 49.38 -21.08 -17.54
C LYS D 105 47.88 -21.11 -17.81
N LYS D 106 47.45 -21.70 -18.93
CA LYS D 106 46.03 -21.80 -19.24
C LYS D 106 45.35 -22.95 -18.52
N ASP D 107 46.10 -23.84 -17.89
CA ASP D 107 45.55 -24.97 -17.16
C ASP D 107 45.53 -24.74 -15.65
N ILE D 108 45.78 -23.51 -15.21
CA ILE D 108 45.73 -23.15 -13.79
C ILE D 108 44.45 -22.36 -13.56
N LEU D 109 43.64 -22.81 -12.60
CA LEU D 109 42.37 -22.16 -12.30
C LEU D 109 42.23 -21.95 -10.81
N PHE D 110 41.83 -20.75 -10.42
CA PHE D 110 41.68 -20.36 -9.03
C PHE D 110 40.21 -20.38 -8.65
N ILE D 111 39.90 -21.03 -7.54
CA ILE D 111 38.53 -21.12 -7.03
C ILE D 111 38.52 -20.50 -5.64
N ILE D 112 37.72 -19.45 -5.47
CA ILE D 112 37.55 -18.80 -4.18
C ILE D 112 36.47 -19.56 -3.42
N SER D 113 36.86 -20.32 -2.42
CA SER D 113 35.95 -21.18 -1.68
C SER D 113 35.26 -20.37 -0.59
N ASN D 114 34.04 -19.94 -0.86
CA ASN D 114 33.22 -19.27 0.13
C ASN D 114 32.15 -20.19 0.71
N GLY D 115 31.53 -21.02 -0.11
CA GLY D 115 30.54 -21.98 0.35
C GLY D 115 29.18 -21.37 0.57
N LEU D 116 29.04 -20.65 1.69
CA LEU D 116 27.82 -19.91 1.98
C LEU D 116 28.05 -18.42 2.15
N HIS D 117 29.29 -17.98 2.31
CA HIS D 117 29.61 -16.57 2.35
C HIS D 117 29.45 -15.97 0.97
N PRO D 118 29.28 -14.65 0.88
CA PRO D 118 29.00 -14.04 -0.43
C PRO D 118 30.16 -14.22 -1.40
N ARG D 119 29.82 -14.34 -2.67
CA ARG D 119 30.82 -14.53 -3.72
C ARG D 119 31.69 -13.28 -3.83
N SER D 120 32.98 -13.50 -4.04
CA SER D 120 33.94 -12.40 -4.04
C SER D 120 33.80 -11.57 -5.33
N THR D 121 33.81 -10.25 -5.17
CA THR D 121 33.73 -9.34 -6.29
C THR D 121 35.13 -9.05 -6.84
N GLU D 122 35.25 -8.05 -7.71
CA GLU D 122 36.55 -7.71 -8.27
C GLU D 122 37.47 -7.12 -7.21
N ALA D 123 36.95 -6.19 -6.40
CA ALA D 123 37.77 -5.59 -5.34
C ALA D 123 38.15 -6.62 -4.29
N ASP D 124 37.21 -7.49 -3.90
CA ASP D 124 37.51 -8.52 -2.92
C ASP D 124 38.56 -9.49 -3.45
N ALA D 125 38.44 -9.89 -4.72
CA ALA D 125 39.44 -10.77 -5.31
C ALA D 125 40.80 -10.09 -5.38
N LYS D 126 40.83 -8.80 -5.71
CA LYS D 126 42.08 -8.06 -5.72
C LYS D 126 42.73 -8.06 -4.35
N ALA D 127 41.93 -7.75 -3.31
CA ALA D 127 42.47 -7.71 -1.95
C ALA D 127 42.97 -9.08 -1.51
N ILE D 128 42.26 -10.15 -1.87
CA ILE D 128 42.67 -11.49 -1.48
C ILE D 128 43.97 -11.88 -2.18
N PHE D 129 44.06 -11.61 -3.49
CA PHE D 129 45.12 -12.20 -4.31
C PHE D 129 46.35 -11.30 -4.47
N GLY D 130 46.28 -10.03 -4.10
CA GLY D 130 47.41 -9.16 -4.36
C GLY D 130 47.34 -8.60 -5.77
N GLU D 131 47.92 -7.42 -5.97
CA GLU D 131 47.75 -6.72 -7.25
C GLU D 131 48.39 -7.49 -8.39
N GLU D 132 49.58 -8.06 -8.17
CA GLU D 132 50.27 -8.76 -9.25
C GLU D 132 49.47 -9.96 -9.73
N LEU D 133 49.03 -10.82 -8.80
CA LEU D 133 48.28 -12.00 -9.18
C LEU D 133 46.91 -11.63 -9.73
N PHE D 134 46.27 -10.59 -9.19
CA PHE D 134 44.99 -10.15 -9.72
C PHE D 134 45.12 -9.69 -11.16
N ASN D 135 46.15 -8.91 -11.47
CA ASN D 135 46.38 -8.47 -12.84
C ASN D 135 46.73 -9.64 -13.74
N GLU D 136 47.47 -10.62 -13.22
CA GLU D 136 47.92 -11.73 -14.05
C GLU D 136 46.81 -12.73 -14.36
N PHE D 137 45.83 -12.90 -13.46
CA PHE D 137 44.88 -14.01 -13.60
C PHE D 137 43.42 -13.61 -13.69
N TRP D 138 43.01 -12.44 -13.21
CA TRP D 138 41.59 -12.13 -13.15
C TRP D 138 40.99 -11.95 -14.53
N HIS D 139 41.64 -11.14 -15.39
CA HIS D 139 41.05 -10.83 -16.69
C HIS D 139 41.08 -12.00 -17.65
N THR D 140 41.93 -13.00 -17.40
CA THR D 140 41.90 -14.22 -18.18
C THR D 140 40.70 -15.10 -17.86
N GLY D 141 39.99 -14.80 -16.77
CA GLY D 141 38.86 -15.61 -16.35
C GLY D 141 39.25 -16.81 -15.51
N GLN D 142 40.41 -16.79 -14.87
CA GLN D 142 40.93 -17.92 -14.12
C GLN D 142 40.66 -17.81 -12.62
N ILE D 143 39.89 -16.81 -12.20
CA ILE D 143 39.50 -16.63 -10.81
C ILE D 143 37.98 -16.70 -10.75
N ILE D 144 37.46 -17.79 -10.19
CA ILE D 144 36.02 -18.04 -10.13
C ILE D 144 35.62 -18.21 -8.68
N SER D 145 34.57 -17.53 -8.28
CA SER D 145 34.01 -17.74 -6.94
C SER D 145 33.12 -18.98 -6.94
N HIS D 146 33.15 -19.70 -5.82
CA HIS D 146 32.34 -20.90 -5.69
C HIS D 146 30.86 -20.53 -5.68
N ASP D 147 30.06 -21.33 -6.39
CA ASP D 147 28.62 -21.10 -6.52
C ASP D 147 27.90 -22.39 -6.16
N SER D 148 27.32 -22.43 -4.96
CA SER D 148 26.64 -23.64 -4.50
C SER D 148 25.40 -23.95 -5.33
N GLU D 149 24.75 -22.93 -5.89
CA GLU D 149 23.50 -23.11 -6.61
C GLU D 149 23.68 -23.23 -8.11
N ASP D 150 24.92 -23.25 -8.60
CA ASP D 150 25.19 -23.43 -10.03
C ASP D 150 25.15 -24.92 -10.32
N GLN D 151 23.96 -25.43 -10.66
CA GLN D 151 23.77 -26.86 -10.79
C GLN D 151 24.56 -27.44 -11.96
N GLU D 152 24.85 -26.63 -12.98
CA GLU D 152 25.65 -27.12 -14.10
C GLU D 152 27.13 -27.21 -13.77
N HIS D 153 27.56 -26.67 -12.64
CA HIS D 153 28.95 -26.75 -12.20
C HIS D 153 29.08 -27.42 -10.84
N MET D 154 28.11 -28.25 -10.45
CA MET D 154 28.14 -28.99 -9.21
C MET D 154 27.95 -30.48 -9.51
N VAL D 155 28.71 -31.31 -8.82
CA VAL D 155 28.71 -32.76 -9.04
C VAL D 155 28.23 -33.43 -7.76
N ASP D 156 27.23 -34.29 -7.89
CA ASP D 156 26.72 -35.07 -6.76
C ASP D 156 27.61 -36.31 -6.62
N LEU D 157 28.55 -36.26 -5.67
CA LEU D 157 29.47 -37.38 -5.51
C LEU D 157 28.75 -38.64 -5.03
N GLY D 158 27.80 -38.48 -4.11
CA GLY D 158 27.11 -39.63 -3.57
C GLY D 158 26.74 -39.45 -2.11
N THR D 159 27.16 -40.39 -1.26
CA THR D 159 26.83 -40.33 0.15
C THR D 159 27.91 -41.06 0.93
N THR D 160 28.21 -40.55 2.13
CA THR D 160 29.17 -41.19 3.02
C THR D 160 28.45 -42.34 3.74
N HIS D 161 29.12 -42.93 4.74
CA HIS D 161 28.51 -44.02 5.48
C HIS D 161 27.57 -43.54 6.58
N ARG D 162 27.59 -42.24 6.89
CA ARG D 162 26.71 -41.67 7.91
C ARG D 162 25.44 -41.07 7.31
N GLY D 163 25.23 -41.21 6.01
CA GLY D 163 24.09 -40.61 5.35
C GLY D 163 24.28 -39.17 4.91
N ASP D 164 25.48 -38.62 5.05
CA ASP D 164 25.73 -37.24 4.65
C ASP D 164 25.83 -37.15 3.14
N PRO D 165 25.02 -36.32 2.48
CA PRO D 165 25.15 -36.16 1.02
C PRO D 165 26.30 -35.25 0.67
N VAL D 166 26.98 -35.56 -0.44
CA VAL D 166 28.19 -34.86 -0.84
C VAL D 166 27.97 -34.24 -2.21
N TYR D 167 28.06 -32.91 -2.27
CA TYR D 167 28.05 -32.16 -3.51
C TYR D 167 29.34 -31.35 -3.59
N MET D 168 30.03 -31.44 -4.71
CA MET D 168 31.36 -30.87 -4.88
C MET D 168 31.40 -29.96 -6.10
N ASN D 169 32.24 -28.93 -6.02
CA ASN D 169 32.45 -28.07 -7.18
C ASN D 169 32.99 -28.89 -8.34
N LYS D 170 32.37 -28.74 -9.51
CA LYS D 170 32.79 -29.51 -10.67
C LYS D 170 34.18 -29.12 -11.14
N TYR D 171 34.56 -27.86 -10.98
CA TYR D 171 35.89 -27.41 -11.39
C TYR D 171 36.99 -28.15 -10.63
N VAL D 172 36.80 -28.33 -9.32
CA VAL D 172 37.77 -29.07 -8.52
C VAL D 172 37.72 -30.56 -8.84
N PHE D 173 36.53 -31.07 -9.19
CA PHE D 173 36.38 -32.51 -9.45
C PHE D 173 37.17 -32.95 -10.67
N GLU D 174 37.15 -32.18 -11.75
CA GLU D 174 37.76 -32.58 -13.00
C GLU D 174 39.24 -32.21 -13.11
N CYS D 175 39.78 -31.51 -12.12
CA CYS D 175 41.18 -31.11 -12.19
C CYS D 175 42.10 -32.30 -11.93
N ASP D 176 43.34 -32.18 -12.40
CA ASP D 176 44.34 -33.21 -12.20
C ASP D 176 45.18 -32.96 -10.95
N ILE D 177 45.30 -31.72 -10.51
CA ILE D 177 46.01 -31.39 -9.27
C ILE D 177 45.15 -30.45 -8.45
N PRO D 178 44.48 -30.93 -7.41
CA PRO D 178 43.78 -30.04 -6.48
C PRO D 178 44.70 -29.56 -5.37
N ILE D 179 44.93 -28.26 -5.29
CA ILE D 179 45.78 -27.65 -4.27
C ILE D 179 44.87 -26.77 -3.41
N LEU D 180 45.15 -26.74 -2.11
CA LEU D 180 44.36 -25.98 -1.15
C LEU D 180 45.25 -25.01 -0.39
N ILE D 181 44.74 -23.80 -0.16
CA ILE D 181 45.39 -22.81 0.70
C ILE D 181 44.54 -22.66 1.95
N GLY D 182 45.15 -22.80 3.11
CA GLY D 182 44.39 -22.80 4.35
C GLY D 182 45.14 -22.11 5.47
N HIS D 183 44.38 -21.45 6.35
CA HIS D 183 44.89 -20.83 7.55
C HIS D 183 44.39 -21.62 8.75
N VAL D 184 45.32 -22.09 9.58
CA VAL D 184 44.98 -22.89 10.75
C VAL D 184 44.88 -21.93 11.94
N GLN D 185 43.68 -21.44 12.17
CA GLN D 185 43.38 -20.64 13.35
C GLN D 185 42.10 -21.17 13.99
N GLY D 186 41.99 -20.98 15.30
CA GLY D 186 40.97 -21.65 16.07
C GLY D 186 39.56 -21.15 15.76
N ASN D 187 38.60 -21.93 16.25
CA ASN D 187 37.19 -21.65 16.18
C ASN D 187 36.60 -21.61 17.59
N PRO D 188 35.48 -20.93 17.79
CA PRO D 188 34.85 -20.94 19.12
C PRO D 188 34.49 -22.34 19.61
N TYR D 189 34.20 -23.26 18.69
CA TYR D 189 33.80 -24.61 19.07
C TYR D 189 34.98 -25.53 19.37
N GLY D 190 36.21 -25.06 19.18
CA GLY D 190 37.39 -25.85 19.47
C GLY D 190 38.07 -26.45 18.25
N GLY D 191 37.45 -26.39 17.08
CA GLY D 191 38.05 -26.89 15.87
C GLY D 191 39.09 -25.95 15.31
N TYR D 192 39.35 -26.06 14.01
CA TYR D 192 40.30 -25.20 13.33
C TYR D 192 39.84 -24.97 11.91
N SER D 193 40.06 -23.75 11.41
CA SER D 193 39.48 -23.32 10.15
C SER D 193 40.27 -23.77 8.93
N GLY D 194 41.42 -24.41 9.11
CA GLY D 194 42.24 -24.89 8.02
C GLY D 194 42.34 -26.40 8.04
N GLY D 195 42.42 -27.00 6.86
CA GLY D 195 42.50 -28.44 6.71
C GLY D 195 41.30 -28.99 5.96
N TYR D 196 40.78 -30.13 6.45
CA TYR D 196 39.63 -30.77 5.82
C TYR D 196 38.35 -29.96 5.98
N LYS D 197 38.28 -29.10 7.00
CA LYS D 197 37.10 -28.26 7.16
C LYS D 197 36.96 -27.30 5.99
N HIS D 198 38.08 -26.79 5.48
CA HIS D 198 38.04 -25.91 4.31
C HIS D 198 37.45 -26.63 3.11
N SER D 199 37.86 -27.88 2.88
CA SER D 199 37.29 -28.66 1.78
C SER D 199 35.80 -28.91 2.00
N ALA D 200 35.42 -29.27 3.23
CA ALA D 200 34.04 -29.66 3.48
C ALA D 200 33.08 -28.48 3.45
N THR D 201 33.56 -27.28 3.78
CA THR D 201 32.69 -26.11 3.88
C THR D 201 32.74 -25.21 2.66
N GLY D 202 33.91 -25.06 2.02
CA GLY D 202 34.05 -24.05 0.98
C GLY D 202 33.49 -24.45 -0.37
N ILE D 203 33.56 -25.73 -0.73
CA ILE D 203 33.18 -26.17 -2.06
C ILE D 203 31.99 -27.12 -1.98
N THR D 204 31.13 -26.92 -0.99
CA THR D 204 29.94 -27.71 -0.81
C THR D 204 28.71 -26.80 -0.78
N ASN D 205 27.57 -27.37 -1.14
CA ASN D 205 26.31 -26.64 -1.08
C ASN D 205 25.77 -26.68 0.35
N TRP D 206 24.56 -26.16 0.55
CA TRP D 206 24.02 -26.08 1.91
C TRP D 206 23.57 -27.44 2.42
N LYS D 207 23.20 -28.36 1.51
CA LYS D 207 22.77 -29.68 1.95
C LYS D 207 23.92 -30.44 2.61
N CYS D 208 25.12 -30.33 2.08
CA CYS D 208 26.28 -30.97 2.68
C CYS D 208 26.71 -30.29 3.97
N ILE D 209 26.16 -29.12 4.28
CA ILE D 209 26.50 -28.43 5.51
C ILE D 209 25.47 -28.71 6.61
N ALA D 210 24.20 -28.83 6.23
CA ALA D 210 23.14 -29.17 7.17
C ALA D 210 23.30 -30.59 7.69
N ARG D 233 33.79 -32.46 14.00
CA ARG D 233 35.12 -32.56 13.43
C ARG D 233 35.25 -33.80 12.56
N ASN D 234 34.53 -34.87 12.94
CA ASN D 234 34.56 -36.10 12.17
C ASN D 234 33.79 -35.98 10.86
N LYS D 235 32.74 -35.16 10.85
CA LYS D 235 31.93 -34.99 9.63
C LYS D 235 32.76 -34.39 8.51
N PHE D 236 33.53 -33.34 8.81
CA PHE D 236 34.35 -32.70 7.79
C PHE D 236 35.39 -33.65 7.23
N ASP D 237 36.06 -34.41 8.12
CA ASP D 237 37.06 -35.37 7.66
C ASP D 237 36.43 -36.46 6.80
N GLU D 238 35.27 -36.96 7.21
CA GLU D 238 34.60 -38.00 6.43
C GLU D 238 34.23 -37.48 5.04
N ILE D 239 33.65 -36.29 4.97
CA ILE D 239 33.24 -35.73 3.68
C ILE D 239 34.45 -35.49 2.79
N SER D 240 35.53 -34.93 3.35
CA SER D 240 36.71 -34.63 2.54
C SER D 240 37.40 -35.90 2.06
N MET D 241 37.46 -36.93 2.91
CA MET D 241 38.05 -38.19 2.48
C MET D 241 37.19 -38.89 1.45
N HIS D 242 35.86 -38.74 1.54
CA HIS D 242 35.00 -39.25 0.46
C HIS D 242 35.28 -38.52 -0.85
N MET D 243 35.48 -37.20 -0.78
CA MET D 243 35.87 -36.45 -1.97
C MET D 243 37.18 -36.97 -2.54
N GLU D 244 38.16 -37.21 -1.68
CA GLU D 244 39.46 -37.69 -2.14
C GLU D 244 39.35 -39.07 -2.79
N GLU D 245 38.55 -39.96 -2.20
CA GLU D 245 38.39 -41.29 -2.77
C GLU D 245 37.60 -41.26 -4.08
N LYS D 246 36.68 -40.30 -4.23
CA LYS D 246 35.95 -40.18 -5.48
C LYS D 246 36.82 -39.60 -6.59
N MET D 247 37.62 -38.58 -6.26
CA MET D 247 38.50 -37.99 -7.26
C MET D 247 39.66 -38.92 -7.62
N GLY D 248 40.13 -39.70 -6.66
CA GLY D 248 41.23 -40.61 -6.87
C GLY D 248 42.58 -40.09 -6.41
N HIS D 249 42.71 -38.78 -6.21
CA HIS D 249 43.95 -38.19 -5.75
C HIS D 249 43.67 -37.27 -4.57
N PRO D 250 44.48 -37.32 -3.52
CA PRO D 250 44.22 -36.48 -2.35
C PRO D 250 44.54 -35.01 -2.62
N PHE D 251 43.88 -34.15 -1.85
CA PHE D 251 44.17 -32.72 -1.90
C PHE D 251 45.60 -32.46 -1.45
N PHE D 252 46.26 -31.51 -2.10
CA PHE D 252 47.56 -31.03 -1.66
C PHE D 252 47.36 -29.75 -0.88
N CYS D 253 47.42 -29.84 0.45
CA CYS D 253 47.15 -28.70 1.32
C CYS D 253 48.45 -27.95 1.61
N CYS D 254 48.33 -26.63 1.71
CA CYS D 254 49.42 -25.77 2.16
C CYS D 254 48.84 -24.89 3.26
N ASP D 255 48.86 -25.38 4.49
CA ASP D 255 48.24 -24.72 5.63
C ASP D 255 49.28 -23.96 6.43
N ALA D 256 48.94 -22.76 6.86
CA ALA D 256 49.83 -21.91 7.64
C ALA D 256 49.15 -21.51 8.93
N VAL D 257 49.88 -21.60 10.03
CA VAL D 257 49.35 -21.20 11.34
C VAL D 257 49.56 -19.71 11.51
N LEU D 258 48.51 -19.00 11.93
CA LEU D 258 48.56 -17.55 12.07
C LEU D 258 48.36 -17.13 13.52
N ASP D 259 49.03 -16.05 13.88
CA ASP D 259 48.90 -15.44 15.20
C ASP D 259 47.79 -14.38 15.15
N THR D 260 47.70 -13.52 16.16
CA THR D 260 46.60 -12.57 16.24
C THR D 260 46.62 -11.59 15.06
N GLN D 261 47.81 -11.14 14.65
CA GLN D 261 47.94 -10.22 13.53
C GLN D 261 48.08 -10.96 12.20
N SER D 262 47.61 -12.20 12.11
CA SER D 262 47.59 -12.97 10.87
C SER D 262 48.99 -13.10 10.27
N ARG D 263 49.98 -13.35 11.12
CA ARG D 263 51.35 -13.56 10.68
C ARG D 263 51.71 -15.03 10.83
N GLN D 264 52.46 -15.55 9.87
CA GLN D 264 52.76 -16.98 9.83
C GLN D 264 53.71 -17.36 10.97
N ILE D 265 53.43 -18.50 11.58
CA ILE D 265 54.30 -19.09 12.59
C ILE D 265 55.00 -20.32 12.05
N ALA D 266 54.27 -21.19 11.36
CA ALA D 266 54.85 -22.35 10.70
C ALA D 266 53.98 -22.70 9.50
N ILE D 267 54.60 -23.27 8.48
CA ILE D 267 53.91 -23.64 7.25
C ILE D 267 54.01 -25.16 7.11
N TYR D 268 52.86 -25.82 7.04
CA TYR D 268 52.78 -27.27 6.86
C TYR D 268 52.07 -27.55 5.53
N SER D 269 52.69 -28.38 4.71
CA SER D 269 52.15 -28.74 3.41
C SER D 269 52.26 -30.24 3.20
N GLY D 270 51.24 -30.83 2.59
CA GLY D 270 51.23 -32.25 2.32
C GLY D 270 49.85 -32.86 2.44
N TYR D 271 49.80 -34.15 2.76
CA TYR D 271 48.53 -34.83 2.96
C TYR D 271 47.81 -34.25 4.15
N ALA D 272 46.57 -33.79 3.94
CA ALA D 272 45.85 -33.06 4.98
C ALA D 272 45.58 -33.95 6.19
N LYS D 273 45.22 -35.21 5.97
CA LYS D 273 44.85 -36.09 7.09
C LYS D 273 46.00 -36.25 8.06
N GLU D 274 47.21 -36.46 7.55
CA GLU D 274 48.37 -36.66 8.41
C GLU D 274 49.02 -35.36 8.86
N MET D 275 48.85 -34.29 8.08
CA MET D 275 49.42 -32.99 8.44
C MET D 275 48.60 -32.28 9.52
N MET D 276 47.29 -32.52 9.57
CA MET D 276 46.42 -31.79 10.50
C MET D 276 46.84 -31.91 11.96
N PRO D 277 47.17 -33.09 12.50
CA PRO D 277 47.63 -33.14 13.90
C PRO D 277 48.89 -32.32 14.14
N ILE D 278 49.81 -32.30 13.18
CA ILE D 278 51.04 -31.53 13.34
C ILE D 278 50.72 -30.03 13.42
N SER D 279 49.82 -29.56 12.57
CA SER D 279 49.42 -28.16 12.62
C SER D 279 48.67 -27.84 13.90
N TRP D 280 47.84 -28.78 14.38
CA TRP D 280 47.12 -28.57 15.62
C TRP D 280 48.06 -28.48 16.82
N LYS D 281 49.16 -29.25 16.79
CA LYS D 281 50.12 -29.23 17.89
C LYS D 281 50.67 -27.82 18.12
N LEU D 282 50.83 -27.05 17.05
CA LEU D 282 51.33 -25.68 17.18
C LEU D 282 50.22 -24.65 17.27
N ALA D 283 49.03 -24.95 16.75
CA ALA D 283 47.91 -24.03 16.90
C ALA D 283 47.35 -24.04 18.31
N ASP D 284 47.54 -25.14 19.05
CA ASP D 284 47.11 -25.17 20.45
C ASP D 284 47.86 -24.16 21.29
N LYS D 285 49.17 -24.03 21.04
CA LYS D 285 49.99 -23.10 21.83
C LYS D 285 49.53 -21.65 21.63
N ARG D 286 48.89 -21.35 20.51
CA ARG D 286 48.40 -20.02 20.23
C ARG D 286 46.96 -19.80 20.69
N THR D 287 46.08 -20.76 20.38
CA THR D 287 44.65 -20.55 20.63
C THR D 287 44.35 -20.48 22.12
N TYR D 288 44.98 -21.33 22.92
CA TYR D 288 44.64 -21.48 24.34
C TYR D 288 45.65 -20.72 25.18
N VAL D 289 45.16 -19.74 25.96
CA VAL D 289 45.99 -18.86 26.77
C VAL D 289 45.65 -19.09 28.23
N HIS D 290 46.70 -19.22 29.06
CA HIS D 290 46.56 -19.48 30.49
C HIS D 290 46.84 -18.18 31.24
N TRP D 291 45.82 -17.36 31.41
CA TRP D 291 45.94 -16.06 32.08
C TRP D 291 44.80 -15.85 33.05
N ALA D 292 44.53 -16.84 33.90
CA ALA D 292 43.43 -16.73 34.85
C ALA D 292 43.89 -17.14 36.24
N GLU D 293 43.69 -16.24 37.21
CA GLU D 293 43.93 -16.52 38.61
C GLU D 293 42.67 -16.42 39.46
N LYS D 294 41.58 -15.86 38.92
CA LYS D 294 40.32 -15.75 39.64
C LYS D 294 39.18 -16.00 38.67
N LYS D 295 38.06 -16.46 39.21
CA LYS D 295 36.86 -16.69 38.41
C LYS D 295 36.14 -15.35 38.23
N TYR D 296 36.20 -14.80 37.02
CA TYR D 296 35.59 -13.49 36.76
C TYR D 296 34.09 -13.60 36.71
N ASP D 297 33.42 -12.48 36.99
CA ASP D 297 31.97 -12.42 37.07
C ASP D 297 31.33 -11.64 35.93
N VAL D 298 31.92 -10.52 35.52
CA VAL D 298 31.37 -9.65 34.50
C VAL D 298 32.37 -9.52 33.37
N LEU D 299 31.90 -9.71 32.14
CA LEU D 299 32.71 -9.58 30.94
C LEU D 299 32.25 -8.34 30.18
N VAL D 300 33.19 -7.43 29.90
CA VAL D 300 32.88 -6.14 29.31
C VAL D 300 33.66 -6.01 28.01
N PHE D 301 32.96 -5.68 26.92
CA PHE D 301 33.58 -5.44 25.63
C PHE D 301 32.61 -4.63 24.78
N GLY D 302 32.87 -4.55 23.48
CA GLY D 302 32.00 -3.83 22.57
C GLY D 302 32.12 -4.35 21.16
N MET D 303 31.01 -4.28 20.42
CA MET D 303 31.00 -4.71 19.02
C MET D 303 31.27 -3.52 18.11
N PRO D 304 32.34 -3.53 17.33
CA PRO D 304 32.44 -2.57 16.21
C PRO D 304 31.46 -2.95 15.10
N GLN D 305 31.17 -1.97 14.25
CA GLN D 305 30.22 -2.20 13.17
C GLN D 305 30.72 -3.24 12.18
N LYS D 306 32.00 -3.18 11.82
CA LYS D 306 32.59 -4.07 10.83
C LYS D 306 33.59 -4.99 11.53
N PHE D 307 33.25 -6.27 11.62
CA PHE D 307 34.17 -7.28 12.11
C PHE D 307 33.67 -8.65 11.65
N HIS D 308 34.60 -9.59 11.57
CA HIS D 308 34.31 -10.96 11.15
C HIS D 308 33.64 -11.01 9.79
N TYR D 309 32.32 -11.19 9.78
CA TYR D 309 31.61 -11.41 8.52
C TYR D 309 31.55 -10.14 7.66
N GLY D 310 31.63 -8.97 8.26
CA GLY D 310 31.72 -7.75 7.48
C GLY D 310 30.91 -6.64 8.09
N ASP D 311 30.64 -5.62 7.27
CA ASP D 311 29.91 -4.44 7.70
C ASP D 311 28.48 -4.80 8.09
N GLY D 312 28.08 -4.39 9.29
CA GLY D 312 26.76 -4.65 9.79
C GLY D 312 26.65 -5.80 10.77
N MET D 313 27.77 -6.47 11.09
CA MET D 313 27.70 -7.56 12.06
C MET D 313 27.46 -7.04 13.47
N GLY D 314 27.98 -5.86 13.79
CA GLY D 314 27.79 -5.28 15.11
C GLY D 314 26.47 -4.59 15.31
N THR D 315 25.62 -4.50 14.28
CA THR D 315 24.31 -3.89 14.39
C THR D 315 23.18 -4.84 14.03
N ASN D 316 23.43 -5.88 13.25
CA ASN D 316 22.40 -6.86 12.93
C ASN D 316 22.12 -7.71 14.15
N PRO D 317 20.87 -7.78 14.64
CA PRO D 317 20.63 -8.50 15.90
C PRO D 317 21.05 -9.96 15.88
N ILE D 318 20.83 -10.67 14.77
CA ILE D 318 21.18 -12.08 14.71
C ILE D 318 22.69 -12.25 14.68
N MET D 319 23.40 -11.39 13.95
CA MET D 319 24.85 -11.44 13.95
C MET D 319 25.42 -11.02 15.30
N MET D 320 24.77 -10.07 15.97
CA MET D 320 25.15 -9.73 17.33
C MET D 320 25.01 -10.93 18.26
N MET D 321 23.92 -11.68 18.12
CA MET D 321 23.75 -12.90 18.92
C MET D 321 24.82 -13.92 18.59
N GLN D 322 25.18 -14.06 17.32
CA GLN D 322 26.24 -14.99 16.93
C GLN D 322 27.57 -14.59 17.58
N ALA D 323 27.90 -13.30 17.54
CA ALA D 323 29.15 -12.83 18.13
C ALA D 323 29.15 -13.03 19.64
N LEU D 324 28.02 -12.74 20.31
CA LEU D 324 27.94 -12.94 21.75
C LEU D 324 28.07 -14.41 22.11
N SER D 325 27.47 -15.30 21.31
CA SER D 325 27.61 -16.74 21.55
C SER D 325 29.05 -17.19 21.36
N ALA D 326 29.73 -16.63 20.36
CA ALA D 326 31.15 -16.95 20.17
C ALA D 326 31.98 -16.49 21.36
N GLN D 327 31.70 -15.29 21.88
CA GLN D 327 32.42 -14.81 23.06
C GLN D 327 32.14 -15.70 24.27
N VAL D 328 30.89 -16.12 24.44
CA VAL D 328 30.54 -17.01 25.54
C VAL D 328 31.31 -18.32 25.43
N LEU D 329 31.35 -18.90 24.23
CA LEU D 329 32.09 -20.13 24.02
C LEU D 329 33.58 -19.95 24.26
N ARG D 330 34.11 -18.77 23.94
CA ARG D 330 35.54 -18.53 24.12
C ARG D 330 35.90 -18.40 25.60
N PHE D 331 35.11 -17.64 26.36
CA PHE D 331 35.46 -17.28 27.73
C PHE D 331 34.61 -18.02 28.77
N LYS D 332 34.08 -19.19 28.44
CA LYS D 332 33.26 -19.92 29.40
C LYS D 332 34.08 -20.65 30.45
N ARG D 333 35.36 -20.91 30.21
CA ARG D 333 36.22 -21.60 31.16
C ARG D 333 36.92 -20.64 32.11
N VAL D 334 36.74 -19.34 31.94
CA VAL D 334 37.36 -18.34 32.81
C VAL D 334 36.35 -17.65 33.71
N MET D 335 35.06 -17.88 33.51
CA MET D 335 34.00 -17.13 34.16
C MET D 335 33.16 -18.05 35.05
N SER D 336 32.46 -17.43 36.00
CA SER D 336 31.68 -18.16 36.99
C SER D 336 30.35 -18.60 36.36
N ASP D 337 29.43 -19.06 37.20
CA ASP D 337 28.11 -19.48 36.74
C ASP D 337 27.06 -18.37 36.84
N ASN D 338 27.42 -17.21 37.37
CA ASN D 338 26.55 -16.04 37.42
C ASN D 338 26.93 -15.00 36.39
N CYS D 339 27.27 -15.46 35.18
CA CYS D 339 27.83 -14.60 34.14
C CYS D 339 26.94 -13.40 33.87
N VAL D 340 27.57 -12.24 33.69
CA VAL D 340 26.93 -11.04 33.18
C VAL D 340 27.82 -10.47 32.08
N ILE D 341 27.26 -10.32 30.88
CA ILE D 341 28.00 -9.79 29.74
C ILE D 341 27.46 -8.40 29.42
N ILE D 342 28.34 -7.40 29.45
CA ILE D 342 27.98 -6.03 29.11
C ILE D 342 28.74 -5.66 27.86
N CYS D 343 28.00 -5.34 26.80
CA CYS D 343 28.59 -5.03 25.50
C CYS D 343 28.03 -3.72 24.98
N ALA D 344 28.89 -2.92 24.36
CA ALA D 344 28.50 -1.66 23.75
C ALA D 344 28.34 -1.86 22.25
N SER D 345 27.17 -1.53 21.72
CA SER D 345 26.91 -1.66 20.29
C SER D 345 25.87 -0.65 19.88
N THR D 346 25.96 -0.23 18.62
CA THR D 346 24.97 0.68 18.04
C THR D 346 23.93 -0.13 17.26
N CYS D 347 23.08 -0.80 18.03
CA CYS D 347 22.03 -1.66 17.47
C CYS D 347 20.92 -0.76 16.93
N ASN D 348 21.20 -0.14 15.78
CA ASN D 348 20.30 0.80 15.14
C ASN D 348 19.37 0.15 14.13
N GLY D 349 19.31 -1.18 14.10
CA GLY D 349 18.49 -1.87 13.13
C GLY D 349 19.07 -1.90 11.74
N TYR D 350 20.37 -1.65 11.59
CA TYR D 350 21.03 -1.66 10.30
C TYR D 350 21.32 -3.11 9.94
N PHE D 351 20.32 -3.76 9.32
CA PHE D 351 20.45 -5.17 8.96
C PHE D 351 21.42 -5.38 7.81
N HIS D 352 21.77 -4.32 7.07
CA HIS D 352 22.56 -4.43 5.85
C HIS D 352 21.87 -5.37 4.85
N ASP D 353 20.65 -5.00 4.48
CA ASP D 353 19.80 -5.88 3.69
C ASP D 353 20.39 -6.17 2.32
N GLU D 354 21.36 -5.38 1.84
CA GLU D 354 22.04 -5.69 0.60
C GLU D 354 23.02 -6.83 0.73
N ARG D 355 23.38 -7.22 1.96
CA ARG D 355 24.26 -8.34 2.22
C ARG D 355 23.58 -9.48 2.97
N TRP D 356 22.54 -9.18 3.77
CA TRP D 356 21.73 -10.18 4.44
C TRP D 356 20.27 -9.91 4.13
N PRO D 357 19.83 -10.20 2.91
CA PRO D 357 18.44 -9.90 2.54
C PRO D 357 17.41 -10.78 3.25
N TYR D 358 17.84 -11.91 3.83
CA TYR D 358 16.93 -12.84 4.47
C TYR D 358 16.77 -12.61 5.97
N LEU D 359 17.57 -11.71 6.55
CA LEU D 359 17.58 -11.57 8.00
C LEU D 359 16.41 -10.74 8.53
N ARG D 360 15.84 -9.85 7.72
CA ARG D 360 14.65 -9.14 8.17
C ARG D 360 13.45 -10.07 8.24
N GLU D 361 13.26 -10.90 7.22
CA GLU D 361 12.19 -11.90 7.27
C GLU D 361 12.43 -12.90 8.39
N LEU D 362 13.68 -13.27 8.62
CA LEU D 362 14.01 -14.18 9.71
C LEU D 362 13.66 -13.57 11.05
N TYR D 363 14.00 -12.28 11.25
CA TYR D 363 13.66 -11.60 12.49
C TYR D 363 12.15 -11.50 12.66
N ASP D 364 11.42 -11.19 11.60
CA ASP D 364 9.97 -11.10 11.68
C ASP D 364 9.35 -12.45 12.03
N LEU D 365 9.87 -13.54 11.45
CA LEU D 365 9.37 -14.86 11.79
C LEU D 365 9.71 -15.22 13.22
N PHE D 366 10.86 -14.77 13.72
CA PHE D 366 11.20 -14.98 15.13
C PHE D 366 10.21 -14.26 16.05
N GLN D 367 9.86 -13.02 15.71
CA GLN D 367 8.97 -12.25 16.57
C GLN D 367 7.53 -12.72 16.45
N HIS D 368 7.06 -12.99 15.24
CA HIS D 368 5.64 -13.16 14.95
C HIS D 368 5.23 -14.63 14.84
N ASP D 369 5.83 -15.51 15.63
CA ASP D 369 5.46 -16.91 15.62
C ASP D 369 5.61 -17.45 17.05
N HIS D 370 5.48 -18.77 17.20
CA HIS D 370 5.56 -19.42 18.50
C HIS D 370 6.99 -19.66 18.96
N MET D 371 7.97 -18.99 18.38
CA MET D 371 9.37 -19.19 18.72
C MET D 371 9.65 -18.56 20.08
N ASN D 372 9.83 -19.41 21.09
CA ASN D 372 10.25 -18.91 22.40
C ASN D 372 11.74 -18.63 22.45
N THR D 373 12.54 -19.38 21.71
CA THR D 373 13.99 -19.21 21.68
C THR D 373 14.49 -19.32 20.25
N LEU D 374 15.75 -18.94 20.06
CA LEU D 374 16.36 -19.01 18.73
C LEU D 374 16.45 -20.42 18.16
N PRO D 375 16.85 -21.45 18.92
CA PRO D 375 16.91 -22.81 18.33
C PRO D 375 15.58 -23.32 17.83
N ASP D 376 14.47 -22.67 18.17
CA ASP D 376 13.16 -23.07 17.65
C ASP D 376 12.99 -22.72 16.18
N MET D 377 13.89 -21.92 15.61
CA MET D 377 13.78 -21.45 14.24
C MET D 377 14.38 -22.42 13.22
N ASN D 378 15.17 -23.38 13.67
CA ASN D 378 15.89 -24.27 12.76
C ASN D 378 14.98 -25.04 11.82
N ARG D 379 13.73 -25.29 12.21
CA ARG D 379 12.79 -26.00 11.35
C ARG D 379 12.47 -25.24 10.07
N LEU D 380 12.78 -23.94 10.02
CA LEU D 380 12.59 -23.15 8.81
C LEU D 380 13.85 -23.04 7.97
N GLY D 381 14.93 -23.71 8.38
CA GLY D 381 16.17 -23.60 7.63
C GLY D 381 16.02 -24.05 6.19
N GLU D 382 15.49 -25.25 5.98
CA GLU D 382 15.22 -25.73 4.63
C GLU D 382 14.20 -24.87 3.91
N TYR D 383 13.41 -24.10 4.65
CA TYR D 383 12.48 -23.15 4.01
C TYR D 383 13.23 -21.97 3.43
N PHE D 384 14.33 -21.56 4.07
CA PHE D 384 15.05 -20.37 3.60
C PHE D 384 16.09 -20.72 2.54
N ALA D 385 16.76 -21.86 2.69
CA ALA D 385 17.81 -22.24 1.74
C ALA D 385 17.26 -22.51 0.35
N THR D 386 15.96 -22.73 0.21
CA THR D 386 15.34 -23.02 -1.07
C THR D 386 14.60 -21.83 -1.66
N ASN D 387 14.70 -20.66 -1.03
CA ASN D 387 14.02 -19.48 -1.55
C ASN D 387 14.66 -19.04 -2.85
N GLU D 388 13.83 -18.75 -3.85
CA GLU D 388 14.36 -18.42 -5.18
C GLU D 388 14.97 -17.03 -5.20
N GLU D 389 14.31 -16.05 -4.56
CA GLU D 389 14.81 -14.68 -4.58
C GLU D 389 16.12 -14.55 -3.82
N TYR D 390 16.20 -15.17 -2.64
CA TYR D 390 17.44 -15.11 -1.87
C TYR D 390 18.56 -15.87 -2.56
N ILE D 391 18.25 -16.97 -3.23
CA ILE D 391 19.27 -17.70 -3.98
C ILE D 391 19.77 -16.86 -5.17
N ARG D 392 18.86 -16.16 -5.84
CA ARG D 392 19.27 -15.28 -6.93
C ARG D 392 20.17 -14.17 -6.42
N LYS D 393 19.82 -13.58 -5.27
CA LYS D 393 20.67 -12.53 -4.70
C LYS D 393 22.01 -13.08 -4.26
N TYR D 394 22.05 -14.31 -3.76
CA TYR D 394 23.32 -14.94 -3.42
C TYR D 394 24.19 -15.14 -4.65
N ARG D 395 23.59 -15.62 -5.74
CA ARG D 395 24.37 -15.94 -6.94
C ARG D 395 24.86 -14.69 -7.64
N TYR D 396 24.00 -13.68 -7.80
CA TYR D 396 24.27 -12.58 -8.72
C TYR D 396 24.55 -11.24 -8.05
N THR D 397 24.23 -11.09 -6.76
CA THR D 397 24.32 -9.80 -6.09
C THR D 397 25.43 -9.77 -5.04
N ASN D 398 26.08 -10.91 -4.78
CA ASN D 398 27.11 -11.04 -3.75
C ASN D 398 26.53 -10.81 -2.36
N ALA D 399 25.53 -11.60 -2.00
CA ALA D 399 24.96 -11.62 -0.66
C ALA D 399 25.18 -12.99 -0.04
N PHE D 400 24.88 -13.09 1.25
CA PHE D 400 25.03 -14.35 1.96
C PHE D 400 23.98 -15.34 1.51
N HIS D 401 24.35 -16.62 1.50
CA HIS D 401 23.39 -17.67 1.20
C HIS D 401 22.33 -17.71 2.31
N PRO D 402 21.06 -17.92 1.96
CA PRO D 402 20.01 -17.85 2.99
C PRO D 402 20.16 -18.88 4.10
N PHE D 403 20.92 -19.95 3.87
CA PHE D 403 21.11 -20.96 4.89
C PHE D 403 22.25 -20.62 5.85
N HIS D 404 22.94 -19.50 5.63
CA HIS D 404 24.04 -19.14 6.52
C HIS D 404 23.56 -18.84 7.92
N GLY D 405 22.40 -18.18 8.05
CA GLY D 405 21.88 -17.85 9.36
C GLY D 405 21.47 -19.05 10.19
N PHE D 406 21.32 -20.22 9.58
CA PHE D 406 20.93 -21.44 10.28
C PHE D 406 22.09 -22.40 10.47
N SER D 407 23.32 -21.97 10.18
CA SER D 407 24.48 -22.85 10.35
C SER D 407 24.88 -22.94 11.81
N GLY D 412 24.11 -19.72 18.71
CA GLY D 412 23.17 -18.65 18.95
C GLY D 412 22.35 -18.83 20.21
N HIS D 413 22.39 -20.04 20.76
CA HIS D 413 21.64 -20.38 21.97
C HIS D 413 22.52 -20.54 23.20
N ILE D 414 23.85 -20.55 23.04
CA ILE D 414 24.73 -20.70 24.20
C ILE D 414 24.69 -19.46 25.08
N ALA D 415 24.59 -18.28 24.45
CA ALA D 415 24.60 -17.03 25.21
C ALA D 415 23.41 -16.95 26.16
N GLU D 416 22.21 -17.25 25.66
CA GLU D 416 21.03 -17.22 26.52
C GLU D 416 21.02 -18.37 27.52
N MET D 417 21.69 -19.48 27.21
CA MET D 417 21.71 -20.62 28.13
C MET D 417 22.64 -20.36 29.30
N ASN D 418 23.80 -19.77 29.06
CA ASN D 418 24.83 -19.67 30.09
C ASN D 418 24.74 -18.39 30.91
N THR D 419 24.76 -17.24 30.24
CA THR D 419 24.80 -15.96 30.94
C THR D 419 23.49 -15.71 31.68
N SER D 420 23.60 -15.16 32.89
CA SER D 420 22.42 -14.79 33.65
C SER D 420 21.78 -13.51 33.11
N ALA D 421 22.58 -12.64 32.50
CA ALA D 421 22.08 -11.42 31.89
C ALA D 421 23.09 -10.92 30.88
N ILE D 422 22.59 -10.46 29.73
CA ILE D 422 23.41 -9.85 28.69
C ILE D 422 22.91 -8.44 28.45
N TYR D 423 23.81 -7.47 28.55
CA TYR D 423 23.47 -6.06 28.43
C TYR D 423 24.02 -5.51 27.12
N ILE D 424 23.17 -4.81 26.37
CA ILE D 424 23.58 -4.08 25.19
C ILE D 424 23.54 -2.60 25.55
N VAL D 425 24.71 -1.96 25.55
CA VAL D 425 24.89 -0.61 26.06
C VAL D 425 25.03 0.35 24.89
N GLY D 426 24.22 1.42 24.90
CA GLY D 426 24.32 2.44 23.89
C GLY D 426 23.63 2.13 22.58
N ALA D 427 22.65 1.24 22.58
CA ALA D 427 21.93 0.93 21.36
C ALA D 427 21.10 2.13 20.91
N GLU D 428 21.00 2.31 19.60
CA GLU D 428 20.24 3.41 19.05
C GLU D 428 18.78 3.05 18.80
N GLU D 429 18.50 1.78 18.54
CA GLU D 429 17.14 1.25 18.46
C GLU D 429 17.10 0.01 19.34
N PRO D 430 17.00 0.19 20.67
CA PRO D 430 17.09 -0.97 21.58
C PRO D 430 15.95 -1.96 21.46
N GLY D 431 14.95 -1.70 20.62
CA GLY D 431 13.90 -2.67 20.40
C GLY D 431 14.42 -3.97 19.81
N TYR D 432 15.43 -3.89 18.94
CA TYR D 432 15.99 -5.10 18.35
C TYR D 432 16.81 -5.89 19.35
N ALA D 433 17.55 -5.18 20.22
CA ALA D 433 18.32 -5.89 21.25
C ALA D 433 17.40 -6.50 22.31
N ARG D 434 16.27 -5.85 22.59
CA ARG D 434 15.32 -6.42 23.53
C ARG D 434 14.53 -7.57 22.90
N GLY D 435 14.31 -7.52 21.59
CA GLY D 435 13.55 -8.57 20.93
C GLY D 435 14.26 -9.91 20.85
N MET D 436 15.58 -9.90 20.95
CA MET D 436 16.37 -11.13 20.94
C MET D 436 16.64 -11.67 22.33
N GLY D 437 16.16 -10.99 23.37
CA GLY D 437 16.35 -11.43 24.73
C GLY D 437 17.48 -10.75 25.49
N LEU D 438 18.06 -9.70 24.94
CA LEU D 438 19.15 -8.99 25.59
C LEU D 438 18.65 -7.72 26.26
N LYS D 439 19.13 -7.46 27.47
CA LYS D 439 18.76 -6.24 28.17
C LYS D 439 19.43 -5.03 27.52
N THR D 440 18.81 -3.87 27.72
CA THR D 440 19.27 -2.63 27.10
C THR D 440 19.43 -1.54 28.16
N ARG D 441 20.54 -0.81 28.06
CA ARG D 441 20.80 0.33 28.93
C ARG D 441 21.44 1.43 28.11
N ALA D 442 21.63 2.59 28.74
CA ALA D 442 22.12 3.76 28.02
C ALA D 442 23.63 3.98 28.18
N THR D 443 24.20 3.59 29.32
CA THR D 443 25.61 3.81 29.58
C THR D 443 26.21 2.58 30.26
N PHE D 444 27.54 2.48 30.18
CA PHE D 444 28.24 1.38 30.82
C PHE D 444 28.04 1.39 32.33
N GLU D 445 28.13 2.58 32.94
CA GLU D 445 28.02 2.67 34.40
C GLU D 445 26.63 2.26 34.88
N GLU D 446 25.59 2.69 34.16
CA GLU D 446 24.23 2.34 34.56
C GLU D 446 24.00 0.83 34.48
N ALA D 447 24.45 0.21 33.39
CA ALA D 447 24.29 -1.24 33.24
C ALA D 447 25.09 -1.99 34.29
N LEU D 448 26.30 -1.53 34.58
CA LEU D 448 27.10 -2.18 35.62
C LEU D 448 26.46 -2.04 36.98
N GLU D 449 25.87 -0.87 37.27
CA GLU D 449 25.18 -0.69 38.54
C GLU D 449 23.98 -1.61 38.65
N ASP D 450 23.20 -1.74 37.57
CA ASP D 450 22.07 -2.65 37.60
C ASP D 450 22.51 -4.09 37.80
N ALA D 451 23.58 -4.51 37.10
CA ALA D 451 24.09 -5.87 37.26
C ALA D 451 24.58 -6.12 38.67
N LYS D 452 25.28 -5.15 39.27
CA LYS D 452 25.72 -5.28 40.65
C LYS D 452 24.52 -5.38 41.59
N LYS D 453 23.48 -4.59 41.35
CA LYS D 453 22.30 -4.63 42.20
C LYS D 453 21.62 -6.00 42.13
N LYS D 454 21.51 -6.57 40.93
CA LYS D 454 20.72 -7.78 40.76
C LYS D 454 21.55 -9.06 40.86
N TYR D 455 22.53 -9.23 39.97
CA TYR D 455 23.09 -10.54 39.69
C TYR D 455 24.42 -10.81 40.38
N VAL D 456 25.44 -9.96 40.16
CA VAL D 456 26.78 -10.29 40.62
C VAL D 456 27.11 -9.75 42.00
N GLY D 457 26.22 -8.97 42.60
CA GLY D 457 26.51 -8.39 43.90
C GLY D 457 27.33 -7.13 43.80
N GLN D 458 27.59 -6.53 44.96
CA GLN D 458 28.28 -5.25 45.02
C GLN D 458 29.79 -5.36 44.91
N GLU D 459 30.34 -6.58 44.98
CA GLU D 459 31.78 -6.81 44.88
C GLU D 459 32.06 -7.87 43.82
N PRO D 460 31.96 -7.51 42.54
CA PRO D 460 32.18 -8.48 41.46
C PRO D 460 33.61 -8.45 40.96
N ASN D 461 33.95 -9.50 40.20
CA ASN D 461 35.21 -9.57 39.48
C ASN D 461 34.94 -9.27 38.01
N ILE D 462 35.65 -8.28 37.46
CA ILE D 462 35.38 -7.78 36.13
C ILE D 462 36.59 -8.06 35.24
N LEU D 463 36.33 -8.60 34.05
CA LEU D 463 37.34 -8.78 33.03
C LEU D 463 36.95 -7.94 31.81
N ALA D 464 37.84 -7.06 31.39
CA ALA D 464 37.57 -6.12 30.31
C ALA D 464 38.43 -6.48 29.11
N LEU D 465 37.78 -6.62 27.95
CA LEU D 465 38.46 -6.93 26.70
C LEU D 465 38.33 -5.75 25.76
N PRO D 466 39.35 -4.89 25.66
CA PRO D 466 39.18 -3.65 24.87
C PRO D 466 39.52 -3.78 23.40
N MET D 467 40.02 -4.93 22.95
CA MET D 467 40.27 -5.17 21.53
C MET D 467 39.92 -6.61 21.17
N THR D 468 38.77 -7.08 21.65
CA THR D 468 38.41 -8.48 21.49
C THR D 468 37.99 -8.79 20.06
N PHE D 469 37.22 -7.90 19.42
CA PHE D 469 36.71 -8.13 18.08
C PHE D 469 37.60 -7.55 16.99
N LYS D 470 38.70 -6.89 17.35
CA LYS D 470 39.62 -6.34 16.37
C LYS D 470 40.79 -7.27 16.09
N LYS D 471 41.06 -8.22 16.97
CA LYS D 471 42.17 -9.15 16.83
C LYS D 471 41.65 -10.58 16.82
N ALA D 472 42.46 -11.49 16.30
CA ALA D 472 42.10 -12.91 16.27
C ALA D 472 41.89 -13.41 17.70
N ALA D 473 40.66 -13.81 18.00
CA ALA D 473 40.30 -14.15 19.37
C ALA D 473 40.98 -15.43 19.82
N VAL D 474 41.22 -15.53 21.13
CA VAL D 474 41.85 -16.68 21.74
C VAL D 474 40.95 -17.22 22.83
N HIS D 475 41.17 -18.47 23.19
CA HIS D 475 40.41 -19.12 24.27
C HIS D 475 41.17 -18.93 25.58
N LEU D 476 40.53 -18.25 26.53
CA LEU D 476 41.13 -18.05 27.84
C LEU D 476 40.91 -19.27 28.72
N CYS D 477 41.89 -19.55 29.57
CA CYS D 477 41.86 -20.74 30.42
C CYS D 477 42.52 -20.43 31.75
N MET D 478 42.25 -21.29 32.74
CA MET D 478 42.87 -21.16 34.04
C MET D 478 44.38 -21.35 33.95
N LYS D 479 45.12 -20.55 34.72
CA LYS D 479 46.57 -20.64 34.70
C LYS D 479 47.05 -21.97 35.26
N ASP D 480 46.43 -22.44 36.33
CA ASP D 480 46.82 -23.71 36.95
C ASP D 480 46.41 -24.89 36.09
N LYS E 4 4.23 21.84 -47.01
CA LYS E 4 4.13 21.38 -45.64
C LYS E 4 3.74 22.52 -44.71
N PHE E 5 3.13 22.17 -43.57
CA PHE E 5 2.69 23.14 -42.59
C PHE E 5 3.27 22.78 -41.23
N ASP E 6 3.63 23.80 -40.46
CA ASP E 6 4.31 23.63 -39.19
C ASP E 6 3.38 24.09 -38.07
N PHE E 7 3.03 23.17 -37.17
CA PHE E 7 2.15 23.47 -36.05
C PHE E 7 2.85 23.13 -34.74
N GLU E 8 2.67 23.97 -33.73
CA GLU E 8 3.33 23.74 -32.45
C GLU E 8 2.88 22.41 -31.85
N TYR E 9 3.86 21.62 -31.41
CA TYR E 9 3.62 20.27 -30.91
C TYR E 9 4.42 20.11 -29.61
N GLY E 10 3.82 20.53 -28.50
CA GLY E 10 4.44 20.38 -27.20
C GLY E 10 5.51 21.41 -26.93
N GLN E 11 6.67 21.24 -27.57
CA GLN E 11 7.78 22.17 -27.42
C GLN E 11 8.33 22.56 -28.78
N GLY E 12 8.17 21.67 -29.76
CA GLY E 12 8.74 21.90 -31.07
C GLY E 12 7.70 22.13 -32.16
N THR E 13 7.58 21.19 -33.09
CA THR E 13 6.72 21.37 -34.24
C THR E 13 6.42 20.06 -34.94
N MET E 14 5.14 19.83 -35.24
CA MET E 14 4.69 18.73 -36.07
C MET E 14 4.42 19.25 -37.47
N SER E 15 4.75 18.44 -38.47
CA SER E 15 4.59 18.81 -39.87
C SER E 15 3.38 18.09 -40.45
N ALA E 16 2.55 18.85 -41.15
CA ALA E 16 1.32 18.33 -41.74
C ALA E 16 1.28 18.64 -43.23
N GLU E 17 0.95 17.62 -44.03
CA GLU E 17 0.78 17.77 -45.47
C GLU E 17 -0.70 17.98 -45.75
N LEU E 18 -1.12 19.23 -45.81
CA LEU E 18 -2.51 19.55 -46.06
C LEU E 18 -2.73 19.89 -47.52
N PRO E 19 -3.95 19.67 -48.04
CA PRO E 19 -4.23 20.02 -49.44
C PRO E 19 -3.98 21.50 -49.72
N ASP E 20 -3.70 21.80 -50.98
CA ASP E 20 -3.30 23.15 -51.38
C ASP E 20 -4.39 24.19 -51.19
N ASN E 21 -5.64 23.79 -50.97
CA ASN E 21 -6.72 24.73 -50.71
C ASN E 21 -6.70 25.26 -49.27
N THR E 22 -5.74 24.84 -48.47
CA THR E 22 -5.65 25.30 -47.08
C THR E 22 -5.33 26.79 -47.03
N ASP E 23 -5.89 27.47 -46.03
CA ASP E 23 -5.64 28.88 -45.80
C ASP E 23 -4.92 29.08 -44.48
N ILE E 24 -4.16 30.16 -44.39
CA ILE E 24 -3.34 30.47 -43.22
C ILE E 24 -3.83 31.79 -42.64
N PHE E 25 -4.05 31.81 -41.32
CA PHE E 25 -4.34 33.04 -40.61
C PHE E 25 -3.43 33.13 -39.39
N ILE E 26 -2.43 33.99 -39.46
CA ILE E 26 -1.59 34.36 -38.33
C ILE E 26 -1.98 35.79 -37.93
N PRO E 27 -2.47 36.02 -36.71
CA PRO E 27 -3.05 37.33 -36.41
C PRO E 27 -2.01 38.41 -36.15
N GLY E 28 -0.96 38.44 -36.97
CA GLY E 28 -0.05 39.56 -36.99
C GLY E 28 0.41 39.87 -38.40
N GLU E 29 0.03 39.00 -39.34
CA GLU E 29 0.52 39.06 -40.70
C GLU E 29 -0.58 39.11 -41.74
N THR E 30 -1.65 38.33 -41.55
CA THR E 30 -2.75 38.33 -42.52
C THR E 30 -3.46 39.67 -42.55
N VAL E 31 -3.99 40.10 -41.41
CA VAL E 31 -4.61 41.42 -41.26
C VAL E 31 -3.82 42.16 -40.19
N LYS E 32 -3.32 43.33 -40.54
CA LYS E 32 -2.46 44.10 -39.64
C LYS E 32 -3.29 44.82 -38.58
N ASP E 33 -2.79 44.79 -37.35
CA ASP E 33 -3.43 45.48 -36.24
C ASP E 33 -3.25 46.99 -36.37
N PRO E 34 -4.05 47.78 -35.66
CA PRO E 34 -3.81 49.22 -35.62
C PRO E 34 -2.39 49.53 -35.13
N ASP E 35 -1.83 50.61 -35.67
CA ASP E 35 -0.43 50.93 -35.44
C ASP E 35 -0.15 51.09 -33.94
N HIS E 36 0.90 50.43 -33.48
CA HIS E 36 1.34 50.56 -32.10
C HIS E 36 2.08 51.88 -31.90
N ILE E 37 1.99 52.40 -30.69
CA ILE E 37 2.65 53.68 -30.37
C ILE E 37 4.16 53.49 -30.44
N PRO E 38 4.89 54.34 -31.17
CA PRO E 38 6.34 54.22 -31.20
C PRO E 38 6.94 54.42 -29.81
N GLU E 39 8.06 53.73 -29.56
CA GLU E 39 8.66 53.71 -28.23
C GLU E 39 9.08 55.10 -27.75
N ASP E 40 9.33 56.04 -28.67
CA ASP E 40 9.72 57.38 -28.28
C ASP E 40 8.53 58.30 -28.02
N GLN E 41 7.31 57.85 -28.33
CA GLN E 41 6.11 58.61 -28.02
C GLN E 41 5.34 58.03 -26.84
N LEU E 42 5.88 57.02 -26.16
CA LEU E 42 5.15 56.39 -25.07
C LEU E 42 5.09 57.29 -23.85
N GLU E 43 6.19 57.99 -23.53
CA GLU E 43 6.17 58.91 -22.40
C GLU E 43 5.15 60.02 -22.61
N ALA E 44 5.11 60.59 -23.82
CA ALA E 44 4.15 61.65 -24.11
C ALA E 44 2.72 61.14 -23.99
N ALA E 45 2.46 59.94 -24.53
CA ALA E 45 1.12 59.37 -24.46
C ALA E 45 0.70 59.12 -23.02
N TYR E 46 1.59 58.54 -22.21
CA TYR E 46 1.27 58.29 -20.81
C TYR E 46 1.03 59.59 -20.04
N LEU E 47 1.87 60.59 -20.28
CA LEU E 47 1.70 61.87 -19.58
C LEU E 47 0.40 62.55 -19.98
N GLU E 48 0.06 62.51 -21.28
CA GLU E 48 -1.18 63.14 -21.73
C GLU E 48 -2.40 62.39 -21.21
N SER E 49 -2.31 61.05 -21.11
CA SER E 49 -3.42 60.28 -20.57
C SER E 49 -3.60 60.54 -19.07
N LEU E 50 -2.51 60.52 -18.31
CA LEU E 50 -2.61 60.73 -16.87
C LEU E 50 -3.03 62.16 -16.54
N ALA E 51 -2.58 63.15 -17.32
CA ALA E 51 -2.96 64.52 -17.08
C ALA E 51 -4.37 64.85 -17.59
N HIS E 52 -4.96 63.97 -18.39
CA HIS E 52 -6.31 64.16 -18.92
C HIS E 52 -7.13 62.90 -18.67
N PRO E 53 -7.52 62.64 -17.43
CA PRO E 53 -8.34 61.46 -17.13
C PRO E 53 -9.80 61.72 -17.48
N ILE E 54 -10.57 60.63 -17.53
CA ILE E 54 -11.98 60.68 -17.88
C ILE E 54 -12.81 60.56 -16.61
N GLY E 55 -13.58 61.60 -16.32
CA GLY E 55 -14.45 61.59 -15.16
C GLY E 55 -13.72 61.49 -13.82
N MET E 56 -12.54 62.09 -13.72
CA MET E 56 -11.76 62.05 -12.49
C MET E 56 -10.75 63.19 -12.52
N PRO E 57 -10.26 63.62 -11.37
CA PRO E 57 -9.15 64.57 -11.34
C PRO E 57 -7.81 63.86 -11.45
N THR E 58 -6.79 64.65 -11.75
CA THR E 58 -5.44 64.10 -11.91
C THR E 58 -4.93 63.56 -10.58
N LEU E 59 -3.93 62.66 -10.67
CA LEU E 59 -3.33 62.10 -9.48
C LEU E 59 -2.76 63.18 -8.56
N THR E 60 -2.27 64.27 -9.14
CA THR E 60 -1.80 65.40 -8.34
C THR E 60 -2.91 66.11 -7.59
N GLU E 61 -4.17 65.85 -7.94
CA GLU E 61 -5.30 66.47 -7.27
C GLU E 61 -5.92 65.60 -6.19
N LEU E 62 -5.76 64.29 -6.27
CA LEU E 62 -6.31 63.36 -5.29
C LEU E 62 -5.28 62.89 -4.27
N ALA E 63 -4.04 63.36 -4.35
CA ALA E 63 -2.96 62.88 -3.51
C ALA E 63 -2.48 63.98 -2.57
N GLY E 64 -2.05 63.55 -1.38
CA GLY E 64 -1.51 64.45 -0.38
C GLY E 64 -0.51 63.74 0.50
N PRO E 65 0.09 64.46 1.44
CA PRO E 65 1.08 63.83 2.33
C PRO E 65 0.40 62.91 3.33
N GLY E 66 0.87 61.67 3.38
CA GLY E 66 0.33 60.68 4.28
C GLY E 66 -0.87 59.90 3.78
N LYS E 67 -1.32 60.16 2.55
CA LYS E 67 -2.46 59.45 1.99
C LYS E 67 -2.02 58.10 1.43
N THR E 68 -2.57 57.02 1.99
CA THR E 68 -2.16 55.68 1.59
C THR E 68 -2.57 55.42 0.14
N VAL E 69 -1.66 54.78 -0.60
CA VAL E 69 -1.88 54.47 -2.02
C VAL E 69 -1.63 52.98 -2.22
N THR E 70 -2.60 52.30 -2.81
CA THR E 70 -2.48 50.90 -3.19
C THR E 70 -2.60 50.79 -4.71
N ILE E 71 -1.60 50.21 -5.34
CA ILE E 71 -1.55 50.06 -6.80
C ILE E 71 -1.76 48.59 -7.11
N VAL E 72 -2.81 48.29 -7.86
CA VAL E 72 -3.18 46.93 -8.21
C VAL E 72 -2.61 46.60 -9.58
N VAL E 73 -1.83 45.53 -9.65
CA VAL E 73 -1.09 45.15 -10.85
C VAL E 73 -1.45 43.70 -11.19
N PRO E 74 -1.78 43.40 -12.45
CA PRO E 74 -2.15 42.03 -12.79
C PRO E 74 -0.96 41.08 -12.72
N ASP E 75 -1.27 39.79 -12.68
CA ASP E 75 -0.26 38.75 -12.58
C ASP E 75 0.35 38.49 -13.96
N ARG E 76 1.14 37.42 -14.07
CA ARG E 76 1.92 37.14 -15.26
C ARG E 76 1.18 36.30 -16.29
N VAL E 77 -0.15 36.22 -16.20
CA VAL E 77 -0.92 35.42 -17.15
C VAL E 77 -1.03 36.16 -18.48
N LYS E 78 -1.40 37.44 -18.45
CA LYS E 78 -1.59 38.23 -19.65
C LYS E 78 -0.84 39.55 -19.52
N GLY E 79 -0.51 40.13 -20.66
CA GLY E 79 0.24 41.36 -20.72
C GLY E 79 1.69 41.13 -21.12
N GLY E 80 2.34 42.24 -21.50
CA GLY E 80 3.72 42.16 -21.94
C GLY E 80 4.70 42.10 -20.79
N GLU E 81 5.81 41.40 -21.03
CA GLU E 81 6.92 41.33 -20.08
C GLU E 81 8.18 41.99 -20.64
N GLN E 82 8.04 42.80 -21.67
CA GLN E 82 9.18 43.44 -22.31
C GLN E 82 9.66 44.63 -21.47
N ALA E 83 10.74 45.26 -21.92
CA ALA E 83 11.32 46.38 -21.19
C ALA E 83 10.46 47.64 -21.25
N THR E 84 9.43 47.67 -22.09
CA THR E 84 8.57 48.84 -22.26
C THR E 84 7.11 48.46 -22.18
N SER E 85 6.78 47.45 -21.36
CA SER E 85 5.41 46.99 -21.25
C SER E 85 4.55 48.03 -20.53
N HIS E 86 3.22 47.81 -20.58
CA HIS E 86 2.29 48.75 -19.98
C HIS E 86 2.48 48.85 -18.48
N ARG E 87 2.68 47.71 -17.81
CA ARG E 87 2.78 47.71 -16.36
C ARG E 87 3.93 48.57 -15.88
N LYS E 88 5.12 48.36 -16.43
CA LYS E 88 6.32 49.06 -15.95
C LYS E 88 6.21 50.56 -16.18
N LEU E 89 5.88 50.98 -17.40
CA LEU E 89 5.77 52.40 -17.70
C LEU E 89 4.67 53.07 -16.91
N SER E 90 3.50 52.41 -16.82
CA SER E 90 2.39 52.99 -16.07
C SER E 90 2.74 53.17 -14.60
N ILE E 91 3.37 52.16 -14.00
CA ILE E 91 3.78 52.27 -12.61
C ILE E 91 4.80 53.38 -12.45
N LYS E 92 5.76 53.47 -13.37
CA LYS E 92 6.80 54.50 -13.27
C LYS E 92 6.20 55.89 -13.29
N TYR E 93 5.31 56.15 -14.25
CA TYR E 93 4.76 57.51 -14.37
C TYR E 93 3.76 57.81 -13.26
N ILE E 94 3.01 56.81 -12.81
CA ILE E 94 2.12 57.00 -11.67
C ILE E 94 2.93 57.34 -10.42
N LEU E 95 4.05 56.64 -10.21
CA LEU E 95 4.91 56.93 -9.07
C LEU E 95 5.50 58.33 -9.18
N LYS E 96 5.90 58.74 -10.38
CA LYS E 96 6.40 60.11 -10.54
C LYS E 96 5.33 61.13 -10.20
N GLU E 97 4.11 60.92 -10.69
CA GLU E 97 3.02 61.84 -10.38
C GLU E 97 2.73 61.90 -8.88
N LEU E 98 2.71 60.74 -8.23
CA LEU E 98 2.43 60.71 -6.80
C LEU E 98 3.54 61.37 -5.99
N TYR E 99 4.79 61.12 -6.36
CA TYR E 99 5.91 61.76 -5.67
C TYR E 99 5.88 63.27 -5.85
N ALA E 100 5.55 63.73 -7.06
CA ALA E 100 5.38 65.17 -7.28
C ALA E 100 4.23 65.72 -6.45
N ALA E 101 3.18 64.93 -6.25
CA ALA E 101 2.05 65.39 -5.45
C ALA E 101 2.40 65.47 -3.97
N GLY E 102 3.34 64.65 -3.51
CA GLY E 102 3.76 64.71 -2.11
C GLY E 102 3.53 63.44 -1.32
N VAL E 103 3.58 62.29 -1.98
CA VAL E 103 3.41 60.99 -1.33
C VAL E 103 4.77 60.31 -1.25
N GLU E 104 5.10 59.78 -0.07
CA GLU E 104 6.39 59.16 0.14
C GLU E 104 6.42 57.72 -0.39
N LYS E 105 7.63 57.21 -0.57
CA LYS E 105 7.80 55.83 -1.02
C LYS E 105 7.45 54.82 0.07
N LYS E 106 7.69 55.18 1.34
CA LYS E 106 7.42 54.27 2.45
C LYS E 106 5.96 53.84 2.51
N ASP E 107 5.05 54.63 1.94
CA ASP E 107 3.62 54.38 2.08
C ASP E 107 3.08 53.56 0.91
N ILE E 108 3.51 53.88 -0.32
CA ILE E 108 2.92 53.28 -1.51
C ILE E 108 3.09 51.76 -1.46
N LEU E 109 1.99 51.05 -1.70
CA LEU E 109 1.94 49.59 -1.65
C LEU E 109 1.51 49.04 -2.99
N PHE E 110 2.08 47.89 -3.36
CA PHE E 110 1.77 47.21 -4.61
C PHE E 110 1.13 45.85 -4.32
N ILE E 111 0.06 45.54 -5.05
CA ILE E 111 -0.65 44.28 -4.88
C ILE E 111 -0.80 43.61 -6.23
N ILE E 112 -0.31 42.37 -6.33
CA ILE E 112 -0.49 41.56 -7.54
C ILE E 112 -1.84 40.86 -7.41
N SER E 113 -2.73 41.15 -8.36
CA SER E 113 -4.12 40.67 -8.29
C SER E 113 -4.25 39.43 -9.17
N ASN E 114 -4.06 38.26 -8.55
CA ASN E 114 -4.29 37.00 -9.25
C ASN E 114 -5.71 36.48 -9.05
N GLY E 115 -6.23 36.57 -7.83
CA GLY E 115 -7.58 36.12 -7.53
C GLY E 115 -7.66 34.63 -7.30
N LEU E 116 -7.58 33.86 -8.38
CA LEU E 116 -7.52 32.40 -8.30
C LEU E 116 -6.27 31.82 -8.96
N HIS E 117 -5.53 32.61 -9.73
CA HIS E 117 -4.26 32.18 -10.27
C HIS E 117 -3.23 32.07 -9.15
N PRO E 118 -2.16 31.31 -9.35
CA PRO E 118 -1.19 31.12 -8.27
C PRO E 118 -0.54 32.43 -7.86
N ARG E 119 -0.22 32.53 -6.57
CA ARG E 119 0.40 33.73 -6.04
C ARG E 119 1.80 33.89 -6.60
N SER E 120 2.20 35.14 -6.82
CA SER E 120 3.46 35.42 -7.50
C SER E 120 4.64 35.18 -6.57
N THR E 121 5.69 34.57 -7.12
CA THR E 121 6.92 34.32 -6.39
C THR E 121 7.88 35.49 -6.61
N GLU E 122 9.12 35.33 -6.15
CA GLU E 122 10.12 36.38 -6.36
C GLU E 122 10.46 36.54 -7.84
N ALA E 123 10.64 35.43 -8.55
CA ALA E 123 10.96 35.49 -9.98
C ALA E 123 9.80 36.04 -10.79
N ASP E 124 8.57 35.66 -10.44
CA ASP E 124 7.40 36.19 -11.15
C ASP E 124 7.28 37.69 -10.96
N ALA E 125 7.52 38.18 -9.74
CA ALA E 125 7.52 39.62 -9.51
C ALA E 125 8.66 40.30 -10.24
N LYS E 126 9.81 39.63 -10.35
CA LYS E 126 10.91 40.16 -11.14
C LYS E 126 10.49 40.35 -12.59
N ALA E 127 9.83 39.35 -13.17
CA ALA E 127 9.42 39.45 -14.57
C ALA E 127 8.32 40.48 -14.75
N ILE E 128 7.44 40.62 -13.77
CA ILE E 128 6.33 41.57 -13.89
C ILE E 128 6.85 43.01 -13.76
N PHE E 129 7.44 43.34 -12.62
CA PHE E 129 7.80 44.72 -12.33
C PHE E 129 9.11 45.16 -12.99
N GLY E 130 9.92 44.22 -13.47
CA GLY E 130 11.19 44.59 -14.07
C GLY E 130 12.36 44.45 -13.13
N GLU E 131 13.37 45.30 -13.29
CA GLU E 131 14.56 45.29 -12.46
C GLU E 131 14.67 46.47 -11.52
N GLU E 132 14.03 47.59 -11.83
CA GLU E 132 14.11 48.79 -10.99
C GLU E 132 13.06 48.78 -9.89
N LEU E 133 11.80 48.55 -10.25
CA LEU E 133 10.74 48.51 -9.25
C LEU E 133 10.91 47.32 -8.32
N PHE E 134 11.37 46.18 -8.87
CA PHE E 134 11.67 45.02 -8.06
C PHE E 134 12.64 45.37 -6.93
N ASN E 135 13.76 46.00 -7.28
CA ASN E 135 14.75 46.36 -6.26
C ASN E 135 14.23 47.45 -5.34
N GLU E 136 13.40 48.36 -5.87
CA GLU E 136 12.90 49.46 -5.05
C GLU E 136 11.95 48.99 -3.96
N PHE E 137 11.05 48.04 -4.28
CA PHE E 137 9.90 47.82 -3.44
C PHE E 137 9.81 46.43 -2.81
N TRP E 138 10.29 45.38 -3.49
CA TRP E 138 10.07 44.01 -3.00
C TRP E 138 10.71 43.76 -1.65
N HIS E 139 11.95 44.21 -1.46
N HIS E 139 11.95 44.20 -1.45
CA HIS E 139 12.66 43.91 -0.22
CA HIS E 139 12.64 43.88 -0.21
C HIS E 139 12.10 44.66 0.97
C HIS E 139 12.11 44.66 0.98
N THR E 140 11.37 45.74 0.74
CA THR E 140 10.75 46.49 1.83
C THR E 140 9.43 45.87 2.27
N GLY E 141 8.94 44.86 1.56
CA GLY E 141 7.66 44.25 1.88
C GLY E 141 6.46 44.99 1.32
N GLN E 142 6.66 45.79 0.26
CA GLN E 142 5.60 46.62 -0.29
C GLN E 142 5.02 46.05 -1.58
N ILE E 143 5.39 44.83 -1.94
CA ILE E 143 4.79 44.11 -3.07
C ILE E 143 4.18 42.84 -2.52
N ILE E 144 2.86 42.72 -2.64
CA ILE E 144 2.10 41.64 -2.02
C ILE E 144 1.27 40.94 -3.08
N SER E 145 1.23 39.61 -3.03
CA SER E 145 0.34 38.83 -3.87
C SER E 145 -0.99 38.65 -3.17
N HIS E 146 -2.08 38.83 -3.91
CA HIS E 146 -3.41 38.77 -3.32
C HIS E 146 -3.72 37.33 -2.87
N ASP E 147 -4.10 37.20 -1.60
CA ASP E 147 -4.49 35.91 -1.03
C ASP E 147 -5.97 35.97 -0.71
N SER E 148 -6.77 35.16 -1.40
CA SER E 148 -8.21 35.19 -1.22
C SER E 148 -8.68 34.31 -0.07
N GLU E 149 -7.82 33.47 0.49
CA GLU E 149 -8.16 32.65 1.63
C GLU E 149 -7.64 33.21 2.94
N ASP E 150 -7.02 34.39 2.92
CA ASP E 150 -6.52 35.04 4.12
C ASP E 150 -7.68 35.79 4.76
N GLN E 151 -8.39 35.14 5.69
CA GLN E 151 -9.55 35.75 6.31
C GLN E 151 -9.19 36.97 7.14
N GLU E 152 -7.91 37.12 7.52
CA GLU E 152 -7.48 38.30 8.24
C GLU E 152 -7.18 39.47 7.32
N HIS E 153 -7.22 39.27 6.00
CA HIS E 153 -6.98 40.34 5.03
C HIS E 153 -8.11 40.46 4.02
N MET E 154 -9.26 39.85 4.28
CA MET E 154 -10.43 39.96 3.44
C MET E 154 -11.57 40.60 4.22
N VAL E 155 -12.18 41.62 3.63
CA VAL E 155 -13.30 42.32 4.24
C VAL E 155 -14.59 41.93 3.51
N ASP E 156 -15.68 41.95 4.26
CA ASP E 156 -17.01 41.60 3.75
C ASP E 156 -17.76 42.88 3.45
N LEU E 157 -18.15 43.07 2.19
CA LEU E 157 -18.90 44.24 1.76
C LEU E 157 -20.39 43.97 1.66
N GLY E 158 -20.84 42.79 2.04
CA GLY E 158 -22.26 42.46 1.96
C GLY E 158 -22.64 41.79 0.65
N THR E 159 -23.77 42.19 0.09
CA THR E 159 -24.25 41.64 -1.18
C THR E 159 -24.73 42.77 -2.06
N THR E 160 -24.60 42.57 -3.37
CA THR E 160 -25.08 43.55 -4.33
C THR E 160 -26.61 43.54 -4.39
N HIS E 161 -27.16 44.39 -5.25
CA HIS E 161 -28.61 44.43 -5.43
C HIS E 161 -29.16 43.14 -6.03
N ARG E 162 -28.31 42.37 -6.71
CA ARG E 162 -28.71 41.10 -7.30
C ARG E 162 -28.46 39.92 -6.37
N GLY E 163 -27.95 40.15 -5.17
CA GLY E 163 -27.66 39.07 -4.24
C GLY E 163 -26.32 38.40 -4.42
N ASP E 164 -25.38 39.03 -5.10
CA ASP E 164 -24.05 38.47 -5.30
C ASP E 164 -23.15 38.85 -4.13
N PRO E 165 -22.60 37.90 -3.39
CA PRO E 165 -21.71 38.26 -2.28
C PRO E 165 -20.45 38.94 -2.79
N VAL E 166 -19.92 39.86 -1.98
CA VAL E 166 -18.73 40.63 -2.34
C VAL E 166 -17.74 40.54 -1.19
N TYR E 167 -16.59 39.95 -1.45
CA TYR E 167 -15.44 39.97 -0.55
C TYR E 167 -14.32 40.73 -1.22
N MET E 168 -13.54 41.47 -0.44
CA MET E 168 -12.53 42.34 -1.00
C MET E 168 -11.23 42.23 -0.22
N ASN E 169 -10.13 42.59 -0.87
CA ASN E 169 -8.86 42.66 -0.17
C ASN E 169 -8.87 43.80 0.83
N LYS E 170 -8.40 43.52 2.04
CA LYS E 170 -8.37 44.57 3.06
C LYS E 170 -7.39 45.68 2.69
N TYR E 171 -6.24 45.32 2.11
CA TYR E 171 -5.24 46.32 1.77
C TYR E 171 -5.79 47.33 0.78
N VAL E 172 -6.52 46.87 -0.24
CA VAL E 172 -7.14 47.77 -1.22
C VAL E 172 -8.35 48.47 -0.66
N PHE E 173 -8.87 48.04 0.49
CA PHE E 173 -10.04 48.66 1.09
C PHE E 173 -9.71 49.82 2.01
N GLU E 174 -8.57 49.76 2.71
CA GLU E 174 -8.22 50.77 3.70
C GLU E 174 -7.37 51.90 3.12
N CYS E 175 -7.02 51.86 1.85
CA CYS E 175 -6.18 52.89 1.28
C CYS E 175 -6.99 54.13 0.94
N ASP E 176 -6.29 55.24 0.72
CA ASP E 176 -6.93 56.49 0.33
C ASP E 176 -6.99 56.67 -1.18
N ILE E 177 -6.02 56.12 -1.92
CA ILE E 177 -5.99 56.23 -3.37
C ILE E 177 -5.82 54.85 -3.97
N PRO E 178 -6.90 54.18 -4.38
CA PRO E 178 -6.76 52.88 -5.05
C PRO E 178 -6.53 53.05 -6.54
N ILE E 179 -5.44 52.47 -7.05
CA ILE E 179 -5.06 52.62 -8.44
C ILE E 179 -5.10 51.24 -9.10
N LEU E 180 -5.81 51.15 -10.22
CA LEU E 180 -6.00 49.89 -10.94
C LEU E 180 -5.25 49.95 -12.27
N ILE E 181 -4.47 48.92 -12.54
CA ILE E 181 -3.74 48.78 -13.81
C ILE E 181 -4.25 47.51 -14.48
N GLY E 182 -4.75 47.66 -15.70
CA GLY E 182 -5.29 46.52 -16.44
C GLY E 182 -4.97 46.65 -17.91
N HIS E 183 -5.00 45.51 -18.59
CA HIS E 183 -4.73 45.43 -20.03
C HIS E 183 -6.05 45.10 -20.74
N VAL E 184 -6.53 46.03 -21.57
CA VAL E 184 -7.78 45.84 -22.29
C VAL E 184 -7.50 44.91 -23.47
N GLN E 185 -7.83 43.63 -23.30
CA GLN E 185 -7.63 42.64 -24.34
C GLN E 185 -8.88 41.78 -24.45
N GLY E 186 -9.08 41.19 -25.63
CA GLY E 186 -10.28 40.42 -25.88
C GLY E 186 -10.33 39.14 -25.09
N ASN E 187 -11.55 38.61 -24.96
CA ASN E 187 -11.82 37.35 -24.29
C ASN E 187 -12.63 36.46 -25.21
N PRO E 188 -12.50 35.13 -25.07
CA PRO E 188 -13.28 34.23 -25.94
C PRO E 188 -14.78 34.43 -25.82
N TYR E 189 -15.27 34.81 -24.64
CA TYR E 189 -16.70 34.96 -24.42
C TYR E 189 -17.27 36.25 -24.98
N GLY E 190 -16.43 37.17 -25.46
CA GLY E 190 -16.86 38.42 -26.03
C GLY E 190 -16.54 39.63 -25.17
N GLY E 191 -16.29 39.44 -23.88
CA GLY E 191 -15.94 40.54 -23.00
C GLY E 191 -14.49 40.95 -23.15
N TYR E 192 -14.10 41.93 -22.33
CA TYR E 192 -12.75 42.45 -22.31
C TYR E 192 -12.21 42.41 -20.89
N SER E 193 -10.88 42.26 -20.79
CA SER E 193 -10.21 42.21 -19.50
C SER E 193 -9.80 43.62 -19.05
N GLY E 194 -10.78 44.51 -19.02
CA GLY E 194 -10.53 45.91 -18.75
C GLY E 194 -10.38 46.22 -17.28
N GLY E 195 -11.03 47.28 -16.82
CA GLY E 195 -10.89 47.72 -15.45
C GLY E 195 -11.81 47.03 -14.46
N TYR E 196 -13.11 47.07 -14.73
CA TYR E 196 -14.07 46.54 -13.76
C TYR E 196 -13.96 45.02 -13.64
N LYS E 197 -13.71 44.34 -14.76
CA LYS E 197 -13.51 42.89 -14.72
C LYS E 197 -12.28 42.54 -13.90
N HIS E 198 -11.19 43.29 -14.06
CA HIS E 198 -9.97 43.04 -13.31
C HIS E 198 -10.20 43.22 -11.81
N SER E 199 -10.90 44.29 -11.42
CA SER E 199 -11.17 44.52 -10.01
C SER E 199 -12.10 43.46 -9.44
N ALA E 200 -13.10 43.04 -10.22
CA ALA E 200 -14.05 42.05 -9.73
C ALA E 200 -13.43 40.66 -9.63
N THR E 201 -12.43 40.36 -10.46
CA THR E 201 -11.87 39.02 -10.47
C THR E 201 -10.65 38.88 -9.56
N GLY E 202 -9.71 39.83 -9.64
CA GLY E 202 -8.45 39.69 -8.94
C GLY E 202 -8.45 40.09 -7.48
N ILE E 203 -9.49 40.76 -7.01
CA ILE E 203 -9.55 41.23 -5.63
C ILE E 203 -10.49 40.40 -4.77
N THR E 204 -11.37 39.61 -5.36
CA THR E 204 -12.38 38.86 -4.61
C THR E 204 -11.87 37.46 -4.27
N ASN E 205 -12.78 36.61 -3.80
CA ASN E 205 -12.53 35.21 -3.54
C ASN E 205 -13.43 34.37 -4.43
N TRP E 206 -13.40 33.05 -4.23
CA TRP E 206 -14.13 32.15 -5.12
C TRP E 206 -15.65 32.30 -4.97
N LYS E 207 -16.13 32.65 -3.78
CA LYS E 207 -17.57 32.83 -3.59
C LYS E 207 -18.10 33.95 -4.47
N CYS E 208 -17.35 35.06 -4.56
CA CYS E 208 -17.78 36.19 -5.38
C CYS E 208 -17.59 35.92 -6.86
N ILE E 209 -16.87 34.86 -7.22
CA ILE E 209 -16.66 34.54 -8.63
C ILE E 209 -17.66 33.50 -9.12
N ALA E 210 -18.12 32.62 -8.24
CA ALA E 210 -19.10 31.59 -8.61
C ALA E 210 -20.40 32.22 -9.10
N ASN E 234 -21.90 42.47 -16.88
CA ASN E 234 -22.90 43.18 -16.08
C ASN E 234 -22.74 42.83 -14.61
N LYS E 235 -22.34 41.58 -14.34
CA LYS E 235 -22.03 41.18 -12.97
C LYS E 235 -20.81 41.93 -12.44
N PHE E 236 -19.74 41.97 -13.25
CA PHE E 236 -18.51 42.63 -12.81
C PHE E 236 -18.74 44.11 -12.55
N ASP E 237 -19.54 44.77 -13.39
CA ASP E 237 -19.85 46.18 -13.16
C ASP E 237 -20.57 46.37 -11.83
N GLU E 238 -21.54 45.50 -11.53
CA GLU E 238 -22.25 45.61 -10.25
C GLU E 238 -21.32 45.41 -9.08
N ILE E 239 -20.44 44.39 -9.14
CA ILE E 239 -19.56 44.11 -8.02
C ILE E 239 -18.57 45.25 -7.81
N SER E 240 -17.97 45.75 -8.90
CA SER E 240 -17.00 46.83 -8.78
C SER E 240 -17.67 48.13 -8.31
N MET E 241 -18.89 48.39 -8.76
CA MET E 241 -19.60 49.57 -8.28
C MET E 241 -19.95 49.44 -6.81
N HIS E 242 -20.27 48.23 -6.35
CA HIS E 242 -20.49 48.01 -4.92
C HIS E 242 -19.21 48.29 -4.13
N MET E 243 -18.07 47.83 -4.65
CA MET E 243 -16.80 48.15 -3.99
C MET E 243 -16.57 49.65 -3.94
N GLU E 244 -16.83 50.35 -5.04
CA GLU E 244 -16.59 51.79 -5.08
C GLU E 244 -17.52 52.53 -4.12
N GLU E 245 -18.78 52.10 -4.02
CA GLU E 245 -19.70 52.72 -3.07
C GLU E 245 -19.26 52.48 -1.63
N LYS E 246 -18.87 51.25 -1.31
CA LYS E 246 -18.45 50.94 0.06
C LYS E 246 -17.18 51.67 0.43
N MET E 247 -16.24 51.77 -0.51
CA MET E 247 -14.94 52.39 -0.21
C MET E 247 -15.08 53.90 -0.03
N GLY E 248 -15.88 54.55 -0.87
CA GLY E 248 -16.06 55.98 -0.83
C GLY E 248 -15.31 56.75 -1.91
N HIS E 249 -14.34 56.11 -2.56
CA HIS E 249 -13.61 56.72 -3.66
C HIS E 249 -13.54 55.73 -4.82
N PRO E 250 -13.87 56.15 -6.03
CA PRO E 250 -13.88 55.21 -7.16
C PRO E 250 -12.47 54.82 -7.58
N PHE E 251 -12.38 53.69 -8.28
CA PHE E 251 -11.10 53.18 -8.74
C PHE E 251 -10.54 54.07 -9.85
N PHE E 252 -9.26 54.42 -9.72
CA PHE E 252 -8.53 55.12 -10.77
C PHE E 252 -7.85 54.09 -11.65
N CYS E 253 -8.42 53.84 -12.83
CA CYS E 253 -7.93 52.80 -13.71
C CYS E 253 -7.14 53.40 -14.85
N CYS E 254 -5.96 52.85 -15.11
CA CYS E 254 -5.09 53.26 -16.22
C CYS E 254 -4.92 52.04 -17.12
N ASP E 255 -5.79 51.90 -18.11
CA ASP E 255 -5.82 50.73 -18.97
C ASP E 255 -5.24 51.05 -20.34
N ALA E 256 -4.44 50.12 -20.87
CA ALA E 256 -3.81 50.26 -22.16
C ALA E 256 -4.33 49.18 -23.11
N VAL E 257 -4.71 49.60 -24.31
CA VAL E 257 -5.18 48.67 -25.33
C VAL E 257 -3.97 48.01 -25.98
N LEU E 258 -3.85 46.70 -25.81
CA LEU E 258 -2.70 45.96 -26.30
C LEU E 258 -3.01 45.33 -27.66
N ASP E 259 -1.98 45.17 -28.47
CA ASP E 259 -2.06 44.47 -29.73
C ASP E 259 -1.52 43.05 -29.56
N THR E 260 -1.38 42.33 -30.68
CA THR E 260 -1.03 40.91 -30.61
C THR E 260 0.38 40.68 -30.08
N GLN E 261 1.24 41.70 -30.10
CA GLN E 261 2.58 41.60 -29.51
C GLN E 261 2.66 42.32 -28.17
N SER E 262 1.52 42.56 -27.53
CA SER E 262 1.46 43.23 -26.22
C SER E 262 2.10 44.60 -26.27
N ARG E 263 1.89 45.32 -27.37
CA ARG E 263 2.35 46.69 -27.53
C ARG E 263 1.16 47.62 -27.44
N GLN E 264 1.29 48.65 -26.60
CA GLN E 264 0.18 49.56 -26.33
C GLN E 264 -0.20 50.34 -27.58
N ILE E 265 -1.49 50.41 -27.86
CA ILE E 265 -2.02 51.23 -28.94
C ILE E 265 -2.57 52.55 -28.42
N ALA E 266 -3.29 52.51 -27.31
CA ALA E 266 -3.82 53.72 -26.68
C ALA E 266 -3.85 53.50 -25.18
N ILE E 267 -3.74 54.60 -24.43
CA ILE E 267 -3.74 54.55 -22.98
C ILE E 267 -4.88 55.45 -22.49
N TYR E 268 -5.79 54.87 -21.71
CA TYR E 268 -6.95 55.58 -21.19
C TYR E 268 -6.94 55.47 -19.67
N SER E 269 -7.00 56.61 -18.99
CA SER E 269 -6.96 56.63 -17.53
C SER E 269 -8.12 57.45 -16.99
N GLY E 270 -8.57 57.08 -15.79
CA GLY E 270 -9.59 57.81 -15.10
C GLY E 270 -10.60 56.89 -14.46
N TYR E 271 -11.85 57.32 -14.49
CA TYR E 271 -12.95 56.54 -13.94
C TYR E 271 -13.31 55.40 -14.87
N ALA E 272 -13.42 54.19 -14.30
CA ALA E 272 -13.56 52.99 -15.13
C ALA E 272 -14.87 52.97 -15.90
N LYS E 273 -15.96 53.40 -15.27
CA LYS E 273 -17.27 53.29 -15.92
C LYS E 273 -17.36 54.15 -17.18
N GLU E 274 -16.80 55.36 -17.13
CA GLU E 274 -16.85 56.27 -18.26
C GLU E 274 -15.66 56.11 -19.21
N MET E 275 -14.70 55.25 -18.87
CA MET E 275 -13.55 54.99 -19.73
C MET E 275 -13.64 53.67 -20.48
N MET E 276 -14.31 52.67 -19.90
CA MET E 276 -14.38 51.35 -20.52
C MET E 276 -15.01 51.39 -21.92
N PRO E 277 -16.14 52.07 -22.16
CA PRO E 277 -16.63 52.15 -23.55
C PRO E 277 -15.64 52.81 -24.50
N ILE E 278 -14.92 53.83 -24.04
CA ILE E 278 -13.96 54.53 -24.90
C ILE E 278 -12.86 53.59 -25.34
N SER E 279 -12.33 52.79 -24.41
CA SER E 279 -11.30 51.82 -24.77
C SER E 279 -11.87 50.68 -25.60
N TRP E 280 -13.11 50.28 -25.33
CA TRP E 280 -13.72 49.19 -26.08
C TRP E 280 -13.94 49.57 -27.55
N LYS E 281 -14.27 50.85 -27.80
CA LYS E 281 -14.47 51.30 -29.18
C LYS E 281 -13.23 51.13 -30.04
N LEU E 282 -12.05 51.07 -29.42
CA LEU E 282 -10.82 50.81 -30.16
C LEU E 282 -10.37 49.36 -30.05
N ALA E 283 -10.65 48.70 -28.93
CA ALA E 283 -10.29 47.29 -28.81
C ALA E 283 -11.12 46.41 -29.74
N ASP E 284 -12.32 46.87 -30.10
CA ASP E 284 -13.12 46.15 -31.09
C ASP E 284 -12.42 46.15 -32.45
N LYS E 285 -11.68 47.21 -32.75
CA LYS E 285 -10.95 47.27 -34.02
C LYS E 285 -9.85 46.22 -34.08
N ARG E 286 -9.19 45.95 -32.95
CA ARG E 286 -8.11 44.98 -32.94
C ARG E 286 -8.63 43.54 -32.83
N THR E 287 -9.57 43.30 -31.90
CA THR E 287 -9.97 41.93 -31.62
C THR E 287 -10.78 41.33 -32.77
N TYR E 288 -11.76 42.07 -33.29
CA TYR E 288 -12.67 41.55 -34.30
C TYR E 288 -12.07 41.81 -35.69
N VAL E 289 -11.59 40.74 -36.32
CA VAL E 289 -10.91 40.81 -37.61
C VAL E 289 -11.86 40.28 -38.69
N HIS E 290 -12.20 41.13 -39.65
CA HIS E 290 -13.06 40.75 -40.77
C HIS E 290 -12.18 40.28 -41.91
N TRP E 291 -11.99 38.97 -42.02
CA TRP E 291 -11.07 38.40 -43.00
C TRP E 291 -11.70 37.28 -43.82
N ALA E 292 -12.70 36.60 -43.26
CA ALA E 292 -13.21 35.40 -43.89
C ALA E 292 -13.98 35.71 -45.16
N GLU E 293 -13.76 34.90 -46.19
CA GLU E 293 -14.54 34.96 -47.42
C GLU E 293 -15.41 33.72 -47.63
N LYS E 294 -15.14 32.63 -46.89
CA LYS E 294 -15.93 31.42 -46.94
C LYS E 294 -16.00 30.84 -45.54
N LYS E 295 -16.87 29.85 -45.36
CA LYS E 295 -17.04 29.18 -44.08
C LYS E 295 -16.33 27.83 -44.14
N TYR E 296 -15.42 27.59 -43.21
CA TYR E 296 -14.50 26.47 -43.26
C TYR E 296 -15.11 25.24 -42.59
N ASP E 297 -14.61 24.07 -42.98
CA ASP E 297 -15.05 22.80 -42.45
C ASP E 297 -14.08 22.19 -41.44
N VAL E 298 -12.78 22.31 -41.69
CA VAL E 298 -11.75 21.71 -40.85
C VAL E 298 -10.86 22.82 -40.32
N LEU E 299 -10.64 22.81 -39.00
CA LEU E 299 -9.75 23.76 -38.34
C LEU E 299 -8.55 23.01 -37.80
N VAL E 300 -7.35 23.43 -38.23
CA VAL E 300 -6.11 22.73 -37.91
C VAL E 300 -5.21 23.68 -37.14
N PHE E 301 -4.74 23.21 -35.98
CA PHE E 301 -3.78 23.96 -35.17
C PHE E 301 -3.10 22.99 -34.21
N GLY E 302 -2.28 23.53 -33.31
CA GLY E 302 -1.69 22.74 -32.25
C GLY E 302 -1.29 23.63 -31.10
N MET E 303 -1.37 23.08 -29.90
CA MET E 303 -0.99 23.83 -28.70
C MET E 303 0.36 23.36 -28.19
N PRO E 304 1.26 24.27 -27.84
CA PRO E 304 2.50 23.87 -27.16
C PRO E 304 2.23 23.54 -25.70
N GLN E 305 3.26 23.01 -25.04
CA GLN E 305 3.12 22.60 -23.65
C GLN E 305 2.81 23.79 -22.74
N LYS E 306 3.50 24.91 -22.95
CA LYS E 306 3.39 26.07 -22.07
C LYS E 306 2.76 27.23 -22.84
N PHE E 307 1.53 27.56 -22.48
CA PHE E 307 0.86 28.74 -23.01
C PHE E 307 -0.24 29.15 -22.04
N HIS E 308 -0.58 30.44 -22.07
CA HIS E 308 -1.62 30.99 -21.20
C HIS E 308 -1.31 30.78 -19.73
N TYR E 309 -2.00 29.82 -19.10
CA TYR E 309 -1.92 29.66 -17.65
C TYR E 309 -0.58 29.10 -17.18
N GLY E 310 0.25 28.60 -18.08
CA GLY E 310 1.58 28.20 -17.71
C GLY E 310 1.94 26.85 -18.29
N ASP E 311 3.07 26.32 -17.83
CA ASP E 311 3.57 25.04 -18.31
C ASP E 311 2.61 23.92 -17.93
N GLY E 312 2.43 22.96 -18.85
CA GLY E 312 1.53 21.86 -18.64
C GLY E 312 0.11 22.10 -19.11
N MET E 313 -0.20 23.30 -19.58
CA MET E 313 -1.55 23.57 -20.08
C MET E 313 -1.85 22.76 -21.33
N GLY E 314 -0.87 22.62 -22.22
CA GLY E 314 -1.07 21.86 -23.45
C GLY E 314 -0.99 20.37 -23.30
N THR E 315 -0.72 19.87 -22.09
CA THR E 315 -0.70 18.44 -21.82
C THR E 315 -1.70 18.01 -20.77
N ASN E 316 -2.22 18.92 -19.97
CA ASN E 316 -3.25 18.57 -18.99
C ASN E 316 -4.60 18.48 -19.69
N PRO E 317 -5.31 17.35 -19.57
CA PRO E 317 -6.55 17.18 -20.35
C PRO E 317 -7.61 18.25 -20.11
N ILE E 318 -7.79 18.69 -18.87
CA ILE E 318 -8.84 19.68 -18.59
C ILE E 318 -8.47 21.03 -19.17
N MET E 319 -7.20 21.42 -19.04
CA MET E 319 -6.76 22.67 -19.67
C MET E 319 -6.78 22.57 -21.18
N MET E 320 -6.51 21.38 -21.74
CA MET E 320 -6.70 21.18 -23.18
C MET E 320 -8.14 21.39 -23.58
N MET E 321 -9.08 20.86 -22.79
CA MET E 321 -10.50 21.04 -23.09
C MET E 321 -10.88 22.51 -23.04
N GLN E 322 -10.38 23.24 -22.04
CA GLN E 322 -10.68 24.68 -21.95
C GLN E 322 -10.08 25.45 -23.14
N ALA E 323 -8.85 25.11 -23.53
CA ALA E 323 -8.23 25.78 -24.67
C ALA E 323 -8.99 25.48 -25.97
N LEU E 324 -9.40 24.22 -26.17
CA LEU E 324 -10.19 23.89 -27.34
C LEU E 324 -11.53 24.60 -27.34
N SER E 325 -12.13 24.74 -26.17
CA SER E 325 -13.39 25.49 -26.07
C SER E 325 -13.20 26.95 -26.43
N ALA E 326 -12.10 27.55 -25.96
CA ALA E 326 -11.80 28.94 -26.32
C ALA E 326 -11.59 29.08 -27.83
N GLN E 327 -10.89 28.11 -28.43
CA GLN E 327 -10.69 28.14 -29.88
C GLN E 327 -12.00 27.99 -30.64
N VAL E 328 -12.90 27.15 -30.13
CA VAL E 328 -14.23 27.01 -30.73
C VAL E 328 -14.99 28.32 -30.64
N LEU E 329 -14.94 28.97 -29.48
CA LEU E 329 -15.65 30.24 -29.29
C LEU E 329 -15.10 31.32 -30.21
N ARG E 330 -13.78 31.37 -30.38
CA ARG E 330 -13.18 32.44 -31.16
C ARG E 330 -13.47 32.30 -32.65
N PHE E 331 -13.45 31.07 -33.18
CA PHE E 331 -13.62 30.81 -34.59
C PHE E 331 -15.01 30.28 -34.94
N LYS E 332 -16.02 30.59 -34.12
CA LYS E 332 -17.36 30.06 -34.36
C LYS E 332 -17.96 30.64 -35.64
N ARG E 333 -17.78 31.94 -35.88
CA ARG E 333 -18.44 32.58 -37.03
C ARG E 333 -17.77 32.18 -38.34
N VAL E 334 -16.45 31.99 -38.32
CA VAL E 334 -15.73 31.65 -39.54
C VAL E 334 -15.97 30.21 -39.96
N MET E 335 -16.40 29.36 -39.03
CA MET E 335 -16.49 27.93 -39.28
C MET E 335 -17.94 27.53 -39.59
N SER E 336 -18.07 26.41 -40.31
CA SER E 336 -19.37 25.92 -40.74
C SER E 336 -20.07 25.20 -39.60
N ASP E 337 -21.14 24.47 -39.90
CA ASP E 337 -21.89 23.77 -38.87
C ASP E 337 -21.13 22.54 -38.36
N ASN E 338 -20.80 21.62 -39.27
CA ASN E 338 -20.10 20.38 -38.90
C ASN E 338 -18.60 20.64 -38.82
N CYS E 339 -18.21 21.39 -37.80
CA CYS E 339 -16.81 21.71 -37.58
C CYS E 339 -16.01 20.46 -37.25
N VAL E 340 -14.76 20.44 -37.70
CA VAL E 340 -13.80 19.40 -37.33
C VAL E 340 -12.52 20.09 -36.89
N ILE E 341 -12.04 19.75 -35.70
CA ILE E 341 -10.87 20.36 -35.11
C ILE E 341 -9.79 19.29 -34.97
N ILE E 342 -8.63 19.55 -35.55
CA ILE E 342 -7.48 18.66 -35.45
C ILE E 342 -6.40 19.39 -34.66
N CYS E 343 -5.93 18.76 -33.59
CA CYS E 343 -4.97 19.35 -32.68
C CYS E 343 -3.74 18.47 -32.54
N ALA E 344 -2.59 19.11 -32.40
CA ALA E 344 -1.31 18.43 -32.15
C ALA E 344 -0.84 18.81 -30.75
N SER E 345 -1.04 17.91 -29.80
CA SER E 345 -0.60 18.13 -28.44
C SER E 345 -0.02 16.84 -27.88
N THR E 346 0.91 16.99 -26.94
CA THR E 346 1.60 15.84 -26.35
C THR E 346 0.93 15.50 -25.03
N CYS E 347 -0.14 14.71 -25.12
CA CYS E 347 -0.85 14.22 -23.94
C CYS E 347 -0.04 13.08 -23.30
N ASN E 348 1.09 13.47 -22.71
CA ASN E 348 1.90 12.52 -21.96
C ASN E 348 1.35 12.24 -20.57
N GLY E 349 0.13 12.69 -20.28
CA GLY E 349 -0.42 12.56 -18.94
C GLY E 349 0.25 13.44 -17.93
N TYR E 350 0.90 14.52 -18.38
CA TYR E 350 1.68 15.38 -17.50
C TYR E 350 0.72 16.30 -16.77
N PHE E 351 0.09 15.78 -15.72
CA PHE E 351 -0.69 16.60 -14.79
C PHE E 351 0.25 17.41 -13.91
N HIS E 352 0.58 18.62 -14.37
CA HIS E 352 1.45 19.48 -13.58
C HIS E 352 0.83 19.63 -12.20
N ASP E 353 1.48 19.05 -11.19
CA ASP E 353 0.86 18.87 -9.90
C ASP E 353 1.38 19.85 -8.85
N GLU E 354 2.52 20.49 -9.10
CA GLU E 354 2.95 21.59 -8.26
C GLU E 354 2.13 22.84 -8.54
N ARG E 355 1.43 22.87 -9.67
CA ARG E 355 0.63 24.02 -10.10
C ARG E 355 -0.85 23.74 -10.13
N TRP E 356 -1.25 22.50 -10.41
CA TRP E 356 -2.65 22.07 -10.38
C TRP E 356 -2.75 20.80 -9.52
N PRO E 357 -2.66 20.94 -8.20
CA PRO E 357 -2.69 19.75 -7.34
C PRO E 357 -4.02 19.03 -7.29
N TYR E 358 -5.09 19.65 -7.79
CA TYR E 358 -6.43 19.09 -7.68
C TYR E 358 -6.94 18.46 -8.97
N LEU E 359 -6.24 18.66 -10.09
CA LEU E 359 -6.78 18.22 -11.37
C LEU E 359 -6.74 16.71 -11.55
N ARG E 360 -5.85 16.01 -10.85
CA ARG E 360 -5.87 14.55 -10.90
C ARG E 360 -7.12 13.99 -10.22
N GLU E 361 -7.45 14.53 -9.05
CA GLU E 361 -8.70 14.14 -8.39
C GLU E 361 -9.90 14.54 -9.23
N LEU E 362 -9.82 15.69 -9.90
CA LEU E 362 -10.91 16.13 -10.77
C LEU E 362 -11.12 15.14 -11.92
N TYR E 363 -10.03 14.73 -12.56
CA TYR E 363 -10.12 13.78 -13.65
C TYR E 363 -10.65 12.44 -13.18
N ASP E 364 -10.18 11.96 -12.03
CA ASP E 364 -10.65 10.69 -11.50
C ASP E 364 -12.13 10.75 -11.15
N LEU E 365 -12.59 11.86 -10.58
CA LEU E 365 -14.01 12.03 -10.30
C LEU E 365 -14.82 12.08 -11.58
N PHE E 366 -14.29 12.72 -12.62
CA PHE E 366 -14.99 12.77 -13.90
C PHE E 366 -15.13 11.38 -14.52
N GLN E 367 -14.08 10.56 -14.40
CA GLN E 367 -14.10 9.26 -15.05
C GLN E 367 -14.88 8.23 -14.25
N HIS E 368 -14.75 8.25 -12.93
CA HIS E 368 -15.30 7.20 -12.07
C HIS E 368 -16.57 7.64 -11.35
N ASP E 369 -17.45 8.38 -12.02
CA ASP E 369 -18.72 8.78 -11.43
C ASP E 369 -19.81 8.59 -12.49
N HIS E 370 -20.99 9.14 -12.21
N HIS E 370 -21.00 9.13 -12.21
CA HIS E 370 -22.14 9.05 -13.10
CA HIS E 370 -22.14 9.05 -13.11
C HIS E 370 -22.24 10.24 -14.05
C HIS E 370 -22.24 10.26 -14.03
N MET E 371 -21.12 10.88 -14.37
CA MET E 371 -21.11 12.14 -15.11
C MET E 371 -20.83 11.88 -16.59
N ASN E 372 -21.83 12.14 -17.43
CA ASN E 372 -21.70 11.92 -18.86
C ASN E 372 -20.88 13.01 -19.54
N THR E 373 -20.94 14.24 -19.05
CA THR E 373 -20.27 15.37 -19.67
C THR E 373 -19.63 16.25 -18.61
N LEU E 374 -18.77 17.16 -19.07
CA LEU E 374 -18.10 18.08 -18.17
C LEU E 374 -19.06 18.98 -17.38
N PRO E 375 -20.12 19.54 -17.95
CA PRO E 375 -21.01 20.40 -17.14
C PRO E 375 -21.64 19.68 -15.95
N ASP E 376 -21.56 18.36 -15.87
CA ASP E 376 -22.06 17.64 -14.71
C ASP E 376 -21.12 17.74 -13.50
N MET E 377 -19.92 18.29 -13.69
CA MET E 377 -18.95 18.42 -12.62
C MET E 377 -19.19 19.64 -11.73
N ASN E 378 -19.98 20.60 -12.19
CA ASN E 378 -20.12 21.87 -11.49
C ASN E 378 -20.63 21.71 -10.07
N ARG E 379 -21.46 20.70 -9.80
CA ARG E 379 -21.97 20.48 -8.47
C ARG E 379 -20.88 20.20 -7.45
N LEU E 380 -19.69 19.80 -7.88
CA LEU E 380 -18.59 19.53 -6.98
C LEU E 380 -17.71 20.76 -6.75
N GLY E 381 -18.06 21.90 -7.34
CA GLY E 381 -17.22 23.08 -7.20
C GLY E 381 -16.99 23.47 -5.76
N GLU E 382 -18.08 23.64 -5.00
CA GLU E 382 -17.96 23.98 -3.59
C GLU E 382 -17.24 22.89 -2.80
N TYR E 383 -17.28 21.65 -3.31
CA TYR E 383 -16.54 20.58 -2.66
C TYR E 383 -15.04 20.79 -2.79
N PHE E 384 -14.59 21.35 -3.90
CA PHE E 384 -13.16 21.52 -4.12
C PHE E 384 -12.66 22.84 -3.56
N ALA E 385 -13.46 23.91 -3.67
CA ALA E 385 -13.03 25.22 -3.23
C ALA E 385 -12.84 25.30 -1.72
N THR E 386 -13.44 24.38 -0.96
CA THR E 386 -13.34 24.38 0.49
C THR E 386 -12.38 23.33 1.02
N ASN E 387 -11.66 22.62 0.14
CA ASN E 387 -10.72 21.61 0.58
C ASN E 387 -9.55 22.26 1.30
N GLU E 388 -9.18 21.72 2.46
CA GLU E 388 -8.15 22.36 3.29
C GLU E 388 -6.76 22.19 2.68
N GLU E 389 -6.45 20.99 2.18
CA GLU E 389 -5.11 20.73 1.66
C GLU E 389 -4.84 21.55 0.40
N TYR E 390 -5.80 21.58 -0.53
CA TYR E 390 -5.63 22.37 -1.74
C TYR E 390 -5.59 23.85 -1.44
N ILE E 391 -6.33 24.32 -0.44
CA ILE E 391 -6.27 25.72 -0.05
C ILE E 391 -4.89 26.05 0.53
N ARG E 392 -4.34 25.15 1.34
CA ARG E 392 -2.99 25.36 1.87
C ARG E 392 -1.97 25.40 0.75
N LYS E 393 -2.10 24.52 -0.23
CA LYS E 393 -1.18 24.52 -1.36
C LYS E 393 -1.33 25.81 -2.18
N TYR E 394 -2.56 26.30 -2.33
CA TYR E 394 -2.76 27.57 -3.02
C TYR E 394 -2.10 28.72 -2.27
N ARG E 395 -2.23 28.73 -0.95
CA ARG E 395 -1.70 29.85 -0.17
C ARG E 395 -0.18 29.85 -0.11
N TYR E 396 0.43 28.66 0.10
CA TYR E 396 1.84 28.61 0.45
C TYR E 396 2.74 27.96 -0.60
N THR E 397 2.17 27.20 -1.54
CA THR E 397 2.97 26.47 -2.52
C THR E 397 2.94 27.13 -3.90
N ASN E 398 2.14 28.19 -4.07
CA ASN E 398 1.95 28.88 -5.33
C ASN E 398 1.32 27.97 -6.37
N ALA E 399 0.16 27.42 -6.04
CA ALA E 399 -0.65 26.63 -6.95
C ALA E 399 -1.97 27.34 -7.21
N PHE E 400 -2.71 26.83 -8.19
CA PHE E 400 -4.01 27.41 -8.52
C PHE E 400 -5.01 27.15 -7.40
N HIS E 401 -5.94 28.08 -7.23
CA HIS E 401 -7.04 27.87 -6.32
C HIS E 401 -7.91 26.72 -6.81
N PRO E 402 -8.39 25.86 -5.92
CA PRO E 402 -9.14 24.67 -6.37
C PRO E 402 -10.42 24.99 -7.13
N PHE E 403 -10.95 26.21 -6.98
CA PHE E 403 -12.15 26.59 -7.69
C PHE E 403 -11.89 27.06 -9.11
N HIS E 404 -10.63 27.26 -9.50
CA HIS E 404 -10.33 27.75 -10.84
C HIS E 404 -10.79 26.77 -11.90
N GLY E 405 -10.87 25.48 -11.57
CA GLY E 405 -11.40 24.49 -12.49
C GLY E 405 -12.88 24.55 -12.73
N PHE E 406 -13.61 25.43 -12.04
CA PHE E 406 -15.06 25.53 -12.17
C PHE E 406 -15.51 26.94 -12.54
N SER E 407 -14.58 27.86 -12.78
CA SER E 407 -14.92 29.26 -13.02
C SER E 407 -15.83 29.44 -14.22
N CYS E 411 -17.47 26.72 -20.30
CA CYS E 411 -16.07 26.41 -20.56
C CYS E 411 -15.94 25.16 -21.42
N GLY E 412 -15.60 24.04 -20.79
CA GLY E 412 -15.28 22.83 -21.52
C GLY E 412 -16.42 22.26 -22.36
N HIS E 413 -17.66 22.68 -22.09
CA HIS E 413 -18.79 22.08 -22.77
C HIS E 413 -18.99 22.62 -24.19
N ILE E 414 -18.49 23.82 -24.49
CA ILE E 414 -18.68 24.36 -25.84
C ILE E 414 -17.93 23.51 -26.86
N ALA E 415 -16.81 22.91 -26.48
CA ALA E 415 -16.10 22.02 -27.39
C ALA E 415 -16.93 20.80 -27.73
N GLU E 416 -17.65 20.25 -26.76
CA GLU E 416 -18.42 19.02 -27.00
C GLU E 416 -19.54 19.24 -28.01
N MET E 417 -20.22 20.38 -27.93
CA MET E 417 -21.24 20.70 -28.92
C MET E 417 -20.56 21.27 -30.16
N ASN E 418 -21.35 21.75 -31.12
CA ASN E 418 -20.85 22.39 -32.33
C ASN E 418 -20.04 21.42 -33.18
N THR E 419 -18.85 21.06 -32.71
CA THR E 419 -17.94 20.25 -33.51
C THR E 419 -18.42 18.81 -33.61
N SER E 420 -18.38 18.26 -34.83
CA SER E 420 -18.68 16.85 -35.02
C SER E 420 -17.64 15.96 -34.35
N ALA E 421 -16.36 16.33 -34.46
CA ALA E 421 -15.30 15.55 -33.88
C ALA E 421 -14.07 16.43 -33.65
N ILE E 422 -13.32 16.10 -32.61
CA ILE E 422 -12.07 16.79 -32.28
C ILE E 422 -10.97 15.74 -32.23
N TYR E 423 -9.90 15.96 -33.01
CA TYR E 423 -8.79 15.02 -33.10
C TYR E 423 -7.57 15.57 -32.39
N ILE E 424 -6.99 14.76 -31.51
CA ILE E 424 -5.77 15.11 -30.80
C ILE E 424 -4.68 14.20 -31.34
N VAL E 425 -3.86 14.72 -32.25
CA VAL E 425 -2.84 13.93 -32.91
C VAL E 425 -1.51 14.10 -32.17
N GLY E 426 -0.69 13.06 -32.23
CA GLY E 426 0.62 13.09 -31.62
C GLY E 426 0.65 12.90 -30.12
N ALA E 427 -0.46 12.48 -29.52
CA ALA E 427 -0.49 12.29 -28.07
C ALA E 427 0.41 11.15 -27.64
N GLU E 428 0.98 11.29 -26.45
CA GLU E 428 1.86 10.25 -25.90
C GLU E 428 1.10 9.25 -25.04
N GLU E 429 0.08 9.71 -24.33
CA GLU E 429 -0.82 8.85 -23.56
C GLU E 429 -2.24 9.19 -24.00
N PRO E 430 -2.68 8.68 -25.15
CA PRO E 430 -3.99 9.08 -25.69
C PRO E 430 -5.17 8.63 -24.85
N GLY E 431 -4.94 7.86 -23.78
CA GLY E 431 -6.05 7.50 -22.90
C GLY E 431 -6.65 8.71 -22.22
N TYR E 432 -5.82 9.70 -21.89
CA TYR E 432 -6.33 10.91 -21.25
C TYR E 432 -7.13 11.77 -22.21
N ALA E 433 -6.69 11.84 -23.47
CA ALA E 433 -7.45 12.60 -24.46
C ALA E 433 -8.72 11.88 -24.86
N ARG E 434 -8.73 10.55 -24.78
CA ARG E 434 -9.94 9.79 -25.06
C ARG E 434 -10.93 9.88 -23.90
N GLY E 435 -10.44 9.94 -22.67
CA GLY E 435 -11.32 10.07 -21.52
C GLY E 435 -12.07 11.38 -21.45
N MET E 436 -11.60 12.40 -22.16
CA MET E 436 -12.28 13.67 -22.25
C MET E 436 -13.32 13.71 -23.37
N GLY E 437 -13.38 12.67 -24.20
CA GLY E 437 -14.28 12.64 -25.32
C GLY E 437 -13.67 13.07 -26.64
N LEU E 438 -12.36 13.22 -26.72
CA LEU E 438 -11.68 13.66 -27.93
C LEU E 438 -11.11 12.44 -28.64
N LYS E 439 -11.26 12.40 -29.97
CA LYS E 439 -10.69 11.33 -30.75
C LYS E 439 -9.17 11.48 -30.81
N THR E 440 -8.48 10.35 -30.86
CA THR E 440 -7.03 10.32 -30.81
C THR E 440 -6.47 9.63 -32.05
N ARG E 441 -5.49 10.27 -32.68
CA ARG E 441 -4.75 9.67 -33.79
C ARG E 441 -3.26 9.86 -33.55
N ALA E 442 -2.44 9.49 -34.54
CA ALA E 442 -0.99 9.58 -34.39
C ALA E 442 -0.33 10.55 -35.35
N THR E 443 -0.98 10.90 -36.47
CA THR E 443 -0.39 11.79 -37.46
C THR E 443 -1.49 12.67 -38.03
N PHE E 444 -1.09 13.85 -38.51
CA PHE E 444 -2.06 14.78 -39.07
C PHE E 444 -2.77 14.20 -40.29
N GLU E 445 -2.04 13.51 -41.16
CA GLU E 445 -2.63 12.95 -42.37
C GLU E 445 -3.67 11.89 -42.04
N GLU E 446 -3.39 11.05 -41.05
CA GLU E 446 -4.35 10.02 -40.66
C GLU E 446 -5.65 10.64 -40.15
N ALA E 447 -5.54 11.64 -39.27
CA ALA E 447 -6.72 12.29 -38.74
C ALA E 447 -7.49 13.02 -39.83
N LEU E 448 -6.79 13.69 -40.74
CA LEU E 448 -7.46 14.40 -41.83
C LEU E 448 -8.17 13.43 -42.75
N GLU E 449 -7.55 12.30 -43.07
CA GLU E 449 -8.21 11.28 -43.90
C GLU E 449 -9.43 10.72 -43.20
N ASP E 450 -9.34 10.45 -41.89
CA ASP E 450 -10.49 9.95 -41.16
C ASP E 450 -11.62 10.96 -41.15
N ALA E 451 -11.30 12.23 -40.94
CA ALA E 451 -12.34 13.27 -40.94
C ALA E 451 -12.98 13.41 -42.31
N LYS E 452 -12.18 13.36 -43.37
CA LYS E 452 -12.73 13.43 -44.73
C LYS E 452 -13.63 12.24 -45.01
N LYS E 453 -13.23 11.05 -44.58
CA LYS E 453 -14.03 9.86 -44.80
C LYS E 453 -15.34 9.93 -44.03
N LYS E 454 -15.32 10.45 -42.80
CA LYS E 454 -16.49 10.38 -41.94
C LYS E 454 -17.38 11.62 -42.03
N TYR E 455 -16.80 12.81 -41.83
CA TYR E 455 -17.60 13.99 -41.52
C TYR E 455 -17.61 15.02 -42.64
N VAL E 456 -16.45 15.50 -43.10
CA VAL E 456 -16.39 16.71 -43.91
C VAL E 456 -16.35 16.43 -45.41
N GLY E 457 -16.41 15.17 -45.83
CA GLY E 457 -16.36 14.87 -47.24
C GLY E 457 -14.96 14.98 -47.80
N GLN E 458 -14.87 14.83 -49.12
CA GLN E 458 -13.58 14.79 -49.80
C GLN E 458 -13.15 16.16 -50.33
N GLU E 459 -13.92 17.21 -50.08
CA GLU E 459 -13.54 18.58 -50.45
C GLU E 459 -13.78 19.49 -49.25
N PRO E 460 -12.91 19.43 -48.24
CA PRO E 460 -13.08 20.27 -47.06
C PRO E 460 -12.31 21.58 -47.14
N ASN E 461 -12.95 22.65 -46.65
CA ASN E 461 -12.29 23.95 -46.53
C ASN E 461 -11.44 23.92 -45.26
N ILE E 462 -10.13 23.73 -45.44
CA ILE E 462 -9.23 23.58 -44.31
C ILE E 462 -8.62 24.94 -43.97
N LEU E 463 -8.66 25.31 -42.70
CA LEU E 463 -8.02 26.51 -42.20
C LEU E 463 -6.94 26.10 -41.21
N ALA E 464 -5.70 26.52 -41.49
CA ALA E 464 -4.55 26.19 -40.65
C ALA E 464 -4.16 27.41 -39.84
N LEU E 465 -3.95 27.21 -38.53
CA LEU E 465 -3.61 28.30 -37.61
C LEU E 465 -2.25 28.00 -36.99
N PRO E 466 -1.17 28.53 -37.57
CA PRO E 466 0.15 28.41 -36.93
C PRO E 466 0.37 29.53 -35.92
N MET E 467 0.91 29.14 -34.77
CA MET E 467 1.18 30.07 -33.66
C MET E 467 -0.11 30.75 -33.19
N THR E 468 -1.18 29.97 -33.09
CA THR E 468 -2.45 30.48 -32.59
C THR E 468 -2.49 30.59 -31.07
N PHE E 469 -1.54 29.96 -30.38
CA PHE E 469 -1.44 30.05 -28.93
C PHE E 469 -0.23 30.83 -28.44
N LYS E 470 0.68 31.20 -29.33
CA LYS E 470 1.85 32.01 -28.98
C LYS E 470 1.61 33.50 -29.16
N LYS E 471 0.44 33.90 -29.62
CA LYS E 471 0.09 35.31 -29.82
C LYS E 471 -1.22 35.59 -29.09
N ALA E 472 -1.60 36.88 -29.10
CA ALA E 472 -2.89 37.29 -28.56
C ALA E 472 -3.97 36.98 -29.60
N ALA E 473 -4.74 35.93 -29.36
CA ALA E 473 -5.70 35.46 -30.35
C ALA E 473 -6.81 36.48 -30.58
N VAL E 474 -7.38 36.44 -31.79
CA VAL E 474 -8.42 37.37 -32.19
C VAL E 474 -9.65 36.58 -32.61
N HIS E 475 -10.78 37.29 -32.65
CA HIS E 475 -12.05 36.70 -33.07
C HIS E 475 -12.18 36.88 -34.58
N LEU E 476 -12.20 35.77 -35.31
CA LEU E 476 -12.30 35.82 -36.77
C LEU E 476 -13.76 35.93 -37.18
N CYS E 477 -14.03 36.85 -38.12
CA CYS E 477 -15.36 37.07 -38.65
C CYS E 477 -15.30 37.11 -40.17
N MET E 478 -16.45 37.27 -40.80
CA MET E 478 -16.57 37.30 -42.25
C MET E 478 -16.59 38.74 -42.73
N LYS E 479 -16.17 38.95 -43.97
CA LYS E 479 -16.25 40.30 -44.57
C LYS E 479 -17.66 40.56 -45.09
N ASP E 480 -18.67 40.39 -44.26
CA ASP E 480 -20.05 40.62 -44.65
C ASP E 480 -20.82 41.36 -43.56
N LYS F 4 -46.29 -19.24 -13.93
CA LYS F 4 -45.08 -18.59 -13.47
C LYS F 4 -45.40 -17.24 -12.83
N PHE F 5 -44.46 -16.73 -12.05
CA PHE F 5 -44.60 -15.47 -11.34
C PHE F 5 -43.39 -14.60 -11.63
N ASP F 6 -43.64 -13.30 -11.83
CA ASP F 6 -42.62 -12.34 -12.22
C ASP F 6 -42.38 -11.38 -11.06
N PHE F 7 -41.16 -11.38 -10.53
CA PHE F 7 -40.80 -10.51 -9.42
C PHE F 7 -39.65 -9.60 -9.83
N GLU F 8 -39.57 -8.43 -9.22
CA GLU F 8 -38.48 -7.51 -9.52
C GLU F 8 -37.15 -8.11 -9.09
N TYR F 9 -36.12 -7.86 -9.90
CA TYR F 9 -34.80 -8.44 -9.66
C TYR F 9 -33.78 -7.52 -10.31
N GLY F 10 -33.11 -6.71 -9.51
CA GLY F 10 -32.20 -5.71 -10.05
C GLY F 10 -32.96 -4.76 -10.96
N GLN F 11 -32.45 -4.57 -12.18
CA GLN F 11 -33.14 -3.73 -13.15
C GLN F 11 -34.26 -4.47 -13.87
N GLY F 12 -34.34 -5.78 -13.75
CA GLY F 12 -35.33 -6.55 -14.50
C GLY F 12 -36.22 -7.43 -13.67
N THR F 13 -36.42 -8.67 -14.12
CA THR F 13 -37.42 -9.54 -13.49
C THR F 13 -36.88 -10.97 -13.41
N MET F 14 -37.11 -11.59 -12.27
CA MET F 14 -36.85 -13.01 -12.05
C MET F 14 -38.17 -13.78 -12.07
N SER F 15 -38.10 -15.03 -12.52
CA SER F 15 -39.27 -15.88 -12.68
C SER F 15 -39.26 -16.99 -11.63
N ALA F 16 -40.40 -17.20 -10.99
CA ALA F 16 -40.55 -18.20 -9.94
C ALA F 16 -41.76 -19.08 -10.23
N GLU F 17 -41.56 -20.40 -10.12
CA GLU F 17 -42.64 -21.37 -10.32
C GLU F 17 -43.19 -21.75 -8.95
N LEU F 18 -44.05 -20.88 -8.42
CA LEU F 18 -44.66 -21.15 -7.12
C LEU F 18 -45.86 -22.08 -7.29
N PRO F 19 -46.20 -22.82 -6.24
CA PRO F 19 -47.39 -23.70 -6.30
C PRO F 19 -48.65 -22.91 -6.57
N ASP F 20 -49.67 -23.62 -7.08
CA ASP F 20 -50.92 -22.99 -7.52
C ASP F 20 -51.71 -22.38 -6.37
N ASN F 21 -51.40 -22.70 -5.12
CA ASN F 21 -52.11 -22.10 -3.98
C ASN F 21 -51.59 -20.71 -3.63
N THR F 22 -50.61 -20.20 -4.38
CA THR F 22 -50.06 -18.89 -4.11
C THR F 22 -51.09 -17.80 -4.40
N ASP F 23 -51.17 -16.81 -3.52
CA ASP F 23 -52.06 -15.67 -3.68
C ASP F 23 -51.26 -14.44 -4.10
N ILE F 24 -51.93 -13.51 -4.77
CA ILE F 24 -51.32 -12.29 -5.28
C ILE F 24 -52.01 -11.10 -4.63
N PHE F 25 -51.22 -10.18 -4.10
CA PHE F 25 -51.72 -8.89 -3.65
C PHE F 25 -50.89 -7.79 -4.31
N ILE F 26 -51.56 -6.90 -5.03
CA ILE F 26 -50.95 -5.72 -5.63
C ILE F 26 -51.74 -4.52 -5.12
N PRO F 27 -51.09 -3.53 -4.51
CA PRO F 27 -51.82 -2.37 -3.99
C PRO F 27 -52.55 -1.64 -5.11
N GLY F 28 -53.78 -1.22 -4.84
CA GLY F 28 -54.60 -0.57 -5.83
C GLY F 28 -55.27 -1.53 -6.79
N GLU F 29 -54.51 -2.50 -7.30
CA GLU F 29 -55.03 -3.46 -8.27
C GLU F 29 -55.90 -4.53 -7.63
N THR F 30 -55.51 -5.02 -6.45
CA THR F 30 -56.29 -6.06 -5.79
C THR F 30 -57.50 -5.46 -5.07
N VAL F 31 -57.26 -4.50 -4.19
CA VAL F 31 -58.31 -3.76 -3.51
C VAL F 31 -58.20 -2.31 -3.95
N LYS F 32 -59.28 -1.78 -4.52
CA LYS F 32 -59.23 -0.43 -5.09
C LYS F 32 -59.16 0.62 -3.99
N ASP F 33 -58.29 1.61 -4.20
CA ASP F 33 -58.16 2.74 -3.29
C ASP F 33 -59.34 3.69 -3.45
N PRO F 34 -59.55 4.59 -2.50
CA PRO F 34 -60.56 5.62 -2.68
C PRO F 34 -60.29 6.43 -3.95
N ASP F 35 -61.37 6.84 -4.60
CA ASP F 35 -61.26 7.46 -5.92
C ASP F 35 -60.39 8.71 -5.87
N HIS F 36 -59.44 8.79 -6.80
CA HIS F 36 -58.60 9.96 -6.92
C HIS F 36 -59.39 11.11 -7.54
N ILE F 37 -59.03 12.33 -7.15
CA ILE F 37 -59.70 13.52 -7.67
C ILE F 37 -59.43 13.64 -9.17
N PRO F 38 -60.44 13.82 -10.01
CA PRO F 38 -60.19 13.98 -11.44
C PRO F 38 -59.36 15.22 -11.72
N GLU F 39 -58.55 15.15 -12.77
CA GLU F 39 -57.59 16.21 -13.06
C GLU F 39 -58.28 17.55 -13.34
N ASP F 40 -59.53 17.51 -13.78
CA ASP F 40 -60.25 18.76 -14.06
C ASP F 40 -60.94 19.33 -12.83
N GLN F 41 -61.00 18.59 -11.73
CA GLN F 41 -61.56 19.08 -10.48
C GLN F 41 -60.50 19.44 -9.45
N LEU F 42 -59.22 19.29 -9.79
CA LEU F 42 -58.16 19.55 -8.83
C LEU F 42 -58.10 21.02 -8.45
N GLU F 43 -58.06 21.92 -9.45
CA GLU F 43 -57.89 23.34 -9.18
C GLU F 43 -58.89 23.84 -8.16
N ALA F 44 -60.18 23.74 -8.48
CA ALA F 44 -61.21 24.17 -7.53
C ALA F 44 -61.01 23.53 -6.17
N ALA F 45 -60.71 22.22 -6.15
CA ALA F 45 -60.47 21.55 -4.88
C ALA F 45 -59.39 22.27 -4.08
N TYR F 46 -58.24 22.54 -4.70
CA TYR F 46 -57.19 23.29 -4.03
C TYR F 46 -57.72 24.63 -3.54
N LEU F 47 -58.46 25.33 -4.40
CA LEU F 47 -59.06 26.59 -3.97
C LEU F 47 -59.98 26.37 -2.78
N GLU F 48 -60.85 25.36 -2.86
CA GLU F 48 -61.76 25.09 -1.75
C GLU F 48 -60.98 24.68 -0.51
N SER F 49 -59.76 24.17 -0.68
CA SER F 49 -58.92 23.88 0.47
C SER F 49 -58.22 25.14 0.98
N LEU F 50 -57.81 26.02 0.07
CA LEU F 50 -57.04 27.19 0.48
C LEU F 50 -57.93 28.27 1.06
N ALA F 51 -59.17 28.39 0.56
CA ALA F 51 -60.10 29.38 1.07
C ALA F 51 -60.79 28.95 2.34
N HIS F 52 -60.70 27.68 2.72
CA HIS F 52 -61.34 27.14 3.93
C HIS F 52 -60.32 26.32 4.72
N PRO F 53 -59.37 26.98 5.38
CA PRO F 53 -58.40 26.26 6.20
C PRO F 53 -58.98 25.95 7.58
N ILE F 54 -58.26 25.10 8.31
CA ILE F 54 -58.69 24.61 9.61
C ILE F 54 -57.80 25.25 10.67
N GLY F 55 -58.41 25.98 11.59
CA GLY F 55 -57.67 26.58 12.67
C GLY F 55 -56.80 27.76 12.29
N MET F 56 -56.95 28.28 11.07
CA MET F 56 -56.11 29.35 10.55
C MET F 56 -56.95 30.19 9.62
N PRO F 57 -56.53 31.41 9.33
CA PRO F 57 -57.13 32.17 8.28
C PRO F 57 -56.45 32.03 6.92
N THR F 58 -57.10 32.64 5.93
CA THR F 58 -56.67 32.51 4.54
C THR F 58 -55.32 33.20 4.34
N LEU F 59 -54.58 32.71 3.34
CA LEU F 59 -53.28 33.31 3.02
C LEU F 59 -53.42 34.78 2.68
N THR F 60 -54.57 35.18 2.13
CA THR F 60 -54.84 36.60 1.92
C THR F 60 -55.00 37.36 3.22
N GLU F 61 -55.31 36.68 4.32
CA GLU F 61 -55.50 37.32 5.61
C GLU F 61 -54.23 37.32 6.47
N LEU F 62 -53.16 36.68 6.02
CA LEU F 62 -51.90 36.67 6.75
C LEU F 62 -50.75 37.29 5.95
N ALA F 63 -50.99 37.73 4.73
CA ALA F 63 -49.94 38.25 3.86
C ALA F 63 -50.13 39.74 3.62
N GLY F 64 -49.01 40.42 3.38
CA GLY F 64 -49.01 41.83 3.10
C GLY F 64 -47.79 42.23 2.30
N PRO F 65 -47.65 43.53 2.01
CA PRO F 65 -46.49 44.00 1.23
C PRO F 65 -45.24 44.01 2.09
N GLY F 66 -44.25 43.21 1.69
CA GLY F 66 -42.98 43.15 2.39
C GLY F 66 -42.82 42.03 3.39
N LYS F 67 -43.78 41.11 3.48
CA LYS F 67 -43.70 40.01 4.42
C LYS F 67 -42.99 38.83 3.77
N THR F 68 -41.84 38.46 4.31
CA THR F 68 -41.08 37.33 3.78
C THR F 68 -41.87 36.04 3.98
N VAL F 69 -41.89 35.21 2.93
CA VAL F 69 -42.61 33.94 2.93
C VAL F 69 -41.61 32.83 2.64
N THR F 70 -41.64 31.78 3.45
CA THR F 70 -40.79 30.61 3.25
C THR F 70 -41.67 29.39 3.06
N ILE F 71 -41.56 28.77 1.88
CA ILE F 71 -42.34 27.59 1.52
C ILE F 71 -41.42 26.39 1.59
N VAL F 72 -41.78 25.40 2.42
CA VAL F 72 -41.00 24.20 2.63
C VAL F 72 -41.62 23.08 1.81
N VAL F 73 -40.79 22.41 1.02
CA VAL F 73 -41.19 21.41 0.04
C VAL F 73 -40.35 20.15 0.26
N PRO F 74 -40.95 18.96 0.25
CA PRO F 74 -40.16 17.75 0.46
C PRO F 74 -39.27 17.45 -0.74
N ASP F 75 -38.34 16.52 -0.53
CA ASP F 75 -37.38 16.13 -1.56
C ASP F 75 -37.96 15.01 -2.43
N ARG F 76 -37.12 14.39 -3.25
CA ARG F 76 -37.54 13.42 -4.25
C ARG F 76 -37.80 12.03 -3.68
N VAL F 77 -37.52 11.81 -2.39
CA VAL F 77 -37.63 10.45 -1.84
C VAL F 77 -39.06 9.96 -1.91
N LYS F 78 -40.02 10.80 -1.54
CA LYS F 78 -41.43 10.42 -1.50
C LYS F 78 -42.26 11.49 -2.18
N GLY F 79 -43.41 11.06 -2.71
CA GLY F 79 -44.31 11.94 -3.42
C GLY F 79 -44.28 11.70 -4.92
N GLY F 80 -45.15 12.42 -5.61
CA GLY F 80 -45.28 12.29 -7.06
C GLY F 80 -44.44 13.31 -7.80
N GLU F 81 -43.89 12.87 -8.94
CA GLU F 81 -43.13 13.73 -9.83
C GLU F 81 -43.84 13.91 -11.17
N GLN F 82 -45.16 13.79 -11.17
CA GLN F 82 -45.97 13.87 -12.37
C GLN F 82 -46.22 15.33 -12.74
N ALA F 83 -46.94 15.53 -13.85
CA ALA F 83 -47.22 16.89 -14.31
C ALA F 83 -48.30 17.57 -13.49
N THR F 84 -48.99 16.84 -12.62
CA THR F 84 -50.07 17.36 -11.81
C THR F 84 -49.93 16.92 -10.35
N SER F 85 -48.69 16.80 -9.89
CA SER F 85 -48.44 16.32 -8.53
C SER F 85 -48.85 17.36 -7.50
N HIS F 86 -48.84 16.94 -6.23
CA HIS F 86 -49.24 17.83 -5.15
C HIS F 86 -48.33 19.04 -5.05
N ARG F 87 -47.02 18.83 -5.16
CA ARG F 87 -46.08 19.93 -4.94
C ARG F 87 -46.29 21.05 -5.95
N LYS F 88 -46.36 20.70 -7.24
CA LYS F 88 -46.44 21.72 -8.28
C LYS F 88 -47.73 22.53 -8.17
N LEU F 89 -48.88 21.84 -8.10
CA LEU F 89 -50.15 22.54 -8.03
C LEU F 89 -50.27 23.35 -6.74
N SER F 90 -49.85 22.77 -5.62
CA SER F 90 -49.93 23.48 -4.34
C SER F 90 -49.09 24.75 -4.37
N ILE F 91 -47.86 24.64 -4.89
CA ILE F 91 -47.00 25.82 -4.98
C ILE F 91 -47.62 26.86 -5.91
N LYS F 92 -48.17 26.42 -7.05
CA LYS F 92 -48.76 27.35 -8.00
C LYS F 92 -49.91 28.14 -7.36
N TYR F 93 -50.83 27.43 -6.71
CA TYR F 93 -51.99 28.13 -6.15
C TYR F 93 -51.63 28.95 -4.92
N ILE F 94 -50.67 28.49 -4.12
CA ILE F 94 -50.20 29.29 -3.00
C ILE F 94 -49.55 30.57 -3.49
N LEU F 95 -48.74 30.47 -4.55
CA LEU F 95 -48.12 31.67 -5.13
C LEU F 95 -49.16 32.62 -5.68
N LYS F 96 -50.19 32.09 -6.35
CA LYS F 96 -51.26 32.95 -6.85
C LYS F 96 -51.96 33.67 -5.71
N GLU F 97 -52.28 32.94 -4.64
CA GLU F 97 -52.95 33.56 -3.50
C GLU F 97 -52.07 34.63 -2.84
N LEU F 98 -50.77 34.35 -2.70
CA LEU F 98 -49.86 35.31 -2.09
C LEU F 98 -49.70 36.55 -2.96
N TYR F 99 -49.59 36.37 -4.28
CA TYR F 99 -49.48 37.51 -5.18
C TYR F 99 -50.75 38.36 -5.15
N ALA F 100 -51.92 37.70 -5.09
CA ALA F 100 -53.16 38.45 -4.95
C ALA F 100 -53.22 39.20 -3.62
N ALA F 101 -52.66 38.61 -2.56
CA ALA F 101 -52.67 39.27 -1.26
C ALA F 101 -51.77 40.49 -1.21
N GLY F 102 -50.67 40.50 -1.96
CA GLY F 102 -49.79 41.66 -1.98
C GLY F 102 -48.31 41.33 -1.88
N VAL F 103 -47.98 40.06 -1.63
CA VAL F 103 -46.59 39.64 -1.54
C VAL F 103 -45.99 39.57 -2.93
N GLU F 104 -44.80 40.13 -3.10
CA GLU F 104 -44.13 40.13 -4.38
C GLU F 104 -43.18 38.93 -4.49
N LYS F 105 -42.70 38.70 -5.71
CA LYS F 105 -41.88 37.52 -6.00
C LYS F 105 -40.52 37.56 -5.30
N LYS F 106 -40.04 38.74 -4.91
CA LYS F 106 -38.69 38.85 -4.36
C LYS F 106 -38.60 38.25 -2.96
N ASP F 107 -39.69 38.27 -2.19
CA ASP F 107 -39.65 37.85 -0.80
C ASP F 107 -39.91 36.36 -0.60
N ILE F 108 -40.22 35.62 -1.66
CA ILE F 108 -40.66 34.23 -1.55
C ILE F 108 -39.45 33.32 -1.69
N LEU F 109 -39.23 32.46 -0.71
CA LEU F 109 -38.08 31.57 -0.68
C LEU F 109 -38.55 30.13 -0.52
N PHE F 110 -38.04 29.25 -1.38
CA PHE F 110 -38.37 27.83 -1.35
C PHE F 110 -37.23 27.06 -0.70
N ILE F 111 -37.57 26.16 0.21
CA ILE F 111 -36.59 25.34 0.91
C ILE F 111 -37.00 23.88 0.80
N ILE F 112 -36.07 23.04 0.38
CA ILE F 112 -36.28 21.60 0.26
C ILE F 112 -35.88 20.95 1.58
N SER F 113 -36.83 20.28 2.22
CA SER F 113 -36.64 19.69 3.53
C SER F 113 -36.09 18.28 3.36
N ASN F 114 -34.78 18.13 3.49
CA ASN F 114 -34.08 16.86 3.33
C ASN F 114 -33.17 16.62 4.53
N GLY F 115 -33.73 16.79 5.73
CA GLY F 115 -33.00 16.83 6.98
C GLY F 115 -31.76 15.95 7.08
N LEU F 116 -31.88 14.69 6.68
CA LEU F 116 -30.73 13.80 6.57
C LEU F 116 -30.56 13.20 5.18
N HIS F 117 -31.55 13.34 4.30
CA HIS F 117 -31.41 12.89 2.93
C HIS F 117 -30.48 13.82 2.17
N PRO F 118 -29.92 13.36 1.05
CA PRO F 118 -28.94 14.19 0.33
C PRO F 118 -29.58 15.47 -0.20
N ARG F 119 -28.77 16.52 -0.26
CA ARG F 119 -29.24 17.81 -0.73
C ARG F 119 -29.54 17.75 -2.23
N SER F 120 -30.55 18.49 -2.65
CA SER F 120 -31.05 18.38 -4.02
C SER F 120 -30.11 19.06 -5.00
N THR F 121 -29.94 18.43 -6.17
CA THR F 121 -29.13 18.99 -7.24
C THR F 121 -29.99 19.91 -8.10
N GLU F 122 -29.43 20.36 -9.22
CA GLU F 122 -30.23 21.12 -10.19
C GLU F 122 -31.29 20.23 -10.83
N ALA F 123 -30.91 19.01 -11.23
CA ALA F 123 -31.86 18.09 -11.84
C ALA F 123 -32.91 17.61 -10.85
N ASP F 124 -32.50 17.41 -9.58
CA ASP F 124 -33.46 17.01 -8.56
C ASP F 124 -34.52 18.08 -8.35
N ALA F 125 -34.10 19.35 -8.30
CA ALA F 125 -35.06 20.44 -8.20
C ALA F 125 -35.90 20.58 -9.46
N LYS F 126 -35.32 20.27 -10.63
CA LYS F 126 -36.10 20.22 -11.86
C LYS F 126 -37.23 19.21 -11.74
N ALA F 127 -36.91 18.02 -11.24
CA ALA F 127 -37.93 16.99 -11.09
C ALA F 127 -38.98 17.38 -10.06
N ILE F 128 -38.55 18.01 -8.96
CA ILE F 128 -39.50 18.39 -7.91
C ILE F 128 -40.44 19.48 -8.39
N PHE F 129 -39.88 20.65 -8.75
CA PHE F 129 -40.70 21.82 -9.01
C PHE F 129 -41.27 21.84 -10.43
N GLY F 130 -40.76 21.02 -11.33
CA GLY F 130 -41.26 21.02 -12.70
C GLY F 130 -40.41 21.85 -13.64
N GLU F 131 -41.04 22.48 -14.63
CA GLU F 131 -40.34 23.30 -15.61
C GLU F 131 -40.62 24.79 -15.48
N GLU F 132 -41.74 25.18 -14.88
CA GLU F 132 -42.09 26.59 -14.74
C GLU F 132 -41.50 27.21 -13.48
N LEU F 133 -41.76 26.59 -12.32
CA LEU F 133 -41.22 27.11 -11.07
C LEU F 133 -39.71 27.03 -11.04
N PHE F 134 -39.14 25.97 -11.62
CA PHE F 134 -37.70 25.88 -11.82
C PHE F 134 -37.16 27.15 -12.45
N ASN F 135 -37.58 27.45 -13.68
CA ASN F 135 -37.05 28.62 -14.39
C ASN F 135 -37.39 29.91 -13.66
N GLU F 136 -38.53 29.95 -12.98
CA GLU F 136 -38.92 31.18 -12.27
C GLU F 136 -37.99 31.48 -11.10
N PHE F 137 -37.59 30.45 -10.35
CA PHE F 137 -37.02 30.70 -9.03
C PHE F 137 -35.58 30.22 -8.84
N TRP F 138 -35.16 29.13 -9.49
CA TRP F 138 -33.83 28.58 -9.21
C TRP F 138 -32.72 29.54 -9.59
N HIS F 139 -32.81 30.16 -10.76
CA HIS F 139 -31.72 30.98 -11.27
C HIS F 139 -31.56 32.28 -10.48
N THR F 140 -32.57 32.69 -9.72
CA THR F 140 -32.46 33.84 -8.85
C THR F 140 -31.87 33.49 -7.48
N GLY F 141 -31.67 32.21 -7.20
CA GLY F 141 -31.16 31.79 -5.91
C GLY F 141 -32.19 31.67 -4.82
N GLN F 142 -33.46 31.49 -5.18
CA GLN F 142 -34.55 31.45 -4.21
C GLN F 142 -35.00 30.03 -3.91
N ILE F 143 -34.29 29.02 -4.40
CA ILE F 143 -34.55 27.62 -4.06
C ILE F 143 -33.30 27.10 -3.37
N ILE F 144 -33.44 26.68 -2.12
CA ILE F 144 -32.33 26.28 -1.27
C ILE F 144 -32.60 24.90 -0.70
N SER F 145 -31.59 24.04 -0.73
CA SER F 145 -31.67 22.74 -0.07
C SER F 145 -31.25 22.90 1.39
N HIS F 146 -32.01 22.27 2.28
CA HIS F 146 -31.75 22.42 3.70
C HIS F 146 -30.43 21.74 4.08
N ASP F 147 -29.55 22.51 4.70
CA ASP F 147 -28.25 22.01 5.18
C ASP F 147 -28.27 22.02 6.70
N SER F 148 -28.24 20.84 7.30
CA SER F 148 -28.32 20.73 8.76
C SER F 148 -26.97 20.89 9.45
N GLU F 149 -25.87 20.89 8.69
CA GLU F 149 -24.54 21.14 9.24
C GLU F 149 -24.10 22.58 9.07
N ASP F 150 -24.95 23.45 8.52
CA ASP F 150 -24.62 24.86 8.31
C ASP F 150 -24.85 25.59 9.63
N GLN F 151 -23.78 25.71 10.42
CA GLN F 151 -23.90 26.32 11.74
C GLN F 151 -24.29 27.80 11.67
N GLU F 152 -24.08 28.45 10.53
CA GLU F 152 -24.47 29.83 10.36
C GLU F 152 -25.88 29.97 9.79
N HIS F 153 -26.58 28.85 9.56
CA HIS F 153 -27.97 28.88 9.09
C HIS F 153 -28.87 28.01 9.95
N MET F 154 -28.41 27.60 11.14
CA MET F 154 -29.22 26.84 12.08
C MET F 154 -29.29 27.62 13.40
N VAL F 155 -30.51 27.79 13.88
CA VAL F 155 -30.76 28.49 15.13
C VAL F 155 -31.07 27.46 16.21
N ASP F 156 -30.76 27.83 17.45
CA ASP F 156 -31.01 26.99 18.62
C ASP F 156 -32.27 27.48 19.31
N LEU F 157 -33.29 26.63 19.35
CA LEU F 157 -34.55 26.96 20.01
C LEU F 157 -34.60 26.48 21.45
N GLY F 158 -33.52 25.92 21.98
CA GLY F 158 -33.50 25.40 23.32
C GLY F 158 -33.75 23.91 23.39
N THR F 159 -34.57 23.47 24.33
CA THR F 159 -34.89 22.06 24.49
C THR F 159 -36.32 21.95 25.02
N THR F 160 -37.09 21.04 24.42
CA THR F 160 -38.48 20.85 24.84
C THR F 160 -38.55 20.41 26.30
N HIS F 161 -39.72 20.59 26.90
CA HIS F 161 -39.89 20.24 28.31
C HIS F 161 -39.79 18.75 28.56
N ARG F 162 -39.86 17.92 27.51
CA ARG F 162 -39.58 16.50 27.65
C ARG F 162 -38.08 16.20 27.68
N GLY F 163 -37.25 17.09 27.14
CA GLY F 163 -35.82 16.88 27.15
C GLY F 163 -35.23 16.58 25.78
N ASP F 164 -35.85 17.11 24.73
CA ASP F 164 -35.39 16.89 23.36
C ASP F 164 -34.84 18.19 22.79
N PRO F 165 -33.55 18.25 22.42
CA PRO F 165 -33.01 19.48 21.84
C PRO F 165 -33.65 19.78 20.50
N VAL F 166 -33.78 21.06 20.19
CA VAL F 166 -34.42 21.53 18.97
C VAL F 166 -33.50 22.51 18.27
N TYR F 167 -33.03 22.14 17.08
CA TYR F 167 -32.32 23.03 16.18
C TYR F 167 -33.19 23.25 14.94
N MET F 168 -33.17 24.46 14.40
CA MET F 168 -34.09 24.80 13.32
C MET F 168 -33.37 25.52 12.21
N ASN F 169 -33.94 25.45 11.00
CA ASN F 169 -33.40 26.22 9.89
C ASN F 169 -33.62 27.71 10.13
N LYS F 170 -32.59 28.51 9.83
CA LYS F 170 -32.69 29.94 10.08
C LYS F 170 -33.66 30.61 9.12
N TYR F 171 -33.66 30.21 7.85
CA TYR F 171 -34.53 30.84 6.87
C TYR F 171 -36.00 30.64 7.24
N VAL F 172 -36.37 29.43 7.67
CA VAL F 172 -37.73 29.17 8.12
C VAL F 172 -38.02 29.79 9.47
N PHE F 173 -36.99 30.23 10.19
CA PHE F 173 -37.18 30.88 11.48
C PHE F 173 -37.41 32.38 11.37
N GLU F 174 -36.72 33.05 10.43
CA GLU F 174 -36.80 34.50 10.30
C GLU F 174 -37.90 34.96 9.36
N CYS F 175 -38.68 34.06 8.78
CA CYS F 175 -39.72 34.47 7.85
C CYS F 175 -40.97 34.92 8.60
N ASP F 176 -41.83 35.63 7.88
CA ASP F 176 -43.10 36.07 8.44
C ASP F 176 -44.24 35.09 8.15
N ILE F 177 -44.15 34.34 7.05
CA ILE F 177 -45.16 33.35 6.72
C ILE F 177 -44.48 32.01 6.43
N PRO F 178 -44.52 31.06 7.35
CA PRO F 178 -44.01 29.71 7.06
C PRO F 178 -45.10 28.81 6.51
N ILE F 179 -44.83 28.21 5.35
CA ILE F 179 -45.77 27.31 4.68
C ILE F 179 -45.11 25.96 4.56
N LEU F 180 -45.86 24.90 4.86
CA LEU F 180 -45.39 23.53 4.76
C LEU F 180 -46.19 22.82 3.68
N ILE F 181 -45.51 22.03 2.86
CA ILE F 181 -46.17 21.18 1.87
C ILE F 181 -45.81 19.74 2.18
N GLY F 182 -46.82 18.89 2.35
CA GLY F 182 -46.59 17.53 2.78
C GLY F 182 -47.56 16.56 2.14
N HIS F 183 -47.11 15.31 2.07
CA HIS F 183 -47.89 14.21 1.52
C HIS F 183 -48.23 13.25 2.65
N VAL F 184 -49.50 13.19 3.01
CA VAL F 184 -49.97 12.32 4.09
C VAL F 184 -49.99 10.90 3.54
N GLN F 185 -48.91 10.15 3.80
CA GLN F 185 -48.79 8.78 3.34
C GLN F 185 -48.30 7.91 4.48
N GLY F 186 -48.73 6.65 4.48
CA GLY F 186 -48.37 5.75 5.56
C GLY F 186 -46.90 5.38 5.54
N ASN F 187 -46.40 4.99 6.70
CA ASN F 187 -45.05 4.50 6.89
C ASN F 187 -45.10 3.19 7.67
N PRO F 188 -44.05 2.37 7.58
CA PRO F 188 -44.11 1.05 8.24
C PRO F 188 -44.40 1.10 9.72
N TYR F 189 -43.94 2.13 10.42
CA TYR F 189 -44.10 2.18 11.88
C TYR F 189 -45.52 2.49 12.32
N GLY F 190 -46.40 2.90 11.40
CA GLY F 190 -47.80 3.14 11.72
C GLY F 190 -48.22 4.59 11.72
N GLY F 191 -47.27 5.54 11.74
CA GLY F 191 -47.59 6.95 11.71
C GLY F 191 -47.92 7.42 10.31
N TYR F 192 -47.66 8.70 10.05
CA TYR F 192 -47.88 9.26 8.73
C TYR F 192 -46.85 10.37 8.49
N SER F 193 -46.57 10.63 7.22
CA SER F 193 -45.65 11.69 6.83
C SER F 193 -46.41 13.00 6.61
N GLY F 194 -47.14 13.40 7.65
CA GLY F 194 -48.02 14.55 7.55
C GLY F 194 -47.32 15.88 7.72
N GLY F 195 -47.87 16.75 8.55
CA GLY F 195 -47.34 18.09 8.71
C GLY F 195 -46.25 18.21 9.76
N TYR F 196 -46.52 17.73 10.97
CA TYR F 196 -45.58 17.94 12.06
C TYR F 196 -44.33 17.07 11.90
N LYS F 197 -44.51 15.82 11.46
CA LYS F 197 -43.36 14.96 11.22
C LYS F 197 -42.47 15.52 10.13
N HIS F 198 -43.07 16.06 9.07
CA HIS F 198 -42.30 16.63 7.98
C HIS F 198 -41.39 17.75 8.48
N SER F 199 -41.95 18.71 9.20
CA SER F 199 -41.14 19.81 9.73
C SER F 199 -40.07 19.29 10.69
N ALA F 200 -40.47 18.43 11.63
CA ALA F 200 -39.53 17.98 12.66
C ALA F 200 -38.37 17.22 12.06
N THR F 201 -38.61 16.39 11.05
CA THR F 201 -37.56 15.55 10.48
C THR F 201 -36.82 16.21 9.33
N GLY F 202 -37.36 17.27 8.73
CA GLY F 202 -36.68 17.90 7.61
C GLY F 202 -36.08 19.25 7.88
N ILE F 203 -36.42 19.86 9.02
CA ILE F 203 -35.90 21.16 9.38
C ILE F 203 -34.80 21.07 10.44
N THR F 204 -34.80 20.02 11.26
CA THR F 204 -33.84 19.89 12.35
C THR F 204 -32.52 19.31 11.85
N ASN F 205 -31.62 19.07 12.80
CA ASN F 205 -30.37 18.38 12.56
C ASN F 205 -30.46 16.97 13.17
N TRP F 206 -29.34 16.23 13.13
CA TRP F 206 -29.36 14.85 13.59
C TRP F 206 -29.55 14.75 15.10
N LYS F 207 -29.15 15.77 15.86
CA LYS F 207 -29.29 15.72 17.31
C LYS F 207 -30.75 15.63 17.73
N CYS F 208 -31.63 16.41 17.09
CA CYS F 208 -33.05 16.32 17.38
C CYS F 208 -33.63 14.99 16.92
N ILE F 209 -33.18 14.49 15.77
CA ILE F 209 -33.72 13.24 15.22
C ILE F 209 -33.33 12.06 16.09
N ALA F 210 -32.13 12.10 16.68
CA ALA F 210 -31.67 11.03 17.56
C ALA F 210 -32.60 10.86 18.75
N ASN F 234 -45.69 11.49 19.22
CA ASN F 234 -45.74 12.56 20.21
C ASN F 234 -44.47 13.39 20.19
N LYS F 235 -43.35 12.73 19.85
CA LYS F 235 -42.08 13.44 19.77
C LYS F 235 -42.10 14.54 18.71
N PHE F 236 -42.56 14.20 17.50
CA PHE F 236 -42.62 15.18 16.43
C PHE F 236 -43.58 16.31 16.76
N ASP F 237 -44.71 15.98 17.40
CA ASP F 237 -45.64 17.03 17.84
C ASP F 237 -44.97 17.97 18.83
N GLU F 238 -44.21 17.42 19.79
CA GLU F 238 -43.52 18.27 20.76
C GLU F 238 -42.52 19.19 20.07
N ILE F 239 -41.70 18.65 19.18
CA ILE F 239 -40.68 19.47 18.52
C ILE F 239 -41.32 20.55 17.66
N SER F 240 -42.33 20.19 16.88
CA SER F 240 -42.96 21.16 15.99
C SER F 240 -43.72 22.23 16.77
N MET F 241 -44.37 21.84 17.87
CA MET F 241 -45.04 22.83 18.71
C MET F 241 -44.05 23.76 19.39
N HIS F 242 -42.88 23.24 19.77
CA HIS F 242 -41.84 24.11 20.30
C HIS F 242 -41.37 25.11 19.24
N MET F 243 -41.22 24.65 17.99
CA MET F 243 -40.89 25.57 16.92
C MET F 243 -41.96 26.64 16.74
N GLU F 244 -43.23 26.24 16.79
CA GLU F 244 -44.31 27.20 16.61
C GLU F 244 -44.36 28.21 17.74
N GLU F 245 -44.12 27.77 18.99
CA GLU F 245 -44.10 28.70 20.11
C GLU F 245 -42.93 29.68 19.99
N LYS F 246 -41.75 29.17 19.64
CA LYS F 246 -40.58 30.04 19.53
C LYS F 246 -40.73 31.03 18.38
N MET F 247 -41.30 30.58 17.26
CA MET F 247 -41.40 31.42 16.07
C MET F 247 -42.38 32.56 16.27
N GLY F 248 -43.50 32.30 16.93
CA GLY F 248 -44.54 33.28 17.14
C GLY F 248 -45.75 33.13 16.24
N HIS F 249 -45.65 32.32 15.19
CA HIS F 249 -46.77 32.04 14.31
C HIS F 249 -46.71 30.58 13.90
N PRO F 250 -47.84 29.87 13.94
CA PRO F 250 -47.84 28.44 13.59
C PRO F 250 -47.62 28.23 12.10
N PHE F 251 -47.20 27.00 11.78
CA PHE F 251 -46.99 26.62 10.38
C PHE F 251 -48.30 26.56 9.62
N PHE F 252 -48.30 27.08 8.40
CA PHE F 252 -49.43 26.92 7.49
C PHE F 252 -49.20 25.68 6.65
N CYS F 253 -49.79 24.55 7.04
CA CYS F 253 -49.55 23.28 6.39
C CYS F 253 -50.65 23.02 5.37
N CYS F 254 -50.24 22.65 4.15
CA CYS F 254 -51.16 22.25 3.09
C CYS F 254 -50.77 20.83 2.69
N ASP F 255 -51.34 19.85 3.39
CA ASP F 255 -51.01 18.44 3.18
C ASP F 255 -52.05 17.81 2.26
N ALA F 256 -51.59 16.87 1.44
CA ALA F 256 -52.46 16.17 0.51
C ALA F 256 -52.36 14.67 0.73
N VAL F 257 -53.50 13.99 0.70
CA VAL F 257 -53.54 12.53 0.85
C VAL F 257 -53.26 11.89 -0.50
N LEU F 258 -52.28 10.99 -0.53
CA LEU F 258 -51.84 10.37 -1.78
C LEU F 258 -52.23 8.90 -1.82
N ASP F 259 -52.65 8.45 -3.00
CA ASP F 259 -52.96 7.05 -3.23
C ASP F 259 -51.71 6.33 -3.73
N THR F 260 -51.88 5.10 -4.23
CA THR F 260 -50.73 4.28 -4.62
C THR F 260 -49.97 4.89 -5.79
N GLN F 261 -50.66 5.64 -6.65
CA GLN F 261 -50.02 6.28 -7.80
C GLN F 261 -49.75 7.75 -7.56
N SER F 262 -49.68 8.17 -6.29
CA SER F 262 -49.39 9.55 -5.92
C SER F 262 -50.39 10.52 -6.52
N ARG F 263 -51.66 10.11 -6.54
CA ARG F 263 -52.75 10.96 -6.97
C ARG F 263 -53.49 11.47 -5.75
N GLN F 264 -53.77 12.78 -5.72
CA GLN F 264 -54.41 13.39 -4.56
C GLN F 264 -55.84 12.91 -4.44
N ILE F 265 -56.20 12.46 -3.24
CA ILE F 265 -57.58 12.08 -2.93
C ILE F 265 -58.33 13.21 -2.25
N ALA F 266 -57.68 13.87 -1.27
CA ALA F 266 -58.25 15.02 -0.59
C ALA F 266 -57.12 15.95 -0.20
N ILE F 267 -57.38 17.25 -0.25
CA ILE F 267 -56.38 18.27 0.04
C ILE F 267 -56.83 19.00 1.29
N TYR F 268 -55.99 18.98 2.32
CA TYR F 268 -56.29 19.61 3.61
C TYR F 268 -55.23 20.67 3.91
N SER F 269 -55.67 21.88 4.21
CA SER F 269 -54.78 22.97 4.54
C SER F 269 -55.27 23.67 5.80
N GLY F 270 -54.33 24.21 6.56
CA GLY F 270 -54.65 24.94 7.77
C GLY F 270 -53.65 24.62 8.86
N TYR F 271 -54.08 24.86 10.10
CA TYR F 271 -53.24 24.57 11.26
C TYR F 271 -53.03 23.07 11.38
N ALA F 272 -51.77 22.66 11.58
CA ALA F 272 -51.41 21.25 11.49
C ALA F 272 -52.08 20.42 12.60
N LYS F 273 -52.13 20.96 13.82
CA LYS F 273 -52.63 20.17 14.94
C LYS F 273 -54.11 19.82 14.76
N GLU F 274 -54.91 20.76 14.29
CA GLU F 274 -56.35 20.54 14.12
C GLU F 274 -56.70 19.92 12.78
N MET F 275 -55.73 19.74 11.88
CA MET F 275 -55.97 19.17 10.56
C MET F 275 -55.42 17.76 10.40
N MET F 276 -54.34 17.42 11.12
CA MET F 276 -53.74 16.09 10.98
C MET F 276 -54.72 14.96 11.25
N PRO F 277 -55.53 14.98 12.32
CA PRO F 277 -56.54 13.91 12.46
C PRO F 277 -57.53 13.86 11.31
N ILE F 278 -57.89 15.01 10.73
CA ILE F 278 -58.86 15.02 9.64
C ILE F 278 -58.31 14.29 8.43
N SER F 279 -57.04 14.54 8.08
CA SER F 279 -56.42 13.82 6.98
C SER F 279 -56.15 12.37 7.34
N TRP F 280 -55.86 12.09 8.62
CA TRP F 280 -55.60 10.72 9.04
C TRP F 280 -56.85 9.86 8.94
N LYS F 281 -58.03 10.45 9.14
CA LYS F 281 -59.27 9.68 9.04
C LYS F 281 -59.48 9.09 7.65
N LEU F 282 -58.87 9.67 6.62
CA LEU F 282 -58.92 9.12 5.27
C LEU F 282 -57.65 8.38 4.88
N ALA F 283 -56.51 8.79 5.44
CA ALA F 283 -55.28 8.03 5.20
C ALA F 283 -55.37 6.64 5.81
N ASP F 284 -56.12 6.48 6.90
CA ASP F 284 -56.36 5.16 7.45
C ASP F 284 -57.17 4.30 6.47
N LYS F 285 -58.17 4.91 5.82
CA LYS F 285 -58.93 4.19 4.80
C LYS F 285 -58.04 3.78 3.64
N ARG F 286 -57.16 4.68 3.21
CA ARG F 286 -56.30 4.38 2.07
C ARG F 286 -55.30 3.28 2.40
N THR F 287 -54.64 3.38 3.55
CA THR F 287 -53.49 2.52 3.85
C THR F 287 -53.92 1.14 4.31
N TYR F 288 -54.65 1.07 5.42
CA TYR F 288 -55.01 -0.21 6.03
C TYR F 288 -56.02 -0.94 5.14
N VAL F 289 -55.57 -2.00 4.47
CA VAL F 289 -56.39 -2.77 3.55
C VAL F 289 -56.76 -4.08 4.20
N HIS F 290 -58.07 -4.31 4.37
CA HIS F 290 -58.60 -5.54 4.95
C HIS F 290 -58.90 -6.49 3.80
N TRP F 291 -57.99 -7.43 3.55
CA TRP F 291 -58.14 -8.36 2.43
C TRP F 291 -57.81 -9.80 2.79
N ALA F 292 -57.22 -10.07 3.94
CA ALA F 292 -56.71 -11.38 4.29
C ALA F 292 -57.83 -12.28 4.81
N GLU F 293 -57.79 -13.55 4.42
CA GLU F 293 -58.69 -14.56 4.97
C GLU F 293 -57.95 -15.70 5.67
N LYS F 294 -56.64 -15.81 5.51
CA LYS F 294 -55.85 -16.85 6.16
C LYS F 294 -54.47 -16.30 6.47
N LYS F 295 -53.83 -16.93 7.46
CA LYS F 295 -52.46 -16.55 7.83
C LYS F 295 -51.48 -17.22 6.88
N TYR F 296 -50.53 -16.44 6.38
CA TYR F 296 -49.58 -16.90 5.37
C TYR F 296 -48.27 -17.30 6.01
N ASP F 297 -47.67 -18.37 5.48
CA ASP F 297 -46.40 -18.89 5.99
C ASP F 297 -45.19 -18.36 5.25
N VAL F 298 -45.27 -18.22 3.93
CA VAL F 298 -44.15 -17.80 3.09
C VAL F 298 -44.54 -16.50 2.38
N LEU F 299 -43.67 -15.50 2.46
CA LEU F 299 -43.86 -14.23 1.79
C LEU F 299 -42.80 -14.10 0.70
N VAL F 300 -43.23 -13.91 -0.54
CA VAL F 300 -42.35 -13.91 -1.69
C VAL F 300 -42.44 -12.55 -2.38
N PHE F 301 -41.29 -11.94 -2.61
CA PHE F 301 -41.22 -10.67 -3.35
C PHE F 301 -39.79 -10.49 -3.84
N GLY F 302 -39.55 -9.35 -4.47
CA GLY F 302 -38.21 -9.01 -4.93
C GLY F 302 -38.04 -7.51 -4.95
N MET F 303 -36.81 -7.07 -4.70
CA MET F 303 -36.51 -5.65 -4.65
C MET F 303 -35.74 -5.22 -5.88
N PRO F 304 -36.20 -4.20 -6.60
CA PRO F 304 -35.40 -3.64 -7.69
C PRO F 304 -34.21 -2.89 -7.15
N GLN F 305 -33.25 -2.61 -8.04
CA GLN F 305 -32.03 -1.93 -7.63
C GLN F 305 -32.32 -0.52 -7.11
N LYS F 306 -33.21 0.21 -7.78
CA LYS F 306 -33.50 1.60 -7.46
C LYS F 306 -34.94 1.73 -6.96
N PHE F 307 -35.10 1.86 -5.66
CA PHE F 307 -36.39 2.17 -5.07
C PHE F 307 -36.17 2.96 -3.79
N HIS F 308 -37.19 3.73 -3.41
CA HIS F 308 -37.16 4.55 -2.20
C HIS F 308 -36.00 5.54 -2.22
N TYR F 309 -34.97 5.28 -1.40
CA TYR F 309 -33.91 6.25 -1.18
C TYR F 309 -33.01 6.45 -2.40
N GLY F 310 -33.11 5.62 -3.43
CA GLY F 310 -32.42 5.86 -4.67
C GLY F 310 -31.73 4.61 -5.17
N ASP F 311 -30.91 4.79 -6.20
CA ASP F 311 -30.18 3.68 -6.81
C ASP F 311 -29.21 3.06 -5.81
N GLY F 312 -29.12 1.73 -5.86
CA GLY F 312 -28.27 0.99 -4.95
C GLY F 312 -28.94 0.54 -3.68
N MET F 313 -30.20 0.91 -3.45
CA MET F 313 -30.89 0.46 -2.24
C MET F 313 -31.13 -1.05 -2.26
N GLY F 314 -31.43 -1.61 -3.42
CA GLY F 314 -31.67 -3.03 -3.53
C GLY F 314 -30.44 -3.89 -3.60
N THR F 315 -29.25 -3.29 -3.60
CA THR F 315 -28.00 -4.02 -3.58
C THR F 315 -27.14 -3.71 -2.37
N ASN F 316 -27.45 -2.67 -1.61
CA ASN F 316 -26.68 -2.30 -0.43
C ASN F 316 -27.19 -3.10 0.77
N PRO F 317 -26.34 -3.88 1.45
CA PRO F 317 -26.85 -4.79 2.49
C PRO F 317 -27.63 -4.11 3.60
N ILE F 318 -27.19 -2.94 4.06
CA ILE F 318 -27.88 -2.27 5.17
C ILE F 318 -29.24 -1.75 4.72
N MET F 319 -29.30 -1.15 3.52
CA MET F 319 -30.58 -0.70 2.99
C MET F 319 -31.47 -1.88 2.66
N MET F 320 -30.88 -3.01 2.25
CA MET F 320 -31.65 -4.24 2.08
C MET F 320 -32.28 -4.69 3.38
N MET F 321 -31.51 -4.64 4.47
CA MET F 321 -32.05 -5.02 5.77
C MET F 321 -33.17 -4.09 6.20
N GLN F 322 -33.00 -2.78 5.97
CA GLN F 322 -34.04 -1.83 6.31
C GLN F 322 -35.32 -2.07 5.50
N ALA F 323 -35.17 -2.34 4.20
CA ALA F 323 -36.34 -2.63 3.37
C ALA F 323 -37.04 -3.91 3.82
N LEU F 324 -36.27 -4.96 4.14
CA LEU F 324 -36.86 -6.19 4.63
C LEU F 324 -37.58 -5.97 5.95
N SER F 325 -37.01 -5.13 6.82
CA SER F 325 -37.67 -4.81 8.09
C SER F 325 -38.97 -4.07 7.86
N ALA F 326 -38.99 -3.13 6.91
CA ALA F 326 -40.23 -2.44 6.59
C ALA F 326 -41.27 -3.40 6.05
N GLN F 327 -40.85 -4.33 5.20
CA GLN F 327 -41.79 -5.33 4.66
C GLN F 327 -42.32 -6.23 5.77
N VAL F 328 -41.47 -6.59 6.73
CA VAL F 328 -41.92 -7.36 7.88
C VAL F 328 -42.96 -6.57 8.68
N LEU F 329 -42.69 -5.28 8.89
CA LEU F 329 -43.62 -4.45 9.67
C LEU F 329 -44.97 -4.31 8.97
N ARG F 330 -44.96 -4.15 7.65
CA ARG F 330 -46.22 -3.92 6.95
C ARG F 330 -47.09 -5.16 6.89
N PHE F 331 -46.48 -6.33 6.67
CA PHE F 331 -47.22 -7.57 6.50
C PHE F 331 -47.21 -8.44 7.76
N LYS F 332 -47.00 -7.84 8.93
CA LYS F 332 -46.90 -8.62 10.16
C LYS F 332 -48.24 -9.24 10.54
N ARG F 333 -49.34 -8.50 10.38
CA ARG F 333 -50.64 -9.02 10.79
C ARG F 333 -51.12 -10.12 9.86
N VAL F 334 -50.79 -10.02 8.57
CA VAL F 334 -51.23 -11.01 7.59
C VAL F 334 -50.47 -12.33 7.68
N MET F 335 -49.31 -12.33 8.34
CA MET F 335 -48.41 -13.46 8.33
C MET F 335 -48.47 -14.22 9.65
N SER F 336 -48.10 -15.50 9.59
CA SER F 336 -48.17 -16.37 10.76
C SER F 336 -46.97 -16.10 11.66
N ASP F 337 -46.76 -16.98 12.65
CA ASP F 337 -45.63 -16.83 13.56
C ASP F 337 -44.31 -17.23 12.89
N ASN F 338 -44.31 -18.33 12.15
CA ASN F 338 -43.11 -18.85 11.49
C ASN F 338 -42.91 -18.26 10.10
N CYS F 339 -42.79 -16.93 10.04
CA CYS F 339 -42.63 -16.25 8.76
C CYS F 339 -41.36 -16.68 8.05
N VAL F 340 -41.48 -16.89 6.74
CA VAL F 340 -40.33 -17.12 5.86
C VAL F 340 -40.42 -16.12 4.72
N ILE F 341 -39.34 -15.38 4.50
CA ILE F 341 -39.30 -14.33 3.49
C ILE F 341 -38.28 -14.73 2.43
N ILE F 342 -38.72 -14.77 1.17
CA ILE F 342 -37.86 -15.06 0.04
C ILE F 342 -37.78 -13.80 -0.80
N CYS F 343 -36.57 -13.30 -1.01
CA CYS F 343 -36.35 -12.02 -1.67
C CYS F 343 -35.38 -12.19 -2.82
N ALA F 344 -35.63 -11.48 -3.91
CA ALA F 344 -34.78 -11.51 -5.10
C ALA F 344 -34.07 -10.17 -5.22
N SER F 345 -32.75 -10.19 -5.07
CA SER F 345 -31.96 -8.98 -5.18
C SER F 345 -30.57 -9.35 -5.69
N THR F 346 -29.96 -8.40 -6.40
CA THR F 346 -28.61 -8.57 -6.95
C THR F 346 -27.62 -7.99 -5.96
N CYS F 347 -27.20 -8.82 -5.00
CA CYS F 347 -26.22 -8.40 -3.99
C CYS F 347 -24.81 -8.43 -4.57
N ASN F 348 -24.59 -7.56 -5.55
CA ASN F 348 -23.29 -7.44 -6.20
C ASN F 348 -22.29 -6.63 -5.40
N GLY F 349 -22.59 -6.34 -4.13
CA GLY F 349 -21.71 -5.52 -3.33
C GLY F 349 -21.64 -4.08 -3.78
N TYR F 350 -22.66 -3.61 -4.48
CA TYR F 350 -22.66 -2.26 -5.05
C TYR F 350 -23.11 -1.27 -3.97
N PHE F 351 -22.16 -0.91 -3.11
CA PHE F 351 -22.37 0.24 -2.23
C PHE F 351 -22.29 1.51 -3.07
N HIS F 352 -23.37 2.27 -3.10
CA HIS F 352 -23.39 3.53 -3.86
C HIS F 352 -22.56 4.53 -3.08
N ASP F 353 -21.24 4.34 -3.17
CA ASP F 353 -20.31 5.08 -2.31
C ASP F 353 -20.32 6.58 -2.58
N GLU F 354 -20.83 7.02 -3.73
CA GLU F 354 -21.04 8.44 -3.96
C GLU F 354 -22.30 8.94 -3.28
N ARG F 355 -23.19 8.05 -2.85
CA ARG F 355 -24.43 8.41 -2.18
C ARG F 355 -24.46 7.97 -0.72
N TRP F 356 -23.78 6.87 -0.39
CA TRP F 356 -23.61 6.40 0.99
C TRP F 356 -22.13 6.17 1.24
N PRO F 357 -21.35 7.24 1.45
CA PRO F 357 -19.90 7.08 1.61
C PRO F 357 -19.50 6.42 2.92
N TYR F 358 -20.41 6.24 3.86
CA TYR F 358 -20.09 5.72 5.18
C TYR F 358 -20.50 4.26 5.36
N LEU F 359 -21.28 3.69 4.44
CA LEU F 359 -21.83 2.37 4.66
C LEU F 359 -20.79 1.26 4.49
N ARG F 360 -19.71 1.50 3.76
CA ARG F 360 -18.61 0.54 3.72
C ARG F 360 -17.96 0.42 5.10
N GLU F 361 -17.64 1.57 5.72
CA GLU F 361 -17.09 1.55 7.06
C GLU F 361 -18.09 0.98 8.06
N LEU F 362 -19.38 1.30 7.87
CA LEU F 362 -20.41 0.77 8.76
C LEU F 362 -20.46 -0.75 8.69
N TYR F 363 -20.45 -1.30 7.48
CA TYR F 363 -20.46 -2.75 7.30
C TYR F 363 -19.20 -3.39 7.88
N ASP F 364 -18.04 -2.78 7.64
CA ASP F 364 -16.80 -3.33 8.17
C ASP F 364 -16.79 -3.32 9.69
N LEU F 365 -17.31 -2.25 10.30
CA LEU F 365 -17.42 -2.21 11.76
C LEU F 365 -18.39 -3.27 12.27
N PHE F 366 -19.48 -3.50 11.53
CA PHE F 366 -20.42 -4.56 11.92
C PHE F 366 -19.76 -5.93 11.88
N GLN F 367 -18.94 -6.18 10.85
CA GLN F 367 -18.38 -7.51 10.66
C GLN F 367 -17.16 -7.77 11.53
N HIS F 368 -16.38 -6.73 11.84
CA HIS F 368 -15.10 -6.88 12.50
C HIS F 368 -15.10 -6.29 13.90
N ASP F 369 -16.19 -6.53 14.63
CA ASP F 369 -16.29 -6.08 16.02
C ASP F 369 -17.08 -7.12 16.81
N HIS F 370 -17.42 -6.79 18.05
N HIS F 370 -17.32 -6.83 18.08
CA HIS F 370 -18.11 -7.71 18.97
CA HIS F 370 -18.12 -7.70 18.94
C HIS F 370 -19.63 -7.63 18.82
C HIS F 370 -19.60 -7.33 18.86
N MET F 371 -20.13 -7.25 17.64
CA MET F 371 -21.53 -6.93 17.42
C MET F 371 -22.26 -8.17 16.92
N ASN F 372 -23.09 -8.76 17.78
CA ASN F 372 -23.85 -9.94 17.40
C ASN F 372 -25.03 -9.60 16.50
N THR F 373 -25.64 -8.44 16.70
CA THR F 373 -26.81 -8.02 15.94
C THR F 373 -26.66 -6.55 15.55
N LEU F 374 -27.57 -6.10 14.69
CA LEU F 374 -27.60 -4.72 14.19
C LEU F 374 -27.84 -3.69 15.30
N PRO F 375 -28.80 -3.90 16.22
CA PRO F 375 -28.99 -2.91 17.29
C PRO F 375 -27.75 -2.66 18.12
N ASP F 376 -26.89 -3.65 18.31
CA ASP F 376 -25.65 -3.51 19.07
C ASP F 376 -24.70 -2.48 18.47
N MET F 377 -25.08 -1.88 17.34
CA MET F 377 -24.24 -0.90 16.66
C MET F 377 -24.68 0.52 16.95
N ASN F 378 -25.86 0.69 17.57
CA ASN F 378 -26.44 2.02 17.78
C ASN F 378 -25.54 2.94 18.59
N ARG F 379 -24.59 2.40 19.36
CA ARG F 379 -23.69 3.22 20.15
C ARG F 379 -22.72 4.03 19.29
N LEU F 380 -22.53 3.66 18.02
CA LEU F 380 -21.56 4.35 17.18
C LEU F 380 -22.19 5.47 16.35
N GLY F 381 -23.48 5.74 16.51
CA GLY F 381 -24.12 6.77 15.70
C GLY F 381 -23.46 8.12 15.88
N GLU F 382 -23.23 8.54 17.13
CA GLU F 382 -22.55 9.81 17.36
C GLU F 382 -21.13 9.78 16.83
N TYR F 383 -20.53 8.60 16.72
CA TYR F 383 -19.21 8.50 16.10
C TYR F 383 -19.26 8.82 14.62
N PHE F 384 -20.37 8.46 13.97
CA PHE F 384 -20.48 8.68 12.53
C PHE F 384 -21.05 10.06 12.21
N ALA F 385 -22.02 10.52 13.01
CA ALA F 385 -22.66 11.80 12.75
C ALA F 385 -21.72 12.99 12.89
N THR F 386 -20.62 12.83 13.62
CA THR F 386 -19.66 13.90 13.85
C THR F 386 -18.41 13.77 12.97
N ASN F 387 -18.38 12.79 12.06
CA ASN F 387 -17.23 12.63 11.19
C ASN F 387 -17.10 13.83 10.26
N GLU F 388 -15.89 14.36 10.12
CA GLU F 388 -15.69 15.56 9.33
C GLU F 388 -15.79 15.28 7.83
N GLU F 389 -15.19 14.18 7.38
CA GLU F 389 -15.18 13.88 5.95
C GLU F 389 -16.57 13.54 5.44
N TYR F 390 -17.31 12.71 6.20
CA TYR F 390 -18.67 12.38 5.79
C TYR F 390 -19.59 13.59 5.85
N ILE F 391 -19.37 14.50 6.81
CA ILE F 391 -20.18 15.71 6.86
C ILE F 391 -19.87 16.60 5.66
N ARG F 392 -18.61 16.71 5.28
CA ARG F 392 -18.25 17.48 4.10
C ARG F 392 -18.87 16.88 2.84
N LYS F 393 -18.86 15.56 2.73
CA LYS F 393 -19.48 14.91 1.58
C LYS F 393 -20.98 15.11 1.57
N TYR F 394 -21.61 15.09 2.75
CA TYR F 394 -23.04 15.39 2.83
C TYR F 394 -23.34 16.81 2.39
N ARG F 395 -22.51 17.77 2.82
CA ARG F 395 -22.78 19.17 2.53
C ARG F 395 -22.55 19.49 1.05
N TYR F 396 -21.48 18.98 0.46
CA TYR F 396 -21.05 19.43 -0.85
C TYR F 396 -21.14 18.38 -1.95
N THR F 397 -21.00 17.10 -1.63
CA THR F 397 -21.01 16.04 -2.61
C THR F 397 -22.43 15.49 -2.86
N ASN F 398 -23.40 15.94 -2.06
CA ASN F 398 -24.79 15.50 -2.14
C ASN F 398 -24.91 14.01 -1.82
N ALA F 399 -24.44 13.62 -0.65
CA ALA F 399 -24.60 12.27 -0.14
C ALA F 399 -25.46 12.32 1.12
N PHE F 400 -25.83 11.13 1.60
CA PHE F 400 -26.62 11.03 2.82
C PHE F 400 -25.82 11.49 4.04
N HIS F 401 -26.54 12.03 5.01
CA HIS F 401 -25.91 12.37 6.28
C HIS F 401 -25.48 11.09 6.98
N PRO F 402 -24.31 11.08 7.62
CA PRO F 402 -23.81 9.83 8.22
C PRO F 402 -24.69 9.28 9.32
N PHE F 403 -25.59 10.07 9.89
CA PHE F 403 -26.48 9.60 10.94
C PHE F 403 -27.75 8.96 10.39
N HIS F 404 -27.93 8.97 9.07
CA HIS F 404 -29.13 8.36 8.50
C HIS F 404 -29.15 6.85 8.72
N GLY F 405 -27.97 6.23 8.74
CA GLY F 405 -27.89 4.80 8.99
C GLY F 405 -28.31 4.38 10.39
N PHE F 406 -28.42 5.31 11.33
CA PHE F 406 -28.79 5.01 12.70
C PHE F 406 -30.13 5.61 13.10
N SER F 407 -30.89 6.16 12.14
CA SER F 407 -32.14 6.84 12.43
C SER F 407 -33.14 5.97 13.17
N CYS F 411 -34.51 -0.10 13.56
CA CYS F 411 -35.50 -0.54 12.59
C CYS F 411 -35.05 -1.83 11.91
N GLY F 412 -33.75 -1.97 11.67
CA GLY F 412 -33.23 -3.12 10.96
C GLY F 412 -33.37 -4.43 11.69
N HIS F 413 -33.64 -4.39 13.00
CA HIS F 413 -33.71 -5.61 13.80
C HIS F 413 -35.07 -6.29 13.76
N ILE F 414 -36.09 -5.63 13.20
CA ILE F 414 -37.43 -6.25 13.18
C ILE F 414 -37.43 -7.48 12.28
N ALA F 415 -36.56 -7.53 11.28
CA ALA F 415 -36.50 -8.69 10.40
C ALA F 415 -36.06 -9.94 11.17
N GLU F 416 -35.06 -9.79 12.05
CA GLU F 416 -34.50 -10.94 12.75
C GLU F 416 -35.40 -11.44 13.87
N MET F 417 -36.17 -10.54 14.50
CA MET F 417 -36.96 -10.95 15.67
C MET F 417 -38.12 -11.86 15.27
N ASN F 418 -38.75 -11.59 14.13
CA ASN F 418 -39.99 -12.27 13.75
C ASN F 418 -39.77 -13.46 12.83
N THR F 419 -39.14 -13.23 11.68
CA THR F 419 -39.02 -14.27 10.67
C THR F 419 -38.06 -15.37 11.11
N SER F 420 -38.43 -16.62 10.82
CA SER F 420 -37.54 -17.74 11.12
C SER F 420 -36.38 -17.81 10.14
N ALA F 421 -36.59 -17.42 8.89
CA ALA F 421 -35.54 -17.42 7.89
C ALA F 421 -35.88 -16.41 6.80
N ILE F 422 -34.84 -15.75 6.29
CA ILE F 422 -34.98 -14.81 5.17
C ILE F 422 -34.02 -15.27 4.08
N TYR F 423 -34.56 -15.53 2.89
CA TYR F 423 -33.79 -16.01 1.76
C TYR F 423 -33.59 -14.90 0.75
N ILE F 424 -32.34 -14.68 0.35
CA ILE F 424 -31.99 -13.71 -0.67
C ILE F 424 -31.52 -14.49 -1.89
N VAL F 425 -32.40 -14.64 -2.87
CA VAL F 425 -32.13 -15.43 -4.06
C VAL F 425 -31.60 -14.52 -5.17
N GLY F 426 -30.77 -15.09 -6.04
CA GLY F 426 -30.25 -14.37 -7.18
C GLY F 426 -29.12 -13.42 -6.88
N ALA F 427 -28.50 -13.53 -5.70
CA ALA F 427 -27.43 -12.62 -5.35
C ALA F 427 -26.20 -12.84 -6.23
N GLU F 428 -25.45 -11.77 -6.46
CA GLU F 428 -24.21 -11.84 -7.24
C GLU F 428 -23.00 -12.05 -6.35
N GLU F 429 -22.98 -11.41 -5.18
CA GLU F 429 -21.95 -11.61 -4.17
C GLU F 429 -22.67 -11.93 -2.86
N PRO F 430 -23.08 -13.19 -2.67
CA PRO F 430 -23.91 -13.54 -1.50
C PRO F 430 -23.18 -13.44 -0.17
N GLY F 431 -21.87 -13.15 -0.17
CA GLY F 431 -21.17 -12.93 1.08
C GLY F 431 -21.70 -11.76 1.87
N TYR F 432 -22.13 -10.70 1.19
CA TYR F 432 -22.70 -9.53 1.85
C TYR F 432 -24.08 -9.82 2.43
N ALA F 433 -24.90 -10.61 1.74
CA ALA F 433 -26.20 -10.99 2.29
C ALA F 433 -26.05 -11.99 3.42
N ARG F 434 -25.00 -12.81 3.39
CA ARG F 434 -24.75 -13.74 4.49
C ARG F 434 -24.19 -13.02 5.71
N GLY F 435 -23.36 -12.00 5.50
CA GLY F 435 -22.81 -11.24 6.61
C GLY F 435 -23.85 -10.44 7.38
N MET F 436 -25.01 -10.19 6.77
CA MET F 436 -26.10 -9.53 7.45
C MET F 436 -26.97 -10.49 8.25
N GLY F 437 -26.76 -11.79 8.10
CA GLY F 437 -27.59 -12.78 8.75
C GLY F 437 -28.70 -13.35 7.90
N LEU F 438 -28.70 -13.06 6.60
CA LEU F 438 -29.73 -13.55 5.70
C LEU F 438 -29.22 -14.77 4.95
N LYS F 439 -30.09 -15.75 4.75
CA LYS F 439 -29.74 -16.93 3.98
C LYS F 439 -29.67 -16.58 2.50
N THR F 440 -28.76 -17.25 1.80
CA THR F 440 -28.50 -16.99 0.38
C THR F 440 -28.75 -18.24 -0.42
N ARG F 441 -29.48 -18.11 -1.53
CA ARG F 441 -29.67 -19.20 -2.48
C ARG F 441 -29.45 -18.68 -3.89
N ALA F 442 -29.75 -19.50 -4.89
CA ALA F 442 -29.54 -19.13 -6.28
C ALA F 442 -30.81 -19.02 -7.10
N THR F 443 -31.88 -19.71 -6.72
CA THR F 443 -33.11 -19.70 -7.49
C THR F 443 -34.29 -19.75 -6.52
N PHE F 444 -35.44 -19.24 -6.97
CA PHE F 444 -36.63 -19.23 -6.12
C PHE F 444 -37.06 -20.65 -5.75
N GLU F 445 -36.98 -21.59 -6.68
CA GLU F 445 -37.41 -22.96 -6.40
C GLU F 445 -36.53 -23.60 -5.34
N GLU F 446 -35.22 -23.38 -5.41
CA GLU F 446 -34.31 -23.96 -4.42
C GLU F 446 -34.62 -23.43 -3.03
N ALA F 447 -34.78 -22.10 -2.89
CA ALA F 447 -35.06 -21.51 -1.60
C ALA F 447 -36.42 -21.96 -1.07
N LEU F 448 -37.42 -22.03 -1.94
CA LEU F 448 -38.74 -22.47 -1.52
C LEU F 448 -38.72 -23.92 -1.05
N GLU F 449 -38.02 -24.79 -1.77
CA GLU F 449 -37.90 -26.17 -1.35
C GLU F 449 -37.16 -26.29 -0.03
N ASP F 450 -36.10 -25.51 0.16
CA ASP F 450 -35.38 -25.52 1.43
C ASP F 450 -36.27 -25.07 2.58
N ALA F 451 -37.05 -24.01 2.37
CA ALA F 451 -37.94 -23.51 3.41
C ALA F 451 -39.02 -24.53 3.73
N LYS F 452 -39.59 -25.17 2.71
CA LYS F 452 -40.58 -26.21 2.95
C LYS F 452 -39.99 -27.38 3.72
N LYS F 453 -38.77 -27.78 3.37
CA LYS F 453 -38.12 -28.88 4.05
C LYS F 453 -37.83 -28.55 5.53
N LYS F 454 -37.39 -27.33 5.80
CA LYS F 454 -36.88 -27.00 7.12
C LYS F 454 -37.87 -26.24 8.01
N TYR F 455 -38.61 -25.27 7.47
CA TYR F 455 -39.36 -24.34 8.31
C TYR F 455 -40.87 -24.47 8.16
N VAL F 456 -41.41 -24.33 6.95
CA VAL F 456 -42.85 -24.12 6.81
C VAL F 456 -43.64 -25.39 6.51
N GLY F 457 -42.99 -26.51 6.27
CA GLY F 457 -43.70 -27.73 5.93
C GLY F 457 -44.01 -27.82 4.46
N GLN F 458 -44.70 -28.89 4.09
CA GLN F 458 -44.98 -29.19 2.70
C GLN F 458 -46.29 -28.59 2.20
N GLU F 459 -47.03 -27.87 3.03
CA GLU F 459 -48.24 -27.16 2.61
C GLU F 459 -48.16 -25.74 3.16
N PRO F 460 -47.36 -24.87 2.53
CA PRO F 460 -47.26 -23.48 3.00
C PRO F 460 -48.20 -22.55 2.28
N ASN F 461 -48.77 -21.60 3.04
CA ASN F 461 -49.61 -20.55 2.47
C ASN F 461 -48.68 -19.48 1.90
N ILE F 462 -48.44 -19.53 0.60
CA ILE F 462 -47.49 -18.64 -0.06
C ILE F 462 -48.23 -17.40 -0.54
N LEU F 463 -47.68 -16.22 -0.21
CA LEU F 463 -48.19 -14.95 -0.69
C LEU F 463 -47.11 -14.28 -1.52
N ALA F 464 -47.44 -13.97 -2.78
CA ALA F 464 -46.50 -13.36 -3.70
C ALA F 464 -46.86 -11.89 -3.89
N LEU F 465 -45.85 -11.03 -3.81
CA LEU F 465 -46.03 -9.58 -3.91
C LEU F 465 -45.26 -9.07 -5.12
N PRO F 466 -45.90 -8.95 -6.28
CA PRO F 466 -45.24 -8.32 -7.42
C PRO F 466 -45.41 -6.80 -7.39
N MET F 467 -44.31 -6.11 -7.69
CA MET F 467 -44.27 -4.65 -7.66
C MET F 467 -44.63 -4.10 -6.29
N THR F 468 -44.09 -4.73 -5.25
CA THR F 468 -44.29 -4.26 -3.88
C THR F 468 -43.39 -3.09 -3.52
N PHE F 469 -42.33 -2.84 -4.30
CA PHE F 469 -41.45 -1.72 -4.08
C PHE F 469 -41.58 -0.64 -5.14
N LYS F 470 -42.30 -0.90 -6.23
CA LYS F 470 -42.53 0.09 -7.28
C LYS F 470 -43.79 0.92 -7.04
N LYS F 471 -44.53 0.64 -5.98
CA LYS F 471 -45.76 1.36 -5.65
C LYS F 471 -45.68 1.85 -4.22
N ALA F 472 -46.70 2.60 -3.80
CA ALA F 472 -46.83 3.03 -2.42
C ALA F 472 -47.41 1.87 -1.61
N ALA F 473 -46.59 1.26 -0.76
CA ALA F 473 -46.99 0.06 -0.04
C ALA F 473 -48.08 0.38 0.97
N VAL F 474 -48.85 -0.66 1.33
CA VAL F 474 -49.96 -0.53 2.26
C VAL F 474 -49.80 -1.58 3.35
N HIS F 475 -50.48 -1.34 4.47
CA HIS F 475 -50.48 -2.27 5.59
C HIS F 475 -51.61 -3.25 5.41
N LEU F 476 -51.28 -4.52 5.15
CA LEU F 476 -52.27 -5.55 4.96
C LEU F 476 -52.77 -6.06 6.32
N CYS F 477 -54.09 -6.12 6.48
CA CYS F 477 -54.71 -6.62 7.70
C CYS F 477 -55.70 -7.72 7.32
N MET F 478 -56.44 -8.21 8.32
CA MET F 478 -57.40 -9.27 8.08
C MET F 478 -58.76 -8.69 7.69
N LYS F 479 -59.49 -9.47 6.88
CA LYS F 479 -60.83 -9.05 6.48
C LYS F 479 -61.77 -8.98 7.68
N ASP F 480 -61.66 -9.92 8.60
CA ASP F 480 -62.47 -9.92 9.81
C ASP F 480 -61.82 -9.07 10.89
N LYS G 4 -0.05 -31.28 41.52
CA LYS G 4 -0.28 -30.34 40.43
C LYS G 4 -0.92 -29.05 40.95
N PHE G 5 -0.67 -27.95 40.24
CA PHE G 5 -1.19 -26.64 40.59
C PHE G 5 -1.89 -26.03 39.39
N ASP G 6 -2.98 -25.33 39.65
CA ASP G 6 -3.85 -24.79 38.61
C ASP G 6 -3.74 -23.27 38.63
N PHE G 7 -3.28 -22.70 37.52
CA PHE G 7 -3.15 -21.26 37.34
C PHE G 7 -3.91 -20.83 36.10
N GLU G 8 -4.57 -19.67 36.18
CA GLU G 8 -5.34 -19.17 35.06
C GLU G 8 -4.43 -18.89 33.87
N TYR G 9 -4.85 -19.36 32.69
CA TYR G 9 -4.06 -19.25 31.47
C TYR G 9 -4.97 -18.71 30.38
N GLY G 10 -5.12 -17.39 30.33
CA GLY G 10 -5.94 -16.74 29.33
C GLY G 10 -7.41 -16.85 29.61
N GLN G 11 -7.97 -18.04 29.41
CA GLN G 11 -9.38 -18.30 29.69
C GLN G 11 -9.61 -19.52 30.56
N GLY G 12 -8.73 -20.51 30.54
CA GLY G 12 -8.90 -21.70 31.34
C GLY G 12 -7.85 -21.85 32.42
N THR G 13 -6.93 -22.79 32.24
CA THR G 13 -5.94 -23.11 33.27
C THR G 13 -4.79 -23.92 32.69
N MET G 14 -3.56 -23.52 33.01
CA MET G 14 -2.37 -24.28 32.66
C MET G 14 -1.79 -24.90 33.92
N SER G 15 -1.57 -26.21 33.89
CA SER G 15 -1.13 -26.93 35.07
C SER G 15 0.38 -26.85 35.24
N ALA G 16 0.82 -26.84 36.50
CA ALA G 16 2.24 -26.74 36.82
C ALA G 16 2.58 -27.74 37.91
N GLU G 17 3.69 -28.46 37.72
CA GLU G 17 4.17 -29.43 38.70
C GLU G 17 5.29 -28.78 39.51
N LEU G 18 4.88 -28.01 40.52
CA LEU G 18 5.83 -27.33 41.39
C LEU G 18 6.30 -28.28 42.50
N PRO G 19 7.50 -28.05 43.05
CA PRO G 19 7.97 -28.89 44.15
C PRO G 19 7.05 -28.82 45.35
N ASP G 20 7.18 -29.82 46.22
CA ASP G 20 6.28 -29.97 47.36
C ASP G 20 6.45 -28.89 48.42
N ASN G 21 7.51 -28.08 48.35
CA ASN G 21 7.69 -26.99 49.30
C ASN G 21 6.92 -25.74 48.91
N THR G 22 6.18 -25.77 47.80
CA THR G 22 5.40 -24.63 47.35
C THR G 22 4.28 -24.33 48.33
N ASP G 23 4.10 -23.03 48.63
CA ASP G 23 3.01 -22.58 49.49
C ASP G 23 1.92 -21.93 48.64
N ILE G 24 0.70 -21.96 49.17
CA ILE G 24 -0.48 -21.42 48.49
C ILE G 24 -1.06 -20.31 49.35
N PHE G 25 -1.31 -19.16 48.74
CA PHE G 25 -2.05 -18.07 49.37
C PHE G 25 -3.23 -17.68 48.50
N ILE G 26 -4.42 -17.71 49.08
CA ILE G 26 -5.62 -17.22 48.42
C ILE G 26 -6.20 -16.12 49.32
N PRO G 27 -6.54 -14.95 48.77
CA PRO G 27 -6.94 -13.83 49.64
C PRO G 27 -8.12 -14.12 50.53
N GLY G 28 -9.06 -14.95 50.10
CA GLY G 28 -10.24 -15.23 50.90
C GLY G 28 -10.16 -16.52 51.70
N GLU G 29 -9.40 -17.50 51.20
CA GLU G 29 -9.35 -18.82 51.80
C GLU G 29 -8.23 -18.99 52.82
N THR G 30 -7.04 -18.46 52.54
CA THR G 30 -5.92 -18.66 53.45
C THR G 30 -6.14 -17.92 54.76
N VAL G 31 -6.30 -16.60 54.70
CA VAL G 31 -6.58 -15.77 55.87
C VAL G 31 -7.95 -15.13 55.65
N LYS G 32 -8.85 -15.34 56.60
CA LYS G 32 -10.23 -14.88 56.45
C LYS G 32 -10.34 -13.39 56.72
N ASP G 33 -11.10 -12.71 55.87
CA ASP G 33 -11.32 -11.29 56.02
C ASP G 33 -12.31 -11.03 57.16
N PRO G 34 -12.39 -9.79 57.65
CA PRO G 34 -13.42 -9.47 58.64
C PRO G 34 -14.81 -9.80 58.12
N ASP G 35 -15.67 -10.24 59.03
CA ASP G 35 -16.98 -10.76 58.66
C ASP G 35 -17.79 -9.72 57.88
N HIS G 36 -18.37 -10.16 56.77
CA HIS G 36 -19.22 -9.28 55.98
C HIS G 36 -20.55 -9.07 56.69
N ILE G 37 -21.22 -7.97 56.36
CA ILE G 37 -22.53 -7.69 56.94
C ILE G 37 -23.55 -8.65 56.35
N PRO G 38 -24.33 -9.36 57.16
CA PRO G 38 -25.33 -10.28 56.61
C PRO G 38 -26.37 -9.52 55.80
N GLU G 39 -26.89 -10.18 54.76
CA GLU G 39 -27.79 -9.53 53.82
C GLU G 39 -29.05 -9.00 54.47
N ASP G 40 -29.45 -9.54 55.62
CA ASP G 40 -30.63 -9.05 56.31
C ASP G 40 -30.33 -7.88 57.25
N GLN G 41 -29.06 -7.54 57.44
CA GLN G 41 -28.67 -6.39 58.24
C GLN G 41 -28.16 -5.22 57.40
N LEU G 42 -28.21 -5.34 56.06
CA LEU G 42 -27.67 -4.28 55.22
C LEU G 42 -28.55 -3.03 55.26
N GLU G 43 -29.88 -3.21 55.27
CA GLU G 43 -30.77 -2.06 55.35
C GLU G 43 -30.55 -1.29 56.64
N ALA G 44 -30.42 -2.01 57.76
CA ALA G 44 -30.17 -1.34 59.04
C ALA G 44 -28.84 -0.61 59.04
N ALA G 45 -27.80 -1.23 58.47
CA ALA G 45 -26.49 -0.59 58.43
C ALA G 45 -26.52 0.67 57.58
N TYR G 46 -27.14 0.60 56.41
CA TYR G 46 -27.23 1.79 55.56
C TYR G 46 -28.05 2.89 56.20
N LEU G 47 -29.18 2.54 56.83
CA LEU G 47 -30.00 3.55 57.49
C LEU G 47 -29.26 4.21 58.64
N GLU G 48 -28.54 3.41 59.45
CA GLU G 48 -27.79 3.96 60.57
C GLU G 48 -26.64 4.83 60.09
N SER G 49 -25.98 4.45 59.00
CA SER G 49 -24.89 5.25 58.47
C SER G 49 -25.40 6.57 57.90
N LEU G 50 -26.47 6.51 57.10
CA LEU G 50 -27.00 7.73 56.50
C LEU G 50 -27.62 8.67 57.53
N ALA G 51 -28.25 8.11 58.57
CA ALA G 51 -28.82 8.94 59.63
C ALA G 51 -27.78 9.44 60.61
N HIS G 52 -26.56 8.91 60.59
CA HIS G 52 -25.48 9.34 61.46
C HIS G 52 -24.23 9.60 60.63
N PRO G 53 -24.21 10.67 59.86
CA PRO G 53 -23.02 11.00 59.07
C PRO G 53 -21.96 11.66 59.94
N ILE G 54 -20.75 11.74 59.39
CA ILE G 54 -19.59 12.26 60.10
C ILE G 54 -19.26 13.63 59.52
N GLY G 55 -19.34 14.66 60.37
CA GLY G 55 -19.00 16.00 59.96
C GLY G 55 -19.98 16.67 59.03
N MET G 56 -21.17 16.11 58.84
CA MET G 56 -22.13 16.65 57.90
C MET G 56 -23.54 16.46 58.43
N PRO G 57 -24.48 17.33 58.05
CA PRO G 57 -25.89 17.05 58.32
C PRO G 57 -26.41 15.98 57.38
N THR G 58 -27.49 15.32 57.81
CA THR G 58 -28.09 14.26 57.04
C THR G 58 -28.69 14.79 55.74
N LEU G 59 -29.08 13.87 54.87
CA LEU G 59 -29.67 14.26 53.58
C LEU G 59 -30.98 15.01 53.78
N THR G 60 -31.80 14.62 54.76
CA THR G 60 -33.03 15.33 55.05
C THR G 60 -32.79 16.76 55.51
N GLU G 61 -31.59 17.05 56.05
CA GLU G 61 -31.26 18.39 56.51
C GLU G 61 -30.59 19.24 55.45
N LEU G 62 -30.29 18.67 54.29
CA LEU G 62 -29.67 19.42 53.20
C LEU G 62 -30.51 19.48 51.94
N ALA G 63 -31.62 18.76 51.87
CA ALA G 63 -32.43 18.67 50.66
C ALA G 63 -33.74 19.43 50.83
N GLY G 64 -34.26 19.93 49.70
CA GLY G 64 -35.51 20.63 49.67
C GLY G 64 -36.14 20.56 48.29
N PRO G 65 -37.29 21.22 48.12
CA PRO G 65 -37.96 21.19 46.82
C PRO G 65 -37.21 22.04 45.80
N GLY G 66 -36.81 21.42 44.70
CA GLY G 66 -36.11 22.10 43.64
C GLY G 66 -34.60 22.14 43.76
N LYS G 67 -34.03 21.56 44.81
CA LYS G 67 -32.58 21.56 45.00
C LYS G 67 -31.96 20.46 44.14
N THR G 68 -31.11 20.86 43.19
CA THR G 68 -30.53 19.91 42.26
C THR G 68 -29.59 18.94 42.97
N VAL G 69 -29.68 17.67 42.61
CA VAL G 69 -28.88 16.61 43.20
C VAL G 69 -28.17 15.86 42.10
N THR G 70 -26.84 15.74 42.23
CA THR G 70 -26.02 14.95 41.32
C THR G 70 -25.36 13.84 42.12
N ILE G 71 -25.59 12.60 41.71
CA ILE G 71 -25.04 11.42 42.39
C ILE G 71 -23.94 10.85 41.50
N VAL G 72 -22.74 10.75 42.05
CA VAL G 72 -21.57 10.27 41.32
C VAL G 72 -21.36 8.80 41.65
N VAL G 73 -21.29 7.98 40.61
CA VAL G 73 -21.22 6.52 40.74
C VAL G 73 -20.02 6.02 39.95
N PRO G 74 -19.19 5.13 40.49
CA PRO G 74 -18.04 4.63 39.74
C PRO G 74 -18.47 3.73 38.59
N ASP G 75 -17.48 3.38 37.77
CA ASP G 75 -17.70 2.55 36.60
C ASP G 75 -17.52 1.07 36.94
N ARG G 76 -17.45 0.22 35.92
CA ARG G 76 -17.43 -1.22 36.09
C ARG G 76 -16.06 -1.77 36.48
N VAL G 77 -15.03 -0.94 36.54
CA VAL G 77 -13.68 -1.45 36.77
C VAL G 77 -13.57 -2.12 38.12
N LYS G 78 -14.09 -1.49 39.17
CA LYS G 78 -14.01 -2.02 40.52
C LYS G 78 -15.37 -1.92 41.19
N GLY G 79 -15.58 -2.78 42.17
CA GLY G 79 -16.84 -2.86 42.90
C GLY G 79 -17.66 -4.06 42.47
N GLY G 80 -18.63 -4.41 43.32
CA GLY G 80 -19.46 -5.55 43.05
C GLY G 80 -20.58 -5.24 42.06
N GLU G 81 -20.90 -6.24 41.25
CA GLU G 81 -22.04 -6.19 40.34
C GLU G 81 -23.16 -7.14 40.76
N GLN G 82 -23.17 -7.53 42.03
CA GLN G 82 -24.15 -8.48 42.54
C GLN G 82 -25.49 -7.81 42.73
N ALA G 83 -26.49 -8.61 43.15
CA ALA G 83 -27.83 -8.08 43.37
C ALA G 83 -27.93 -7.23 44.63
N THR G 84 -26.91 -7.25 45.49
CA THR G 84 -26.89 -6.51 46.73
C THR G 84 -25.61 -5.71 46.90
N SER G 85 -25.06 -5.21 45.79
CA SER G 85 -23.80 -4.48 45.84
C SER G 85 -23.99 -3.12 46.50
N HIS G 86 -22.85 -2.49 46.82
CA HIS G 86 -22.90 -1.21 47.52
C HIS G 86 -23.56 -0.13 46.67
N ARG G 87 -23.27 -0.10 45.37
CA ARG G 87 -23.81 0.94 44.51
C ARG G 87 -25.34 0.92 44.51
N LYS G 88 -25.93 -0.25 44.26
CA LYS G 88 -27.38 -0.34 44.12
C LYS G 88 -28.08 0.01 45.43
N LEU G 89 -27.67 -0.60 46.53
CA LEU G 89 -28.32 -0.33 47.82
C LEU G 89 -28.12 1.12 48.24
N SER G 90 -26.91 1.64 48.09
CA SER G 90 -26.64 3.03 48.48
C SER G 90 -27.49 3.99 47.68
N ILE G 91 -27.57 3.78 46.35
CA ILE G 91 -28.40 4.64 45.52
C ILE G 91 -29.86 4.54 45.94
N LYS G 92 -30.33 3.31 46.20
CA LYS G 92 -31.73 3.12 46.58
C LYS G 92 -32.06 3.88 47.86
N TYR G 93 -31.24 3.74 48.89
CA TYR G 93 -31.56 4.38 50.16
C TYR G 93 -31.35 5.89 50.10
N ILE G 94 -30.35 6.35 49.34
CA ILE G 94 -30.18 7.79 49.14
C ILE G 94 -31.39 8.38 48.43
N LEU G 95 -31.89 7.68 47.41
CA LEU G 95 -33.08 8.14 46.71
C LEU G 95 -34.29 8.17 47.62
N LYS G 96 -34.44 7.14 48.47
CA LYS G 96 -35.55 7.13 49.41
C LYS G 96 -35.47 8.33 50.37
N GLU G 97 -34.28 8.59 50.91
CA GLU G 97 -34.12 9.71 51.83
C GLU G 97 -34.39 11.05 51.13
N LEU G 98 -33.89 11.20 49.90
CA LEU G 98 -34.10 12.44 49.17
C LEU G 98 -35.58 12.65 48.83
N TYR G 99 -36.27 11.59 48.42
CA TYR G 99 -37.70 11.69 48.14
C TYR G 99 -38.48 12.04 49.40
N ALA G 100 -38.10 11.43 50.54
CA ALA G 100 -38.73 11.81 51.80
C ALA G 100 -38.46 13.27 52.15
N ALA G 101 -37.28 13.77 51.78
CA ALA G 101 -36.96 15.17 52.07
C ALA G 101 -37.78 16.14 51.22
N GLY G 102 -38.10 15.75 49.98
CA GLY G 102 -38.89 16.62 49.13
C GLY G 102 -38.30 16.90 47.76
N VAL G 103 -37.39 16.05 47.31
CA VAL G 103 -36.75 16.20 46.01
C VAL G 103 -37.44 15.26 45.02
N GLU G 104 -37.77 15.79 43.84
CA GLU G 104 -38.47 15.01 42.84
C GLU G 104 -37.49 14.19 42.00
N LYS G 105 -38.04 13.18 41.31
CA LYS G 105 -37.22 12.34 40.44
C LYS G 105 -36.74 13.09 39.21
N LYS G 106 -37.56 14.01 38.69
CA LYS G 106 -37.23 14.74 37.47
C LYS G 106 -35.92 15.51 37.60
N ASP G 107 -35.49 15.82 38.81
CA ASP G 107 -34.31 16.65 39.05
C ASP G 107 -33.06 15.80 39.23
N ILE G 108 -33.17 14.70 39.99
CA ILE G 108 -31.99 13.94 40.39
C ILE G 108 -31.25 13.41 39.15
N LEU G 109 -29.93 13.61 39.13
CA LEU G 109 -29.08 13.23 38.02
C LEU G 109 -28.02 12.25 38.49
N PHE G 110 -27.66 11.32 37.61
CA PHE G 110 -26.63 10.33 37.89
C PHE G 110 -25.47 10.48 36.91
N ILE G 111 -24.24 10.48 37.43
CA ILE G 111 -23.05 10.60 36.60
C ILE G 111 -22.12 9.43 36.91
N ILE G 112 -21.73 8.69 35.86
CA ILE G 112 -20.76 7.62 35.99
C ILE G 112 -19.38 8.24 35.81
N SER G 113 -18.58 8.21 36.88
CA SER G 113 -17.28 8.87 36.90
C SER G 113 -16.20 7.87 36.52
N ASN G 114 -15.81 7.88 35.25
CA ASN G 114 -14.70 7.07 34.77
C ASN G 114 -13.40 7.84 34.70
N GLY G 115 -13.45 9.10 34.26
CA GLY G 115 -12.26 9.93 34.18
C GLY G 115 -11.45 9.67 32.93
N LEU G 116 -10.72 8.56 32.92
CA LEU G 116 -9.98 8.14 31.74
C LEU G 116 -10.38 6.75 31.26
N HIS G 117 -11.14 6.00 32.05
CA HIS G 117 -11.67 4.72 31.62
C HIS G 117 -12.77 4.96 30.57
N PRO G 118 -13.08 3.95 29.76
CA PRO G 118 -14.06 4.17 28.68
C PRO G 118 -15.43 4.52 29.21
N ARG G 119 -16.15 5.33 28.44
CA ARG G 119 -17.50 5.74 28.83
C ARG G 119 -18.43 4.54 28.84
N SER G 120 -19.40 4.57 29.76
CA SER G 120 -20.26 3.43 29.97
C SER G 120 -21.27 3.29 28.85
N THR G 121 -21.49 2.05 28.41
CA THR G 121 -22.48 1.75 27.38
C THR G 121 -23.83 1.51 28.03
N GLU G 122 -24.78 0.97 27.26
CA GLU G 122 -26.07 0.59 27.82
C GLU G 122 -25.94 -0.64 28.72
N ALA G 123 -25.10 -1.61 28.31
CA ALA G 123 -24.87 -2.80 29.12
C ALA G 123 -24.02 -2.49 30.35
N ASP G 124 -23.11 -1.53 30.24
CA ASP G 124 -22.37 -1.10 31.42
C ASP G 124 -23.32 -0.49 32.44
N ALA G 125 -24.29 0.29 31.98
CA ALA G 125 -25.32 0.81 32.88
C ALA G 125 -26.17 -0.32 33.45
N LYS G 126 -26.52 -1.30 32.62
CA LYS G 126 -27.14 -2.54 33.10
C LYS G 126 -26.42 -3.03 34.34
N ALA G 127 -25.14 -3.38 34.17
CA ALA G 127 -24.40 -4.04 35.24
C ALA G 127 -24.24 -3.12 36.45
N ILE G 128 -23.94 -1.85 36.24
CA ILE G 128 -23.69 -0.94 37.35
C ILE G 128 -24.97 -0.73 38.17
N PHE G 129 -26.08 -0.42 37.51
CA PHE G 129 -27.25 0.10 38.22
C PHE G 129 -28.31 -0.94 38.54
N GLY G 130 -28.41 -2.04 37.81
CA GLY G 130 -29.49 -2.97 38.05
C GLY G 130 -30.73 -2.60 37.28
N GLU G 131 -31.64 -3.58 37.18
CA GLU G 131 -32.81 -3.44 36.31
C GLU G 131 -33.71 -2.29 36.76
N GLU G 132 -33.96 -2.20 38.07
CA GLU G 132 -34.90 -1.19 38.57
C GLU G 132 -34.39 0.21 38.29
N LEU G 133 -33.15 0.50 38.70
CA LEU G 133 -32.60 1.84 38.51
C LEU G 133 -32.40 2.15 37.02
N PHE G 134 -31.97 1.16 36.25
CA PHE G 134 -31.84 1.34 34.80
C PHE G 134 -33.16 1.82 34.20
N ASN G 135 -34.22 1.00 34.35
CA ASN G 135 -35.51 1.35 33.77
C ASN G 135 -36.06 2.63 34.37
N GLU G 136 -35.71 2.95 35.61
CA GLU G 136 -36.23 4.16 36.24
C GLU G 136 -35.61 5.42 35.68
N PHE G 137 -34.30 5.41 35.39
CA PHE G 137 -33.60 6.66 35.16
C PHE G 137 -32.96 6.81 33.78
N TRP G 138 -32.49 5.72 33.16
CA TRP G 138 -31.72 5.89 31.92
C TRP G 138 -32.56 6.45 30.79
N HIS G 139 -33.77 5.92 30.59
CA HIS G 139 -34.56 6.29 29.43
C HIS G 139 -35.02 7.75 29.47
N THR G 140 -34.95 8.39 30.62
CA THR G 140 -35.23 9.82 30.72
C THR G 140 -34.00 10.67 30.43
N GLY G 141 -32.84 10.05 30.24
CA GLY G 141 -31.62 10.79 30.02
C GLY G 141 -30.97 11.34 31.27
N GLN G 142 -31.23 10.72 32.43
CA GLN G 142 -30.72 11.20 33.70
C GLN G 142 -29.50 10.41 34.18
N ILE G 143 -28.99 9.48 33.37
CA ILE G 143 -27.75 8.77 33.66
C ILE G 143 -26.74 9.17 32.59
N ILE G 144 -25.67 9.83 33.00
CA ILE G 144 -24.69 10.38 32.09
C ILE G 144 -23.32 9.80 32.42
N SER G 145 -22.57 9.46 31.37
CA SER G 145 -21.19 9.03 31.53
C SER G 145 -20.27 10.24 31.43
N HIS G 146 -19.33 10.35 32.36
CA HIS G 146 -18.48 11.53 32.42
C HIS G 146 -17.56 11.59 31.20
N ASP G 147 -17.61 12.72 30.49
CA ASP G 147 -16.75 12.98 29.35
C ASP G 147 -15.79 14.09 29.72
N SER G 148 -14.49 13.79 29.75
CA SER G 148 -13.48 14.76 30.15
C SER G 148 -12.98 15.61 29.00
N GLU G 149 -13.34 15.29 27.77
CA GLU G 149 -13.00 16.11 26.62
C GLU G 149 -14.14 17.01 26.17
N ASP G 150 -15.25 17.03 26.91
CA ASP G 150 -16.38 17.89 26.58
C ASP G 150 -16.08 19.28 27.11
N GLN G 151 -15.52 20.13 26.25
CA GLN G 151 -15.10 21.46 26.67
C GLN G 151 -16.27 22.34 27.12
N GLU G 152 -17.48 22.03 26.68
CA GLU G 152 -18.66 22.78 27.11
C GLU G 152 -19.30 22.18 28.36
N HIS G 153 -18.80 21.06 28.87
CA HIS G 153 -19.28 20.45 30.09
C HIS G 153 -18.19 20.32 31.15
N MET G 154 -17.08 21.04 30.98
CA MET G 154 -16.01 21.07 31.96
C MET G 154 -15.74 22.52 32.36
N VAL G 155 -15.70 22.76 33.66
CA VAL G 155 -15.45 24.08 34.19
C VAL G 155 -14.02 24.14 34.71
N ASP G 156 -13.47 25.35 34.74
CA ASP G 156 -12.10 25.60 35.20
C ASP G 156 -12.16 26.23 36.59
N LEU G 157 -11.47 25.61 37.54
CA LEU G 157 -11.42 26.09 38.92
C LEU G 157 -10.07 26.70 39.26
N GLY G 158 -9.25 27.01 38.26
CA GLY G 158 -7.94 27.58 38.49
C GLY G 158 -6.91 26.54 38.85
N THR G 159 -6.05 26.86 39.81
CA THR G 159 -5.01 25.95 40.27
C THR G 159 -4.98 25.92 41.79
N THR G 160 -4.55 24.78 42.33
CA THR G 160 -4.44 24.63 43.77
C THR G 160 -3.27 25.46 44.30
N HIS G 161 -3.05 25.38 45.61
CA HIS G 161 -1.93 26.10 46.23
C HIS G 161 -0.60 25.58 45.71
N ARG G 162 -0.49 24.26 45.52
CA ARG G 162 0.74 23.69 45.00
C ARG G 162 0.95 24.03 43.53
N GLY G 163 -0.13 24.30 42.79
CA GLY G 163 -0.05 24.59 41.38
C GLY G 163 -0.67 23.56 40.47
N ASP G 164 -1.35 22.57 41.00
CA ASP G 164 -1.99 21.55 40.18
C ASP G 164 -3.26 22.11 39.55
N PRO G 165 -3.39 22.11 38.22
CA PRO G 165 -4.61 22.60 37.59
C PRO G 165 -5.80 21.72 37.95
N VAL G 166 -6.98 22.34 38.02
CA VAL G 166 -8.20 21.65 38.40
C VAL G 166 -9.27 21.94 37.37
N TYR G 167 -9.72 20.91 36.67
CA TYR G 167 -10.88 20.97 35.79
C TYR G 167 -11.95 20.06 36.38
N MET G 168 -13.21 20.49 36.32
CA MET G 168 -14.29 19.78 36.99
C MET G 168 -15.44 19.53 36.04
N ASN G 169 -16.22 18.50 36.33
CA ASN G 169 -17.43 18.25 35.58
C ASN G 169 -18.46 19.34 35.86
N LYS G 170 -19.11 19.84 34.81
CA LYS G 170 -20.04 20.95 34.99
C LYS G 170 -21.29 20.52 35.73
N TYR G 171 -21.81 19.33 35.45
CA TYR G 171 -23.02 18.87 36.10
C TYR G 171 -22.81 18.75 37.61
N VAL G 172 -21.67 18.21 38.04
CA VAL G 172 -21.34 18.11 39.45
C VAL G 172 -21.03 19.46 40.06
N PHE G 173 -20.74 20.48 39.23
CA PHE G 173 -20.43 21.80 39.73
C PHE G 173 -21.66 22.67 39.94
N GLU G 174 -22.66 22.54 39.06
CA GLU G 174 -23.86 23.38 39.13
C GLU G 174 -24.96 22.81 40.02
N CYS G 175 -24.74 21.63 40.61
CA CYS G 175 -25.78 21.04 41.45
C CYS G 175 -25.75 21.66 42.84
N ASP G 176 -26.84 21.42 43.60
CA ASP G 176 -26.93 21.91 44.96
C ASP G 176 -26.49 20.88 45.98
N ILE G 177 -26.65 19.59 45.69
CA ILE G 177 -26.25 18.52 46.60
C ILE G 177 -25.39 17.52 45.83
N PRO G 178 -24.07 17.61 45.91
CA PRO G 178 -23.23 16.60 45.26
C PRO G 178 -23.02 15.39 46.15
N ILE G 179 -23.34 14.21 45.64
CA ILE G 179 -23.26 12.97 46.39
C ILE G 179 -22.23 12.07 45.74
N LEU G 180 -21.29 11.58 46.52
CA LEU G 180 -20.20 10.74 46.05
C LEU G 180 -20.37 9.32 46.56
N ILE G 181 -20.30 8.36 45.66
CA ILE G 181 -20.36 6.94 46.00
C ILE G 181 -19.03 6.31 45.60
N GLY G 182 -18.35 5.70 46.58
CA GLY G 182 -17.06 5.09 46.33
C GLY G 182 -16.90 3.82 47.15
N HIS G 183 -15.97 3.00 46.71
CA HIS G 183 -15.65 1.73 47.36
C HIS G 183 -14.25 1.83 47.95
N VAL G 184 -14.16 1.79 49.27
CA VAL G 184 -12.86 1.86 49.95
C VAL G 184 -12.14 0.54 49.80
N GLN G 185 -11.22 0.47 48.84
CA GLN G 185 -10.46 -0.74 48.57
C GLN G 185 -8.99 -0.38 48.36
N GLY G 186 -8.11 -1.33 48.62
CA GLY G 186 -6.70 -1.07 48.53
C GLY G 186 -6.21 -0.93 47.10
N ASN G 187 -5.04 -0.31 46.98
CA ASN G 187 -4.35 -0.14 45.72
C ASN G 187 -2.91 -0.60 45.88
N PRO G 188 -2.25 -1.02 44.79
CA PRO G 188 -0.86 -1.46 44.91
C PRO G 188 0.07 -0.40 45.49
N TYR G 189 -0.18 0.88 45.21
CA TYR G 189 0.70 1.93 45.68
C TYR G 189 0.60 2.15 47.19
N GLY G 190 -0.58 1.88 47.77
CA GLY G 190 -0.74 2.00 49.20
C GLY G 190 -1.97 2.79 49.62
N GLY G 191 -2.31 3.81 48.83
CA GLY G 191 -3.50 4.59 49.14
C GLY G 191 -4.78 3.90 48.69
N TYR G 192 -5.84 4.12 49.45
CA TYR G 192 -7.12 3.48 49.19
C TYR G 192 -7.94 4.31 48.19
N SER G 193 -8.84 3.62 47.49
CA SER G 193 -9.69 4.26 46.48
C SER G 193 -10.96 4.75 47.16
N GLY G 194 -10.78 5.67 48.10
CA GLY G 194 -11.88 6.15 48.91
C GLY G 194 -12.68 7.24 48.25
N GLY G 195 -12.94 8.33 48.99
CA GLY G 195 -13.78 9.40 48.49
C GLY G 195 -13.03 10.47 47.71
N TYR G 196 -11.96 11.02 48.30
CA TYR G 196 -11.27 12.13 47.66
C TYR G 196 -10.54 11.67 46.40
N LYS G 197 -9.96 10.47 46.42
CA LYS G 197 -9.32 9.95 45.22
C LYS G 197 -10.33 9.75 44.10
N HIS G 198 -11.53 9.26 44.44
CA HIS G 198 -12.57 9.06 43.43
C HIS G 198 -12.97 10.37 42.78
N SER G 199 -13.19 11.42 43.58
CA SER G 199 -13.57 12.71 43.03
C SER G 199 -12.43 13.33 42.22
N ALA G 200 -11.19 13.15 42.68
CA ALA G 200 -10.06 13.76 41.99
C ALA G 200 -9.79 13.08 40.65
N THR G 201 -9.91 11.76 40.58
CA THR G 201 -9.53 11.03 39.38
C THR G 201 -10.68 10.77 38.43
N GLY G 202 -11.93 10.78 38.90
CA GLY G 202 -13.06 10.45 38.05
C GLY G 202 -13.86 11.62 37.52
N ILE G 203 -13.53 12.84 37.92
CA ILE G 203 -14.29 14.02 37.52
C ILE G 203 -13.40 14.95 36.70
N THR G 204 -12.10 14.92 36.98
CA THR G 204 -11.16 15.81 36.31
C THR G 204 -10.87 15.33 34.90
N ASN G 205 -10.02 16.09 34.20
CA ASN G 205 -9.51 15.70 32.90
C ASN G 205 -8.08 15.18 33.05
N TRP G 206 -7.41 14.93 31.93
CA TRP G 206 -6.08 14.33 32.00
C TRP G 206 -5.03 15.30 32.53
N LYS G 207 -5.27 16.61 32.43
CA LYS G 207 -4.30 17.58 32.92
C LYS G 207 -4.15 17.48 34.44
N CYS G 208 -5.25 17.33 35.17
CA CYS G 208 -5.17 17.22 36.61
C CYS G 208 -4.59 15.88 37.04
N ILE G 209 -4.73 14.85 36.20
CA ILE G 209 -4.20 13.54 36.55
C ILE G 209 -2.71 13.45 36.22
N ALA G 210 -2.24 14.24 35.25
CA ALA G 210 -0.84 14.17 34.84
C ALA G 210 0.11 14.52 35.98
N SER G 211 -0.21 15.57 36.73
CA SER G 211 0.64 16.00 37.82
C SER G 211 0.17 15.41 39.15
N ASN G 234 -1.82 12.51 49.11
CA ASN G 234 -2.04 13.86 49.63
C ASN G 234 -2.38 14.82 48.50
N LYS G 235 -1.98 14.45 47.28
CA LYS G 235 -2.34 15.26 46.11
C LYS G 235 -3.84 15.26 45.88
N PHE G 236 -4.46 14.08 45.95
CA PHE G 236 -5.89 13.96 45.69
C PHE G 236 -6.71 14.74 46.70
N ASP G 237 -6.19 14.96 47.90
CA ASP G 237 -6.88 15.80 48.87
C ASP G 237 -6.94 17.25 48.40
N GLU G 238 -5.83 17.75 47.83
CA GLU G 238 -5.76 19.16 47.48
C GLU G 238 -6.78 19.52 46.42
N ILE G 239 -6.87 18.72 45.36
CA ILE G 239 -7.83 18.98 44.28
C ILE G 239 -9.26 18.90 44.81
N SER G 240 -9.55 17.87 45.61
CA SER G 240 -10.92 17.70 46.11
C SER G 240 -11.34 18.85 47.03
N MET G 241 -10.45 19.29 47.92
CA MET G 241 -10.78 20.45 48.75
C MET G 241 -10.87 21.72 47.91
N HIS G 242 -10.08 21.83 46.85
CA HIS G 242 -10.22 22.99 45.96
C HIS G 242 -11.60 23.02 45.32
N MET G 243 -12.09 21.86 44.86
CA MET G 243 -13.44 21.79 44.34
C MET G 243 -14.46 22.16 45.41
N GLU G 244 -14.32 21.59 46.61
CA GLU G 244 -15.31 21.82 47.66
C GLU G 244 -15.36 23.29 48.05
N GLU G 245 -14.21 23.96 48.10
CA GLU G 245 -14.19 25.39 48.35
C GLU G 245 -14.81 26.15 47.19
N LYS G 246 -14.55 25.72 45.95
CA LYS G 246 -15.02 26.46 44.79
C LYS G 246 -16.53 26.45 44.68
N MET G 247 -17.15 25.27 44.75
CA MET G 247 -18.61 25.22 44.61
C MET G 247 -19.34 25.55 45.91
N GLY G 248 -18.65 25.51 47.04
CA GLY G 248 -19.24 25.84 48.32
C GLY G 248 -19.92 24.69 49.02
N HIS G 249 -20.19 23.60 48.32
CA HIS G 249 -20.84 22.44 48.93
C HIS G 249 -19.82 21.31 49.08
N PRO G 250 -19.46 20.91 50.29
CA PRO G 250 -18.59 19.74 50.45
C PRO G 250 -19.27 18.48 49.93
N PHE G 251 -18.46 17.53 49.50
CA PHE G 251 -19.00 16.28 48.98
C PHE G 251 -19.58 15.44 50.11
N PHE G 252 -20.76 14.86 49.84
CA PHE G 252 -21.38 13.90 50.75
C PHE G 252 -21.01 12.51 50.26
N CYS G 253 -20.00 11.90 50.89
CA CYS G 253 -19.47 10.61 50.44
C CYS G 253 -20.05 9.50 51.28
N CYS G 254 -20.55 8.46 50.61
CA CYS G 254 -21.09 7.25 51.26
C CYS G 254 -20.25 6.08 50.76
N ASP G 255 -19.20 5.74 51.49
CA ASP G 255 -18.23 4.73 51.08
C ASP G 255 -18.37 3.48 51.93
N ALA G 256 -18.28 2.32 51.28
CA ALA G 256 -18.38 1.04 51.95
C ALA G 256 -17.07 0.27 51.78
N VAL G 257 -16.61 -0.32 52.88
CA VAL G 257 -15.40 -1.13 52.86
C VAL G 257 -15.75 -2.51 52.29
N LEU G 258 -15.07 -2.89 51.22
CA LEU G 258 -15.37 -4.14 50.51
C LEU G 258 -14.34 -5.20 50.85
N ASP G 259 -14.81 -6.44 50.98
CA ASP G 259 -13.95 -7.59 51.19
C ASP G 259 -13.55 -8.17 49.83
N THR G 260 -12.98 -9.37 49.83
CA THR G 260 -12.48 -9.96 48.58
C THR G 260 -13.60 -10.20 47.58
N GLN G 261 -14.75 -10.68 48.05
CA GLN G 261 -15.90 -10.93 47.18
C GLN G 261 -16.80 -9.71 47.04
N SER G 262 -16.26 -8.51 47.27
CA SER G 262 -17.00 -7.26 47.09
C SER G 262 -18.26 -7.21 47.95
N ARG G 263 -18.16 -7.70 49.18
CA ARG G 263 -19.24 -7.64 50.15
C ARG G 263 -18.92 -6.59 51.19
N GLN G 264 -19.87 -5.69 51.44
CA GLN G 264 -19.65 -4.57 52.34
C GLN G 264 -19.40 -5.05 53.76
N ILE G 265 -18.39 -4.49 54.40
CA ILE G 265 -18.10 -4.77 55.80
C ILE G 265 -18.59 -3.65 56.70
N ALA G 266 -18.35 -2.40 56.32
CA ALA G 266 -18.83 -1.26 57.08
C ALA G 266 -19.11 -0.12 56.12
N ILE G 267 -20.17 0.64 56.40
CA ILE G 267 -20.61 1.74 55.55
C ILE G 267 -20.44 3.03 56.33
N TYR G 268 -19.65 3.96 55.79
CA TYR G 268 -19.38 5.24 56.41
C TYR G 268 -19.83 6.35 55.47
N SER G 269 -20.65 7.27 55.96
CA SER G 269 -21.16 8.36 55.15
C SER G 269 -20.93 9.68 55.86
N GLY G 270 -20.77 10.73 55.07
CA GLY G 270 -20.63 12.08 55.59
C GLY G 270 -19.56 12.85 54.85
N TYR G 271 -18.86 13.69 55.60
CA TYR G 271 -17.80 14.51 55.04
C TYR G 271 -16.54 13.67 54.83
N ALA G 272 -15.97 13.75 53.63
CA ALA G 272 -14.91 12.82 53.25
C ALA G 272 -13.66 12.97 54.12
N LYS G 273 -13.27 14.22 54.42
CA LYS G 273 -12.03 14.43 55.16
C LYS G 273 -12.07 13.83 56.55
N GLU G 274 -13.25 13.72 57.17
CA GLU G 274 -13.37 13.22 58.52
C GLU G 274 -13.83 11.76 58.58
N MET G 275 -14.22 11.18 57.44
CA MET G 275 -14.58 9.76 57.40
C MET G 275 -13.55 8.89 56.72
N MET G 276 -12.63 9.47 55.94
CA MET G 276 -11.61 8.65 55.28
C MET G 276 -10.71 7.93 56.28
N PRO G 277 -10.16 8.57 57.32
CA PRO G 277 -9.40 7.78 58.31
C PRO G 277 -10.23 6.72 59.00
N ILE G 278 -11.51 6.99 59.25
CA ILE G 278 -12.36 6.02 59.94
C ILE G 278 -12.51 4.75 59.11
N SER G 279 -12.75 4.91 57.80
CA SER G 279 -12.83 3.74 56.92
C SER G 279 -11.47 3.11 56.71
N TRP G 280 -10.41 3.91 56.71
CA TRP G 280 -9.07 3.37 56.52
C TRP G 280 -8.64 2.51 57.69
N LYS G 281 -9.09 2.82 58.90
CA LYS G 281 -8.74 2.02 60.06
C LYS G 281 -9.23 0.57 59.96
N LEU G 282 -10.25 0.32 59.13
CA LEU G 282 -10.71 -1.04 58.88
C LEU G 282 -10.25 -1.58 57.53
N ALA G 283 -10.04 -0.71 56.55
CA ALA G 283 -9.44 -1.14 55.29
C ALA G 283 -8.01 -1.64 55.51
N ASP G 284 -7.33 -1.09 56.51
CA ASP G 284 -6.00 -1.61 56.87
C ASP G 284 -6.11 -3.04 57.38
N LYS G 285 -7.13 -3.32 58.21
CA LYS G 285 -7.35 -4.68 58.68
C LYS G 285 -7.67 -5.62 57.53
N ARG G 286 -8.49 -5.15 56.58
CA ARG G 286 -8.89 -6.02 55.48
C ARG G 286 -7.71 -6.30 54.54
N THR G 287 -6.99 -5.24 54.13
CA THR G 287 -6.01 -5.38 53.06
C THR G 287 -4.72 -6.03 53.54
N TYR G 288 -4.04 -5.40 54.49
CA TYR G 288 -2.73 -5.85 54.94
C TYR G 288 -2.89 -7.16 55.71
N VAL G 289 -2.54 -8.26 55.06
CA VAL G 289 -2.67 -9.60 55.64
C VAL G 289 -1.30 -10.06 56.11
N HIS G 290 -1.14 -10.24 57.41
CA HIS G 290 0.11 -10.68 58.01
C HIS G 290 0.10 -12.21 58.02
N TRP G 291 0.78 -12.81 57.03
CA TRP G 291 0.76 -14.26 56.85
C TRP G 291 2.14 -14.87 56.64
N ALA G 292 3.13 -14.11 56.21
CA ALA G 292 4.41 -14.68 55.81
C ALA G 292 5.14 -15.29 56.99
N GLU G 293 5.65 -16.51 56.80
CA GLU G 293 6.53 -17.16 57.76
C GLU G 293 7.99 -17.14 57.33
N LYS G 294 8.27 -16.86 56.07
CA LYS G 294 9.63 -16.84 55.55
C LYS G 294 9.69 -15.84 54.40
N LYS G 295 10.78 -15.87 53.64
CA LYS G 295 10.96 -15.05 52.46
C LYS G 295 10.98 -15.96 51.24
N TYR G 296 10.25 -15.57 50.20
CA TYR G 296 10.04 -16.41 49.03
C TYR G 296 10.92 -15.93 47.88
N ASP G 297 11.49 -16.89 47.15
CA ASP G 297 12.37 -16.61 46.02
C ASP G 297 11.64 -16.57 44.69
N VAL G 298 10.65 -17.44 44.49
CA VAL G 298 9.94 -17.56 43.22
C VAL G 298 8.46 -17.30 43.48
N LEU G 299 7.87 -16.44 42.65
CA LEU G 299 6.46 -16.11 42.72
C LEU G 299 5.77 -16.62 41.45
N VAL G 300 4.74 -17.44 41.62
CA VAL G 300 4.10 -18.14 40.51
C VAL G 300 2.62 -17.75 40.49
N PHE G 301 2.14 -17.32 39.32
CA PHE G 301 0.72 -17.03 39.13
C PHE G 301 0.44 -17.04 37.63
N GLY G 302 -0.82 -16.77 37.27
CA GLY G 302 -1.23 -16.77 35.89
C GLY G 302 -2.19 -15.64 35.60
N MET G 303 -2.28 -15.29 34.32
CA MET G 303 -3.07 -14.15 33.87
C MET G 303 -4.30 -14.61 33.10
N PRO G 304 -5.51 -14.41 33.62
CA PRO G 304 -6.69 -14.53 32.77
C PRO G 304 -6.73 -13.40 31.76
N GLN G 305 -7.37 -13.68 30.62
CA GLN G 305 -7.42 -12.67 29.55
C GLN G 305 -8.18 -11.43 29.99
N LYS G 306 -9.31 -11.61 30.69
CA LYS G 306 -10.17 -10.51 31.11
C LYS G 306 -10.09 -10.37 32.62
N PHE G 307 -9.43 -9.31 33.09
CA PHE G 307 -9.42 -8.96 34.50
C PHE G 307 -9.15 -7.47 34.62
N HIS G 308 -9.62 -6.88 35.72
CA HIS G 308 -9.44 -5.46 35.98
C HIS G 308 -10.02 -4.60 34.87
N TYR G 309 -9.15 -4.05 34.02
CA TYR G 309 -9.56 -3.09 33.00
C TYR G 309 -10.30 -3.71 31.83
N GLY G 310 -10.61 -5.00 31.86
CA GLY G 310 -11.47 -5.62 30.87
C GLY G 310 -10.74 -6.65 30.03
N ASP G 311 -11.43 -7.10 28.99
CA ASP G 311 -10.88 -8.10 28.09
C ASP G 311 -9.63 -7.59 27.38
N GLY G 312 -8.66 -8.49 27.19
CA GLY G 312 -7.42 -8.14 26.54
C GLY G 312 -6.33 -7.65 27.45
N MET G 313 -6.60 -7.48 28.75
CA MET G 313 -5.57 -7.03 29.67
C MET G 313 -4.47 -8.08 29.83
N GLY G 314 -4.85 -9.35 29.87
CA GLY G 314 -3.88 -10.42 30.04
C GLY G 314 -3.11 -10.80 28.79
N THR G 315 -3.44 -10.19 27.65
CA THR G 315 -2.71 -10.43 26.41
C THR G 315 -2.06 -9.19 25.83
N ASN G 316 -2.39 -8.00 26.35
CA ASN G 316 -1.80 -6.77 25.87
C ASN G 316 -0.49 -6.51 26.59
N PRO G 317 0.64 -6.37 25.89
CA PRO G 317 1.94 -6.27 26.58
C PRO G 317 2.02 -5.15 27.60
N ILE G 318 1.48 -3.97 27.31
CA ILE G 318 1.61 -2.85 28.23
C ILE G 318 0.76 -3.08 29.48
N MET G 319 -0.45 -3.58 29.31
CA MET G 319 -1.28 -3.91 30.46
C MET G 319 -0.71 -5.08 31.24
N MET G 320 -0.06 -6.02 30.54
CA MET G 320 0.66 -7.09 31.22
C MET G 320 1.76 -6.53 32.10
N MET G 321 2.54 -5.58 31.58
CA MET G 321 3.60 -4.96 32.36
C MET G 321 3.04 -4.22 33.56
N GLN G 322 1.93 -3.50 33.37
CA GLN G 322 1.32 -2.78 34.49
C GLN G 322 0.83 -3.72 35.57
N ALA G 323 0.18 -4.82 35.18
CA ALA G 323 -0.31 -5.79 36.16
C ALA G 323 0.85 -6.48 36.87
N LEU G 324 1.93 -6.79 36.15
CA LEU G 324 3.11 -7.38 36.78
C LEU G 324 3.73 -6.40 37.78
N SER G 325 3.76 -5.11 37.43
CA SER G 325 4.26 -4.11 38.38
C SER G 325 3.40 -4.04 39.62
N ALA G 326 2.07 -4.11 39.45
CA ALA G 326 1.18 -4.13 40.61
C ALA G 326 1.43 -5.36 41.48
N GLN G 327 1.62 -6.52 40.86
CA GLN G 327 1.88 -7.73 41.62
C GLN G 327 3.22 -7.64 42.36
N VAL G 328 4.21 -7.03 41.72
CA VAL G 328 5.50 -6.79 42.40
C VAL G 328 5.29 -5.89 43.61
N LEU G 329 4.49 -4.84 43.45
CA LEU G 329 4.26 -3.90 44.54
C LEU G 329 3.54 -4.57 45.71
N ARG G 330 2.55 -5.42 45.42
CA ARG G 330 1.76 -6.03 46.49
C ARG G 330 2.56 -7.05 47.30
N PHE G 331 3.36 -7.87 46.63
CA PHE G 331 4.12 -8.94 47.27
C PHE G 331 5.58 -8.59 47.50
N LYS G 332 5.90 -7.29 47.59
CA LYS G 332 7.30 -6.89 47.73
C LYS G 332 7.86 -7.27 49.09
N ARG G 333 7.06 -7.12 50.15
CA ARG G 333 7.57 -7.41 51.50
C ARG G 333 7.72 -8.91 51.73
N VAL G 334 6.83 -9.72 51.14
CA VAL G 334 6.89 -11.16 51.35
C VAL G 334 8.01 -11.81 50.57
N MET G 335 8.56 -11.13 49.57
CA MET G 335 9.51 -11.73 48.64
C MET G 335 10.94 -11.33 48.98
N SER G 336 11.88 -12.12 48.47
CA SER G 336 13.30 -11.94 48.77
C SER G 336 13.86 -10.81 47.90
N ASP G 337 15.19 -10.70 47.84
CA ASP G 337 15.82 -9.68 47.01
C ASP G 337 15.82 -10.09 45.55
N ASN G 338 16.35 -11.28 45.24
CA ASN G 338 16.41 -11.77 43.86
C ASN G 338 15.09 -12.48 43.52
N CYS G 339 14.04 -11.68 43.38
CA CYS G 339 12.73 -12.20 43.06
C CYS G 339 12.72 -12.81 41.66
N VAL G 340 11.95 -13.88 41.50
CA VAL G 340 11.70 -14.48 40.20
C VAL G 340 10.20 -14.65 40.04
N ILE G 341 9.64 -14.10 38.98
CA ILE G 341 8.21 -14.13 38.71
C ILE G 341 7.98 -14.98 37.48
N ILE G 342 7.21 -16.05 37.63
CA ILE G 342 6.81 -16.92 36.53
C ILE G 342 5.33 -16.68 36.27
N CYS G 343 5.00 -16.35 35.02
CA CYS G 343 3.69 -15.85 34.66
C CYS G 343 3.13 -16.67 33.51
N ALA G 344 1.83 -16.97 33.58
CA ALA G 344 1.12 -17.73 32.56
C ALA G 344 0.12 -16.81 31.88
N SER G 345 0.42 -16.41 30.64
CA SER G 345 -0.47 -15.56 29.88
C SER G 345 -0.35 -15.92 28.41
N THR G 346 -1.42 -15.66 27.66
CA THR G 346 -1.48 -15.97 26.23
C THR G 346 -1.24 -14.67 25.47
N CYS G 347 0.03 -14.36 25.23
CA CYS G 347 0.41 -13.15 24.49
C CYS G 347 0.25 -13.37 22.98
N ASN G 348 -1.00 -13.51 22.56
CA ASN G 348 -1.33 -13.71 21.15
C ASN G 348 -1.28 -12.42 20.35
N GLY G 349 -0.76 -11.34 20.91
CA GLY G 349 -0.77 -10.06 20.22
C GLY G 349 -2.12 -9.41 20.12
N TYR G 350 -3.06 -9.81 20.97
CA TYR G 350 -4.42 -9.28 20.94
C TYR G 350 -4.44 -8.02 21.79
N PHE G 351 -4.20 -6.88 21.14
CA PHE G 351 -4.19 -5.59 21.83
C PHE G 351 -5.58 -5.10 22.19
N HIS G 352 -6.64 -5.70 21.63
CA HIS G 352 -8.01 -5.21 21.80
C HIS G 352 -8.09 -3.75 21.34
N ASP G 353 -7.81 -3.54 20.06
CA ASP G 353 -7.67 -2.19 19.52
C ASP G 353 -8.99 -1.41 19.54
N GLU G 354 -10.12 -2.07 19.76
CA GLU G 354 -11.37 -1.33 19.92
C GLU G 354 -11.42 -0.63 21.26
N ARG G 355 -10.74 -1.16 22.26
CA ARG G 355 -10.70 -0.57 23.60
C ARG G 355 -9.43 0.23 23.87
N TRP G 356 -8.32 -0.14 23.24
CA TRP G 356 -7.05 0.58 23.37
C TRP G 356 -6.54 0.89 21.96
N PRO G 357 -7.11 1.89 21.30
CA PRO G 357 -6.69 2.20 19.93
C PRO G 357 -5.29 2.79 19.81
N TYR G 358 -4.68 3.19 20.93
CA TYR G 358 -3.39 3.85 20.92
C TYR G 358 -2.23 2.96 21.32
N LEU G 359 -2.51 1.79 21.92
CA LEU G 359 -1.44 0.99 22.49
C LEU G 359 -0.58 0.30 21.44
N ARG G 360 -1.10 0.09 20.23
CA ARG G 360 -0.25 -0.41 19.14
C ARG G 360 0.78 0.64 18.74
N GLU G 361 0.34 1.89 18.58
CA GLU G 361 1.28 2.96 18.30
C GLU G 361 2.25 3.17 19.44
N LEU G 362 1.77 3.03 20.68
CA LEU G 362 2.65 3.16 21.84
C LEU G 362 3.72 2.08 21.84
N TYR G 363 3.32 0.83 21.56
CA TYR G 363 4.29 -0.26 21.49
C TYR G 363 5.30 -0.04 20.38
N ASP G 364 4.83 0.41 19.21
CA ASP G 364 5.75 0.66 18.09
C ASP G 364 6.72 1.79 18.43
N LEU G 365 6.24 2.84 19.09
CA LEU G 365 7.13 3.92 19.51
C LEU G 365 8.14 3.42 20.53
N PHE G 366 7.71 2.55 21.44
CA PHE G 366 8.65 2.00 22.41
C PHE G 366 9.73 1.16 21.74
N GLN G 367 9.35 0.35 20.75
CA GLN G 367 10.31 -0.53 20.11
C GLN G 367 11.24 0.23 19.16
N HIS G 368 10.71 1.17 18.39
CA HIS G 368 11.45 1.81 17.30
C HIS G 368 11.92 3.21 17.65
N ASP G 369 12.34 3.44 18.88
CA ASP G 369 12.91 4.73 19.29
C ASP G 369 14.07 4.45 20.23
N HIS G 370 14.59 5.52 20.86
CA HIS G 370 15.71 5.42 21.78
C HIS G 370 15.29 5.07 23.20
N MET G 371 14.10 4.48 23.37
CA MET G 371 13.56 4.19 24.69
C MET G 371 14.22 2.91 25.21
N ASN G 372 15.17 3.07 26.13
CA ASN G 372 15.81 1.92 26.74
C ASN G 372 14.88 1.23 27.74
N THR G 373 14.00 1.98 28.38
CA THR G 373 13.07 1.45 29.37
C THR G 373 11.72 2.14 29.22
N LEU G 374 10.74 1.60 29.94
CA LEU G 374 9.39 2.17 29.90
C LEU G 374 9.30 3.60 30.41
N PRO G 375 9.93 3.98 31.54
CA PRO G 375 9.83 5.38 31.99
C PRO G 375 10.28 6.40 30.95
N ASP G 376 11.28 6.06 30.13
CA ASP G 376 11.73 6.95 29.06
C ASP G 376 10.62 7.31 28.09
N MET G 377 9.46 6.65 28.17
CA MET G 377 8.34 6.90 27.28
C MET G 377 7.31 7.84 27.90
N ASN G 378 7.59 8.39 29.08
CA ASN G 378 6.66 9.33 29.71
C ASN G 378 6.57 10.65 28.96
N ARG G 379 7.66 11.09 28.34
CA ARG G 379 7.71 12.39 27.68
C ARG G 379 6.72 12.51 26.53
N LEU G 380 6.23 11.39 26.01
CA LEU G 380 5.27 11.41 24.91
C LEU G 380 3.83 11.48 25.39
N GLY G 381 3.60 11.56 26.70
CA GLY G 381 2.24 11.53 27.21
C GLY G 381 1.37 12.65 26.65
N GLU G 382 1.87 13.88 26.69
CA GLU G 382 1.12 14.99 26.13
C GLU G 382 0.95 14.84 24.62
N TYR G 383 1.83 14.08 23.97
CA TYR G 383 1.67 13.81 22.56
C TYR G 383 0.43 12.95 22.31
N PHE G 384 0.16 12.01 23.22
CA PHE G 384 -0.96 11.10 23.00
C PHE G 384 -2.27 11.67 23.54
N ALA G 385 -2.21 12.37 24.68
CA ALA G 385 -3.43 12.90 25.28
C ALA G 385 -4.11 13.94 24.42
N THR G 386 -3.38 14.59 23.51
CA THR G 386 -3.93 15.62 22.65
C THR G 386 -4.24 15.12 21.24
N ASN G 387 -4.09 13.83 20.98
CA ASN G 387 -4.39 13.29 19.66
C ASN G 387 -5.89 13.42 19.36
N GLU G 388 -6.21 13.90 18.16
CA GLU G 388 -7.61 14.15 17.83
C GLU G 388 -8.38 12.85 17.59
N GLU G 389 -7.78 11.92 16.86
CA GLU G 389 -8.47 10.68 16.52
C GLU G 389 -8.71 9.82 17.76
N TYR G 390 -7.70 9.69 18.62
CA TYR G 390 -7.88 8.92 19.84
C TYR G 390 -8.86 9.58 20.78
N ILE G 391 -8.89 10.92 20.82
CA ILE G 391 -9.87 11.61 21.66
C ILE G 391 -11.28 11.37 21.12
N ARG G 392 -11.46 11.40 19.80
CA ARG G 392 -12.76 11.12 19.22
C ARG G 392 -13.20 9.69 19.53
N LYS G 393 -12.26 8.74 19.45
CA LYS G 393 -12.59 7.36 19.80
C LYS G 393 -12.95 7.21 21.26
N TYR G 394 -12.25 7.95 22.13
CA TYR G 394 -12.59 7.95 23.55
C TYR G 394 -13.99 8.50 23.79
N ARG G 395 -14.33 9.59 23.12
CA ARG G 395 -15.63 10.22 23.36
C ARG G 395 -16.78 9.40 22.81
N TYR G 396 -16.62 8.83 21.61
CA TYR G 396 -17.75 8.25 20.90
C TYR G 396 -17.68 6.74 20.72
N THR G 397 -16.48 6.17 20.64
CA THR G 397 -16.33 4.73 20.40
C THR G 397 -16.24 3.94 21.72
N ASN G 398 -16.21 4.63 22.86
CA ASN G 398 -16.10 4.02 24.17
C ASN G 398 -14.79 3.26 24.32
N ALA G 399 -13.68 3.96 24.12
CA ALA G 399 -12.34 3.43 24.34
C ALA G 399 -11.67 4.22 25.46
N PHE G 400 -10.51 3.72 25.88
CA PHE G 400 -9.75 4.40 26.92
C PHE G 400 -9.21 5.73 26.43
N HIS G 401 -9.09 6.68 27.35
CA HIS G 401 -8.45 7.94 27.03
C HIS G 401 -6.97 7.69 26.72
N PRO G 402 -6.40 8.37 25.72
CA PRO G 402 -5.02 8.08 25.33
C PRO G 402 -4.00 8.35 26.41
N PHE G 403 -4.34 9.12 27.44
CA PHE G 403 -3.41 9.40 28.52
C PHE G 403 -3.45 8.35 29.63
N HIS G 404 -4.32 7.34 29.52
CA HIS G 404 -4.40 6.32 30.56
C HIS G 404 -3.11 5.52 30.63
N GLY G 405 -2.42 5.35 29.50
CA GLY G 405 -1.17 4.61 29.51
C GLY G 405 -0.10 5.23 30.38
N PHE G 406 -0.06 6.56 30.42
CA PHE G 406 0.99 7.30 31.12
C PHE G 406 0.57 7.72 32.53
N SER G 407 -0.54 7.21 33.03
CA SER G 407 -1.07 7.61 34.33
C SER G 407 -0.05 7.39 35.46
N CYS G 411 3.34 2.22 38.29
CA CYS G 411 3.28 1.00 37.49
C CYS G 411 4.27 1.07 36.33
N GLY G 412 4.63 -0.08 35.78
CA GLY G 412 5.59 -0.10 34.71
C GLY G 412 6.99 -0.50 35.15
N HIS G 413 7.86 0.50 35.33
CA HIS G 413 9.27 0.23 35.60
C HIS G 413 9.48 -0.51 36.91
N ILE G 414 8.48 -0.53 37.80
CA ILE G 414 8.65 -1.14 39.11
C ILE G 414 8.98 -2.63 38.98
N ALA G 415 8.39 -3.30 37.99
CA ALA G 415 8.68 -4.71 37.78
C ALA G 415 10.12 -4.96 37.34
N GLU G 416 10.80 -3.96 36.79
CA GLU G 416 12.13 -4.13 36.22
C GLU G 416 13.25 -3.64 37.12
N MET G 417 12.95 -3.24 38.36
CA MET G 417 14.00 -2.81 39.28
C MET G 417 14.26 -3.82 40.39
N ASN G 418 13.31 -4.69 40.70
CA ASN G 418 13.45 -5.65 41.79
C ASN G 418 13.72 -7.08 41.31
N THR G 419 12.90 -7.57 40.38
CA THR G 419 12.99 -8.96 39.96
C THR G 419 14.22 -9.20 39.10
N SER G 420 14.92 -10.30 39.38
CA SER G 420 16.03 -10.71 38.53
C SER G 420 15.54 -11.08 37.14
N ALA G 421 14.43 -11.79 37.05
CA ALA G 421 13.87 -12.18 35.76
C ALA G 421 12.37 -12.43 35.92
N ILE G 422 11.63 -12.15 34.85
CA ILE G 422 10.20 -12.41 34.79
C ILE G 422 9.93 -13.33 33.60
N TYR G 423 9.31 -14.46 33.86
CA TYR G 423 9.03 -15.46 32.84
C TYR G 423 7.56 -15.44 32.46
N ILE G 424 7.28 -15.35 31.18
CA ILE G 424 5.92 -15.39 30.64
C ILE G 424 5.78 -16.71 29.90
N VAL G 425 5.20 -17.70 30.56
CA VAL G 425 5.08 -19.04 29.99
C VAL G 425 3.75 -19.16 29.27
N GLY G 426 3.73 -20.00 28.24
CA GLY G 426 2.52 -20.28 27.50
C GLY G 426 2.13 -19.23 26.48
N ALA G 427 3.01 -18.29 26.17
CA ALA G 427 2.68 -17.22 25.23
C ALA G 427 2.48 -17.79 23.84
N GLU G 428 1.60 -17.14 23.07
CA GLU G 428 1.33 -17.53 21.71
C GLU G 428 2.19 -16.77 20.71
N GLU G 429 2.46 -15.49 20.99
CA GLU G 429 3.38 -14.68 20.20
C GLU G 429 4.38 -14.07 21.18
N PRO G 430 5.39 -14.83 21.57
CA PRO G 430 6.33 -14.35 22.61
C PRO G 430 7.20 -13.19 22.17
N GLY G 431 7.12 -12.76 20.90
CA GLY G 431 7.85 -11.58 20.50
C GLY G 431 7.40 -10.33 21.25
N TYR G 432 6.10 -10.24 21.54
CA TYR G 432 5.59 -9.10 22.28
C TYR G 432 6.04 -9.13 23.73
N ALA G 433 6.10 -10.31 24.33
CA ALA G 433 6.56 -10.42 25.71
C ALA G 433 8.07 -10.20 25.81
N ARG G 434 8.82 -10.53 24.76
CA ARG G 434 10.25 -10.26 24.75
C ARG G 434 10.55 -8.79 24.48
N GLY G 435 9.71 -8.13 23.67
CA GLY G 435 9.90 -6.71 23.41
C GLY G 435 9.69 -5.83 24.62
N MET G 436 9.00 -6.34 25.65
CA MET G 436 8.82 -5.62 26.90
C MET G 436 9.96 -5.87 27.89
N GLY G 437 10.87 -6.79 27.57
CA GLY G 437 11.94 -7.13 28.47
C GLY G 437 11.67 -8.34 29.35
N LEU G 438 10.64 -9.12 29.05
CA LEU G 438 10.28 -10.29 29.84
C LEU G 438 10.76 -11.55 29.14
N LYS G 439 11.36 -12.46 29.91
CA LYS G 439 11.78 -13.74 29.37
C LYS G 439 10.56 -14.59 29.01
N THR G 440 10.70 -15.39 27.95
CA THR G 440 9.61 -16.19 27.43
C THR G 440 9.99 -17.66 27.45
N ARG G 441 9.06 -18.50 27.89
CA ARG G 441 9.24 -19.95 27.86
C ARG G 441 7.93 -20.54 27.35
N ALA G 442 7.81 -21.87 27.42
CA ALA G 442 6.63 -22.57 26.93
C ALA G 442 5.89 -23.36 27.99
N THR G 443 6.56 -23.74 29.07
CA THR G 443 5.94 -24.54 30.12
C THR G 443 6.48 -24.10 31.47
N PHE G 444 5.68 -24.29 32.53
CA PHE G 444 6.10 -23.88 33.86
C PHE G 444 7.36 -24.62 34.30
N GLU G 445 7.47 -25.91 34.00
CA GLU G 445 8.63 -26.67 34.43
C GLU G 445 9.91 -26.15 33.79
N GLU G 446 9.85 -25.82 32.49
CA GLU G 446 11.03 -25.30 31.81
C GLU G 446 11.49 -23.98 32.43
N ALA G 447 10.55 -23.06 32.65
CA ALA G 447 10.89 -21.77 33.23
C ALA G 447 11.42 -21.92 34.66
N LEU G 448 10.79 -22.81 35.45
CA LEU G 448 11.25 -23.02 36.82
C LEU G 448 12.64 -23.62 36.85
N GLU G 449 12.93 -24.58 35.96
CA GLU G 449 14.26 -25.15 35.89
C GLU G 449 15.29 -24.12 35.46
N ASP G 450 14.94 -23.28 34.49
CA ASP G 450 15.85 -22.21 34.06
C ASP G 450 16.13 -21.24 35.19
N ALA G 451 15.09 -20.85 35.95
CA ALA G 451 15.29 -19.94 37.07
C ALA G 451 16.13 -20.58 38.16
N LYS G 452 15.91 -21.87 38.44
CA LYS G 452 16.71 -22.56 39.43
C LYS G 452 18.18 -22.62 39.02
N LYS G 453 18.44 -22.92 37.74
CA LYS G 453 19.80 -23.01 37.26
C LYS G 453 20.49 -21.66 37.22
N LYS G 454 19.74 -20.59 36.95
CA LYS G 454 20.35 -19.28 36.76
C LYS G 454 20.35 -18.42 38.03
N TYR G 455 19.18 -18.23 38.64
CA TYR G 455 19.01 -17.18 39.63
C TYR G 455 18.81 -17.70 41.06
N VAL G 456 17.82 -18.55 41.30
CA VAL G 456 17.36 -18.81 42.67
C VAL G 456 17.98 -20.06 43.28
N GLY G 457 18.88 -20.74 42.57
CA GLY G 457 19.48 -21.93 43.12
C GLY G 457 18.54 -23.13 43.07
N GLN G 458 18.99 -24.22 43.67
CA GLN G 458 18.27 -25.48 43.61
C GLN G 458 17.33 -25.71 44.79
N GLU G 459 17.24 -24.75 45.71
CA GLU G 459 16.29 -24.82 46.83
C GLU G 459 15.57 -23.47 46.91
N PRO G 460 14.59 -23.25 46.02
CA PRO G 460 13.86 -21.97 46.04
C PRO G 460 12.58 -22.05 46.84
N ASN G 461 12.28 -20.97 47.56
CA ASN G 461 11.02 -20.85 48.28
C ASN G 461 9.97 -20.37 47.28
N ILE G 462 9.12 -21.29 46.84
CA ILE G 462 8.15 -21.03 45.79
C ILE G 462 6.81 -20.70 46.43
N LEU G 463 6.20 -19.60 45.99
CA LEU G 463 4.86 -19.20 46.42
C LEU G 463 3.96 -19.19 45.19
N ALA G 464 2.89 -19.97 45.25
CA ALA G 464 1.94 -20.08 44.15
C ALA G 464 0.69 -19.29 44.49
N LEU G 465 0.21 -18.48 43.55
CA LEU G 465 -0.96 -17.63 43.74
C LEU G 465 -2.03 -18.03 42.73
N PRO G 466 -2.95 -18.91 43.11
CA PRO G 466 -4.08 -19.22 42.22
C PRO G 466 -5.22 -18.23 42.42
N MET G 467 -5.80 -17.79 41.30
CA MET G 467 -6.88 -16.80 41.29
C MET G 467 -6.45 -15.50 41.96
N THR G 468 -5.22 -15.07 41.69
CA THR G 468 -4.72 -13.81 42.21
C THR G 468 -5.29 -12.60 41.47
N PHE G 469 -5.81 -12.81 40.26
CA PHE G 469 -6.43 -11.74 39.48
C PHE G 469 -7.94 -11.85 39.42
N LYS G 470 -8.53 -12.95 39.88
CA LYS G 470 -9.97 -13.14 39.90
C LYS G 470 -10.61 -12.63 41.18
N LYS G 471 -9.82 -12.19 42.15
CA LYS G 471 -10.33 -11.68 43.42
C LYS G 471 -9.75 -10.29 43.67
N ALA G 472 -10.13 -9.71 44.80
CA ALA G 472 -9.56 -8.43 45.23
C ALA G 472 -8.24 -8.71 45.94
N ALA G 473 -7.13 -8.34 45.30
CA ALA G 473 -5.82 -8.67 45.82
C ALA G 473 -5.53 -7.93 47.11
N VAL G 474 -4.65 -8.50 47.93
CA VAL G 474 -4.27 -7.94 49.21
C VAL G 474 -2.75 -7.80 49.27
N HIS G 475 -2.29 -6.96 50.18
CA HIS G 475 -0.87 -6.73 50.39
C HIS G 475 -0.38 -7.73 51.43
N LEU G 476 0.42 -8.70 50.98
CA LEU G 476 0.95 -9.72 51.87
C LEU G 476 2.10 -9.15 52.70
N CYS G 477 2.06 -9.39 54.01
CA CYS G 477 3.12 -8.94 54.90
C CYS G 477 3.51 -10.05 55.86
N MET G 478 4.58 -9.85 56.62
CA MET G 478 5.11 -10.87 57.51
C MET G 478 4.26 -10.99 58.77
N LYS G 479 4.25 -12.20 59.34
CA LYS G 479 3.52 -12.44 60.58
C LYS G 479 4.15 -11.74 61.78
N ASP G 480 5.36 -11.23 61.65
CA ASP G 480 6.04 -10.55 62.75
C ASP G 480 6.42 -9.12 62.35
N LYS H 4 50.48 9.74 8.38
CA LYS H 4 49.05 9.58 8.21
C LYS H 4 48.28 10.63 8.98
N PHE H 5 47.02 10.85 8.61
CA PHE H 5 46.17 11.86 9.21
C PHE H 5 44.86 11.22 9.65
N ASP H 6 44.34 11.68 10.78
CA ASP H 6 43.15 11.09 11.41
C ASP H 6 42.04 12.13 11.39
N PHE H 7 40.94 11.82 10.71
CA PHE H 7 39.80 12.72 10.63
C PHE H 7 38.54 12.01 11.12
N GLU H 8 37.68 12.75 11.83
CA GLU H 8 36.46 12.16 12.35
C GLU H 8 35.59 11.64 11.22
N TYR H 9 35.10 10.41 11.36
CA TYR H 9 34.32 9.73 10.32
C TYR H 9 33.16 9.02 11.01
N GLY H 10 32.06 9.75 11.17
CA GLY H 10 30.85 9.19 11.76
C GLY H 10 30.92 9.10 13.27
N GLN H 11 31.65 8.10 13.77
CA GLN H 11 31.83 7.92 15.20
C GLN H 11 33.30 7.70 15.51
N GLY H 12 34.04 7.17 14.54
CA GLY H 12 35.44 6.83 14.74
C GLY H 12 36.40 7.76 14.03
N THR H 13 37.10 7.23 13.04
CA THR H 13 38.15 8.01 12.39
C THR H 13 38.54 7.33 11.09
N MET H 14 38.65 8.13 10.02
CA MET H 14 39.20 7.71 8.75
C MET H 14 40.65 8.21 8.65
N SER H 15 41.49 7.41 8.00
CA SER H 15 42.90 7.72 7.85
C SER H 15 43.20 8.16 6.42
N ALA H 16 43.93 9.27 6.30
CA ALA H 16 44.26 9.85 5.01
C ALA H 16 45.77 10.00 4.89
N GLU H 17 46.33 9.55 3.77
CA GLU H 17 47.76 9.70 3.50
C GLU H 17 47.96 10.93 2.64
N LEU H 18 47.87 12.10 3.29
CA LEU H 18 48.06 13.36 2.60
C LEU H 18 49.55 13.63 2.39
N PRO H 19 49.89 14.41 1.36
CA PRO H 19 51.30 14.74 1.12
C PRO H 19 51.91 15.51 2.29
N ASP H 20 53.24 15.47 2.37
CA ASP H 20 53.96 16.04 3.51
C ASP H 20 53.83 17.55 3.61
N ASN H 21 53.39 18.23 2.54
CA ASN H 21 53.21 19.67 2.59
C ASN H 21 51.90 20.08 3.26
N THR H 22 51.13 19.12 3.77
CA THR H 22 49.88 19.44 4.44
C THR H 22 50.13 20.19 5.74
N ASP H 23 49.28 21.16 6.02
CA ASP H 23 49.34 21.93 7.25
C ASP H 23 48.20 21.53 8.18
N ILE H 24 48.42 21.69 9.48
CA ILE H 24 47.44 21.34 10.50
C ILE H 24 47.08 22.59 11.28
N PHE H 25 45.78 22.85 11.41
CA PHE H 25 45.28 23.88 12.31
C PHE H 25 44.25 23.26 13.24
N ILE H 26 44.50 23.36 14.54
CA ILE H 26 43.56 22.94 15.58
C ILE H 26 43.32 24.14 16.48
N PRO H 27 42.07 24.55 16.68
CA PRO H 27 41.81 25.72 17.54
C PRO H 27 42.32 25.49 18.95
N GLY H 28 42.93 26.51 19.53
CA GLY H 28 43.56 26.44 20.83
C GLY H 28 44.93 25.78 20.82
N GLU H 29 45.06 24.63 20.16
CA GLU H 29 46.34 23.92 20.11
C GLU H 29 47.35 24.62 19.21
N THR H 30 46.91 25.07 18.04
CA THR H 30 47.83 25.75 17.13
C THR H 30 48.14 27.17 17.60
N VAL H 31 47.10 27.99 17.75
CA VAL H 31 47.24 29.34 18.29
C VAL H 31 46.46 29.37 19.59
N LYS H 32 47.15 29.71 20.68
CA LYS H 32 46.53 29.66 22.01
C LYS H 32 45.55 30.80 22.19
N ASP H 33 44.40 30.47 22.76
CA ASP H 33 43.36 31.45 23.07
C ASP H 33 43.77 32.28 24.28
N PRO H 34 43.11 33.42 24.51
CA PRO H 34 43.35 34.17 25.74
C PRO H 34 43.09 33.30 26.96
N ASP H 35 43.88 33.53 28.00
CA ASP H 35 43.86 32.66 29.18
C ASP H 35 42.47 32.59 29.80
N HIS H 36 42.01 31.37 30.04
CA HIS H 36 40.75 31.16 30.73
C HIS H 36 40.89 31.50 32.21
N ILE H 37 39.80 31.99 32.79
CA ILE H 37 39.84 32.37 34.20
C ILE H 37 40.04 31.12 35.05
N PRO H 38 41.01 31.10 35.96
CA PRO H 38 41.18 29.91 36.81
C PRO H 38 39.98 29.71 37.71
N GLU H 39 39.71 28.45 38.05
CA GLU H 39 38.54 28.10 38.84
C GLU H 39 38.56 28.75 40.22
N ASP H 40 39.72 29.19 40.69
CA ASP H 40 39.81 29.90 41.97
C ASP H 40 39.40 31.36 41.87
N GLN H 41 39.24 31.89 40.65
CA GLN H 41 38.87 33.29 40.45
C GLN H 41 37.49 33.45 39.85
N LEU H 42 36.76 32.37 39.61
CA LEU H 42 35.45 32.48 38.97
C LEU H 42 34.45 33.14 39.89
N GLU H 43 34.47 32.79 41.19
CA GLU H 43 33.56 33.43 42.13
C GLU H 43 33.83 34.94 42.20
N ALA H 44 35.10 35.32 42.28
CA ALA H 44 35.44 36.74 42.35
C ALA H 44 35.03 37.45 41.06
N ALA H 45 35.27 36.83 39.91
CA ALA H 45 34.91 37.46 38.64
C ALA H 45 33.40 37.65 38.53
N TYR H 46 32.63 36.62 38.88
CA TYR H 46 31.18 36.73 38.82
C TYR H 46 30.65 37.77 39.79
N LEU H 47 31.18 37.80 41.01
CA LEU H 47 30.74 38.78 41.99
C LEU H 47 31.06 40.20 41.55
N GLU H 48 32.27 40.41 41.00
CA GLU H 48 32.66 41.74 40.55
C GLU H 48 31.84 42.17 39.34
N SER H 49 31.51 41.24 38.45
CA SER H 49 30.69 41.58 37.29
C SER H 49 29.26 41.91 37.70
N LEU H 50 28.67 41.10 38.59
CA LEU H 50 27.29 41.36 39.01
C LEU H 50 27.18 42.62 39.87
N ALA H 51 28.21 42.91 40.68
CA ALA H 51 28.19 44.11 41.49
C ALA H 51 28.57 45.36 40.72
N HIS H 52 29.10 45.22 39.51
CA HIS H 52 29.48 46.36 38.66
C HIS H 52 28.90 46.16 37.27
N PRO H 53 27.59 46.31 37.11
CA PRO H 53 26.99 46.18 35.78
C PRO H 53 27.19 47.45 34.97
N ILE H 54 26.91 47.33 33.68
CA ILE H 54 27.12 48.39 32.69
C ILE H 54 25.75 48.93 32.28
N GLY H 55 25.54 50.23 32.46
CA GLY H 55 24.30 50.84 32.07
C GLY H 55 23.09 50.45 32.89
N MET H 56 23.28 49.88 34.08
CA MET H 56 22.21 49.32 34.87
C MET H 56 22.66 49.30 36.32
N PRO H 57 21.74 49.18 37.26
CA PRO H 57 22.13 48.88 38.61
C PRO H 57 22.11 47.40 39.00
N THR H 58 22.56 47.15 40.23
CA THR H 58 22.73 45.80 40.74
C THR H 58 21.37 45.13 40.92
N LEU H 59 21.41 43.80 40.98
CA LEU H 59 20.20 43.02 41.19
C LEU H 59 19.57 43.32 42.55
N THR H 60 20.41 43.68 43.53
CA THR H 60 19.88 44.13 44.81
C THR H 60 19.15 45.47 44.71
N GLU H 61 19.45 46.27 43.69
CA GLU H 61 18.81 47.57 43.51
C GLU H 61 17.56 47.50 42.64
N LEU H 62 17.27 46.35 42.02
CA LEU H 62 16.07 46.19 41.22
C LEU H 62 15.10 45.17 41.77
N ALA H 63 15.48 44.42 42.80
CA ALA H 63 14.65 43.34 43.32
C ALA H 63 14.05 43.72 44.67
N GLY H 64 12.89 43.13 44.95
CA GLY H 64 12.20 43.33 46.20
C GLY H 64 11.28 42.16 46.51
N PRO H 65 10.54 42.26 47.61
CA PRO H 65 9.63 41.16 47.98
C PRO H 65 8.43 41.12 47.05
N GLY H 66 8.25 39.99 46.37
CA GLY H 66 7.13 39.79 45.49
C GLY H 66 7.33 40.18 44.04
N LYS H 67 8.53 40.63 43.66
CA LYS H 67 8.80 41.01 42.28
C LYS H 67 9.15 39.78 41.47
N THR H 68 8.33 39.49 40.45
CA THR H 68 8.53 38.29 39.65
C THR H 68 9.82 38.36 38.86
N VAL H 69 10.56 37.25 38.85
CA VAL H 69 11.84 37.16 38.16
C VAL H 69 11.79 35.97 37.20
N THR H 70 12.11 36.24 35.94
CA THR H 70 12.23 35.20 34.92
C THR H 70 13.66 35.18 34.40
N ILE H 71 14.31 34.03 34.51
CA ILE H 71 15.70 33.86 34.07
C ILE H 71 15.69 33.05 32.79
N VAL H 72 16.22 33.63 31.73
CA VAL H 72 16.26 33.01 30.41
C VAL H 72 17.61 32.33 30.24
N VAL H 73 17.59 31.03 29.95
CA VAL H 73 18.77 30.20 29.91
C VAL H 73 18.81 29.52 28.55
N PRO H 74 19.93 29.54 27.83
CA PRO H 74 19.97 28.90 26.51
C PRO H 74 19.88 27.39 26.60
N ASP H 75 19.57 26.77 25.47
CA ASP H 75 19.42 25.33 25.39
C ASP H 75 20.79 24.66 25.29
N ARG H 76 20.79 23.35 25.00
CA ARG H 76 21.98 22.53 25.03
C ARG H 76 22.81 22.61 23.76
N VAL H 77 22.38 23.37 22.76
CA VAL H 77 23.07 23.40 21.47
C VAL H 77 24.48 23.96 21.64
N LYS H 78 24.60 25.08 22.35
CA LYS H 78 25.89 25.74 22.53
C LYS H 78 26.13 26.02 24.00
N GLY H 79 27.40 26.17 24.36
CA GLY H 79 27.80 26.40 25.73
C GLY H 79 28.41 25.16 26.35
N GLY H 80 28.89 25.33 27.57
CA GLY H 80 29.52 24.26 28.31
C GLY H 80 28.54 23.51 29.20
N GLU H 81 28.75 22.20 29.31
CA GLU H 81 27.98 21.34 30.21
C GLU H 81 28.86 20.78 31.31
N GLN H 82 29.90 21.52 31.68
CA GLN H 82 30.86 21.07 32.67
C GLN H 82 30.36 21.39 34.08
N ALA H 83 31.18 21.06 35.08
CA ALA H 83 30.78 21.29 36.47
C ALA H 83 30.88 22.77 36.84
N THR H 84 31.58 23.57 36.04
CA THR H 84 31.81 24.97 36.31
C THR H 84 31.45 25.83 35.10
N SER H 85 30.41 25.42 34.38
CA SER H 85 30.00 26.14 33.18
C SER H 85 29.38 27.49 33.53
N HIS H 86 29.27 28.34 32.51
CA HIS H 86 28.74 29.69 32.73
C HIS H 86 27.30 29.67 33.22
N ARG H 87 26.48 28.79 32.65
CA ARG H 87 25.06 28.77 33.02
C ARG H 87 24.89 28.48 34.50
N LYS H 88 25.55 27.43 35.00
CA LYS H 88 25.36 27.01 36.38
C LYS H 88 25.85 28.08 37.36
N LEU H 89 27.07 28.58 37.16
CA LEU H 89 27.61 29.57 38.07
C LEU H 89 26.81 30.88 38.02
N SER H 90 26.44 31.32 36.81
CA SER H 90 25.67 32.54 36.68
C SER H 90 24.33 32.41 37.39
N ILE H 91 23.63 31.29 37.19
CA ILE H 91 22.35 31.08 37.85
C ILE H 91 22.54 31.04 39.36
N LYS H 92 23.58 30.35 39.84
CA LYS H 92 23.81 30.24 41.28
C LYS H 92 24.03 31.62 41.91
N TYR H 93 24.92 32.42 41.33
CA TYR H 93 25.21 33.72 41.94
C TYR H 93 24.07 34.70 41.76
N ILE H 94 23.34 34.64 40.65
CA ILE H 94 22.16 35.49 40.49
C ILE H 94 21.11 35.12 41.53
N LEU H 95 20.91 33.82 41.77
CA LEU H 95 19.96 33.39 42.80
C LEU H 95 20.40 33.85 44.18
N LYS H 96 21.69 33.77 44.47
CA LYS H 96 22.18 34.26 45.76
C LYS H 96 21.92 35.76 45.92
N GLU H 97 22.21 36.54 44.88
CA GLU H 97 21.97 37.98 44.94
C GLU H 97 20.50 38.29 45.10
N LEU H 98 19.63 37.59 44.37
CA LEU H 98 18.20 37.83 44.47
C LEU H 98 17.65 37.45 45.84
N TYR H 99 18.11 36.33 46.40
CA TYR H 99 17.69 35.93 47.72
C TYR H 99 18.14 36.94 48.77
N ALA H 100 19.36 37.45 48.63
CA ALA H 100 19.83 38.51 49.51
C ALA H 100 18.96 39.76 49.37
N ALA H 101 18.52 40.06 48.14
CA ALA H 101 17.66 41.22 47.93
C ALA H 101 16.31 41.05 48.61
N GLY H 102 15.73 39.85 48.56
CA GLY H 102 14.46 39.61 49.21
C GLY H 102 13.44 38.86 48.37
N VAL H 103 13.87 38.28 47.25
CA VAL H 103 12.99 37.52 46.37
C VAL H 103 12.98 36.07 46.83
N GLU H 104 11.79 35.48 46.90
CA GLU H 104 11.65 34.10 47.36
C GLU H 104 11.85 33.13 46.21
N LYS H 105 12.10 31.87 46.58
CA LYS H 105 12.29 30.82 45.57
C LYS H 105 10.99 30.45 44.88
N LYS H 106 9.87 30.54 45.59
CA LYS H 106 8.56 30.18 45.03
C LYS H 106 8.21 31.01 43.80
N ASP H 107 8.80 32.18 43.65
CA ASP H 107 8.45 33.10 42.57
C ASP H 107 9.35 32.91 41.36
N ILE H 108 10.66 32.75 41.58
CA ILE H 108 11.64 32.76 40.50
C ILE H 108 11.33 31.65 39.50
N LEU H 109 11.34 32.00 38.21
CA LEU H 109 11.02 31.09 37.13
C LEU H 109 12.21 30.99 36.17
N PHE H 110 12.40 29.81 35.60
CA PHE H 110 13.46 29.55 34.63
C PHE H 110 12.84 29.15 33.29
N ILE H 111 13.34 29.73 32.22
CA ILE H 111 12.85 29.45 30.86
C ILE H 111 14.02 29.09 29.97
N ILE H 112 13.96 27.92 29.35
CA ILE H 112 14.96 27.49 28.39
C ILE H 112 14.56 28.03 27.03
N SER H 113 15.42 28.89 26.47
CA SER H 113 15.11 29.61 25.22
C SER H 113 15.73 28.86 24.06
N ASN H 114 14.93 28.00 23.43
CA ASN H 114 15.33 27.32 22.21
C ASN H 114 14.86 28.01 20.95
N GLY H 115 13.61 28.52 20.94
CA GLY H 115 13.08 29.22 19.80
C GLY H 115 12.57 28.29 18.72
N LEU H 116 13.50 27.69 17.97
CA LEU H 116 13.16 26.69 16.98
C LEU H 116 13.85 25.35 17.21
N HIS H 117 14.83 25.30 18.12
CA HIS H 117 15.45 24.05 18.50
C HIS H 117 14.47 23.23 19.35
N PRO H 118 14.67 21.91 19.44
CA PRO H 118 13.70 21.08 20.17
C PRO H 118 13.59 21.49 21.63
N ARG H 119 12.39 21.33 22.17
CA ARG H 119 12.15 21.65 23.57
C ARG H 119 12.93 20.70 24.46
N SER H 120 13.44 21.23 25.57
CA SER H 120 14.31 20.46 26.44
C SER H 120 13.52 19.41 27.22
N THR H 121 14.08 18.22 27.32
CA THR H 121 13.48 17.13 28.06
C THR H 121 14.01 17.14 29.50
N GLU H 122 13.77 16.05 30.23
CA GLU H 122 14.29 15.94 31.60
C GLU H 122 15.81 15.82 31.59
N ALA H 123 16.37 15.06 30.65
CA ALA H 123 17.82 14.89 30.60
C ALA H 123 18.51 16.13 30.04
N ASP H 124 17.85 16.85 29.12
CA ASP H 124 18.43 18.10 28.66
C ASP H 124 18.52 19.10 29.79
N ALA H 125 17.48 19.18 30.62
CA ALA H 125 17.53 20.04 31.81
C ALA H 125 18.58 19.55 32.79
N LYS H 126 18.69 18.23 32.96
CA LYS H 126 19.80 17.62 33.69
C LYS H 126 21.12 18.27 33.29
N ALA H 127 21.49 18.10 32.03
CA ALA H 127 22.80 18.54 31.56
C ALA H 127 22.95 20.05 31.66
N ILE H 128 21.89 20.80 31.33
CA ILE H 128 21.99 22.26 31.33
C ILE H 128 22.19 22.80 32.74
N PHE H 129 21.38 22.33 33.69
CA PHE H 129 21.30 22.98 35.00
C PHE H 129 22.16 22.35 36.08
N GLY H 130 22.42 21.05 36.03
CA GLY H 130 23.16 20.41 37.10
C GLY H 130 22.24 19.84 38.16
N GLU H 131 22.83 18.98 39.00
CA GLU H 131 22.06 18.26 40.02
C GLU H 131 21.34 19.21 40.96
N GLU H 132 22.05 20.21 41.49
CA GLU H 132 21.49 21.07 42.52
C GLU H 132 20.31 21.86 41.99
N LEU H 133 20.49 22.54 40.85
CA LEU H 133 19.42 23.37 40.31
C LEU H 133 18.27 22.51 39.79
N PHE H 134 18.57 21.36 39.16
CA PHE H 134 17.52 20.42 38.79
C PHE H 134 16.63 20.10 39.98
N ASN H 135 17.22 19.52 41.02
CA ASN H 135 16.43 19.10 42.18
C ASN H 135 15.76 20.28 42.86
N GLU H 136 16.36 21.47 42.79
CA GLU H 136 15.77 22.63 43.44
C GLU H 136 14.52 23.11 42.71
N PHE H 137 14.54 23.13 41.38
CA PHE H 137 13.52 23.89 40.66
C PHE H 137 12.62 23.08 39.74
N TRP H 138 13.10 22.00 39.12
CA TRP H 138 12.28 21.32 38.12
C TRP H 138 11.03 20.70 38.72
N HIS H 139 11.17 20.07 39.89
CA HIS H 139 10.05 19.29 40.43
C HIS H 139 8.90 20.16 40.91
N THR H 140 9.11 21.45 41.08
CA THR H 140 8.04 22.39 41.39
C THR H 140 7.44 23.03 40.15
N GLY H 141 7.87 22.62 38.96
CA GLY H 141 7.35 23.19 37.73
C GLY H 141 7.84 24.58 37.42
N GLN H 142 9.01 24.97 37.93
CA GLN H 142 9.55 26.31 37.73
C GLN H 142 10.60 26.36 36.63
N ILE H 143 10.83 25.27 35.92
CA ILE H 143 11.71 25.24 34.75
C ILE H 143 10.85 24.92 33.53
N ILE H 144 10.77 25.84 32.59
CA ILE H 144 9.88 25.75 31.44
C ILE H 144 10.71 25.84 30.17
N SER H 145 10.34 25.05 29.17
CA SER H 145 10.96 25.13 27.85
C SER H 145 10.10 26.02 26.95
N HIS H 146 10.73 26.96 26.27
CA HIS H 146 9.99 27.92 25.45
C HIS H 146 9.27 27.21 24.32
N ASP H 147 7.97 27.50 24.20
CA ASP H 147 7.12 26.95 23.14
C ASP H 147 6.64 28.11 22.29
N SER H 148 7.15 28.20 21.06
CA SER H 148 6.78 29.29 20.16
C SER H 148 5.46 29.06 19.45
N GLU H 149 4.94 27.83 19.47
CA GLU H 149 3.65 27.52 18.87
C GLU H 149 2.50 27.61 19.86
N ASP H 150 2.77 27.97 21.11
CA ASP H 150 1.75 28.04 22.15
C ASP H 150 1.09 29.41 22.06
N GLN H 151 -0.09 29.47 21.43
CA GLN H 151 -0.74 30.75 21.17
C GLN H 151 -1.24 31.43 22.45
N GLU H 152 -1.48 30.68 23.52
CA GLU H 152 -1.92 31.27 24.77
C GLU H 152 -0.77 31.68 25.68
N HIS H 153 0.47 31.41 25.27
CA HIS H 153 1.65 31.85 26.02
C HIS H 153 2.56 32.75 25.19
N MET H 154 2.06 33.28 24.07
CA MET H 154 2.80 34.22 23.25
C MET H 154 2.00 35.50 23.12
N VAL H 155 2.66 36.63 23.32
CA VAL H 155 2.04 37.95 23.25
C VAL H 155 2.51 38.66 21.99
N ASP H 156 1.65 39.55 21.50
CA ASP H 156 1.93 40.35 20.32
C ASP H 156 2.42 41.73 20.75
N LEU H 157 3.62 42.09 20.32
CA LEU H 157 4.19 43.40 20.61
C LEU H 157 4.07 44.36 19.44
N GLY H 158 3.37 43.96 18.38
CA GLY H 158 3.21 44.82 17.22
C GLY H 158 4.25 44.57 16.15
N THR H 159 4.75 45.65 15.55
CA THR H 159 5.74 45.56 14.49
C THR H 159 6.74 46.71 14.67
N THR H 160 8.02 46.40 14.50
CA THR H 160 9.08 47.38 14.70
C THR H 160 8.98 48.50 13.66
N HIS H 161 9.85 49.50 13.83
CA HIS H 161 9.86 50.64 12.91
C HIS H 161 10.27 50.24 11.50
N ARG H 162 10.98 49.12 11.34
CA ARG H 162 11.42 48.68 10.02
C ARG H 162 10.40 47.81 9.31
N GLY H 163 9.53 47.13 10.05
CA GLY H 163 8.53 46.29 9.44
C GLY H 163 8.65 44.81 9.82
N ASP H 164 9.23 44.55 10.99
CA ASP H 164 9.42 43.17 11.45
C ASP H 164 8.43 42.87 12.56
N PRO H 165 7.54 41.90 12.38
CA PRO H 165 6.62 41.53 13.48
C PRO H 165 7.37 40.97 14.67
N VAL H 166 6.82 41.20 15.85
CA VAL H 166 7.44 40.78 17.10
C VAL H 166 6.43 39.97 17.90
N TYR H 167 6.73 38.70 18.13
CA TYR H 167 5.99 37.85 19.05
C TYR H 167 6.92 37.51 20.21
N MET H 168 6.40 37.48 21.42
CA MET H 168 7.25 37.28 22.59
C MET H 168 6.65 36.25 23.52
N ASN H 169 7.51 35.63 24.34
CA ASN H 169 7.04 34.72 25.36
C ASN H 169 6.27 35.49 26.43
N LYS H 170 5.10 34.95 26.82
CA LYS H 170 4.29 35.64 27.82
C LYS H 170 4.97 35.68 29.17
N TYR H 171 5.60 34.57 29.58
CA TYR H 171 6.23 34.53 30.90
C TYR H 171 7.32 35.59 31.03
N VAL H 172 8.15 35.74 29.99
CA VAL H 172 9.18 36.77 30.01
C VAL H 172 8.61 38.17 29.83
N PHE H 173 7.33 38.28 29.49
CA PHE H 173 6.69 39.58 29.31
C PHE H 173 6.06 40.11 30.58
N GLU H 174 5.54 39.25 31.45
CA GLU H 174 4.83 39.66 32.66
C GLU H 174 5.72 39.74 33.89
N CYS H 175 7.01 39.47 33.77
CA CYS H 175 7.88 39.47 34.94
C CYS H 175 8.38 40.87 35.24
N ASP H 176 8.63 41.11 36.53
CA ASP H 176 9.17 42.40 36.94
C ASP H 176 10.66 42.53 36.60
N ILE H 177 11.40 41.43 36.71
CA ILE H 177 12.83 41.44 36.45
C ILE H 177 13.16 40.36 35.43
N PRO H 178 13.35 40.70 34.16
CA PRO H 178 13.81 39.71 33.18
C PRO H 178 15.32 39.61 33.16
N ILE H 179 15.85 38.40 33.29
CA ILE H 179 17.29 38.17 33.33
C ILE H 179 17.66 37.28 32.16
N LEU H 180 18.65 37.71 31.38
CA LEU H 180 19.09 37.01 30.19
C LEU H 180 20.48 36.44 30.42
N ILE H 181 20.64 35.14 30.15
CA ILE H 181 21.92 34.46 30.24
C ILE H 181 22.31 33.99 28.85
N GLY H 182 23.47 34.41 28.37
CA GLY H 182 23.91 34.04 27.04
C GLY H 182 25.42 33.88 27.00
N HIS H 183 25.88 33.22 25.94
CA HIS H 183 27.30 32.98 25.71
C HIS H 183 27.75 33.77 24.49
N VAL H 184 28.81 34.56 24.65
CA VAL H 184 29.36 35.37 23.57
C VAL H 184 30.33 34.49 22.80
N GLN H 185 29.87 33.92 21.68
CA GLN H 185 30.68 33.08 20.82
C GLN H 185 30.48 33.48 19.38
N GLY H 186 31.49 33.21 18.55
CA GLY H 186 31.42 33.60 17.16
C GLY H 186 30.41 32.79 16.37
N ASN H 187 30.01 33.35 15.24
CA ASN H 187 29.11 32.72 14.30
C ASN H 187 29.72 32.74 12.91
N PRO H 188 29.39 31.76 12.07
CA PRO H 188 29.99 31.74 10.72
C PRO H 188 29.69 32.99 9.91
N TYR H 189 28.51 33.59 10.10
CA TYR H 189 28.11 34.76 9.32
C TYR H 189 28.85 36.03 9.70
N GLY H 190 29.50 36.06 10.86
CA GLY H 190 30.26 37.22 11.31
C GLY H 190 29.82 37.76 12.66
N GLY H 191 28.52 37.65 12.96
CA GLY H 191 27.99 38.13 14.21
C GLY H 191 28.34 37.21 15.38
N TYR H 192 27.91 37.63 16.56
CA TYR H 192 28.15 36.88 17.79
C TYR H 192 26.83 36.44 18.40
N SER H 193 26.93 35.46 19.29
CA SER H 193 25.78 34.93 20.01
C SER H 193 25.69 35.55 21.40
N GLY H 194 24.53 35.40 22.01
CA GLY H 194 24.29 35.94 23.34
C GLY H 194 24.03 37.43 23.32
N GLY H 195 23.16 37.89 24.21
CA GLY H 195 22.82 39.31 24.26
C GLY H 195 21.51 39.58 23.55
N TYR H 196 21.53 40.52 22.61
CA TYR H 196 20.31 40.88 21.89
C TYR H 196 19.93 39.78 20.90
N LYS H 197 20.92 39.11 20.31
CA LYS H 197 20.65 38.02 19.39
C LYS H 197 19.94 36.86 20.11
N HIS H 198 20.37 36.55 21.33
CA HIS H 198 19.75 35.47 22.08
C HIS H 198 18.29 35.76 22.37
N SER H 199 17.98 36.99 22.79
CA SER H 199 16.58 37.33 23.07
C SER H 199 15.76 37.38 21.79
N ALA H 200 16.37 37.83 20.69
CA ALA H 200 15.62 37.94 19.44
C ALA H 200 15.29 36.57 18.86
N THR H 201 16.25 35.64 18.88
CA THR H 201 16.06 34.34 18.26
C THR H 201 15.62 33.25 19.23
N GLY H 202 15.47 33.56 20.52
CA GLY H 202 15.17 32.54 21.49
C GLY H 202 13.75 32.50 22.01
N ILE H 203 13.14 33.66 22.24
CA ILE H 203 11.84 33.73 22.87
C ILE H 203 10.82 34.30 21.90
N THR H 204 11.01 34.03 20.61
CA THR H 204 10.09 34.48 19.57
C THR H 204 9.55 33.25 18.82
N ASN H 205 8.83 33.52 17.74
CA ASN H 205 8.31 32.48 16.86
C ASN H 205 8.98 32.60 15.50
N TRP H 206 8.53 31.75 14.56
CA TRP H 206 9.19 31.70 13.27
C TRP H 206 8.91 32.94 12.43
N LYS H 207 7.75 33.58 12.62
CA LYS H 207 7.46 34.81 11.88
C LYS H 207 8.46 35.91 12.23
N CYS H 208 8.82 36.03 13.50
CA CYS H 208 9.80 37.02 13.91
C CYS H 208 11.21 36.66 13.45
N ILE H 209 11.44 35.42 13.04
CA ILE H 209 12.76 34.99 12.62
C ILE H 209 12.92 35.06 11.10
N ALA H 210 11.85 34.84 10.34
CA ALA H 210 11.89 34.90 8.89
C ALA H 210 12.32 36.28 8.40
N ASN H 234 21.62 43.75 12.89
CA ASN H 234 20.95 44.96 13.35
C ASN H 234 19.45 44.71 13.51
N LYS H 235 18.95 43.67 12.83
CA LYS H 235 17.57 43.26 13.02
C LYS H 235 17.33 42.80 14.45
N PHE H 236 18.24 41.99 14.99
CA PHE H 236 18.09 41.49 16.36
C PHE H 236 18.07 42.63 17.36
N ASP H 237 18.91 43.65 17.15
CA ASP H 237 18.91 44.81 18.01
C ASP H 237 17.55 45.51 17.99
N GLU H 238 16.98 45.69 16.80
CA GLU H 238 15.69 46.36 16.70
C GLU H 238 14.60 45.58 17.41
N ILE H 239 14.57 44.26 17.21
CA ILE H 239 13.54 43.43 17.87
C ILE H 239 13.69 43.49 19.38
N SER H 240 14.93 43.35 19.87
CA SER H 240 15.15 43.34 21.31
C SER H 240 14.83 44.69 21.94
N MET H 241 15.19 45.79 21.27
CA MET H 241 14.82 47.10 21.80
C MET H 241 13.31 47.31 21.77
N HIS H 242 12.62 46.76 20.76
CA HIS H 242 11.16 46.82 20.77
C HIS H 242 10.60 46.10 21.98
N MET H 243 11.14 44.91 22.30
CA MET H 243 10.70 44.20 23.49
C MET H 243 10.97 45.01 24.75
N GLU H 244 12.16 45.62 24.84
CA GLU H 244 12.49 46.39 26.04
C GLU H 244 11.59 47.61 26.19
N GLU H 245 11.27 48.29 25.07
CA GLU H 245 10.35 49.41 25.13
C GLU H 245 8.95 48.96 25.56
N LYS H 246 8.47 47.84 25.00
CA LYS H 246 7.12 47.38 25.34
C LYS H 246 7.03 46.95 26.80
N MET H 247 8.06 46.26 27.30
CA MET H 247 8.01 45.76 28.67
C MET H 247 8.19 46.87 29.68
N GLY H 248 9.10 47.81 29.41
CA GLY H 248 9.46 48.85 30.34
C GLY H 248 10.70 48.55 31.15
N HIS H 249 11.10 47.29 31.23
CA HIS H 249 12.33 46.89 31.92
C HIS H 249 13.33 46.40 30.89
N PRO H 250 14.49 47.04 30.74
CA PRO H 250 15.51 46.50 29.83
C PRO H 250 16.05 45.17 30.35
N PHE H 251 16.52 44.36 29.40
CA PHE H 251 17.03 43.05 29.76
C PHE H 251 18.34 43.17 30.54
N PHE H 252 18.42 42.45 31.66
CA PHE H 252 19.65 42.33 32.43
C PHE H 252 20.41 41.11 31.91
N CYS H 253 21.42 41.34 31.09
CA CYS H 253 22.16 40.27 30.44
C CYS H 253 23.48 40.04 31.14
N CYS H 254 23.77 38.77 31.44
CA CYS H 254 25.03 38.34 32.04
C CYS H 254 25.69 37.37 31.07
N ASP H 255 26.62 37.86 30.26
CA ASP H 255 27.22 37.09 29.19
C ASP H 255 28.70 36.85 29.47
N ALA H 256 29.15 35.63 29.19
CA ALA H 256 30.55 35.26 29.38
C ALA H 256 31.17 34.93 28.03
N VAL H 257 32.38 35.42 27.81
CA VAL H 257 33.13 35.12 26.59
C VAL H 257 33.77 33.75 26.76
N LEU H 258 33.38 32.81 25.91
CA LEU H 258 33.85 31.43 26.00
C LEU H 258 34.99 31.19 25.03
N ASP H 259 35.89 30.28 25.42
CA ASP H 259 36.99 29.85 24.60
C ASP H 259 36.65 28.52 23.92
N THR H 260 37.64 27.90 23.27
CA THR H 260 37.41 26.69 22.51
C THR H 260 36.92 25.53 23.37
N GLN H 261 37.23 25.53 24.66
CA GLN H 261 36.77 24.50 25.58
C GLN H 261 35.61 24.97 26.45
N SER H 262 34.89 26.01 26.02
CA SER H 262 33.74 26.53 26.75
C SER H 262 34.11 26.96 28.16
N ARG H 263 35.29 27.56 28.31
CA ARG H 263 35.76 28.09 29.57
C ARG H 263 35.69 29.62 29.53
N GLN H 264 35.12 30.21 30.57
CA GLN H 264 34.88 31.64 30.60
C GLN H 264 36.20 32.40 30.59
N ILE H 265 36.28 33.44 29.76
CA ILE H 265 37.42 34.34 29.74
C ILE H 265 37.12 35.64 30.47
N ALA H 266 35.92 36.20 30.23
CA ALA H 266 35.49 37.41 30.90
C ALA H 266 33.98 37.38 31.03
N ILE H 267 33.47 37.94 32.13
CA ILE H 267 32.04 37.97 32.41
C ILE H 267 31.59 39.41 32.45
N TYR H 268 30.60 39.75 31.62
CA TYR H 268 30.07 41.11 31.52
C TYR H 268 28.59 41.09 31.84
N SER H 269 28.17 41.94 32.76
CA SER H 269 26.78 41.98 33.20
C SER H 269 26.23 43.39 33.04
N GLY H 270 24.93 43.48 32.77
CA GLY H 270 24.26 44.75 32.75
C GLY H 270 23.36 44.91 31.55
N TYR H 271 23.30 46.15 31.05
CA TYR H 271 22.48 46.47 29.89
C TYR H 271 23.14 45.94 28.62
N ALA H 272 22.35 45.29 27.78
CA ALA H 272 22.92 44.59 26.63
C ALA H 272 23.50 45.57 25.60
N LYS H 273 22.81 46.68 25.35
CA LYS H 273 23.26 47.60 24.30
C LYS H 273 24.61 48.20 24.62
N GLU H 274 24.83 48.58 25.87
CA GLU H 274 26.07 49.24 26.27
C GLU H 274 27.16 48.26 26.67
N MET H 275 26.87 46.95 26.68
CA MET H 275 27.86 45.95 27.03
C MET H 275 28.25 45.03 25.88
N MET H 276 27.43 44.93 24.82
CA MET H 276 27.78 44.05 23.70
C MET H 276 29.08 44.46 23.02
N PRO H 277 29.34 45.75 22.72
CA PRO H 277 30.67 46.09 22.18
C PRO H 277 31.80 45.74 23.12
N ILE H 278 31.59 45.86 24.44
CA ILE H 278 32.65 45.57 25.40
C ILE H 278 33.05 44.10 25.31
N SER H 279 32.06 43.20 25.26
CA SER H 279 32.37 41.79 25.12
C SER H 279 32.90 41.45 23.73
N TRP H 280 32.43 42.17 22.71
CA TRP H 280 32.88 41.90 21.34
C TRP H 280 34.35 42.27 21.16
N LYS H 281 34.80 43.33 21.84
CA LYS H 281 36.20 43.75 21.71
C LYS H 281 37.15 42.66 22.18
N LEU H 282 36.70 41.77 23.06
CA LEU H 282 37.53 40.65 23.49
C LEU H 282 37.20 39.35 22.77
N ALA H 283 35.95 39.18 22.32
CA ALA H 283 35.61 38.00 21.54
C ALA H 283 36.27 38.04 20.17
N ASP H 284 36.55 39.23 19.64
CA ASP H 284 37.30 39.35 18.40
C ASP H 284 38.71 38.81 18.55
N LYS H 285 39.28 38.93 19.76
CA LYS H 285 40.63 38.43 20.01
C LYS H 285 40.69 36.90 19.91
N ARG H 286 39.63 36.22 20.34
CA ARG H 286 39.62 34.77 20.36
C ARG H 286 39.10 34.16 19.05
N THR H 287 38.04 34.74 18.49
CA THR H 287 37.43 34.15 17.29
C THR H 287 38.31 34.34 16.07
N TYR H 288 38.84 35.54 15.86
CA TYR H 288 39.61 35.86 14.67
C TYR H 288 41.07 35.52 14.92
N VAL H 289 41.54 34.42 14.34
CA VAL H 289 42.90 33.92 14.52
C VAL H 289 43.72 34.25 13.29
N HIS H 290 44.73 35.10 13.45
CA HIS H 290 45.62 35.48 12.35
C HIS H 290 46.79 34.52 12.36
N TRP H 291 46.72 33.48 11.51
CA TRP H 291 47.73 32.44 11.47
C TRP H 291 48.20 32.08 10.07
N ALA H 292 47.43 32.36 9.03
CA ALA H 292 47.76 31.89 7.70
C ALA H 292 48.96 32.63 7.12
N GLU H 293 49.79 31.90 6.37
CA GLU H 293 50.88 32.48 5.61
C GLU H 293 50.73 32.29 4.10
N LYS H 294 49.74 31.53 3.66
CA LYS H 294 49.52 31.29 2.25
C LYS H 294 48.06 30.96 2.02
N LYS H 295 47.63 31.02 0.76
CA LYS H 295 46.27 30.69 0.37
C LYS H 295 46.21 29.23 -0.02
N TYR H 296 45.33 28.47 0.64
CA TYR H 296 45.26 27.03 0.46
C TYR H 296 44.30 26.67 -0.65
N ASP H 297 44.58 25.54 -1.31
CA ASP H 297 43.77 25.04 -2.41
C ASP H 297 42.82 23.94 -2.01
N VAL H 298 43.23 23.05 -1.11
CA VAL H 298 42.42 21.91 -0.69
C VAL H 298 42.20 22.00 0.82
N LEU H 299 40.95 21.86 1.24
CA LEU H 299 40.58 21.85 2.65
C LEU H 299 40.07 20.46 2.99
N VAL H 300 40.71 19.82 3.97
CA VAL H 300 40.42 18.43 4.34
C VAL H 300 39.94 18.39 5.78
N PHE H 301 38.79 17.75 6.00
CA PHE H 301 38.26 17.55 7.34
C PHE H 301 37.24 16.42 7.29
N GLY H 302 36.62 16.16 8.43
CA GLY H 302 35.57 15.16 8.51
C GLY H 302 34.58 15.54 9.59
N MET H 303 33.32 15.13 9.40
CA MET H 303 32.27 15.45 10.35
C MET H 303 31.84 14.20 11.10
N PRO H 304 31.83 14.22 12.43
CA PRO H 304 31.24 13.11 13.18
C PRO H 304 29.72 13.13 13.07
N GLN H 305 29.12 12.02 13.48
CA GLN H 305 27.67 11.90 13.38
C GLN H 305 26.96 12.91 14.28
N LYS H 306 27.48 13.12 15.49
CA LYS H 306 26.83 13.98 16.48
C LYS H 306 27.70 15.21 16.72
N PHE H 307 27.29 16.34 16.18
CA PHE H 307 27.93 17.62 16.47
C PHE H 307 26.89 18.73 16.26
N HIS H 308 27.08 19.83 16.99
CA HIS H 308 26.19 20.98 16.92
C HIS H 308 24.76 20.60 17.28
N TYR H 309 23.88 20.53 16.29
CA TYR H 309 22.45 20.31 16.50
C TYR H 309 22.10 18.88 16.91
N GLY H 310 23.02 18.00 17.26
CA GLY H 310 22.69 16.71 17.81
C GLY H 310 23.05 15.56 16.89
N ASP H 311 22.64 14.37 17.30
CA ASP H 311 22.92 13.16 16.54
C ASP H 311 22.23 13.21 15.19
N GLY H 312 22.92 12.70 14.17
CA GLY H 312 22.40 12.69 12.82
C GLY H 312 22.74 13.89 11.99
N MET H 313 23.39 14.91 12.56
CA MET H 313 23.77 16.08 11.78
C MET H 313 24.81 15.73 10.72
N GLY H 314 25.75 14.87 11.06
CA GLY H 314 26.79 14.47 10.12
C GLY H 314 26.38 13.45 9.09
N THR H 315 25.14 12.96 9.16
CA THR H 315 24.62 12.03 8.18
C THR H 315 23.38 12.53 7.45
N ASN H 316 22.77 13.61 7.92
CA ASN H 316 21.58 14.17 7.29
C ASN H 316 22.02 15.12 6.18
N PRO H 317 21.59 14.90 4.93
CA PRO H 317 22.14 15.70 3.82
C PRO H 317 21.96 17.20 3.98
N ILE H 318 20.81 17.66 4.48
CA ILE H 318 20.58 19.10 4.59
C ILE H 318 21.47 19.69 5.70
N MET H 319 21.57 19.01 6.83
CA MET H 319 22.47 19.48 7.88
C MET H 319 23.92 19.37 7.45
N MET H 320 24.24 18.37 6.62
CA MET H 320 25.58 18.29 6.04
C MET H 320 25.87 19.51 5.17
N MET H 321 24.92 19.91 4.34
CA MET H 321 25.11 21.09 3.51
C MET H 321 25.25 22.34 4.35
N GLN H 322 24.48 22.46 5.43
CA GLN H 322 24.60 23.61 6.32
C GLN H 322 25.96 23.66 6.99
N ALA H 323 26.46 22.50 7.46
CA ALA H 323 27.78 22.46 8.08
C ALA H 323 28.87 22.80 7.07
N LEU H 324 28.76 22.28 5.84
CA LEU H 324 29.74 22.61 4.82
C LEU H 324 29.72 24.10 4.48
N SER H 325 28.53 24.70 4.44
CA SER H 325 28.42 26.13 4.20
C SER H 325 29.06 26.93 5.33
N ALA H 326 28.85 26.50 6.57
CA ALA H 326 29.50 27.17 7.70
C ALA H 326 31.02 27.06 7.61
N GLN H 327 31.52 25.88 7.23
CA GLN H 327 32.97 25.70 7.09
C GLN H 327 33.51 26.57 5.96
N VAL H 328 32.77 26.70 4.86
CA VAL H 328 33.18 27.58 3.77
C VAL H 328 33.23 29.03 4.26
N LEU H 329 32.23 29.45 5.02
CA LEU H 329 32.20 30.82 5.53
C LEU H 329 33.36 31.08 6.47
N ARG H 330 33.70 30.11 7.32
CA ARG H 330 34.74 30.34 8.33
C ARG H 330 36.13 30.42 7.71
N PHE H 331 36.40 29.60 6.69
CA PHE H 331 37.73 29.52 6.09
C PHE H 331 37.80 30.19 4.72
N LYS H 332 36.93 31.17 4.46
CA LYS H 332 36.92 31.81 3.15
C LYS H 332 38.19 32.62 2.91
N ARG H 333 38.66 33.35 3.92
CA ARG H 333 39.81 34.22 3.73
C ARG H 333 41.11 33.43 3.57
N VAL H 334 41.21 32.27 4.22
CA VAL H 334 42.41 31.45 4.14
C VAL H 334 42.51 30.64 2.86
N MET H 335 41.42 30.54 2.10
CA MET H 335 41.33 29.60 1.00
C MET H 335 41.28 30.34 -0.34
N SER H 336 41.74 29.65 -1.39
CA SER H 336 41.89 30.24 -2.71
C SER H 336 40.53 30.32 -3.42
N ASP H 337 40.57 30.76 -4.68
CA ASP H 337 39.35 30.92 -5.45
C ASP H 337 38.82 29.58 -5.95
N ASN H 338 39.71 28.66 -6.30
CA ASN H 338 39.35 27.34 -6.82
C ASN H 338 39.36 26.26 -5.74
N CYS H 339 39.03 26.65 -4.50
CA CYS H 339 39.18 25.77 -3.35
C CYS H 339 38.35 24.51 -3.50
N VAL H 340 38.92 23.39 -3.04
CA VAL H 340 38.28 22.08 -3.08
C VAL H 340 38.15 21.59 -1.63
N ILE H 341 36.96 21.12 -1.28
CA ILE H 341 36.67 20.64 0.07
C ILE H 341 36.49 19.13 0.01
N ILE H 342 37.22 18.40 0.84
CA ILE H 342 37.10 16.96 0.97
C ILE H 342 36.59 16.67 2.37
N CYS H 343 35.48 15.95 2.46
CA CYS H 343 34.80 15.69 3.72
C CYS H 343 34.60 14.19 3.90
N ALA H 344 34.71 13.75 5.16
CA ALA H 344 34.54 12.33 5.51
C ALA H 344 33.31 12.21 6.40
N SER H 345 32.22 11.69 5.83
CA SER H 345 30.98 11.50 6.57
C SER H 345 30.34 10.20 6.14
N THR H 346 29.57 9.61 7.05
CA THR H 346 28.84 8.36 6.79
C THR H 346 27.44 8.73 6.31
N CYS H 347 27.27 8.74 4.99
CA CYS H 347 25.98 9.10 4.38
C CYS H 347 25.05 7.90 4.33
N ASN H 348 24.77 7.34 5.50
CA ASN H 348 23.91 6.17 5.59
C ASN H 348 22.44 6.49 5.37
N GLY H 349 22.11 7.71 4.98
CA GLY H 349 20.72 8.10 4.83
C GLY H 349 19.98 8.19 6.14
N TYR H 350 20.71 8.39 7.25
CA TYR H 350 20.11 8.37 8.58
C TYR H 350 19.50 9.74 8.87
N PHE H 351 18.30 9.93 8.36
CA PHE H 351 17.49 11.06 8.78
C PHE H 351 17.00 10.80 10.19
N HIS H 352 17.40 11.65 11.13
CA HIS H 352 16.98 11.51 12.53
C HIS H 352 15.51 11.92 12.59
N ASP H 353 14.65 11.05 12.07
CA ASP H 353 13.26 11.39 11.83
C ASP H 353 12.49 11.67 13.11
N GLU H 354 12.98 11.24 14.26
CA GLU H 354 12.38 11.63 15.52
C GLU H 354 12.79 13.02 15.97
N ARG H 355 13.83 13.59 15.37
CA ARG H 355 14.28 14.94 15.66
C ARG H 355 14.09 15.90 14.49
N TRP H 356 14.13 15.40 13.26
CA TRP H 356 13.85 16.18 12.05
C TRP H 356 12.78 15.46 11.24
N PRO H 357 11.52 15.51 11.70
CA PRO H 357 10.46 14.77 11.00
C PRO H 357 10.12 15.33 9.63
N TYR H 358 10.55 16.56 9.31
CA TYR H 358 10.19 17.21 8.07
C TYR H 358 11.27 17.12 7.00
N LEU H 359 12.50 16.76 7.37
CA LEU H 359 13.61 16.85 6.42
C LEU H 359 13.54 15.80 5.32
N ARG H 360 12.86 14.67 5.54
CA ARG H 360 12.66 13.72 4.45
C ARG H 360 11.72 14.30 3.40
N GLU H 361 10.62 14.90 3.83
CA GLU H 361 9.73 15.58 2.88
C GLU H 361 10.45 16.73 2.20
N LEU H 362 11.31 17.44 2.94
CA LEU H 362 12.08 18.54 2.35
C LEU H 362 13.02 18.02 1.27
N TYR H 363 13.72 16.92 1.53
CA TYR H 363 14.62 16.34 0.54
C TYR H 363 13.85 15.85 -0.68
N ASP H 364 12.70 15.20 -0.46
CA ASP H 364 11.90 14.73 -1.59
C ASP H 364 11.39 15.88 -2.43
N LEU H 365 10.96 16.98 -1.78
CA LEU H 365 10.54 18.16 -2.52
C LEU H 365 11.70 18.77 -3.30
N PHE H 366 12.89 18.77 -2.71
CA PHE H 366 14.05 19.30 -3.41
C PHE H 366 14.37 18.46 -4.65
N GLN H 367 14.30 17.14 -4.54
CA GLN H 367 14.67 16.28 -5.65
C GLN H 367 13.60 16.24 -6.73
N HIS H 368 12.33 16.23 -6.35
CA HIS H 368 11.21 16.00 -7.28
C HIS H 368 10.46 17.28 -7.62
N ASP H 369 11.16 18.40 -7.75
CA ASP H 369 10.54 19.65 -8.15
C ASP H 369 11.52 20.42 -9.02
N HIS H 370 11.11 21.60 -9.46
CA HIS H 370 11.95 22.44 -10.31
CA HIS H 370 11.95 22.43 -10.31
C HIS H 370 12.94 23.24 -9.47
N MET H 371 13.71 22.54 -8.64
CA MET H 371 14.67 23.17 -7.73
C MET H 371 16.08 22.89 -8.28
N ASN H 372 16.64 23.87 -8.99
CA ASN H 372 18.00 23.72 -9.48
C ASN H 372 19.01 23.85 -8.34
N THR H 373 18.70 24.67 -7.35
CA THR H 373 19.59 24.91 -6.22
C THR H 373 18.79 24.97 -4.93
N LEU H 374 19.51 24.95 -3.81
CA LEU H 374 18.85 25.02 -2.50
C LEU H 374 18.07 26.31 -2.27
N PRO H 375 18.56 27.51 -2.60
CA PRO H 375 17.77 28.72 -2.35
C PRO H 375 16.40 28.72 -3.00
N ASP H 376 16.25 28.07 -4.17
CA ASP H 376 14.96 27.98 -4.84
C ASP H 376 13.89 27.32 -3.99
N MET H 377 14.25 26.76 -2.84
CA MET H 377 13.31 26.09 -1.97
C MET H 377 12.78 27.00 -0.87
N ASN H 378 13.36 28.19 -0.70
CA ASN H 378 12.94 29.10 0.36
C ASN H 378 11.46 29.44 0.28
N ARG H 379 10.87 29.46 -0.92
CA ARG H 379 9.46 29.78 -1.08
C ARG H 379 8.56 28.80 -0.36
N LEU H 380 9.04 27.61 -0.02
CA LEU H 380 8.23 26.63 0.69
C LEU H 380 8.30 26.79 2.20
N GLY H 381 9.04 27.77 2.69
CA GLY H 381 9.21 27.91 4.13
C GLY H 381 7.90 28.05 4.87
N GLU H 382 7.05 28.99 4.45
CA GLU H 382 5.76 29.17 5.09
C GLU H 382 4.88 27.94 4.93
N TYR H 383 5.14 27.12 3.91
CA TYR H 383 4.40 25.88 3.75
C TYR H 383 4.74 24.90 4.86
N PHE H 384 5.99 24.90 5.32
CA PHE H 384 6.39 23.93 6.33
C PHE H 384 6.14 24.45 7.74
N ALA H 385 6.36 25.74 7.97
CA ALA H 385 6.20 26.31 9.30
C ALA H 385 4.77 26.24 9.81
N THR H 386 3.79 26.15 8.91
CA THR H 386 2.38 26.09 9.28
C THR H 386 1.81 24.68 9.25
N ASN H 387 2.65 23.66 9.01
CA ASN H 387 2.15 22.29 9.01
C ASN H 387 1.69 21.89 10.40
N GLU H 388 0.52 21.26 10.47
CA GLU H 388 -0.05 20.91 11.77
C GLU H 388 0.66 19.75 12.42
N GLU H 389 0.98 18.71 11.64
CA GLU H 389 1.61 17.52 12.21
C GLU H 389 3.03 17.83 12.69
N TYR H 390 3.81 18.55 11.89
CA TYR H 390 5.16 18.92 12.31
C TYR H 390 5.14 19.87 13.51
N ILE H 391 4.15 20.76 13.58
CA ILE H 391 4.02 21.64 14.73
C ILE H 391 3.69 20.84 15.98
N ARG H 392 2.81 19.85 15.86
CA ARG H 392 2.49 19.01 17.00
C ARG H 392 3.70 18.21 17.46
N LYS H 393 4.49 17.69 16.51
CA LYS H 393 5.70 16.97 16.87
C LYS H 393 6.72 17.90 17.52
N TYR H 394 6.82 19.14 17.06
CA TYR H 394 7.70 20.10 17.70
C TYR H 394 7.26 20.38 19.13
N ARG H 395 5.95 20.52 19.34
CA ARG H 395 5.45 20.90 20.66
C ARG H 395 5.58 19.75 21.66
N TYR H 396 5.26 18.52 21.23
CA TYR H 396 5.09 17.42 22.18
C TYR H 396 6.10 16.30 22.04
N THR H 397 6.79 16.17 20.90
CA THR H 397 7.70 15.07 20.65
C THR H 397 9.17 15.48 20.85
N ASN H 398 9.42 16.78 21.05
CA ASN H 398 10.76 17.34 21.17
C ASN H 398 11.53 17.18 19.87
N ALA H 399 10.98 17.71 18.79
CA ALA H 399 11.65 17.77 17.49
C ALA H 399 11.85 19.23 17.10
N PHE H 400 12.63 19.44 16.04
CA PHE H 400 12.89 20.78 15.56
C PHE H 400 11.62 21.40 14.98
N HIS H 401 11.52 22.72 15.08
CA HIS H 401 10.43 23.42 14.42
C HIS H 401 10.61 23.31 12.91
N PRO H 402 9.52 23.12 12.16
CA PRO H 402 9.66 22.89 10.71
C PRO H 402 10.27 24.06 9.97
N PHE H 403 10.34 25.24 10.56
CA PHE H 403 10.93 26.40 9.91
C PHE H 403 12.43 26.52 10.16
N HIS H 404 13.02 25.60 10.93
CA HIS H 404 14.45 25.69 11.21
C HIS H 404 15.27 25.50 9.96
N GLY H 405 14.81 24.65 9.04
CA GLY H 405 15.55 24.42 7.81
C GLY H 405 15.71 25.66 6.96
N PHE H 406 14.69 26.53 6.93
CA PHE H 406 14.69 27.72 6.10
C PHE H 406 15.22 28.95 6.81
N SER H 407 15.70 28.82 8.04
CA SER H 407 16.13 29.96 8.84
C SER H 407 17.26 30.74 8.16
N GLY H 412 23.71 27.49 3.24
CA GLY H 412 23.35 26.42 2.35
C GLY H 412 23.94 26.54 0.95
N HIS H 413 23.70 27.70 0.33
CA HIS H 413 24.16 27.92 -1.04
C HIS H 413 25.63 28.32 -1.12
N ILE H 414 26.22 28.80 -0.02
CA ILE H 414 27.57 29.37 -0.06
C ILE H 414 28.57 28.32 -0.53
N ALA H 415 28.42 27.08 -0.08
CA ALA H 415 29.30 26.01 -0.53
C ALA H 415 29.21 25.83 -2.04
N GLU H 416 28.00 25.90 -2.59
CA GLU H 416 27.83 25.75 -4.03
C GLU H 416 28.43 26.92 -4.80
N MET H 417 28.29 28.14 -4.28
CA MET H 417 28.80 29.30 -4.99
C MET H 417 30.32 29.37 -4.95
N ASN H 418 30.93 28.98 -3.84
CA ASN H 418 32.36 29.22 -3.64
C ASN H 418 33.24 28.09 -4.19
N THR H 419 33.08 26.89 -3.65
CA THR H 419 34.02 25.82 -3.94
C THR H 419 33.81 25.26 -5.34
N SER H 420 34.90 24.85 -5.97
CA SER H 420 34.82 24.21 -7.28
C SER H 420 34.19 22.82 -7.18
N ALA H 421 34.57 22.07 -6.15
CA ALA H 421 34.03 20.72 -5.93
C ALA H 421 34.11 20.37 -4.47
N ILE H 422 33.13 19.61 -3.99
CA ILE H 422 33.08 19.13 -2.62
C ILE H 422 32.99 17.62 -2.66
N TYR H 423 33.93 16.94 -2.01
CA TYR H 423 33.99 15.48 -2.00
C TYR H 423 33.54 14.97 -0.64
N ILE H 424 32.60 14.03 -0.65
CA ILE H 424 32.13 13.37 0.55
C ILE H 424 32.61 11.94 0.49
N VAL H 425 33.73 11.66 1.15
CA VAL H 425 34.37 10.34 1.12
C VAL H 425 33.82 9.50 2.26
N GLY H 426 33.84 8.18 2.07
CA GLY H 426 33.39 7.26 3.08
C GLY H 426 31.89 7.12 3.21
N ALA H 427 31.13 7.64 2.26
CA ALA H 427 29.67 7.61 2.36
C ALA H 427 29.16 6.17 2.28
N GLU H 428 28.05 5.92 2.97
CA GLU H 428 27.42 4.60 2.96
C GLU H 428 26.30 4.52 1.92
N GLU H 429 25.54 5.60 1.74
CA GLU H 429 24.54 5.71 0.69
C GLU H 429 24.84 7.00 -0.07
N PRO H 430 25.81 6.98 -0.98
CA PRO H 430 26.23 8.22 -1.65
C PRO H 430 25.16 8.85 -2.52
N GLY H 431 24.01 8.21 -2.70
CA GLY H 431 22.94 8.82 -3.47
C GLY H 431 22.43 10.10 -2.82
N TYR H 432 22.42 10.15 -1.49
CA TYR H 432 21.95 11.34 -0.79
C TYR H 432 22.98 12.47 -0.91
N ALA H 433 24.27 12.14 -0.86
CA ALA H 433 25.29 13.18 -1.02
C ALA H 433 25.37 13.66 -2.46
N ARG H 434 25.05 12.79 -3.43
CA ARG H 434 25.02 13.21 -4.82
C ARG H 434 23.79 14.04 -5.14
N GLY H 435 22.64 13.73 -4.52
CA GLY H 435 21.43 14.49 -4.75
C GLY H 435 21.50 15.91 -4.23
N MET H 436 22.43 16.20 -3.33
CA MET H 436 22.64 17.56 -2.83
C MET H 436 23.59 18.37 -3.70
N GLY H 437 24.21 17.74 -4.69
CA GLY H 437 25.18 18.40 -5.53
C GLY H 437 26.64 18.17 -5.16
N LEU H 438 26.90 17.31 -4.19
CA LEU H 438 28.26 17.02 -3.75
C LEU H 438 28.81 15.80 -4.47
N LYS H 439 30.11 15.77 -4.66
CA LYS H 439 30.77 14.63 -5.27
C LYS H 439 31.05 13.57 -4.22
N THR H 440 30.96 12.31 -4.64
CA THR H 440 31.08 11.17 -3.75
C THR H 440 32.25 10.29 -4.18
N ARG H 441 33.10 9.94 -3.22
CA ARG H 441 34.15 8.95 -3.44
C ARG H 441 34.15 7.95 -2.29
N ALA H 442 35.14 7.06 -2.26
CA ALA H 442 35.20 6.02 -1.24
C ALA H 442 36.38 6.15 -0.30
N THR H 443 37.45 6.82 -0.72
CA THR H 443 38.66 6.94 0.10
C THR H 443 39.24 8.33 -0.09
N PHE H 444 39.98 8.80 0.92
CA PHE H 444 40.58 10.13 0.85
C PHE H 444 41.57 10.24 -0.30
N GLU H 445 42.37 9.20 -0.52
CA GLU H 445 43.38 9.27 -1.57
C GLU H 445 42.74 9.36 -2.95
N GLU H 446 41.66 8.62 -3.19
CA GLU H 446 40.98 8.67 -4.48
C GLU H 446 40.43 10.07 -4.74
N ALA H 447 39.78 10.67 -3.74
CA ALA H 447 39.23 12.01 -3.90
C ALA H 447 40.33 13.04 -4.11
N LEU H 448 41.43 12.92 -3.36
CA LEU H 448 42.53 13.86 -3.52
C LEU H 448 43.17 13.74 -4.89
N GLU H 449 43.33 12.52 -5.39
CA GLU H 449 43.88 12.34 -6.74
C GLU H 449 42.94 12.90 -7.80
N ASP H 450 41.63 12.68 -7.63
CA ASP H 450 40.67 13.24 -8.58
C ASP H 450 40.72 14.77 -8.57
N ALA H 451 40.80 15.38 -7.39
CA ALA H 451 40.87 16.83 -7.30
C ALA H 451 42.16 17.36 -7.91
N LYS H 452 43.27 16.67 -7.68
CA LYS H 452 44.54 17.08 -8.27
C LYS H 452 44.50 16.99 -9.79
N LYS H 453 43.91 15.92 -10.33
CA LYS H 453 43.84 15.75 -11.76
C LYS H 453 42.91 16.76 -12.40
N LYS H 454 41.83 17.13 -11.71
CA LYS H 454 40.81 17.98 -12.31
C LYS H 454 41.01 19.47 -11.99
N TYR H 455 41.03 19.82 -10.71
CA TYR H 455 40.87 21.22 -10.30
C TYR H 455 42.17 21.86 -9.81
N VAL H 456 42.83 21.29 -8.81
CA VAL H 456 43.85 22.02 -8.06
C VAL H 456 45.27 21.77 -8.57
N GLY H 457 45.44 20.96 -9.62
CA GLY H 457 46.76 20.69 -10.13
C GLY H 457 47.52 19.70 -9.27
N GLN H 458 48.78 19.50 -9.62
CA GLN H 458 49.61 18.48 -8.98
C GLN H 458 50.43 19.03 -7.81
N GLU H 459 50.31 20.31 -7.48
CA GLU H 459 50.96 20.90 -6.32
C GLU H 459 49.91 21.71 -5.56
N PRO H 460 49.06 21.03 -4.77
CA PRO H 460 48.03 21.74 -4.03
C PRO H 460 48.45 22.08 -2.60
N ASN H 461 48.05 23.26 -2.15
CA ASN H 461 48.27 23.68 -0.77
C ASN H 461 47.15 23.07 0.07
N ILE H 462 47.45 21.95 0.75
CA ILE H 462 46.46 21.18 1.48
C ILE H 462 46.46 21.63 2.93
N LEU H 463 45.27 21.90 3.47
CA LEU H 463 45.09 22.23 4.87
C LEU H 463 44.17 21.20 5.50
N ALA H 464 44.63 20.56 6.57
CA ALA H 464 43.88 19.51 7.26
C ALA H 464 43.38 20.05 8.59
N LEU H 465 42.12 19.78 8.89
CA LEU H 465 41.47 20.26 10.11
C LEU H 465 41.00 19.07 10.94
N PRO H 466 41.83 18.57 11.85
CA PRO H 466 41.37 17.53 12.77
C PRO H 466 40.57 18.13 13.91
N MET H 467 39.44 17.48 14.22
CA MET H 467 38.54 17.93 15.29
C MET H 467 38.05 19.35 15.05
N THR H 468 37.64 19.64 13.80
CA THR H 468 37.09 20.94 13.48
C THR H 468 35.62 21.07 13.89
N PHE H 469 34.96 19.95 14.17
CA PHE H 469 33.57 19.96 14.63
C PHE H 469 33.40 19.56 16.07
N LYS H 470 34.46 19.07 16.72
CA LYS H 470 34.43 18.73 18.14
C LYS H 470 34.86 19.89 19.04
N LYS H 471 35.20 21.04 18.45
CA LYS H 471 35.62 22.21 19.21
C LYS H 471 34.85 23.43 18.75
N ALA H 472 34.93 24.50 19.53
CA ALA H 472 34.35 25.78 19.16
C ALA H 472 35.19 26.37 18.03
N ALA H 473 34.67 26.30 16.81
CA ALA H 473 35.44 26.70 15.64
C ALA H 473 35.71 28.19 15.64
N VAL H 474 36.78 28.57 14.93
CA VAL H 474 37.23 29.95 14.84
C VAL H 474 37.32 30.35 13.37
N HIS H 475 37.32 31.65 13.14
CA HIS H 475 37.45 32.20 11.79
C HIS H 475 38.93 32.39 11.50
N LEU H 476 39.44 31.62 10.54
CA LEU H 476 40.85 31.69 10.19
C LEU H 476 41.10 32.87 9.25
N CYS H 477 42.06 33.71 9.61
CA CYS H 477 42.46 34.87 8.83
C CYS H 477 43.94 34.74 8.48
N MET H 478 44.48 35.79 7.87
CA MET H 478 45.87 35.81 7.45
C MET H 478 46.75 36.48 8.49
N LYS H 479 48.01 36.04 8.55
CA LYS H 479 48.95 36.60 9.52
C LYS H 479 49.20 38.09 9.25
N ASP H 480 49.32 38.45 7.98
CA ASP H 480 49.54 39.85 7.61
C ASP H 480 48.22 40.59 7.47
#